data_8CSJ
#
_entry.id   8CSJ
#
_cell.length_a   1.00
_cell.length_b   1.00
_cell.length_c   1.00
_cell.angle_alpha   90.00
_cell.angle_beta   90.00
_cell.angle_gamma   90.00
#
_symmetry.space_group_name_H-M   'P 1'
#
loop_
_entity.id
_entity.type
_entity.pdbx_description
1 polymer 'Spike glycoprotein'
2 polymer '4-33 heavy chain'
3 polymer '4-33 light chain'
4 branched 2-acetamido-2-deoxy-beta-D-glucopyranose-(1-4)-2-acetamido-2-deoxy-beta-D-glucopyranose
5 branched 2-acetamido-2-deoxy-beta-D-glucopyranose-(2-3)-2-acetamido-2-deoxy-beta-D-glucopyranose
6 non-polymer 2-acetamido-2-deoxy-beta-D-glucopyranose
#
loop_
_entity_poly.entity_id
_entity_poly.type
_entity_poly.pdbx_seq_one_letter_code
_entity_poly.pdbx_strand_id
1 'polypeptide(L)'
;QCVNLTTRTQLPPAYTNSFTRGVYYPDKVFRSSVLHSTQDLFLPFFSNVTWFHAIHVSGTNGTKRFDNPVLPFNDGVYFA
STEKSNIIRGWIFGTTLDSKTQSLLIVNNATNVVIKVCEFQFCNDPFLGVYYHKNNKSWMESEFRVYSSANNCTFEYVSQ
PFLMDLEGKQGNFKNLREFVFKNIDGYFKIYSKHTPINLVRDLPQGFSALEPLVDLPIGINITRFQTLLALHRSYLTPGD
SSSGWTAGAAAYYVGYLQPRTFLLKYNENGTITDAVDCALDPLSETKCTLKSFTVEKGIYQTSNFRVQPTESIVRFPNIT
NLCPFGEVFNATRFASVYAWNRKRISNCVADYSVLYNSASFSTFKCYGVSPTKLNDLCFTNVYADSFVIRGDEVRQIAPG
QTGKIADYNYKLPDDFTGCVIAWNSNNLDSKVGGNYNYLYRLFRKSNLKPFERDISTEIYQAGSTPCNGVEGFNCYFPLQ
SYGFQPTNGVGYQPYRVVVLSFELLHAPATVCGPKKSTNLVKNKCVNFNFNGLTGTGVLTESNKKFLPFQQFGRDIADTT
DAVRDPQTLEILDITPCSFGGVSVITPGTNTSNQVAVLYQDVNCTEVPVAIHADQLTPTWRVYSTGSNVFQTRAGCLIGA
EHVNNSYECDIPIGAGICASYQTQTNSPRRARSVASQSIIAYTMSLGAENSVAYSNNSIAIPTNFTISVTTEILPVSMTK
TSVDCTMYICGDSTECSNLLLQYGSFCTQLNRALTGIAVEQDKNTQEVFAQVKQIYKTPPIKDFGGFNFSQILPDPSKPS
KRSFIEDLLFNKVTLADAGFIKQYGDCLGDIAARDLICAQKFNGLTVLPPLLTDEMIAQYTSALLAGTITSGWTFGAGAA
LQIPFAMQMAYRFNGIGVTQNVLYENQKLIANQFNSAIGKIQDSLSSTASALGKLQDVVNQNAQALNTLVKQLSSNFGAI
SSVLNDILSRLDPPEAEVQIDRLITGRLQSLQTYVTQQLIRAAEIRASANLAATKMSECVLGQSKRVDFCGKGYHLMSFP
QSAPHGVVFLHVTYVPAQEKNFTTAPAICHDGKAHFPREGVFVSNGTHWFVTQRNFYEPQIITTDNTFVSGNCDVVIGIV
NNTVYDPLQPELDS
;
A,B,C
2 'polypeptide(L)'
;VQLVQSGSELKKPGASVKVSCKASGYTFTSYAMNWVRQAPGQGLEWMGWINTNTGNPTYAQGFTGRFVFSLDTSVSTAYL
QISSLKTEDTAVYYCARELWFGELLSGDFDYWGQGTLVTVSS
;
H,D,F
3 'polypeptide(L)'
;SVLTQPPSVSGAPGQRVTISCTGSSSNIGAGYDVHWYQQLPGTAPKIIIYDNSNRPSGVPDRFSGSKSGTSASLAITGLQ
AEDEADYYCQSYDSSLSGRVFGGGTKLTVL
;
L,E,G
#
# COMPACT_ATOMS: atom_id res chain seq x y z
N GLN A 1 51.87 -50.73 9.31
CA GLN A 1 51.80 -50.30 10.70
C GLN A 1 52.02 -48.79 10.85
N CYS A 2 52.45 -48.38 12.03
CA CYS A 2 52.66 -46.97 12.34
C CYS A 2 54.10 -46.75 12.78
N VAL A 3 54.68 -45.65 12.32
CA VAL A 3 56.01 -45.22 12.75
C VAL A 3 55.99 -43.70 12.94
N ASN A 4 56.62 -43.23 14.01
CA ASN A 4 56.74 -41.81 14.22
C ASN A 4 57.88 -41.24 13.39
N LEU A 5 57.80 -39.95 13.09
CA LEU A 5 58.76 -39.27 12.24
C LEU A 5 59.71 -38.45 13.12
N THR A 6 61.00 -38.68 12.96
CA THR A 6 62.04 -38.01 13.72
C THR A 6 62.83 -37.07 12.82
N THR A 7 63.79 -36.37 13.43
CA THR A 7 64.70 -35.42 12.79
C THR A 7 63.96 -34.30 12.06
N ARG A 8 62.79 -33.90 12.55
CA ARG A 8 62.03 -32.81 11.97
C ARG A 8 62.16 -31.55 12.83
N THR A 9 62.14 -30.41 12.16
CA THR A 9 62.29 -29.12 12.84
C THR A 9 60.90 -28.58 13.16
N GLN A 10 60.49 -28.74 14.42
CA GLN A 10 59.18 -28.27 14.86
C GLN A 10 59.23 -26.76 15.06
N LEU A 11 58.45 -26.03 14.27
CA LEU A 11 58.45 -24.58 14.31
C LEU A 11 57.01 -24.08 14.17
N PRO A 12 56.69 -22.91 14.75
CA PRO A 12 55.35 -22.36 14.57
C PRO A 12 55.13 -21.91 13.14
N PRO A 13 53.90 -21.94 12.65
CA PRO A 13 53.61 -21.52 11.29
C PRO A 13 53.61 -19.99 11.16
N ALA A 14 53.48 -19.53 9.94
CA ALA A 14 53.47 -18.10 9.62
C ALA A 14 52.11 -17.73 9.03
N TYR A 15 52.01 -16.48 8.57
CA TYR A 15 50.77 -15.95 8.00
C TYR A 15 51.07 -15.24 6.70
N THR A 16 50.06 -15.18 5.84
CA THR A 16 50.13 -14.43 4.59
C THR A 16 48.73 -13.93 4.25
N ASN A 17 48.63 -13.20 3.15
CA ASN A 17 47.39 -12.52 2.76
C ASN A 17 46.74 -13.25 1.60
N SER A 18 45.44 -13.51 1.73
CA SER A 18 44.65 -14.13 0.67
C SER A 18 43.92 -13.01 -0.09
N PHE A 19 44.34 -12.77 -1.32
CA PHE A 19 43.82 -11.64 -2.11
C PHE A 19 42.59 -12.11 -2.88
N THR A 20 41.42 -11.93 -2.27
CA THR A 20 40.11 -12.19 -2.89
C THR A 20 39.98 -13.61 -3.43
N ARG A 21 40.45 -14.58 -2.65
CA ARG A 21 40.40 -15.97 -3.04
C ARG A 21 39.23 -16.68 -2.33
N GLY A 22 39.03 -17.94 -2.71
CA GLY A 22 38.03 -18.77 -2.07
C GLY A 22 36.62 -18.61 -2.57
N VAL A 23 36.40 -17.80 -3.60
CA VAL A 23 35.06 -17.61 -4.14
C VAL A 23 34.68 -18.82 -4.99
N TYR A 24 33.49 -19.36 -4.73
CA TYR A 24 32.99 -20.53 -5.43
C TYR A 24 31.57 -20.26 -5.91
N TYR A 25 31.13 -21.09 -6.85
CA TYR A 25 29.77 -20.96 -7.39
C TYR A 25 28.76 -21.40 -6.34
N PRO A 26 27.81 -20.53 -5.96
CA PRO A 26 26.84 -20.93 -4.94
C PRO A 26 25.75 -21.84 -5.45
N ASP A 27 25.47 -21.85 -6.75
CA ASP A 27 24.41 -22.67 -7.31
C ASP A 27 24.79 -23.08 -8.72
N LYS A 28 24.09 -24.09 -9.24
CA LYS A 28 24.34 -24.63 -10.56
C LYS A 28 23.40 -24.06 -11.62
N VAL A 29 23.02 -22.78 -11.47
CA VAL A 29 22.11 -22.10 -12.39
C VAL A 29 22.93 -21.12 -13.22
N PHE A 30 22.77 -21.19 -14.53
CA PHE A 30 23.53 -20.33 -15.43
C PHE A 30 23.02 -18.89 -15.36
N ARG A 31 23.94 -17.95 -15.18
CA ARG A 31 23.66 -16.53 -15.21
C ARG A 31 24.69 -15.83 -16.07
N SER A 32 24.29 -14.71 -16.67
CA SER A 32 25.18 -13.96 -17.55
C SER A 32 24.79 -12.50 -17.54
N SER A 33 25.81 -11.63 -17.45
CA SER A 33 25.66 -10.17 -17.51
C SER A 33 24.69 -9.66 -16.44
N VAL A 34 24.84 -10.17 -15.22
CA VAL A 34 23.98 -9.80 -14.11
C VAL A 34 24.79 -9.86 -12.82
N LEU A 35 24.47 -8.97 -11.89
CA LEU A 35 25.07 -8.96 -10.56
C LEU A 35 24.11 -9.64 -9.60
N HIS A 36 24.57 -10.72 -8.96
CA HIS A 36 23.72 -11.55 -8.12
C HIS A 36 24.27 -11.54 -6.70
N SER A 37 23.45 -11.09 -5.75
CA SER A 37 23.81 -11.16 -4.35
C SER A 37 23.56 -12.57 -3.81
N THR A 38 24.24 -12.88 -2.72
CA THR A 38 24.13 -14.22 -2.13
C THR A 38 24.37 -14.14 -0.63
N GLN A 39 23.93 -15.19 0.06
CA GLN A 39 24.08 -15.29 1.52
C GLN A 39 24.54 -16.72 1.83
N ASP A 40 25.85 -16.89 1.96
CA ASP A 40 26.42 -18.22 2.16
C ASP A 40 27.77 -18.07 2.85
N LEU A 41 28.33 -19.21 3.26
CA LEU A 41 29.65 -19.22 3.87
C LEU A 41 30.71 -18.92 2.82
N PHE A 42 31.63 -18.02 3.15
CA PHE A 42 32.65 -17.59 2.20
C PHE A 42 33.92 -17.22 2.96
N LEU A 43 35.02 -17.19 2.23
CA LEU A 43 36.27 -16.67 2.76
C LEU A 43 36.26 -15.15 2.69
N PRO A 44 36.38 -14.44 3.81
CA PRO A 44 36.40 -12.98 3.75
C PRO A 44 37.65 -12.46 3.06
N PHE A 45 37.50 -11.30 2.42
CA PHE A 45 38.57 -10.73 1.62
C PHE A 45 39.71 -10.25 2.51
N PHE A 46 40.94 -10.49 2.05
CA PHE A 46 42.17 -10.09 2.74
C PHE A 46 42.24 -10.65 4.17
N SER A 47 41.91 -11.92 4.29
CA SER A 47 41.93 -12.59 5.59
C SER A 47 43.29 -13.23 5.83
N ASN A 48 43.57 -13.48 7.11
CA ASN A 48 44.80 -14.19 7.48
C ASN A 48 44.64 -15.66 7.16
N VAL A 49 45.55 -16.19 6.35
CA VAL A 49 45.57 -17.60 5.97
C VAL A 49 46.87 -18.21 6.47
N THR A 50 46.75 -19.34 7.16
CA THR A 50 47.89 -19.95 7.84
C THR A 50 48.81 -20.61 6.81
N TRP A 51 50.11 -20.35 6.93
CA TRP A 51 51.10 -20.83 5.98
C TRP A 51 51.76 -22.09 6.52
N PHE A 52 51.84 -23.12 5.67
CA PHE A 52 52.54 -24.35 6.00
C PHE A 52 53.55 -24.67 4.90
N HIS A 53 54.64 -25.31 5.29
CA HIS A 53 55.71 -25.66 4.36
C HIS A 53 56.11 -27.11 4.55
N ALA A 54 56.49 -27.73 3.43
CA ALA A 54 57.15 -29.04 3.43
C ALA A 54 58.38 -28.88 2.54
N ILE A 55 59.46 -28.38 3.13
CA ILE A 55 60.68 -28.05 2.39
C ILE A 55 61.88 -28.54 3.20
N HIS A 56 62.76 -29.30 2.55
CA HIS A 56 64.03 -29.72 3.14
C HIS A 56 65.15 -29.10 2.31
N VAL A 57 65.77 -28.05 2.84
CA VAL A 57 66.84 -27.37 2.13
C VAL A 57 68.13 -28.17 2.22
N SER A 58 69.06 -27.87 1.31
CA SER A 58 70.35 -28.53 1.31
C SER A 58 71.28 -27.87 2.33
N GLY A 59 72.37 -28.56 2.64
CA GLY A 59 73.37 -28.10 3.57
C GLY A 59 73.71 -29.17 4.58
N THR A 60 74.53 -28.79 5.56
CA THR A 60 74.94 -29.74 6.59
C THR A 60 73.79 -30.01 7.56
N ASN A 61 73.26 -28.96 8.18
CA ASN A 61 72.12 -29.10 9.09
C ASN A 61 70.80 -28.90 8.36
N GLY A 62 70.62 -27.73 7.73
CA GLY A 62 69.41 -27.47 6.99
C GLY A 62 68.21 -27.25 7.90
N THR A 63 67.03 -27.31 7.28
CA THR A 63 65.76 -27.17 7.99
C THR A 63 64.80 -28.22 7.44
N LYS A 64 64.60 -29.30 8.20
CA LYS A 64 63.69 -30.37 7.81
C LYS A 64 62.27 -30.02 8.27
N ARG A 65 61.70 -29.02 7.60
CA ARG A 65 60.35 -28.56 7.89
C ARG A 65 59.35 -29.48 7.17
N PHE A 66 58.61 -30.26 7.94
CA PHE A 66 57.61 -31.19 7.41
C PHE A 66 56.38 -31.06 8.31
N ASP A 67 55.46 -30.17 7.92
CA ASP A 67 54.34 -29.78 8.77
C ASP A 67 53.07 -30.47 8.26
N ASN A 68 52.58 -31.43 9.02
CA ASN A 68 51.24 -32.01 8.82
C ASN A 68 50.52 -32.08 10.16
N PRO A 69 50.12 -30.93 10.71
CA PRO A 69 49.53 -30.92 12.05
C PRO A 69 48.02 -31.07 12.03
N VAL A 70 47.48 -31.44 13.18
CA VAL A 70 46.03 -31.52 13.35
C VAL A 70 45.49 -30.11 13.52
N LEU A 71 44.57 -29.71 12.65
CA LEU A 71 44.05 -28.36 12.67
C LEU A 71 42.54 -28.38 12.94
N PRO A 72 42.01 -27.35 13.59
CA PRO A 72 40.57 -27.29 13.83
C PRO A 72 39.80 -27.12 12.54
N PHE A 73 38.58 -27.66 12.53
CA PHE A 73 37.67 -27.57 11.39
C PHE A 73 36.46 -26.76 11.82
N ASN A 74 36.38 -25.52 11.33
CA ASN A 74 35.25 -24.65 11.61
C ASN A 74 34.06 -24.97 10.71
N ASP A 75 33.09 -24.06 10.64
CA ASP A 75 31.92 -24.26 9.78
C ASP A 75 32.30 -24.36 8.31
N GLY A 76 33.42 -23.74 7.92
CA GLY A 76 33.93 -23.91 6.58
C GLY A 76 35.41 -23.62 6.55
N VAL A 77 36.12 -24.30 5.66
CA VAL A 77 37.55 -24.10 5.48
C VAL A 77 37.85 -23.85 4.01
N TYR A 78 39.00 -23.23 3.76
CA TYR A 78 39.51 -22.99 2.42
C TYR A 78 40.92 -23.54 2.33
N PHE A 79 41.17 -24.36 1.31
CA PHE A 79 42.47 -25.00 1.12
C PHE A 79 43.05 -24.59 -0.23
N ALA A 80 44.30 -24.16 -0.22
CA ALA A 80 45.03 -23.84 -1.43
C ALA A 80 46.42 -24.46 -1.33
N SER A 81 46.93 -24.94 -2.47
CA SER A 81 48.20 -25.65 -2.48
C SER A 81 48.93 -25.40 -3.79
N THR A 82 50.22 -25.10 -3.70
CA THR A 82 51.09 -25.00 -4.85
C THR A 82 51.95 -26.26 -4.89
N GLU A 83 51.89 -26.99 -6.01
CA GLU A 83 52.53 -28.28 -6.12
C GLU A 83 53.37 -28.36 -7.38
N LYS A 84 54.44 -29.14 -7.32
CA LYS A 84 55.26 -29.46 -8.47
C LYS A 84 55.58 -30.95 -8.60
N SER A 85 55.49 -31.71 -7.51
CA SER A 85 55.77 -33.15 -7.54
C SER A 85 54.62 -33.97 -6.98
N ASN A 86 53.44 -33.37 -6.83
CA ASN A 86 52.24 -34.01 -6.29
C ASN A 86 52.50 -34.62 -4.90
N ILE A 87 52.85 -33.74 -3.97
CA ILE A 87 53.18 -34.17 -2.61
C ILE A 87 51.93 -34.32 -1.76
N ILE A 88 50.98 -33.40 -1.89
CA ILE A 88 49.74 -33.48 -1.12
C ILE A 88 48.86 -34.56 -1.71
N ARG A 89 48.46 -35.52 -0.87
CA ARG A 89 47.70 -36.68 -1.32
C ARG A 89 46.30 -36.71 -0.71
N GLY A 90 45.83 -35.59 -0.21
CA GLY A 90 44.50 -35.50 0.33
C GLY A 90 44.47 -35.08 1.80
N TRP A 91 43.33 -35.31 2.42
CA TRP A 91 43.08 -34.87 3.79
C TRP A 91 42.32 -35.96 4.55
N ILE A 92 42.17 -35.74 5.85
CA ILE A 92 41.31 -36.57 6.69
C ILE A 92 40.42 -35.65 7.51
N PHE A 93 39.17 -36.06 7.70
CA PHE A 93 38.19 -35.26 8.42
C PHE A 93 37.51 -36.10 9.48
N GLY A 94 37.31 -35.52 10.65
CA GLY A 94 36.69 -36.23 11.75
C GLY A 94 36.62 -35.38 13.00
N THR A 95 36.37 -36.04 14.13
CA THR A 95 36.26 -35.37 15.42
C THR A 95 37.38 -35.76 16.37
N THR A 96 37.55 -37.05 16.65
CA THR A 96 38.55 -37.52 17.59
C THR A 96 39.69 -38.28 16.93
N LEU A 97 39.43 -38.97 15.83
CA LEU A 97 40.45 -39.68 15.03
C LEU A 97 41.22 -40.72 15.84
N ASP A 98 40.51 -41.48 16.67
CA ASP A 98 41.14 -42.53 17.47
C ASP A 98 40.30 -43.80 17.51
N SER A 99 39.57 -44.08 16.43
CA SER A 99 38.68 -45.24 16.30
C SER A 99 37.62 -45.28 17.40
N LYS A 100 37.20 -44.11 17.87
CA LYS A 100 36.07 -43.98 18.80
C LYS A 100 34.86 -43.33 18.15
N THR A 101 35.10 -42.33 17.30
CA THR A 101 34.08 -41.79 16.39
C THR A 101 34.58 -42.00 14.97
N GLN A 102 33.66 -42.38 14.08
CA GLN A 102 34.04 -42.68 12.71
C GLN A 102 34.46 -41.42 11.96
N SER A 103 35.33 -41.59 10.97
CA SER A 103 35.92 -40.48 10.24
C SER A 103 36.07 -40.85 8.78
N LEU A 104 36.18 -39.83 7.94
CA LEU A 104 36.31 -40.02 6.51
C LEU A 104 37.75 -39.78 6.07
N LEU A 105 38.13 -40.42 4.97
CA LEU A 105 39.49 -40.37 4.46
C LEU A 105 39.46 -40.12 2.96
N ILE A 106 40.26 -39.16 2.51
CA ILE A 106 40.43 -38.86 1.10
C ILE A 106 41.92 -39.03 0.80
N VAL A 107 42.27 -40.11 0.13
CA VAL A 107 43.66 -40.43 -0.17
C VAL A 107 43.78 -40.76 -1.66
N ASN A 108 44.79 -40.20 -2.31
CA ASN A 108 45.12 -40.50 -3.70
C ASN A 108 46.43 -41.29 -3.70
N ASN A 109 46.32 -42.62 -3.68
CA ASN A 109 47.49 -43.48 -3.71
C ASN A 109 47.87 -43.82 -5.15
N ALA A 110 48.18 -42.76 -5.91
CA ALA A 110 48.64 -42.80 -7.29
C ALA A 110 47.63 -43.42 -8.24
N THR A 111 47.36 -44.72 -8.08
CA THR A 111 46.50 -45.43 -9.02
C THR A 111 45.05 -44.98 -8.92
N ASN A 112 44.50 -44.92 -7.70
CA ASN A 112 43.09 -44.65 -7.50
C ASN A 112 42.89 -43.56 -6.46
N VAL A 113 41.75 -42.89 -6.55
CA VAL A 113 41.30 -41.96 -5.52
C VAL A 113 40.32 -42.69 -4.61
N VAL A 114 40.66 -42.80 -3.33
CA VAL A 114 39.93 -43.63 -2.39
C VAL A 114 39.20 -42.74 -1.40
N ILE A 115 37.89 -42.92 -1.29
CA ILE A 115 37.06 -42.23 -0.30
C ILE A 115 36.44 -43.29 0.58
N LYS A 116 36.84 -43.32 1.85
CA LYS A 116 36.34 -44.30 2.81
C LYS A 116 35.96 -43.60 4.10
N VAL A 117 34.76 -43.88 4.59
CA VAL A 117 34.28 -43.36 5.88
C VAL A 117 34.13 -44.57 6.80
N CYS A 118 35.18 -44.90 7.53
CA CYS A 118 35.20 -46.06 8.40
C CYS A 118 35.61 -45.65 9.81
N GLU A 119 35.67 -46.65 10.70
CA GLU A 119 36.14 -46.43 12.07
C GLU A 119 37.67 -46.53 12.05
N PHE A 120 38.28 -45.44 11.59
CA PHE A 120 39.73 -45.43 11.36
C PHE A 120 40.48 -45.17 12.66
N GLN A 121 41.44 -46.05 12.97
CA GLN A 121 42.41 -45.79 14.03
C GLN A 121 43.58 -45.08 13.35
N PHE A 122 43.49 -43.75 13.28
CA PHE A 122 44.44 -42.97 12.52
C PHE A 122 45.80 -42.94 13.19
N CYS A 123 46.84 -42.90 12.37
CA CYS A 123 48.20 -42.82 12.87
C CYS A 123 48.47 -41.44 13.48
N ASN A 124 49.47 -41.39 14.35
CA ASN A 124 49.86 -40.12 14.96
C ASN A 124 50.44 -39.16 13.92
N ASP A 125 51.26 -39.69 13.00
CA ASP A 125 51.86 -38.89 11.93
C ASP A 125 51.66 -39.61 10.62
N PRO A 126 50.51 -39.41 9.95
CA PRO A 126 50.27 -40.07 8.66
C PRO A 126 51.17 -39.51 7.57
N PHE A 127 51.63 -40.39 6.70
CA PHE A 127 52.50 -40.01 5.60
C PHE A 127 52.44 -41.08 4.52
N LEU A 128 52.89 -40.72 3.32
CA LEU A 128 52.96 -41.64 2.20
C LEU A 128 54.39 -41.71 1.71
N GLY A 129 54.95 -42.91 1.63
CA GLY A 129 56.33 -43.11 1.30
C GLY A 129 56.53 -43.43 -0.17
N VAL A 130 57.32 -42.60 -0.85
CA VAL A 130 57.68 -42.80 -2.24
C VAL A 130 59.17 -43.10 -2.31
N TYR A 131 59.54 -44.15 -3.02
CA TYR A 131 60.91 -44.59 -3.13
C TYR A 131 61.45 -44.30 -4.53
N TYR A 132 62.70 -43.84 -4.60
CA TYR A 132 63.38 -43.57 -5.85
C TYR A 132 64.64 -44.44 -5.90
N HIS A 133 64.64 -45.41 -6.79
CA HIS A 133 65.74 -46.36 -6.91
C HIS A 133 66.83 -45.81 -7.83
N LYS A 134 68.00 -46.45 -7.77
CA LYS A 134 69.12 -46.10 -8.63
C LYS A 134 69.47 -47.19 -9.64
N ASN A 135 69.02 -48.43 -9.44
CA ASN A 135 69.19 -49.48 -10.44
C ASN A 135 68.45 -49.13 -11.73
N ASN A 136 67.21 -48.67 -11.61
CA ASN A 136 66.53 -47.99 -12.70
C ASN A 136 65.87 -46.73 -12.15
N LYS A 137 65.17 -46.00 -13.02
CA LYS A 137 64.65 -44.68 -12.69
C LYS A 137 63.18 -44.71 -12.28
N SER A 138 62.75 -45.77 -11.60
CA SER A 138 61.37 -45.84 -11.14
C SER A 138 61.15 -44.90 -9.96
N TRP A 139 59.90 -44.47 -9.79
CA TRP A 139 59.48 -43.59 -8.72
C TRP A 139 58.24 -44.16 -8.02
N MET A 140 58.27 -45.45 -7.73
CA MET A 140 57.12 -46.12 -7.14
C MET A 140 56.95 -45.73 -5.68
N GLU A 141 55.77 -46.03 -5.14
CA GLU A 141 55.47 -45.85 -3.72
C GLU A 141 55.27 -47.22 -3.10
N SER A 142 55.93 -47.45 -1.96
CA SER A 142 55.88 -48.74 -1.28
C SER A 142 55.41 -48.64 0.16
N GLU A 143 55.09 -47.45 0.65
CA GLU A 143 54.65 -47.25 2.02
C GLU A 143 53.29 -46.58 2.04
N PHE A 144 52.35 -47.15 2.78
CA PHE A 144 51.00 -46.61 2.93
C PHE A 144 50.63 -46.73 4.41
N ARG A 145 50.88 -45.67 5.17
CA ARG A 145 50.67 -45.66 6.62
C ARG A 145 49.79 -44.46 6.96
N VAL A 146 48.48 -44.65 6.90
CA VAL A 146 47.54 -43.57 7.19
C VAL A 146 46.71 -43.94 8.43
N TYR A 147 46.50 -45.24 8.64
CA TYR A 147 45.65 -45.68 9.72
C TYR A 147 46.11 -47.05 10.20
N SER A 148 45.64 -47.43 11.40
CA SER A 148 45.98 -48.71 12.00
C SER A 148 44.92 -49.78 11.78
N SER A 149 43.64 -49.41 11.80
CA SER A 149 42.57 -50.40 11.64
C SER A 149 41.40 -49.78 10.89
N ALA A 150 40.62 -50.65 10.28
CA ALA A 150 39.44 -50.30 9.48
C ALA A 150 38.28 -51.21 9.86
N ASN A 151 38.01 -51.31 11.17
CA ASN A 151 37.13 -52.33 11.72
C ASN A 151 35.70 -52.20 11.19
N ASN A 152 35.03 -51.11 11.51
CA ASN A 152 33.67 -50.85 11.02
C ASN A 152 33.69 -49.75 9.98
N CYS A 153 33.01 -49.98 8.86
CA CYS A 153 32.94 -49.00 7.79
C CYS A 153 31.52 -48.94 7.25
N THR A 154 31.18 -47.78 6.68
CA THR A 154 29.83 -47.56 6.16
C THR A 154 29.80 -46.91 4.78
N PHE A 155 30.91 -46.40 4.26
CA PHE A 155 30.94 -45.80 2.94
C PHE A 155 32.25 -46.17 2.25
N GLU A 156 32.20 -46.31 0.94
CA GLU A 156 33.38 -46.73 0.18
C GLU A 156 33.24 -46.21 -1.25
N TYR A 157 34.34 -45.67 -1.78
CA TYR A 157 34.37 -45.20 -3.16
C TYR A 157 35.79 -45.37 -3.70
N VAL A 158 35.91 -46.05 -4.83
CA VAL A 158 37.18 -46.24 -5.52
C VAL A 158 37.03 -45.75 -6.95
N SER A 159 37.90 -44.84 -7.36
CA SER A 159 37.85 -44.29 -8.71
C SER A 159 38.53 -45.25 -9.68
N GLN A 160 38.50 -44.89 -10.96
CA GLN A 160 39.14 -45.70 -11.99
C GLN A 160 40.66 -45.62 -11.84
N PRO A 161 41.37 -46.70 -12.16
CA PRO A 161 42.83 -46.68 -12.06
C PRO A 161 43.46 -45.81 -13.14
N PHE A 162 44.48 -45.04 -12.73
CA PHE A 162 45.23 -44.19 -13.65
C PHE A 162 46.67 -44.12 -13.15
N LEU A 163 47.46 -43.24 -13.76
CA LEU A 163 48.86 -43.06 -13.38
C LEU A 163 49.19 -41.58 -13.34
N MET A 164 50.20 -41.25 -12.54
CA MET A 164 50.73 -39.90 -12.46
C MET A 164 52.25 -39.95 -12.54
N ASP A 165 52.86 -38.77 -12.67
CA ASP A 165 54.29 -38.70 -12.96
C ASP A 165 55.13 -39.13 -11.76
N LEU A 166 54.83 -38.59 -10.57
CA LEU A 166 55.59 -38.80 -9.33
C LEU A 166 57.07 -38.45 -9.52
N GLU A 167 57.33 -37.38 -10.26
CA GLU A 167 58.69 -37.00 -10.61
C GLU A 167 59.16 -35.85 -9.73
N GLY A 168 60.43 -35.89 -9.32
CA GLY A 168 61.01 -34.85 -8.52
C GLY A 168 61.45 -33.65 -9.34
N LYS A 169 60.49 -32.84 -9.75
CA LYS A 169 60.78 -31.67 -10.57
C LYS A 169 61.61 -30.65 -9.80
N GLN A 170 62.66 -30.13 -10.44
CA GLN A 170 63.58 -29.21 -9.81
C GLN A 170 63.12 -27.76 -9.88
N GLY A 171 62.26 -27.42 -10.82
CA GLY A 171 61.87 -26.04 -11.05
C GLY A 171 60.90 -25.52 -10.00
N ASN A 172 60.36 -24.35 -10.28
CA ASN A 172 59.42 -23.70 -9.37
C ASN A 172 58.05 -24.38 -9.46
N PHE A 173 57.14 -23.95 -8.59
CA PHE A 173 55.79 -24.51 -8.58
C PHE A 173 55.02 -24.10 -9.82
N LYS A 174 54.30 -25.06 -10.41
CA LYS A 174 53.58 -24.82 -11.65
C LYS A 174 52.12 -25.26 -11.59
N ASN A 175 51.68 -25.89 -10.51
CA ASN A 175 50.29 -26.33 -10.38
C ASN A 175 49.71 -25.74 -9.10
N LEU A 176 48.57 -25.07 -9.23
CA LEU A 176 47.87 -24.47 -8.10
C LEU A 176 46.51 -25.14 -7.97
N ARG A 177 46.31 -25.86 -6.87
CA ARG A 177 45.06 -26.53 -6.59
C ARG A 177 44.39 -25.84 -5.40
N GLU A 178 43.14 -25.41 -5.59
CA GLU A 178 42.37 -24.75 -4.55
C GLU A 178 41.17 -25.61 -4.19
N PHE A 179 40.87 -25.71 -2.90
CA PHE A 179 39.77 -26.53 -2.42
C PHE A 179 38.97 -25.78 -1.39
N VAL A 180 37.66 -26.03 -1.37
CA VAL A 180 36.76 -25.49 -0.37
C VAL A 180 35.91 -26.63 0.16
N PHE A 181 35.90 -26.83 1.48
CA PHE A 181 35.16 -27.92 2.11
C PHE A 181 34.06 -27.32 2.98
N LYS A 182 32.86 -27.87 2.85
CA LYS A 182 31.72 -27.46 3.65
C LYS A 182 31.01 -28.70 4.18
N ASN A 183 30.31 -28.54 5.31
CA ASN A 183 29.57 -29.62 5.94
C ASN A 183 28.21 -29.07 6.38
N ILE A 184 27.23 -29.19 5.49
CA ILE A 184 25.87 -28.72 5.74
C ILE A 184 24.91 -29.86 5.48
N ASP A 185 24.13 -30.23 6.50
CA ASP A 185 23.09 -31.27 6.42
C ASP A 185 23.66 -32.62 5.98
N GLY A 186 24.86 -32.93 6.46
CA GLY A 186 25.49 -34.19 6.13
C GLY A 186 26.06 -34.29 4.74
N TYR A 187 26.09 -33.20 3.98
CA TYR A 187 26.60 -33.19 2.61
C TYR A 187 27.97 -32.53 2.61
N PHE A 188 29.01 -33.32 2.35
CA PHE A 188 30.38 -32.82 2.32
C PHE A 188 30.67 -32.25 0.92
N LYS A 189 30.20 -31.03 0.71
CA LYS A 189 30.36 -30.37 -0.58
C LYS A 189 31.81 -29.95 -0.79
N ILE A 190 32.36 -30.26 -1.96
CA ILE A 190 33.73 -29.93 -2.31
C ILE A 190 33.73 -29.09 -3.57
N TYR A 191 34.42 -27.95 -3.52
CA TYR A 191 34.59 -27.07 -4.67
C TYR A 191 36.08 -27.00 -4.99
N SER A 192 36.42 -27.17 -6.27
CA SER A 192 37.82 -27.23 -6.65
C SER A 192 38.01 -26.72 -8.07
N LYS A 193 39.24 -26.31 -8.35
CA LYS A 193 39.65 -25.88 -9.70
C LYS A 193 41.16 -25.94 -9.79
N HIS A 194 41.67 -26.67 -10.78
CA HIS A 194 43.10 -26.74 -11.04
C HIS A 194 43.50 -25.63 -12.01
N THR A 195 44.49 -24.83 -11.62
CA THR A 195 44.89 -23.66 -12.40
C THR A 195 46.40 -23.65 -12.55
N PRO A 196 46.92 -23.55 -13.78
CA PRO A 196 48.36 -23.38 -13.95
C PRO A 196 48.81 -22.00 -13.48
N ILE A 197 50.06 -21.94 -13.02
CA ILE A 197 50.59 -20.73 -12.41
C ILE A 197 52.11 -20.79 -12.51
N ASN A 198 52.77 -19.63 -12.40
CA ASN A 198 54.22 -19.54 -12.38
C ASN A 198 54.62 -18.57 -11.27
N LEU A 199 54.80 -19.08 -10.06
CA LEU A 199 55.25 -18.31 -8.92
C LEU A 199 56.55 -18.92 -8.38
N VAL A 200 57.03 -18.39 -7.26
CA VAL A 200 58.23 -18.93 -6.63
C VAL A 200 57.94 -19.43 -5.23
N ARG A 201 57.57 -18.52 -4.33
CA ARG A 201 57.45 -18.89 -2.92
C ARG A 201 56.30 -18.20 -2.21
N ASP A 202 55.20 -17.89 -2.91
CA ASP A 202 54.12 -17.16 -2.25
C ASP A 202 52.79 -17.47 -2.94
N LEU A 203 51.71 -17.16 -2.21
CA LEU A 203 50.38 -17.28 -2.77
C LEU A 203 50.17 -16.22 -3.85
N PRO A 204 49.72 -16.59 -5.04
CA PRO A 204 49.65 -15.62 -6.14
C PRO A 204 48.52 -14.62 -5.95
N GLN A 205 48.71 -13.45 -6.55
CA GLN A 205 47.69 -12.41 -6.54
C GLN A 205 46.77 -12.59 -7.74
N GLY A 206 45.47 -12.69 -7.49
CA GLY A 206 44.52 -12.85 -8.55
C GLY A 206 43.17 -13.30 -8.02
N PHE A 207 42.25 -13.52 -8.95
CA PHE A 207 40.88 -13.91 -8.63
C PHE A 207 40.56 -15.20 -9.38
N SER A 208 39.80 -16.08 -8.73
CA SER A 208 39.41 -17.34 -9.33
C SER A 208 38.09 -17.80 -8.71
N ALA A 209 37.28 -18.47 -9.53
CA ALA A 209 36.00 -19.02 -9.11
C ALA A 209 36.08 -20.54 -9.14
N LEU A 210 35.74 -21.18 -8.03
CA LEU A 210 35.87 -22.62 -7.90
C LEU A 210 34.57 -23.30 -8.31
N GLU A 211 34.68 -24.23 -9.26
CA GLU A 211 33.53 -24.99 -9.73
C GLU A 211 33.18 -26.08 -8.71
N PRO A 212 31.90 -26.46 -8.64
CA PRO A 212 31.53 -27.60 -7.78
C PRO A 212 32.07 -28.90 -8.33
N LEU A 213 32.78 -29.66 -7.48
CA LEU A 213 33.41 -30.89 -7.91
C LEU A 213 32.52 -32.10 -7.67
N VAL A 214 32.16 -32.35 -6.41
CA VAL A 214 31.40 -33.55 -6.05
C VAL A 214 30.74 -33.28 -4.70
N ASP A 215 29.60 -33.91 -4.47
CA ASP A 215 28.88 -33.84 -3.21
C ASP A 215 28.93 -35.19 -2.52
N LEU A 216 29.29 -35.20 -1.25
CA LEU A 216 29.46 -36.44 -0.48
C LEU A 216 28.45 -36.51 0.65
N PRO A 217 27.39 -37.32 0.52
CA PRO A 217 26.50 -37.55 1.66
C PRO A 217 27.15 -38.46 2.70
N ILE A 218 27.60 -37.87 3.80
CA ILE A 218 28.35 -38.62 4.81
C ILE A 218 27.59 -38.62 6.13
N GLY A 219 27.30 -37.43 6.65
CA GLY A 219 26.54 -37.32 7.87
C GLY A 219 27.32 -37.53 9.15
N ILE A 220 28.64 -37.33 9.13
CA ILE A 220 29.44 -37.47 10.33
C ILE A 220 29.75 -36.09 10.90
N ASN A 221 30.19 -36.07 12.16
CA ASN A 221 30.50 -34.85 12.87
C ASN A 221 32.00 -34.59 12.74
N ILE A 222 32.34 -33.45 12.13
CA ILE A 222 33.74 -33.10 11.85
C ILE A 222 34.07 -31.84 12.62
N THR A 223 35.06 -31.94 13.52
CA THR A 223 35.58 -30.79 14.26
C THR A 223 37.05 -30.52 14.01
N ARG A 224 37.82 -31.49 13.55
CA ARG A 224 39.24 -31.32 13.28
C ARG A 224 39.59 -31.97 11.95
N PHE A 225 40.70 -31.53 11.35
CA PHE A 225 41.15 -32.11 10.10
C PHE A 225 42.66 -32.03 10.02
N GLN A 226 43.23 -32.92 9.22
CA GLN A 226 44.68 -33.00 9.03
C GLN A 226 44.97 -33.29 7.56
N THR A 227 46.12 -32.84 7.10
CA THR A 227 46.51 -32.96 5.70
C THR A 227 47.56 -34.06 5.54
N LEU A 228 47.39 -34.88 4.52
CA LEU A 228 48.35 -35.92 4.19
C LEU A 228 49.45 -35.36 3.29
N LEU A 229 50.65 -35.92 3.43
CA LEU A 229 51.80 -35.48 2.66
C LEU A 229 52.58 -36.69 2.18
N ALA A 230 53.37 -36.49 1.13
CA ALA A 230 54.21 -37.54 0.59
C ALA A 230 55.57 -37.52 1.28
N LEU A 231 56.41 -38.50 0.94
CA LEU A 231 57.73 -38.63 1.53
C LEU A 231 58.64 -39.32 0.54
N HIS A 232 59.87 -38.80 0.40
CA HIS A 232 60.84 -39.32 -0.55
C HIS A 232 61.92 -40.09 0.19
N ARG A 233 62.19 -41.32 -0.26
CA ARG A 233 63.26 -42.15 0.27
C ARG A 233 64.16 -42.58 -0.87
N SER A 234 65.46 -42.45 -0.69
CA SER A 234 66.43 -42.81 -1.73
C SER A 234 67.74 -43.19 -1.04
N TYR A 235 68.79 -43.33 -1.84
CA TYR A 235 70.11 -43.70 -1.33
C TYR A 235 70.83 -42.54 -0.66
N LEU A 236 70.33 -41.31 -0.80
CA LEU A 236 70.91 -40.15 -0.14
C LEU A 236 70.34 -39.92 1.26
N THR A 237 69.40 -40.75 1.71
CA THR A 237 68.78 -40.62 3.03
C THR A 237 68.94 -41.92 3.79
N PRO A 238 70.11 -42.17 4.37
CA PRO A 238 70.31 -43.40 5.14
C PRO A 238 69.66 -43.32 6.51
N GLY A 239 69.46 -44.50 7.10
CA GLY A 239 68.90 -44.63 8.42
C GLY A 239 67.73 -45.59 8.41
N ASP A 240 66.93 -45.52 9.46
CA ASP A 240 65.75 -46.37 9.60
C ASP A 240 64.57 -45.72 8.87
N SER A 241 63.37 -46.25 9.10
CA SER A 241 62.18 -45.68 8.50
C SER A 241 61.76 -44.36 9.15
N SER A 242 62.26 -44.09 10.37
CA SER A 242 61.90 -42.88 11.08
C SER A 242 62.83 -41.70 10.80
N SER A 243 64.00 -41.94 10.21
CA SER A 243 64.97 -40.88 9.97
C SER A 243 65.54 -40.84 8.56
N GLY A 244 65.53 -41.95 7.83
CA GLY A 244 66.07 -41.97 6.48
C GLY A 244 65.08 -41.48 5.45
N TRP A 245 64.87 -40.16 5.38
CA TRP A 245 63.89 -39.59 4.48
C TRP A 245 64.25 -38.17 4.14
N THR A 246 63.67 -37.68 3.04
CA THR A 246 63.74 -36.27 2.67
C THR A 246 62.35 -35.81 2.27
N ALA A 247 62.11 -34.50 2.40
CA ALA A 247 60.77 -33.97 2.26
C ALA A 247 60.37 -33.82 0.79
N GLY A 248 61.11 -33.00 0.04
CA GLY A 248 60.68 -32.61 -1.28
C GLY A 248 59.83 -31.35 -1.19
N ALA A 249 60.19 -30.33 -1.97
CA ALA A 249 59.64 -29.00 -1.75
C ALA A 249 58.17 -28.91 -2.15
N ALA A 250 57.33 -28.50 -1.20
CA ALA A 250 55.91 -28.28 -1.44
C ALA A 250 55.40 -27.35 -0.35
N ALA A 251 54.24 -26.75 -0.62
CA ALA A 251 53.61 -25.84 0.33
C ALA A 251 52.10 -25.85 0.12
N TYR A 252 51.38 -25.47 1.17
CA TYR A 252 49.92 -25.36 1.09
C TYR A 252 49.44 -24.32 2.09
N TYR A 253 48.21 -23.87 1.88
CA TYR A 253 47.62 -22.80 2.68
C TYR A 253 46.26 -23.26 3.21
N VAL A 254 45.98 -22.92 4.47
CA VAL A 254 44.73 -23.31 5.13
C VAL A 254 44.05 -22.05 5.64
N GLY A 255 42.83 -21.80 5.15
CA GLY A 255 42.05 -20.67 5.61
C GLY A 255 40.67 -21.12 6.05
N TYR A 256 40.00 -20.24 6.78
CA TYR A 256 38.71 -20.53 7.37
C TYR A 256 37.62 -19.66 6.75
N LEU A 257 36.48 -20.26 6.44
CA LEU A 257 35.36 -19.54 5.89
C LEU A 257 34.60 -18.82 7.01
N GLN A 258 33.58 -18.04 6.62
CA GLN A 258 32.81 -17.23 7.54
C GLN A 258 31.49 -16.88 6.88
N PRO A 259 30.36 -16.89 7.60
CA PRO A 259 29.11 -16.44 7.00
C PRO A 259 29.14 -14.97 6.64
N ARG A 260 29.17 -14.67 5.35
CA ARG A 260 29.31 -13.32 4.84
C ARG A 260 28.30 -13.09 3.71
N THR A 261 28.21 -11.83 3.29
CA THR A 261 27.42 -11.46 2.12
C THR A 261 28.36 -11.10 0.97
N PHE A 262 28.12 -11.69 -0.19
CA PHE A 262 28.94 -11.46 -1.38
C PHE A 262 28.07 -10.94 -2.51
N LEU A 263 28.67 -10.07 -3.32
CA LEU A 263 28.06 -9.61 -4.57
C LEU A 263 28.86 -10.21 -5.72
N LEU A 264 28.22 -11.05 -6.51
CA LEU A 264 28.89 -11.83 -7.54
C LEU A 264 28.59 -11.24 -8.91
N LYS A 265 29.64 -11.10 -9.73
CA LYS A 265 29.52 -10.56 -11.07
C LYS A 265 29.69 -11.67 -12.10
N TYR A 266 28.73 -11.79 -13.00
CA TYR A 266 28.78 -12.75 -14.09
C TYR A 266 29.00 -11.99 -15.40
N ASN A 267 29.95 -12.46 -16.21
CA ASN A 267 30.24 -11.83 -17.48
C ASN A 267 29.26 -12.32 -18.55
N GLU A 268 29.51 -11.94 -19.81
CA GLU A 268 28.65 -12.40 -20.89
C GLU A 268 28.91 -13.86 -21.25
N ASN A 269 30.03 -14.43 -20.80
CA ASN A 269 30.34 -15.84 -21.05
C ASN A 269 29.82 -16.77 -19.96
N GLY A 270 29.25 -16.22 -18.89
CA GLY A 270 28.70 -17.03 -17.83
C GLY A 270 29.67 -17.45 -16.75
N THR A 271 30.79 -16.76 -16.60
CA THR A 271 31.78 -17.08 -15.60
C THR A 271 31.92 -15.93 -14.61
N ILE A 272 32.27 -16.26 -13.37
CA ILE A 272 32.48 -15.25 -12.34
C ILE A 272 33.85 -14.62 -12.55
N THR A 273 33.88 -13.32 -12.80
CA THR A 273 35.11 -12.60 -13.04
C THR A 273 35.54 -11.69 -11.90
N ASP A 274 34.59 -11.27 -11.06
CA ASP A 274 34.91 -10.39 -9.94
C ASP A 274 33.86 -10.57 -8.85
N ALA A 275 34.23 -10.20 -7.63
CA ALA A 275 33.34 -10.32 -6.49
C ALA A 275 33.57 -9.13 -5.55
N VAL A 276 32.55 -8.83 -4.76
CA VAL A 276 32.59 -7.72 -3.81
C VAL A 276 32.20 -8.25 -2.44
N ASP A 277 33.05 -8.01 -1.45
CA ASP A 277 32.76 -8.38 -0.07
C ASP A 277 31.96 -7.26 0.58
N CYS A 278 30.73 -7.57 0.99
CA CYS A 278 29.84 -6.55 1.54
C CYS A 278 30.21 -6.13 2.96
N ALA A 279 31.14 -6.82 3.62
CA ALA A 279 31.51 -6.51 5.00
C ALA A 279 33.01 -6.32 5.14
N LEU A 280 33.68 -5.85 4.09
CA LEU A 280 35.12 -5.61 4.13
C LEU A 280 35.45 -4.16 4.47
N ASP A 281 34.98 -3.23 3.64
CA ASP A 281 35.21 -1.81 3.82
C ASP A 281 33.96 -1.07 3.37
N PRO A 282 33.76 0.17 3.83
CA PRO A 282 32.54 0.91 3.43
C PRO A 282 32.40 1.15 1.94
N LEU A 283 33.50 1.18 1.18
CA LEU A 283 33.39 1.33 -0.27
C LEU A 283 32.73 0.11 -0.91
N SER A 284 33.23 -1.08 -0.58
CA SER A 284 32.62 -2.29 -1.12
C SER A 284 31.25 -2.55 -0.51
N GLU A 285 31.03 -2.09 0.72
CA GLU A 285 29.69 -2.21 1.31
C GLU A 285 28.68 -1.34 0.57
N THR A 286 29.08 -0.12 0.19
CA THR A 286 28.22 0.73 -0.62
C THR A 286 28.01 0.14 -2.01
N LYS A 287 29.05 -0.47 -2.58
CA LYS A 287 28.90 -1.15 -3.86
C LYS A 287 27.93 -2.32 -3.76
N CYS A 288 27.97 -3.04 -2.64
CA CYS A 288 27.08 -4.18 -2.43
C CYS A 288 25.64 -3.73 -2.25
N THR A 289 25.42 -2.66 -1.48
CA THR A 289 24.06 -2.19 -1.25
C THR A 289 23.48 -1.55 -2.51
N LEU A 290 24.27 -0.76 -3.23
CA LEU A 290 23.82 -0.15 -4.47
C LEU A 290 23.74 -1.13 -5.62
N LYS A 291 24.30 -2.34 -5.45
CA LYS A 291 24.31 -3.39 -6.48
C LYS A 291 24.95 -2.90 -7.78
N SER A 292 26.04 -2.16 -7.64
CA SER A 292 26.81 -1.68 -8.78
C SER A 292 28.29 -1.80 -8.45
N PHE A 293 29.05 -2.41 -9.37
CA PHE A 293 30.48 -2.59 -9.15
C PHE A 293 31.26 -1.29 -9.29
N THR A 294 30.71 -0.31 -9.99
CA THR A 294 31.38 0.99 -10.16
C THR A 294 31.32 1.77 -8.86
N VAL A 295 28.83 3.86 -9.24
CA VAL A 295 28.89 4.86 -8.20
C VAL A 295 29.41 6.19 -8.75
N GLU A 296 28.56 7.20 -8.74
CA GLU A 296 28.92 8.53 -9.21
C GLU A 296 29.43 9.36 -8.02
N LYS A 297 29.59 10.65 -8.23
CA LYS A 297 30.04 11.57 -7.19
C LYS A 297 28.85 11.94 -6.32
N GLY A 298 28.82 11.43 -5.10
CA GLY A 298 27.70 11.72 -4.22
C GLY A 298 27.86 10.99 -2.90
N ILE A 299 26.82 11.11 -2.07
CA ILE A 299 26.77 10.51 -0.74
C ILE A 299 25.56 9.59 -0.68
N TYR A 300 25.76 8.36 -0.22
CA TYR A 300 24.72 7.35 -0.21
C TYR A 300 24.54 6.79 1.20
N GLN A 301 23.29 6.59 1.59
CA GLN A 301 22.94 6.04 2.89
C GLN A 301 22.52 4.59 2.72
N THR A 302 23.31 3.67 3.27
CA THR A 302 23.14 2.24 3.04
C THR A 302 22.95 1.51 4.38
N SER A 303 22.80 0.19 4.28
CA SER A 303 22.56 -0.67 5.44
C SER A 303 23.86 -1.38 5.85
N ASN A 304 23.72 -2.33 6.77
CA ASN A 304 24.86 -3.03 7.34
C ASN A 304 24.63 -4.54 7.25
N PHE A 305 25.70 -5.29 6.94
CA PHE A 305 25.64 -6.73 6.84
C PHE A 305 26.69 -7.43 7.70
N ARG A 306 27.15 -6.77 8.77
CA ARG A 306 28.18 -7.35 9.61
C ARG A 306 27.57 -8.29 10.65
N VAL A 307 28.43 -9.07 11.29
CA VAL A 307 28.03 -9.97 12.37
C VAL A 307 28.97 -9.74 13.55
N GLN A 308 28.47 -10.02 14.76
CA GLN A 308 29.22 -9.79 15.97
C GLN A 308 29.01 -10.94 16.94
N PRO A 309 29.98 -11.19 17.84
CA PRO A 309 29.77 -12.22 18.88
C PRO A 309 28.74 -11.81 19.92
N THR A 310 28.42 -12.72 20.83
CA THR A 310 27.34 -12.54 21.79
C THR A 310 27.90 -12.45 23.20
N GLU A 311 27.57 -11.37 23.90
CA GLU A 311 27.81 -11.23 25.33
C GLU A 311 26.46 -11.12 26.03
N SER A 312 26.26 -11.93 27.06
CA SER A 312 24.96 -12.05 27.71
C SER A 312 25.08 -11.87 29.21
N ILE A 313 24.08 -11.20 29.78
CA ILE A 313 23.94 -11.05 31.23
C ILE A 313 22.60 -11.66 31.61
N VAL A 314 22.63 -12.63 32.52
CA VAL A 314 21.45 -13.39 32.92
C VAL A 314 21.10 -13.04 34.35
N ARG A 315 19.86 -12.61 34.56
CA ARG A 315 19.36 -12.24 35.89
C ARG A 315 18.17 -13.12 36.23
N PHE A 316 18.35 -14.02 37.19
CA PHE A 316 17.35 -14.98 37.63
C PHE A 316 17.14 -14.83 39.13
N PRO A 317 15.90 -14.96 39.60
CA PRO A 317 15.61 -14.65 41.00
C PRO A 317 16.20 -15.66 41.97
N ASN A 318 16.26 -15.25 43.23
CA ASN A 318 16.79 -16.09 44.31
C ASN A 318 15.85 -17.27 44.53
N ILE A 319 16.26 -18.44 44.09
CA ILE A 319 15.44 -19.65 44.20
C ILE A 319 16.36 -20.86 44.35
N THR A 320 16.01 -21.75 45.28
CA THR A 320 16.89 -22.88 45.58
C THR A 320 16.19 -24.22 45.59
N ASN A 321 14.95 -24.29 46.07
CA ASN A 321 14.31 -25.56 46.39
C ASN A 321 13.46 -26.06 45.24
N LEU A 322 13.33 -27.39 45.16
CA LEU A 322 12.50 -28.02 44.16
C LEU A 322 11.02 -27.80 44.46
N CYS A 323 10.19 -28.02 43.44
CA CYS A 323 8.75 -27.92 43.55
C CYS A 323 8.13 -29.25 43.11
N PRO A 324 6.99 -29.67 43.73
CA PRO A 324 6.59 -31.07 43.65
C PRO A 324 5.97 -31.44 42.30
N PHE A 325 6.74 -32.17 41.49
CA PHE A 325 6.24 -32.79 40.28
C PHE A 325 6.21 -34.31 40.37
N GLY A 326 7.01 -34.91 41.26
CA GLY A 326 7.07 -36.34 41.43
C GLY A 326 6.01 -36.94 42.33
N GLU A 327 5.10 -36.11 42.86
CA GLU A 327 4.00 -36.61 43.68
C GLU A 327 2.62 -36.25 43.15
N VAL A 328 2.50 -35.24 42.29
CA VAL A 328 1.21 -34.93 41.68
C VAL A 328 0.94 -35.88 40.52
N PHE A 329 1.99 -36.35 39.85
CA PHE A 329 1.85 -37.35 38.79
C PHE A 329 1.92 -38.77 39.32
N ASN A 330 2.22 -38.95 40.61
CA ASN A 330 2.37 -40.27 41.21
C ASN A 330 1.33 -40.54 42.29
N ALA A 331 0.36 -39.65 42.47
CA ALA A 331 -0.61 -39.81 43.55
C ALA A 331 -1.56 -40.95 43.26
N THR A 332 -1.86 -41.73 44.31
CA THR A 332 -2.77 -42.87 44.14
C THR A 332 -4.21 -42.41 43.98
N ARG A 333 -4.63 -41.42 44.77
CA ARG A 333 -6.00 -40.92 44.74
C ARG A 333 -6.06 -39.73 43.79
N PHE A 334 -6.73 -39.92 42.65
CA PHE A 334 -6.90 -38.86 41.66
C PHE A 334 -8.35 -38.38 41.66
N ALA A 335 -8.53 -37.08 41.49
CA ALA A 335 -9.85 -36.49 41.54
C ALA A 335 -10.66 -36.82 40.28
N SER A 336 -11.97 -36.70 40.39
CA SER A 336 -12.87 -36.95 39.28
C SER A 336 -12.89 -35.76 38.34
N VAL A 337 -13.66 -35.88 37.26
CA VAL A 337 -13.65 -34.86 36.22
C VAL A 337 -14.54 -33.66 36.57
N TYR A 338 -15.55 -33.84 37.42
CA TYR A 338 -16.36 -32.69 37.83
C TYR A 338 -15.65 -31.92 38.93
N ALA A 339 -14.97 -32.64 39.82
CA ALA A 339 -14.35 -32.09 41.02
C ALA A 339 -12.84 -32.21 40.92
N TRP A 340 -12.31 -31.83 39.76
CA TRP A 340 -10.86 -31.82 39.55
C TRP A 340 -10.16 -30.93 40.57
N ASN A 341 -9.08 -31.43 41.14
CA ASN A 341 -8.31 -30.65 42.09
C ASN A 341 -7.52 -29.55 41.39
N ARG A 342 -7.21 -28.49 42.13
CA ARG A 342 -6.44 -27.38 41.60
C ARG A 342 -5.37 -27.01 42.62
N LYS A 343 -4.12 -27.25 42.28
CA LYS A 343 -2.99 -27.01 43.17
C LYS A 343 -2.11 -25.91 42.62
N ARG A 344 -1.88 -24.88 43.41
CA ARG A 344 -0.91 -23.85 43.06
C ARG A 344 0.49 -24.38 43.35
N ILE A 345 1.33 -24.40 42.31
CA ILE A 345 2.70 -24.87 42.41
C ILE A 345 3.60 -23.64 42.35
N SER A 346 4.47 -23.49 43.35
CA SER A 346 5.36 -22.34 43.45
C SER A 346 6.76 -22.82 43.79
N ASN A 347 7.68 -21.86 43.89
CA ASN A 347 9.11 -22.02 44.19
C ASN A 347 9.75 -23.20 43.44
N CYS A 348 9.79 -23.05 42.11
CA CYS A 348 10.30 -24.09 41.22
C CYS A 348 11.72 -23.76 40.78
N VAL A 349 12.64 -24.70 41.02
CA VAL A 349 13.88 -24.80 40.26
C VAL A 349 13.84 -25.97 39.29
N ALA A 350 12.67 -26.58 39.11
CA ALA A 350 12.56 -27.83 38.39
C ALA A 350 12.70 -27.60 36.88
N ASP A 351 13.61 -28.32 36.26
CA ASP A 351 13.72 -28.33 34.81
C ASP A 351 12.49 -28.99 34.21
N TYR A 352 11.95 -28.38 33.17
CA TYR A 352 10.74 -28.90 32.53
C TYR A 352 11.03 -29.98 31.50
N SER A 353 12.29 -30.22 31.17
CA SER A 353 12.63 -31.20 30.15
C SER A 353 12.53 -32.64 30.67
N VAL A 354 12.66 -32.84 31.99
CA VAL A 354 12.70 -34.18 32.54
C VAL A 354 11.35 -34.88 32.49
N LEU A 355 10.26 -34.12 32.29
CA LEU A 355 8.94 -34.73 32.28
C LEU A 355 8.66 -35.48 30.98
N TYR A 356 9.16 -34.99 29.85
CA TYR A 356 8.83 -35.56 28.56
C TYR A 356 9.97 -36.31 27.88
N ASN A 357 11.17 -36.36 28.48
CA ASN A 357 12.18 -37.26 27.95
C ASN A 357 12.01 -38.68 28.46
N SER A 358 11.21 -38.88 29.49
CA SER A 358 10.89 -40.22 29.97
C SER A 358 9.82 -40.85 29.07
N ALA A 359 9.60 -42.15 29.27
CA ALA A 359 8.62 -42.90 28.50
C ALA A 359 7.31 -43.09 29.25
N SER A 360 7.11 -42.37 30.35
CA SER A 360 5.92 -42.55 31.18
C SER A 360 4.69 -41.84 30.64
N PHE A 361 4.83 -41.01 29.61
CA PHE A 361 3.72 -40.25 29.07
C PHE A 361 3.21 -40.88 27.77
N SER A 362 2.02 -40.46 27.37
CA SER A 362 1.42 -40.89 26.11
C SER A 362 0.95 -39.73 25.24
N THR A 363 0.45 -38.65 25.83
CA THR A 363 -0.02 -37.50 25.10
C THR A 363 0.66 -36.25 25.63
N PHE A 364 1.38 -35.54 24.76
CA PHE A 364 2.09 -34.33 25.17
C PHE A 364 2.28 -33.46 23.93
N LYS A 365 1.42 -32.45 23.78
CA LYS A 365 1.49 -31.50 22.67
C LYS A 365 1.15 -30.12 23.22
N CYS A 366 2.03 -29.14 22.98
CA CYS A 366 1.85 -27.80 23.53
C CYS A 366 1.70 -26.77 22.42
N TYR A 367 0.91 -25.74 22.72
CA TYR A 367 0.50 -24.76 21.72
C TYR A 367 1.12 -23.39 21.97
N GLY A 368 0.91 -22.82 23.15
CA GLY A 368 1.41 -21.47 23.42
C GLY A 368 2.92 -21.40 23.51
N VAL A 369 3.54 -22.37 24.19
CA VAL A 369 4.99 -22.43 24.35
C VAL A 369 5.48 -23.72 23.70
N SER A 370 6.50 -23.60 22.87
CA SER A 370 7.08 -24.79 22.24
C SER A 370 7.80 -25.65 23.29
N PRO A 371 7.75 -26.97 23.16
CA PRO A 371 8.35 -27.83 24.18
C PRO A 371 9.87 -27.76 24.25
N THR A 372 10.54 -27.25 23.21
CA THR A 372 11.99 -27.27 23.18
C THR A 372 12.61 -26.23 24.11
N LYS A 373 11.87 -25.19 24.49
CA LYS A 373 12.39 -24.13 25.34
C LYS A 373 11.43 -23.83 26.48
N LEU A 374 10.90 -24.88 27.11
CA LEU A 374 10.00 -24.69 28.26
C LEU A 374 10.76 -24.19 29.48
N ASN A 375 11.97 -24.70 29.71
CA ASN A 375 12.76 -24.33 30.87
C ASN A 375 13.47 -22.99 30.72
N ASP A 376 13.49 -22.42 29.50
CA ASP A 376 14.16 -21.16 29.25
C ASP A 376 13.31 -19.95 29.63
N LEU A 377 12.06 -20.15 30.03
CA LEU A 377 11.16 -19.07 30.40
C LEU A 377 10.63 -19.30 31.80
N CYS A 378 10.47 -18.22 32.56
CA CYS A 378 9.93 -18.28 33.91
C CYS A 378 8.44 -17.97 33.83
N PHE A 379 7.61 -18.89 34.32
CA PHE A 379 6.18 -18.86 34.08
C PHE A 379 5.38 -18.24 35.22
N THR A 380 6.03 -17.44 36.07
CA THR A 380 5.43 -16.74 37.20
C THR A 380 4.72 -17.69 38.16
N ASN A 381 3.53 -18.17 37.77
CA ASN A 381 2.80 -19.16 38.54
C ASN A 381 2.18 -20.17 37.59
N VAL A 382 2.06 -21.41 38.05
CA VAL A 382 1.62 -22.52 37.23
C VAL A 382 0.42 -23.18 37.92
N TYR A 383 -0.69 -23.30 37.19
CA TYR A 383 -1.84 -24.05 37.66
C TYR A 383 -1.69 -25.52 37.30
N ALA A 384 -1.97 -26.39 38.27
CA ALA A 384 -1.83 -27.84 38.10
C ALA A 384 -3.19 -28.46 38.32
N ASP A 385 -3.85 -28.87 37.24
CA ASP A 385 -5.16 -29.49 37.30
C ASP A 385 -5.06 -30.94 36.84
N SER A 386 -5.85 -31.82 37.47
CA SER A 386 -5.75 -33.24 37.19
C SER A 386 -7.12 -33.91 37.34
N PHE A 387 -7.34 -34.93 36.52
CA PHE A 387 -8.54 -35.75 36.57
C PHE A 387 -8.24 -37.07 35.87
N VAL A 388 -9.21 -37.98 35.94
CA VAL A 388 -9.13 -39.28 35.27
C VAL A 388 -10.34 -39.42 34.37
N ILE A 389 -10.09 -39.69 33.08
CA ILE A 389 -11.14 -39.85 32.10
C ILE A 389 -10.87 -41.10 31.27
N ARG A 390 -11.83 -41.43 30.42
CA ARG A 390 -11.70 -42.59 29.54
C ARG A 390 -10.69 -42.29 28.43
N GLY A 391 -10.12 -43.35 27.86
CA GLY A 391 -9.06 -43.23 26.87
C GLY A 391 -9.49 -42.62 25.55
N ASP A 392 -10.78 -42.68 25.22
CA ASP A 392 -11.28 -42.07 24.01
C ASP A 392 -11.70 -40.62 24.19
N GLU A 393 -11.64 -40.10 25.42
CA GLU A 393 -12.01 -38.73 25.73
C GLU A 393 -10.80 -37.81 25.86
N VAL A 394 -9.61 -38.28 25.48
CA VAL A 394 -8.40 -37.46 25.57
C VAL A 394 -8.45 -36.30 24.59
N ARG A 395 -9.05 -36.50 23.41
CA ARG A 395 -9.10 -35.45 22.39
C ARG A 395 -9.98 -34.27 22.80
N GLN A 396 -10.88 -34.45 23.77
CA GLN A 396 -11.73 -33.35 24.19
C GLN A 396 -10.99 -32.29 25.01
N ILE A 397 -9.82 -32.64 25.56
CA ILE A 397 -9.07 -31.69 26.37
C ILE A 397 -8.37 -30.64 25.50
N ALA A 398 -8.30 -30.87 24.19
CA ALA A 398 -7.80 -29.86 23.28
C ALA A 398 -8.77 -28.68 23.23
N PRO A 399 -8.25 -27.46 23.06
CA PRO A 399 -9.15 -26.29 22.97
C PRO A 399 -10.02 -26.33 21.74
N GLY A 400 -11.25 -25.84 21.89
CA GLY A 400 -12.22 -25.87 20.81
C GLY A 400 -12.73 -27.27 20.54
N GLN A 401 -13.36 -27.89 21.54
CA GLN A 401 -13.84 -29.25 21.43
C GLN A 401 -15.23 -29.35 22.04
N THR A 402 -15.96 -30.39 21.62
CA THR A 402 -17.31 -30.64 22.11
C THR A 402 -17.45 -32.11 22.48
N GLY A 403 -18.54 -32.43 23.17
CA GLY A 403 -18.78 -33.78 23.61
C GLY A 403 -19.47 -33.83 24.96
N LYS A 404 -18.88 -34.53 25.92
CA LYS A 404 -19.39 -34.55 27.28
C LYS A 404 -18.34 -34.23 28.34
N ILE A 405 -17.08 -34.05 27.96
CA ILE A 405 -16.03 -33.69 28.90
C ILE A 405 -15.65 -32.22 28.78
N ALA A 406 -15.49 -31.74 27.54
CA ALA A 406 -15.04 -30.36 27.34
C ALA A 406 -16.15 -29.35 27.66
N ASP A 407 -17.36 -29.60 27.18
CA ASP A 407 -18.46 -28.67 27.33
C ASP A 407 -19.39 -28.99 28.49
N TYR A 408 -19.10 -30.04 29.26
CA TYR A 408 -19.94 -30.40 30.39
C TYR A 408 -19.18 -30.69 31.68
N ASN A 409 -17.89 -31.00 31.61
CA ASN A 409 -17.13 -31.34 32.81
C ASN A 409 -15.96 -30.39 33.05
N TYR A 410 -15.15 -30.11 32.04
CA TYR A 410 -13.96 -29.29 32.23
C TYR A 410 -13.66 -28.55 30.94
N LYS A 411 -13.76 -27.22 30.98
CA LYS A 411 -13.67 -26.39 29.79
C LYS A 411 -12.39 -25.56 29.81
N LEU A 412 -11.72 -25.49 28.66
CA LEU A 412 -10.53 -24.71 28.35
C LEU A 412 -10.87 -23.52 27.46
N PRO A 413 -10.29 -22.36 27.72
CA PRO A 413 -10.56 -21.18 26.88
C PRO A 413 -9.89 -21.30 25.52
N ASP A 414 -10.26 -20.38 24.63
CA ASP A 414 -9.72 -20.40 23.27
C ASP A 414 -8.25 -20.00 23.25
N ASP A 415 -7.86 -19.05 24.09
CA ASP A 415 -6.47 -18.58 24.18
C ASP A 415 -5.74 -19.23 25.34
N PHE A 416 -6.03 -20.51 25.60
CA PHE A 416 -5.48 -21.20 26.75
C PHE A 416 -3.98 -21.44 26.58
N THR A 417 -3.22 -21.09 27.61
CA THR A 417 -1.77 -21.21 27.61
C THR A 417 -1.37 -22.37 28.51
N GLY A 418 -0.56 -23.27 28.00
CA GLY A 418 -0.21 -24.52 28.65
C GLY A 418 -0.50 -25.69 27.74
N CYS A 419 -0.47 -26.89 28.32
CA CYS A 419 -0.73 -28.10 27.55
C CYS A 419 -1.15 -29.23 28.46
N VAL A 420 -1.24 -30.43 27.87
CA VAL A 420 -1.89 -31.59 28.46
C VAL A 420 -0.85 -32.71 28.58
N ILE A 421 -0.81 -33.35 29.74
CA ILE A 421 -0.04 -34.57 29.95
C ILE A 421 -1.02 -35.69 30.28
N ALA A 422 -1.05 -36.72 29.44
CA ALA A 422 -1.98 -37.83 29.60
C ALA A 422 -1.26 -39.14 29.31
N TRP A 423 -1.60 -40.17 30.07
CA TRP A 423 -1.02 -41.49 29.89
C TRP A 423 -1.99 -42.54 30.39
N ASN A 424 -1.79 -43.78 29.93
CA ASN A 424 -2.65 -44.88 30.33
C ASN A 424 -2.38 -45.27 31.78
N SER A 425 -3.46 -45.50 32.53
CA SER A 425 -3.37 -45.88 33.93
C SER A 425 -4.32 -47.03 34.24
N ASN A 426 -4.33 -48.04 33.35
CA ASN A 426 -5.18 -49.20 33.57
C ASN A 426 -4.70 -50.04 34.74
N ASN A 427 -3.39 -50.08 34.98
CA ASN A 427 -2.86 -50.85 36.11
C ASN A 427 -2.96 -50.12 37.42
N LEU A 428 -3.25 -48.81 37.42
CA LEU A 428 -3.29 -48.01 38.63
C LEU A 428 -4.70 -47.77 39.14
N ASP A 429 -5.67 -47.60 38.24
CA ASP A 429 -7.04 -47.23 38.62
C ASP A 429 -8.03 -48.34 38.25
N SER A 430 -7.65 -49.59 38.51
CA SER A 430 -8.55 -50.72 38.28
C SER A 430 -8.23 -51.81 39.28
N LYS A 431 -9.22 -52.67 39.51
CA LYS A 431 -9.07 -53.78 40.45
C LYS A 431 -8.43 -54.98 39.78
N GLY A 434 -12.60 -54.52 38.43
CA GLY A 434 -13.79 -53.72 38.21
C GLY A 434 -13.91 -52.54 39.16
N ASN A 435 -13.09 -51.51 38.93
CA ASN A 435 -13.13 -50.32 39.75
C ASN A 435 -14.27 -49.41 39.32
N TYR A 436 -15.12 -49.04 40.27
CA TYR A 436 -16.27 -48.17 40.00
C TYR A 436 -16.22 -46.87 40.80
N ASN A 437 -15.09 -46.53 41.39
CA ASN A 437 -14.93 -45.26 42.09
C ASN A 437 -14.40 -44.18 41.15
N TYR A 438 -15.03 -44.07 39.98
CA TYR A 438 -14.69 -43.05 38.99
C TYR A 438 -15.94 -42.73 38.20
N LEU A 439 -16.45 -41.51 38.37
CA LEU A 439 -17.77 -41.11 37.93
C LEU A 439 -17.65 -39.86 37.06
N TYR A 440 -18.67 -39.59 36.25
CA TYR A 440 -18.64 -38.41 35.42
C TYR A 440 -20.07 -37.88 35.24
N ARG A 441 -20.16 -36.57 35.00
CA ARG A 441 -21.43 -35.88 34.81
C ARG A 441 -21.84 -35.93 33.34
N LEU A 442 -23.10 -36.28 33.10
CA LEU A 442 -23.62 -36.45 31.75
C LEU A 442 -24.65 -35.41 31.35
N PHE A 443 -25.53 -34.99 32.25
CA PHE A 443 -26.62 -34.09 31.94
C PHE A 443 -26.43 -32.78 32.69
N ARG A 444 -26.39 -31.67 31.96
CA ARG A 444 -26.39 -30.35 32.56
C ARG A 444 -27.31 -29.44 31.74
N LYS A 445 -27.82 -28.40 32.40
CA LYS A 445 -28.87 -27.58 31.82
C LYS A 445 -28.36 -26.57 30.80
N SER A 446 -27.06 -26.30 30.75
CA SER A 446 -26.54 -25.26 29.86
C SER A 446 -25.09 -25.56 29.54
N ASN A 447 -24.57 -24.81 28.57
CA ASN A 447 -23.15 -24.90 28.22
C ASN A 447 -22.29 -24.37 29.37
N LEU A 448 -21.07 -24.88 29.46
CA LEU A 448 -20.24 -24.64 30.63
C LEU A 448 -19.27 -23.49 30.39
N LYS A 449 -18.64 -23.04 31.47
CA LYS A 449 -17.67 -21.98 31.63
C LYS A 449 -16.27 -22.56 31.74
N PRO A 450 -15.24 -21.88 31.22
CA PRO A 450 -13.86 -22.33 31.46
C PRO A 450 -13.46 -22.16 32.92
N PHE A 451 -12.77 -23.16 33.45
CA PHE A 451 -12.14 -23.12 34.79
C PHE A 451 -13.16 -22.87 35.91
N GLU A 452 -14.07 -23.83 36.08
CA GLU A 452 -15.02 -23.78 37.18
C GLU A 452 -15.26 -25.18 37.71
N ARG A 453 -15.72 -25.25 38.97
CA ARG A 453 -16.10 -26.49 39.61
C ARG A 453 -17.55 -26.39 40.06
N ASP A 454 -18.36 -27.38 39.65
CA ASP A 454 -19.78 -27.40 39.98
C ASP A 454 -20.10 -28.74 40.64
N ILE A 455 -20.42 -28.70 41.93
CA ILE A 455 -20.76 -29.91 42.67
C ILE A 455 -22.24 -29.86 43.05
N SER A 456 -23.08 -30.47 42.22
CA SER A 456 -24.51 -30.52 42.46
C SER A 456 -25.08 -31.72 41.72
N THR A 457 -25.93 -32.50 42.41
CA THR A 457 -26.47 -33.73 41.85
C THR A 457 -27.98 -33.64 41.68
N GLU A 458 -28.51 -32.44 41.53
CA GLU A 458 -29.93 -32.28 41.19
C GLU A 458 -30.18 -32.78 39.78
N ILE A 459 -31.22 -33.59 39.62
CA ILE A 459 -31.43 -34.29 38.35
C ILE A 459 -31.92 -33.32 37.29
N TYR A 460 -31.65 -33.67 36.03
CA TYR A 460 -31.97 -32.82 34.89
C TYR A 460 -33.27 -33.27 34.25
N GLN A 461 -34.13 -32.29 33.94
CA GLN A 461 -35.43 -32.56 33.33
C GLN A 461 -35.41 -32.01 31.91
N ALA A 462 -35.52 -32.91 30.93
CA ALA A 462 -35.55 -32.51 29.52
C ALA A 462 -36.93 -32.07 29.06
N GLY A 463 -37.97 -32.33 29.85
CA GLY A 463 -39.32 -31.96 29.52
C GLY A 463 -39.89 -30.92 30.47
N SER A 464 -41.21 -30.79 30.44
CA SER A 464 -41.92 -29.85 31.30
C SER A 464 -42.33 -30.45 32.63
N THR A 465 -42.04 -31.73 32.87
CA THR A 465 -42.39 -32.39 34.11
C THR A 465 -41.28 -32.22 35.12
N PRO A 466 -41.53 -31.63 36.28
CA PRO A 466 -40.47 -31.50 37.29
C PRO A 466 -40.15 -32.83 37.95
N CYS A 467 -39.34 -33.65 37.27
CA CYS A 467 -38.94 -34.93 37.82
C CYS A 467 -38.04 -34.74 39.05
N ASN A 468 -38.26 -35.56 40.07
CA ASN A 468 -37.47 -35.52 41.28
C ASN A 468 -37.44 -36.91 41.89
N GLY A 469 -36.30 -37.58 41.77
CA GLY A 469 -36.13 -38.93 42.27
C GLY A 469 -36.45 -40.03 41.27
N VAL A 470 -37.54 -39.84 40.52
CA VAL A 470 -37.94 -40.81 39.51
C VAL A 470 -37.04 -40.66 38.29
N GLU A 471 -36.92 -41.74 37.51
CA GLU A 471 -36.10 -41.76 36.31
C GLU A 471 -36.88 -42.48 35.21
N GLY A 472 -37.64 -41.70 34.44
CA GLY A 472 -38.36 -42.22 33.30
C GLY A 472 -37.92 -41.56 32.01
N PHE A 473 -38.88 -41.04 31.25
CA PHE A 473 -38.55 -40.27 30.06
C PHE A 473 -38.29 -38.81 30.42
N ASN A 474 -37.40 -38.19 29.64
CA ASN A 474 -36.99 -36.77 29.72
C ASN A 474 -36.55 -36.33 31.14
N CYS A 475 -36.13 -37.28 31.98
CA CYS A 475 -35.49 -36.94 33.25
C CYS A 475 -34.61 -38.11 33.67
N TYR A 476 -33.31 -37.85 33.82
CA TYR A 476 -32.34 -38.88 34.16
C TYR A 476 -31.38 -38.35 35.22
N PHE A 477 -30.64 -39.26 35.83
CA PHE A 477 -29.62 -38.88 36.79
C PHE A 477 -28.43 -38.27 36.03
N PRO A 478 -27.93 -37.10 36.44
CA PRO A 478 -26.86 -36.46 35.66
C PRO A 478 -25.51 -37.14 35.79
N LEU A 479 -25.33 -38.01 36.77
CA LEU A 479 -24.02 -38.59 37.07
C LEU A 479 -24.00 -40.04 36.65
N GLN A 480 -22.98 -40.41 35.88
CA GLN A 480 -22.80 -41.78 35.39
C GLN A 480 -21.40 -42.24 35.69
N SER A 481 -21.25 -43.55 35.85
CA SER A 481 -20.00 -44.15 36.30
C SER A 481 -19.20 -44.70 35.13
N TYR A 482 -17.91 -44.90 35.38
CA TYR A 482 -17.01 -45.55 34.43
C TYR A 482 -16.82 -47.00 34.83
N GLY A 483 -17.05 -47.91 33.89
CA GLY A 483 -16.77 -49.31 34.12
C GLY A 483 -15.30 -49.61 33.90
N PHE A 484 -14.45 -49.18 34.84
CA PHE A 484 -13.00 -49.31 34.71
C PHE A 484 -12.57 -50.72 35.13
N GLN A 485 -12.99 -51.70 34.33
CA GLN A 485 -12.59 -53.08 34.52
C GLN A 485 -11.22 -53.32 33.88
N PRO A 486 -10.46 -54.29 34.41
CA PRO A 486 -9.18 -54.64 33.75
C PRO A 486 -9.35 -55.24 32.37
N THR A 487 -10.53 -55.75 32.03
CA THR A 487 -10.80 -56.34 30.72
C THR A 487 -11.33 -55.32 29.72
N ASN A 488 -11.20 -54.03 30.01
CA ASN A 488 -11.67 -52.99 29.10
C ASN A 488 -10.80 -52.95 27.84
N GLY A 489 -11.43 -52.61 26.72
CA GLY A 489 -10.75 -52.58 25.44
C GLY A 489 -9.91 -51.33 25.24
N VAL A 490 -9.41 -51.19 24.02
CA VAL A 490 -8.58 -50.04 23.66
C VAL A 490 -9.45 -48.79 23.60
N GLY A 491 -9.01 -47.74 24.29
CA GLY A 491 -9.79 -46.52 24.40
C GLY A 491 -10.75 -46.49 25.57
N TYR A 492 -10.90 -47.60 26.29
CA TYR A 492 -11.75 -47.66 27.46
C TYR A 492 -10.98 -47.77 28.77
N GLN A 493 -9.66 -47.90 28.70
CA GLN A 493 -8.85 -47.94 29.91
C GLN A 493 -8.81 -46.58 30.58
N PRO A 494 -8.71 -46.53 31.91
CA PRO A 494 -8.60 -45.23 32.59
C PRO A 494 -7.31 -44.52 32.26
N TYR A 495 -7.42 -43.22 31.98
CA TYR A 495 -6.28 -42.39 31.63
C TYR A 495 -6.12 -41.29 32.66
N ARG A 496 -4.92 -41.18 33.23
CA ARG A 496 -4.61 -40.11 34.17
C ARG A 496 -4.16 -38.89 33.39
N VAL A 497 -4.95 -37.83 33.44
CA VAL A 497 -4.73 -36.64 32.64
C VAL A 497 -4.40 -35.48 33.57
N VAL A 498 -3.24 -34.86 33.37
CA VAL A 498 -2.81 -33.69 34.12
C VAL A 498 -2.59 -32.56 33.12
N VAL A 499 -3.22 -31.42 33.36
CA VAL A 499 -3.13 -30.26 32.47
C VAL A 499 -2.45 -29.12 33.22
N LEU A 500 -1.54 -28.44 32.53
CA LEU A 500 -0.79 -27.33 33.10
C LEU A 500 -1.28 -26.02 32.51
N SER A 501 -1.41 -25.00 33.37
CA SER A 501 -1.83 -23.68 32.94
C SER A 501 -0.96 -22.63 33.60
N PHE A 502 -0.51 -21.66 32.82
CA PHE A 502 0.34 -20.60 33.35
C PHE A 502 0.18 -19.36 32.48
N GLU A 503 0.32 -18.19 33.11
CA GLU A 503 0.30 -16.92 32.39
C GLU A 503 1.72 -16.50 32.04
N LEU A 504 1.83 -15.56 31.11
CA LEU A 504 3.13 -15.15 30.57
C LEU A 504 3.29 -13.65 30.67
N LEU A 505 4.56 -13.22 30.73
CA LEU A 505 4.96 -11.81 30.77
C LEU A 505 4.34 -11.08 31.97
N HIS A 506 4.73 -11.53 33.16
CA HIS A 506 4.24 -10.95 34.40
C HIS A 506 5.38 -10.84 35.40
N ALA A 507 5.16 -10.00 36.42
CA ALA A 507 6.23 -9.68 37.36
C ALA A 507 6.57 -10.80 38.34
N PRO A 508 5.62 -11.36 39.16
CA PRO A 508 6.06 -12.28 40.22
C PRO A 508 6.52 -13.64 39.70
N ALA A 509 7.75 -13.67 39.16
CA ALA A 509 8.32 -14.88 38.59
C ALA A 509 8.94 -15.72 39.71
N THR A 510 8.09 -16.49 40.38
CA THR A 510 8.53 -17.43 41.40
C THR A 510 8.52 -18.87 40.91
N VAL A 511 8.00 -19.12 39.71
CA VAL A 511 8.07 -20.42 39.05
C VAL A 511 8.88 -20.24 37.79
N CYS A 512 10.06 -20.84 37.73
CA CYS A 512 11.01 -20.54 36.68
C CYS A 512 11.98 -21.70 36.50
N GLY A 513 12.94 -21.52 35.59
CA GLY A 513 13.82 -22.59 35.18
C GLY A 513 15.13 -22.66 35.94
N PRO A 514 15.98 -23.63 35.57
CA PRO A 514 17.21 -23.88 36.33
C PRO A 514 18.43 -23.13 35.83
N LYS A 515 18.25 -22.12 34.98
CA LYS A 515 19.39 -21.41 34.40
C LYS A 515 20.13 -20.59 35.46
N LYS A 516 21.44 -20.45 35.27
CA LYS A 516 22.29 -19.78 36.24
C LYS A 516 22.34 -18.28 35.97
N SER A 517 22.22 -17.49 37.02
CA SER A 517 22.26 -16.03 36.92
C SER A 517 23.70 -15.53 36.98
N THR A 518 23.95 -14.44 36.26
CA THR A 518 25.24 -13.77 36.23
C THR A 518 25.12 -12.38 36.83
N ASN A 519 26.25 -11.70 36.97
CA ASN A 519 26.27 -10.36 37.54
C ASN A 519 26.12 -9.30 36.45
N LEU A 520 25.73 -8.11 36.88
CA LEU A 520 25.56 -6.98 35.97
C LEU A 520 26.91 -6.34 35.67
N VAL A 521 26.98 -5.67 34.52
CA VAL A 521 28.19 -4.97 34.10
C VAL A 521 27.99 -3.46 34.04
N LYS A 522 26.79 -2.99 33.66
CA LYS A 522 26.37 -1.60 33.53
C LYS A 522 27.12 -0.83 32.44
N ASN A 523 26.40 0.05 31.75
CA ASN A 523 26.96 0.96 30.72
C ASN A 523 27.67 0.20 29.61
N LYS A 524 27.13 -0.95 29.21
CA LYS A 524 27.73 -1.75 28.16
C LYS A 524 26.65 -2.36 27.29
N CYS A 525 26.97 -2.49 25.99
CA CYS A 525 26.06 -3.09 25.02
C CYS A 525 26.06 -4.61 25.22
N VAL A 526 25.02 -5.14 25.85
CA VAL A 526 24.94 -6.54 26.22
C VAL A 526 23.59 -7.10 25.79
N ASN A 527 23.51 -8.43 25.76
CA ASN A 527 22.28 -9.15 25.41
C ASN A 527 21.70 -9.70 26.71
N PHE A 528 20.92 -8.87 27.39
CA PHE A 528 20.42 -9.22 28.72
C PHE A 528 19.21 -10.16 28.63
N ASN A 529 18.84 -10.70 29.78
CA ASN A 529 17.66 -11.56 29.90
C ASN A 529 17.11 -11.42 31.32
N PHE A 530 15.81 -11.15 31.43
CA PHE A 530 15.16 -10.94 32.73
C PHE A 530 13.91 -11.80 32.78
N ASN A 531 14.04 -12.99 33.38
CA ASN A 531 12.94 -13.95 33.58
C ASN A 531 12.26 -14.31 32.27
N GLY A 532 13.06 -14.49 31.22
CA GLY A 532 12.56 -14.83 29.90
C GLY A 532 12.42 -13.63 28.96
N LEU A 533 12.38 -12.42 29.51
CA LEU A 533 12.34 -11.21 28.69
C LEU A 533 13.75 -10.86 28.29
N THR A 534 14.07 -11.02 27.00
CA THR A 534 15.42 -10.87 26.51
C THR A 534 15.49 -9.75 25.47
N GLY A 535 16.68 -9.19 25.32
CA GLY A 535 16.90 -8.14 24.34
C GLY A 535 18.34 -7.72 24.35
N THR A 536 18.68 -6.87 23.39
CA THR A 536 20.04 -6.35 23.23
C THR A 536 20.02 -4.84 23.49
N GLY A 537 20.89 -4.40 24.39
CA GLY A 537 20.93 -2.99 24.72
C GLY A 537 21.94 -2.69 25.81
N VAL A 538 21.84 -1.48 26.35
CA VAL A 538 22.76 -0.98 27.37
C VAL A 538 21.96 -0.74 28.64
N LEU A 539 22.48 -1.26 29.76
CA LEU A 539 21.83 -1.10 31.06
C LEU A 539 22.51 0.04 31.81
N THR A 540 21.70 1.04 32.21
CA THR A 540 22.17 2.21 32.92
C THR A 540 21.32 2.41 34.17
N GLU A 541 21.58 3.51 34.88
CA GLU A 541 20.81 3.86 36.07
C GLU A 541 19.53 4.59 35.67
N SER A 542 18.69 4.85 36.67
CA SER A 542 17.43 5.54 36.45
C SER A 542 17.02 6.28 37.71
N ASN A 543 16.15 7.27 37.52
CA ASN A 543 15.53 8.01 38.63
C ASN A 543 14.03 7.76 38.68
N LYS A 544 13.61 6.57 38.30
CA LYS A 544 12.20 6.22 38.19
C LYS A 544 11.75 5.52 39.46
N LYS A 545 10.77 6.09 40.14
CA LYS A 545 10.25 5.54 41.39
C LYS A 545 9.40 4.31 41.06
N PHE A 546 10.02 3.15 41.14
CA PHE A 546 9.34 1.89 40.86
C PHE A 546 8.63 1.42 42.11
N LEU A 547 7.32 1.66 42.17
CA LEU A 547 6.42 1.22 43.22
C LEU A 547 6.30 -0.31 43.13
N PRO A 548 6.08 -0.98 44.27
CA PRO A 548 6.97 -2.11 44.61
C PRO A 548 7.06 -3.31 43.67
N PHE A 549 5.98 -3.95 43.26
CA PHE A 549 6.13 -5.14 42.43
C PHE A 549 6.03 -4.85 40.93
N GLN A 550 5.82 -3.60 40.55
CA GLN A 550 5.88 -3.19 39.15
C GLN A 550 7.32 -3.30 38.66
N GLN A 551 7.58 -4.25 37.76
CA GLN A 551 8.94 -4.72 37.51
C GLN A 551 9.57 -4.16 36.24
N PHE A 552 8.94 -4.36 35.08
CA PHE A 552 9.52 -3.95 33.81
C PHE A 552 8.79 -2.73 33.27
N GLY A 553 9.26 -2.23 32.12
CA GLY A 553 8.65 -1.09 31.48
C GLY A 553 8.67 -1.22 29.97
N ARG A 554 7.91 -0.36 29.31
CA ARG A 554 7.89 -0.33 27.86
C ARG A 554 7.54 1.09 27.41
N ASP A 555 7.92 1.39 26.17
CA ASP A 555 7.65 2.70 25.58
C ASP A 555 6.31 2.66 24.83
N ILE A 556 6.06 3.68 24.01
CA ILE A 556 4.85 3.71 23.19
C ILE A 556 4.84 2.60 22.14
N ALA A 557 6.02 2.16 21.68
CA ALA A 557 6.12 1.10 20.68
C ALA A 557 6.36 -0.26 21.32
N ASP A 558 5.92 -0.44 22.56
CA ASP A 558 5.91 -1.69 23.34
C ASP A 558 7.30 -2.36 23.46
N THR A 559 8.37 -1.63 23.17
CA THR A 559 9.71 -2.14 23.37
C THR A 559 10.19 -1.81 24.77
N THR A 560 10.88 -2.77 25.40
CA THR A 560 11.27 -2.62 26.79
C THR A 560 12.34 -1.54 26.96
N ASP A 561 12.06 -0.57 27.82
CA ASP A 561 13.01 0.50 28.12
C ASP A 561 13.47 0.51 29.57
N ALA A 562 12.70 -0.08 30.48
CA ALA A 562 13.06 -0.16 31.89
C ALA A 562 12.78 -1.57 32.39
N VAL A 563 13.60 -2.02 33.35
CA VAL A 563 13.49 -3.37 33.89
C VAL A 563 14.07 -3.35 35.30
N ARG A 564 13.70 -4.34 36.10
CA ARG A 564 14.16 -4.47 37.47
C ARG A 564 14.93 -5.78 37.63
N ASP A 565 16.08 -5.70 38.30
CA ASP A 565 16.83 -6.91 38.61
C ASP A 565 16.05 -7.75 39.62
N PRO A 566 15.82 -9.03 39.34
CA PRO A 566 15.04 -9.87 40.29
C PRO A 566 15.77 -10.20 41.57
N GLN A 567 17.06 -9.89 41.70
CA GLN A 567 17.82 -10.23 42.90
C GLN A 567 18.03 -9.03 43.82
N THR A 568 18.62 -7.96 43.31
CA THR A 568 18.93 -6.79 44.12
C THR A 568 17.83 -5.74 44.09
N LEU A 569 16.78 -5.95 43.28
CA LEU A 569 15.62 -5.06 43.18
C LEU A 569 16.01 -3.64 42.77
N GLU A 570 17.08 -3.51 41.99
CA GLU A 570 17.49 -2.23 41.44
C GLU A 570 16.80 -1.98 40.11
N ILE A 571 16.84 -0.73 39.66
CA ILE A 571 16.08 -0.28 38.50
C ILE A 571 17.05 0.10 37.39
N LEU A 572 16.75 -0.32 36.17
CA LEU A 572 17.63 -0.15 35.02
C LEU A 572 16.92 0.60 33.91
N ASP A 573 17.72 1.13 32.99
CA ASP A 573 17.23 1.73 31.75
C ASP A 573 17.86 1.01 30.58
N ILE A 574 17.10 0.91 29.49
CA ILE A 574 17.46 0.07 28.35
C ILE A 574 17.55 0.94 27.10
N THR A 575 18.70 0.87 26.41
CA THR A 575 18.87 1.55 25.13
C THR A 575 19.55 0.60 24.15
N PRO A 576 18.85 0.15 23.11
CA PRO A 576 19.42 -0.71 22.09
C PRO A 576 20.73 -0.21 21.49
N CYS A 577 21.47 -1.14 20.90
CA CYS A 577 22.77 -0.84 20.31
C CYS A 577 22.97 -1.75 19.10
N SER A 578 22.51 -1.28 17.94
CA SER A 578 22.72 -2.01 16.68
C SER A 578 23.50 -1.19 15.67
N PHE A 579 23.03 0.02 15.34
CA PHE A 579 23.55 0.93 14.32
C PHE A 579 23.58 0.34 12.91
N GLY A 580 22.90 1.00 11.98
CA GLY A 580 22.95 0.62 10.58
C GLY A 580 22.97 1.83 9.67
N GLY A 581 22.98 3.02 10.26
CA GLY A 581 22.94 4.26 9.50
C GLY A 581 24.30 4.82 9.14
N VAL A 582 24.99 4.18 8.19
CA VAL A 582 26.30 4.64 7.74
C VAL A 582 26.13 5.36 6.40
N SER A 583 26.98 6.36 6.18
CA SER A 583 26.99 7.13 4.94
C SER A 583 28.43 7.25 4.44
N VAL A 584 28.57 7.29 3.11
CA VAL A 584 29.88 7.29 2.48
C VAL A 584 29.93 8.42 1.46
N ILE A 585 30.97 9.26 1.55
CA ILE A 585 31.21 10.32 0.59
C ILE A 585 32.38 9.89 -0.29
N THR A 586 32.12 9.68 -1.57
CA THR A 586 33.12 9.22 -2.51
C THR A 586 32.95 9.91 -3.84
N PRO A 587 34.04 10.16 -4.57
CA PRO A 587 33.91 10.68 -5.94
C PRO A 587 33.57 9.58 -6.93
N GLY A 588 33.53 9.92 -8.22
CA GLY A 588 33.24 8.93 -9.23
C GLY A 588 34.37 7.92 -9.39
N THR A 589 33.99 6.68 -9.73
CA THR A 589 34.97 5.63 -9.91
C THR A 589 35.81 5.85 -11.17
N ASN A 590 35.22 6.46 -12.20
CA ASN A 590 35.97 6.84 -13.39
C ASN A 590 37.02 7.91 -13.09
N THR A 591 36.83 8.69 -12.03
CA THR A 591 37.78 9.73 -11.64
C THR A 591 38.84 9.21 -10.67
N SER A 592 38.41 8.61 -9.57
CA SER A 592 39.34 8.15 -8.54
C SER A 592 38.74 6.98 -7.79
N ASN A 593 39.48 6.50 -6.79
CA ASN A 593 39.05 5.36 -5.98
C ASN A 593 39.12 5.61 -4.49
N GLN A 594 39.55 6.81 -4.07
CA GLN A 594 39.59 7.13 -2.64
C GLN A 594 38.18 7.26 -2.09
N VAL A 595 37.99 6.81 -0.85
CA VAL A 595 36.67 6.71 -0.24
C VAL A 595 36.74 7.21 1.20
N ALA A 596 35.77 8.05 1.57
CA ALA A 596 35.60 8.52 2.93
C ALA A 596 34.20 8.17 3.41
N VAL A 597 34.07 7.92 4.71
CA VAL A 597 32.84 7.40 5.29
C VAL A 597 32.39 8.30 6.43
N LEU A 598 31.11 8.65 6.44
CA LEU A 598 30.50 9.46 7.49
C LEU A 598 29.76 8.53 8.44
N TYR A 599 30.00 8.69 9.74
CA TYR A 599 29.27 7.94 10.76
C TYR A 599 28.18 8.87 11.30
N GLN A 600 26.93 8.53 11.00
CA GLN A 600 25.83 9.47 11.19
C GLN A 600 25.37 9.52 12.65
N ASP A 601 25.37 10.73 13.20
CA ASP A 601 24.76 11.05 14.51
C ASP A 601 25.38 10.25 15.66
N VAL A 602 26.67 9.94 15.56
CA VAL A 602 27.39 9.25 16.61
C VAL A 602 28.72 9.94 16.84
N ASN A 603 29.14 9.98 18.10
CA ASN A 603 30.37 10.64 18.48
C ASN A 603 31.58 9.86 17.97
N CYS A 604 32.67 10.58 17.69
CA CYS A 604 33.90 9.95 17.26
C CYS A 604 34.59 9.21 18.40
N THR A 605 34.22 9.49 19.66
CA THR A 605 34.80 8.79 20.79
C THR A 605 34.07 7.49 21.12
N GLU A 606 32.93 7.22 20.48
CA GLU A 606 32.15 6.03 20.74
C GLU A 606 32.00 5.14 19.52
N VAL A 607 32.78 5.38 18.47
CA VAL A 607 32.67 4.55 17.26
C VAL A 607 33.02 3.08 17.45
N PRO A 608 34.10 2.67 18.15
CA PRO A 608 34.42 1.24 18.18
C PRO A 608 33.51 0.42 19.07
N VAL A 609 32.70 1.06 19.90
CA VAL A 609 31.80 0.35 20.80
C VAL A 609 30.41 0.16 20.17
N ALA A 610 29.91 1.19 19.49
CA ALA A 610 28.59 1.11 18.87
C ALA A 610 28.58 0.12 17.70
N ILE A 611 29.64 0.13 16.89
CA ILE A 611 29.72 -0.75 15.73
C ILE A 611 30.47 -2.05 16.01
N HIS A 612 31.14 -2.16 17.16
CA HIS A 612 31.96 -3.31 17.55
C HIS A 612 33.04 -3.59 16.50
N ALA A 613 33.89 -2.59 16.29
CA ALA A 613 34.85 -2.64 15.18
C ALA A 613 35.94 -3.67 15.41
N ASP A 614 36.31 -3.93 16.67
CA ASP A 614 37.40 -4.85 16.98
C ASP A 614 37.08 -6.29 16.59
N GLN A 615 35.81 -6.64 16.46
CA GLN A 615 35.41 -7.97 15.99
C GLN A 615 35.23 -8.03 14.48
N LEU A 616 35.47 -6.93 13.78
CA LEU A 616 35.33 -6.87 12.33
C LEU A 616 36.70 -6.97 11.66
N THR A 617 36.73 -6.75 10.35
CA THR A 617 37.97 -6.79 9.60
C THR A 617 38.85 -5.60 9.97
N PRO A 618 40.17 -5.75 9.83
CA PRO A 618 41.07 -4.60 10.06
C PRO A 618 40.81 -3.43 9.13
N THR A 619 40.29 -3.68 7.92
CA THR A 619 39.91 -2.59 7.04
C THR A 619 38.72 -1.81 7.62
N TRP A 620 37.80 -2.49 8.28
CA TRP A 620 36.76 -1.79 9.03
C TRP A 620 37.34 -1.07 10.24
N ARG A 621 38.35 -1.66 10.88
CA ARG A 621 38.99 -1.04 12.03
C ARG A 621 39.73 0.24 11.64
N VAL A 622 40.43 0.23 10.50
CA VAL A 622 41.18 1.40 10.08
C VAL A 622 40.24 2.52 9.60
N TYR A 623 39.01 2.19 9.23
CA TYR A 623 38.01 3.20 8.93
C TYR A 623 37.13 3.52 10.13
N SER A 624 37.36 2.86 11.27
CA SER A 624 36.74 3.23 12.53
C SER A 624 37.69 3.95 13.46
N THR A 625 38.99 3.97 13.16
CA THR A 625 39.98 4.67 13.97
C THR A 625 41.14 5.04 13.06
N GLY A 626 41.44 6.33 12.97
CA GLY A 626 42.51 6.78 12.10
C GLY A 626 42.93 8.19 12.44
N SER A 627 43.86 8.70 11.64
CA SER A 627 44.35 10.07 11.85
C SER A 627 43.33 11.11 11.42
N ASN A 628 42.69 10.89 10.27
CA ASN A 628 41.74 11.87 9.72
C ASN A 628 40.34 11.56 10.24
N VAL A 629 40.12 11.89 11.51
CA VAL A 629 38.85 11.69 12.18
C VAL A 629 38.33 13.05 12.62
N PHE A 630 37.11 13.38 12.19
CA PHE A 630 36.51 14.68 12.46
C PHE A 630 35.08 14.49 12.94
N GLN A 631 34.67 15.32 13.90
CA GLN A 631 33.32 15.32 14.45
C GLN A 631 32.63 16.62 14.09
N THR A 632 31.40 16.52 13.58
CA THR A 632 30.58 17.67 13.24
C THR A 632 29.17 17.47 13.80
N ARG A 633 28.28 18.42 13.47
CA ARG A 633 26.89 18.32 13.90
C ARG A 633 26.19 17.12 13.28
N ALA A 634 26.50 16.82 12.01
CA ALA A 634 25.88 15.69 11.34
C ALA A 634 26.36 14.35 11.88
N GLY A 635 27.57 14.28 12.40
CA GLY A 635 28.08 13.04 12.93
C GLY A 635 29.60 13.04 12.92
N CYS A 636 30.16 11.85 12.70
CA CYS A 636 31.61 11.64 12.72
C CYS A 636 32.08 11.27 11.32
N LEU A 637 33.10 11.98 10.83
CA LEU A 637 33.72 11.69 9.55
C LEU A 637 35.10 11.11 9.77
N ILE A 638 35.39 9.99 9.09
CA ILE A 638 36.67 9.33 9.16
C ILE A 638 37.22 9.22 7.75
N GLY A 639 38.44 9.71 7.54
CA GLY A 639 39.06 9.74 6.24
C GLY A 639 38.99 11.09 5.54
N ALA A 640 38.15 11.99 6.02
CA ALA A 640 38.05 13.32 5.43
C ALA A 640 39.13 14.23 5.99
N GLU A 641 39.69 15.07 5.13
CA GLU A 641 40.74 16.01 5.50
C GLU A 641 40.10 17.36 5.79
N HIS A 642 39.99 17.71 7.07
CA HIS A 642 39.35 18.97 7.45
C HIS A 642 40.28 20.14 7.15
N VAL A 643 39.74 21.17 6.51
CA VAL A 643 40.48 22.38 6.18
C VAL A 643 39.66 23.59 6.64
N ASN A 644 40.36 24.72 6.79
CA ASN A 644 39.74 25.96 7.22
C ASN A 644 39.23 26.81 6.08
N ASN A 645 39.51 26.43 4.83
CA ASN A 645 39.07 27.19 3.68
C ASN A 645 37.59 26.94 3.41
N SER A 646 37.01 27.79 2.56
CA SER A 646 35.61 27.69 2.18
C SER A 646 35.49 27.78 0.67
N TYR A 647 34.72 26.86 0.08
CA TYR A 647 34.51 26.83 -1.37
C TYR A 647 33.03 26.58 -1.64
N GLU A 648 32.70 26.49 -2.93
CA GLU A 648 31.36 26.09 -3.33
C GLU A 648 31.14 24.63 -2.98
N CYS A 649 29.92 24.31 -2.54
CA CYS A 649 29.59 22.94 -2.14
C CYS A 649 29.60 22.01 -3.33
N ASP A 650 30.23 20.85 -3.15
CA ASP A 650 30.29 19.81 -4.18
C ASP A 650 29.52 18.57 -3.78
N ILE A 651 29.86 17.98 -2.63
CA ILE A 651 29.13 16.86 -2.07
C ILE A 651 28.55 17.28 -0.73
N PRO A 652 27.25 17.56 -0.66
CA PRO A 652 26.67 18.03 0.59
C PRO A 652 26.58 16.92 1.63
N ILE A 653 26.84 17.28 2.89
CA ILE A 653 26.74 16.37 4.02
C ILE A 653 25.62 16.79 4.96
N GLY A 654 25.63 18.02 5.42
CA GLY A 654 24.63 18.53 6.34
C GLY A 654 25.28 19.50 7.31
N ALA A 655 24.46 20.42 7.83
CA ALA A 655 24.87 21.48 8.76
C ALA A 655 26.02 22.32 8.20
N GLY A 656 25.95 22.64 6.92
CA GLY A 656 26.95 23.48 6.29
C GLY A 656 28.27 22.81 5.98
N ILE A 657 28.32 21.48 6.00
CA ILE A 657 29.54 20.73 5.74
C ILE A 657 29.47 20.15 4.34
N CYS A 658 30.49 20.42 3.53
CA CYS A 658 30.56 19.90 2.17
C CYS A 658 31.94 19.33 1.91
N ALA A 659 31.99 18.31 1.05
CA ALA A 659 33.23 17.63 0.71
C ALA A 659 33.48 17.71 -0.78
N SER A 660 34.76 17.64 -1.15
CA SER A 660 35.17 17.70 -2.54
C SER A 660 36.51 16.99 -2.70
N TYR A 661 36.86 16.71 -3.95
CA TYR A 661 38.13 16.08 -4.28
C TYR A 661 39.16 17.17 -4.58
N GLN A 662 40.25 17.17 -3.83
CA GLN A 662 41.28 18.20 -3.95
C GLN A 662 42.65 17.56 -4.01
N THR A 663 43.54 18.15 -4.80
CA THR A 663 44.92 17.67 -4.92
C THR A 663 45.72 17.96 -3.65
N SER A 676 48.89 13.49 -4.85
CA SER A 676 48.55 14.06 -3.55
C SER A 676 47.05 14.31 -3.45
N GLN A 677 46.28 13.64 -4.31
CA GLN A 677 44.84 13.79 -4.30
C GLN A 677 44.24 13.17 -3.04
N SER A 678 43.25 13.85 -2.47
CA SER A 678 42.60 13.39 -1.26
C SER A 678 41.21 14.01 -1.18
N ILE A 679 40.39 13.45 -0.30
CA ILE A 679 39.04 13.95 -0.05
C ILE A 679 39.10 14.93 1.11
N ILE A 680 38.69 16.17 0.86
CA ILE A 680 38.73 17.22 1.86
C ILE A 680 37.33 17.49 2.37
N ALA A 681 37.25 18.08 3.56
CA ALA A 681 35.98 18.48 4.16
C ALA A 681 36.10 19.93 4.63
N TYR A 682 35.07 20.73 4.33
CA TYR A 682 35.14 22.15 4.62
C TYR A 682 33.73 22.69 4.84
N THR A 683 33.66 23.81 5.56
CA THR A 683 32.42 24.55 5.69
C THR A 683 32.15 25.32 4.40
N MET A 684 30.89 25.32 3.96
CA MET A 684 30.54 25.93 2.69
C MET A 684 30.68 27.45 2.75
N SER A 685 30.81 28.05 1.58
CA SER A 685 30.84 29.50 1.42
C SER A 685 29.56 29.95 0.75
N LEU A 686 28.89 30.94 1.34
CA LEU A 686 27.64 31.43 0.76
C LEU A 686 27.89 32.18 -0.54
N GLY A 687 29.03 32.84 -0.67
CA GLY A 687 29.36 33.53 -1.89
C GLY A 687 30.48 34.53 -1.65
N ALA A 688 30.75 35.32 -2.69
CA ALA A 688 31.77 36.35 -2.59
C ALA A 688 31.30 37.48 -1.67
N GLU A 689 32.20 37.92 -0.80
CA GLU A 689 31.88 39.02 0.10
C GLU A 689 31.83 40.33 -0.67
N ASN A 690 30.73 41.06 -0.54
CA ASN A 690 30.52 42.29 -1.29
C ASN A 690 29.96 43.36 -0.37
N SER A 691 30.24 44.61 -0.71
CA SER A 691 29.71 45.76 0.02
C SER A 691 29.25 46.81 -0.98
N VAL A 692 28.29 47.62 -0.56
CA VAL A 692 27.71 48.67 -1.40
C VAL A 692 28.06 50.02 -0.78
N ALA A 693 28.67 50.90 -1.59
CA ALA A 693 29.03 52.24 -1.13
C ALA A 693 27.78 53.12 -1.19
N TYR A 694 26.93 52.95 -0.18
CA TYR A 694 25.68 53.70 -0.11
C TYR A 694 25.93 55.14 0.32
N SER A 695 25.13 56.05 -0.24
CA SER A 695 25.13 57.44 0.16
C SER A 695 23.76 58.03 -0.15
N ASN A 696 23.46 59.15 0.49
CA ASN A 696 22.18 59.81 0.28
C ASN A 696 22.17 60.73 -0.93
N ASN A 697 23.31 60.89 -1.61
CA ASN A 697 23.36 61.75 -2.79
C ASN A 697 24.20 61.16 -3.91
N SER A 698 24.56 59.88 -3.84
CA SER A 698 25.40 59.24 -4.84
C SER A 698 24.63 58.13 -5.53
N ILE A 699 24.73 58.09 -6.86
CA ILE A 699 24.07 57.07 -7.66
C ILE A 699 25.07 56.49 -8.64
N ALA A 700 24.78 55.29 -9.13
CA ALA A 700 25.61 54.59 -10.09
C ALA A 700 24.80 54.30 -11.35
N ILE A 701 25.32 54.73 -12.49
CA ILE A 701 24.66 54.54 -13.79
C ILE A 701 25.59 53.71 -14.65
N PRO A 702 25.12 52.59 -15.21
CA PRO A 702 25.97 51.81 -16.12
C PRO A 702 26.21 52.54 -17.43
N THR A 703 27.39 52.31 -18.00
CA THR A 703 27.78 52.94 -19.26
C THR A 703 27.83 51.97 -20.43
N ASN A 704 27.75 50.67 -20.18
CA ASN A 704 27.77 49.67 -21.24
C ASN A 704 26.84 48.55 -20.86
N PHE A 705 26.76 47.54 -21.73
CA PHE A 705 25.87 46.40 -21.49
C PHE A 705 26.44 45.18 -22.20
N THR A 706 25.99 44.01 -21.75
CA THR A 706 26.42 42.74 -22.32
C THR A 706 25.19 41.88 -22.56
N ILE A 707 24.99 41.47 -23.81
CA ILE A 707 23.89 40.56 -24.15
C ILE A 707 24.34 39.14 -23.88
N SER A 708 23.58 38.42 -23.08
CA SER A 708 23.92 37.06 -22.67
C SER A 708 22.77 36.12 -22.98
N VAL A 709 23.12 34.87 -23.27
CA VAL A 709 22.15 33.82 -23.56
C VAL A 709 22.26 32.75 -22.48
N THR A 710 21.15 32.45 -21.83
CA THR A 710 21.09 31.46 -20.77
C THR A 710 20.25 30.28 -21.21
N THR A 711 20.65 29.08 -20.77
CA THR A 711 19.97 27.85 -21.14
C THR A 711 19.11 27.36 -19.99
N GLU A 712 17.84 27.09 -20.28
CA GLU A 712 16.90 26.57 -19.29
C GLU A 712 16.29 25.29 -19.83
N ILE A 713 16.33 24.23 -19.03
CA ILE A 713 15.83 22.91 -19.42
C ILE A 713 14.69 22.53 -18.50
N LEU A 714 13.55 22.14 -19.09
CA LEU A 714 12.38 21.73 -18.34
C LEU A 714 11.83 20.45 -18.94
N PRO A 715 11.53 19.44 -18.11
CA PRO A 715 10.87 18.24 -18.63
C PRO A 715 9.46 18.54 -19.10
N VAL A 716 9.02 17.81 -20.12
CA VAL A 716 7.71 18.03 -20.71
C VAL A 716 6.89 16.74 -20.65
N SER A 717 7.45 15.66 -21.21
CA SER A 717 6.74 14.40 -21.33
C SER A 717 7.44 13.33 -20.50
N MET A 718 6.81 12.15 -20.46
CA MET A 718 7.30 11.01 -19.70
C MET A 718 7.05 9.76 -20.53
N THR A 719 7.84 8.72 -20.29
CA THR A 719 7.74 7.48 -21.05
C THR A 719 6.39 6.81 -20.82
N LYS A 720 5.63 6.63 -21.88
CA LYS A 720 4.27 6.09 -21.80
C LYS A 720 4.37 4.57 -21.68
N THR A 721 4.22 4.08 -20.46
CA THR A 721 4.26 2.65 -20.19
C THR A 721 2.85 2.08 -20.12
N SER A 722 2.73 0.81 -20.49
CA SER A 722 1.46 0.09 -20.42
C SER A 722 1.73 -1.31 -19.90
N VAL A 723 0.99 -1.71 -18.88
CA VAL A 723 1.20 -2.98 -18.19
C VAL A 723 -0.07 -3.80 -18.29
N ASP A 724 0.05 -5.03 -18.80
CA ASP A 724 -1.04 -5.99 -18.75
C ASP A 724 -1.02 -6.66 -17.37
N CYS A 725 -2.06 -6.40 -16.57
CA CYS A 725 -2.08 -6.89 -15.21
C CYS A 725 -2.20 -8.41 -15.15
N THR A 726 -3.01 -9.00 -16.03
CA THR A 726 -3.18 -10.45 -16.05
C THR A 726 -1.88 -11.15 -16.45
N MET A 727 -1.15 -10.60 -17.41
CA MET A 727 0.09 -11.23 -17.84
C MET A 727 1.17 -11.15 -16.77
N TYR A 728 1.30 -10.00 -16.11
CA TYR A 728 2.37 -9.80 -15.14
C TYR A 728 2.15 -10.65 -13.89
N ILE A 729 0.91 -10.82 -13.47
CA ILE A 729 0.62 -11.60 -12.27
C ILE A 729 0.96 -13.07 -12.47
N CYS A 730 0.49 -13.65 -13.58
CA CYS A 730 0.84 -15.01 -13.96
C CYS A 730 0.52 -15.20 -15.43
N GLY A 731 1.52 -15.63 -16.21
CA GLY A 731 1.33 -15.81 -17.63
C GLY A 731 0.80 -17.19 -17.97
N ASP A 732 -0.11 -17.22 -18.96
CA ASP A 732 -0.63 -18.42 -19.64
C ASP A 732 -1.17 -19.49 -18.69
N SER A 733 -1.53 -19.13 -17.46
CA SER A 733 -2.07 -20.07 -16.49
C SER A 733 -3.55 -19.78 -16.29
N THR A 734 -4.40 -20.74 -16.70
CA THR A 734 -5.84 -20.57 -16.55
C THR A 734 -6.27 -20.72 -15.09
N GLU A 735 -5.62 -21.62 -14.36
CA GLU A 735 -5.94 -21.82 -12.95
C GLU A 735 -5.59 -20.58 -12.13
N CYS A 736 -4.44 -19.97 -12.41
CA CYS A 736 -4.07 -18.72 -11.73
C CYS A 736 -4.97 -17.57 -12.16
N SER A 737 -5.38 -17.54 -13.44
CA SER A 737 -6.29 -16.51 -13.90
C SER A 737 -7.66 -16.65 -13.27
N ASN A 738 -8.07 -17.89 -12.99
CA ASN A 738 -9.33 -18.11 -12.28
C ASN A 738 -9.27 -17.57 -10.86
N LEU A 739 -8.13 -17.74 -10.19
CA LEU A 739 -7.96 -17.19 -8.85
C LEU A 739 -7.83 -15.67 -8.86
N LEU A 740 -7.44 -15.09 -10.00
CA LEU A 740 -7.30 -13.63 -10.07
C LEU A 740 -8.65 -12.94 -10.09
N LEU A 741 -9.69 -13.60 -10.64
CA LEU A 741 -11.02 -13.01 -10.66
C LEU A 741 -11.64 -12.93 -9.27
N GLN A 742 -11.14 -13.70 -8.30
CA GLN A 742 -11.65 -13.63 -6.94
C GLN A 742 -11.21 -12.37 -6.21
N TYR A 743 -10.23 -11.64 -6.74
CA TYR A 743 -9.77 -10.40 -6.13
C TYR A 743 -10.47 -9.17 -6.66
N GLY A 744 -11.33 -9.32 -7.67
CA GLY A 744 -12.13 -8.21 -8.16
C GLY A 744 -11.55 -7.51 -9.37
N SER A 745 -11.77 -6.20 -9.44
CA SER A 745 -11.37 -5.37 -10.58
C SER A 745 -10.06 -4.64 -10.33
N PHE A 746 -9.12 -5.29 -9.63
CA PHE A 746 -7.82 -4.69 -9.38
C PHE A 746 -7.05 -4.49 -10.68
N CYS A 747 -7.14 -5.45 -11.60
CA CYS A 747 -6.47 -5.31 -12.89
C CYS A 747 -7.11 -4.22 -13.74
N THR A 748 -8.43 -4.01 -13.58
CA THR A 748 -9.10 -2.95 -14.32
C THR A 748 -8.66 -1.57 -13.84
N GLN A 749 -8.44 -1.43 -12.53
CA GLN A 749 -8.01 -0.14 -11.98
C GLN A 749 -6.61 0.23 -12.45
N LEU A 750 -5.70 -0.75 -12.51
CA LEU A 750 -4.33 -0.46 -12.91
C LEU A 750 -4.24 -0.15 -14.41
N ASN A 751 -5.03 -0.85 -15.22
CA ASN A 751 -5.07 -0.55 -16.65
C ASN A 751 -5.68 0.83 -16.91
N ARG A 752 -6.70 1.20 -16.13
CA ARG A 752 -7.31 2.51 -16.30
C ARG A 752 -6.40 3.62 -15.83
N ALA A 753 -5.68 3.41 -14.73
CA ALA A 753 -4.79 4.44 -14.20
C ALA A 753 -3.61 4.69 -15.13
N LEU A 754 -3.04 3.62 -15.71
CA LEU A 754 -1.92 3.80 -16.63
C LEU A 754 -2.38 4.39 -17.95
N THR A 755 -3.61 4.09 -18.38
CA THR A 755 -4.15 4.71 -19.59
C THR A 755 -4.33 6.21 -19.41
N GLY A 756 -4.81 6.62 -18.23
CA GLY A 756 -4.95 8.04 -17.95
C GLY A 756 -3.64 8.78 -17.89
N ILE A 757 -2.58 8.10 -17.44
CA ILE A 757 -1.24 8.70 -17.44
C ILE A 757 -0.75 8.92 -18.86
N ALA A 758 -0.94 7.93 -19.74
CA ALA A 758 -0.48 8.03 -21.12
C ALA A 758 -1.24 9.10 -21.89
N VAL A 759 -2.54 9.24 -21.62
CA VAL A 759 -3.31 10.32 -22.22
C VAL A 759 -2.82 11.68 -21.70
N GLU A 760 -2.50 11.74 -20.40
CA GLU A 760 -2.01 12.99 -19.82
C GLU A 760 -0.64 13.37 -20.37
N GLN A 761 0.20 12.37 -20.68
CA GLN A 761 1.49 12.66 -21.29
C GLN A 761 1.34 13.21 -22.69
N ASP A 762 0.39 12.67 -23.46
CA ASP A 762 0.11 13.20 -24.79
C ASP A 762 -0.52 14.59 -24.71
N LYS A 763 -1.33 14.84 -23.68
CA LYS A 763 -1.89 16.17 -23.48
C LYS A 763 -0.80 17.17 -23.11
N ASN A 764 0.20 16.74 -22.33
CA ASN A 764 1.28 17.64 -21.93
C ASN A 764 2.12 18.06 -23.13
N THR A 765 2.41 17.13 -24.04
CA THR A 765 3.14 17.48 -25.25
C THR A 765 2.30 18.33 -26.19
N GLN A 766 0.98 18.09 -26.23
CA GLN A 766 0.11 18.86 -27.10
C GLN A 766 -0.06 20.29 -26.60
N GLU A 767 -0.22 20.47 -25.29
CA GLU A 767 -0.48 21.80 -24.75
C GLU A 767 0.76 22.69 -24.70
N VAL A 768 1.95 22.13 -24.94
CA VAL A 768 3.19 22.90 -24.89
C VAL A 768 3.66 23.29 -26.28
N PHE A 769 3.72 22.34 -27.20
CA PHE A 769 4.31 22.57 -28.51
C PHE A 769 3.31 23.03 -29.57
N ALA A 770 2.02 23.07 -29.26
CA ALA A 770 1.00 23.49 -30.21
C ALA A 770 0.31 24.78 -29.76
N GLN A 771 1.10 25.74 -29.30
CA GLN A 771 0.53 27.05 -28.93
C GLN A 771 0.03 27.80 -30.16
N VAL A 772 0.65 27.59 -31.31
CA VAL A 772 0.21 28.19 -32.56
C VAL A 772 -0.34 27.08 -33.44
N LYS A 773 -1.24 27.47 -34.36
CA LYS A 773 -1.90 26.52 -35.24
C LYS A 773 -1.51 26.69 -36.70
N GLN A 774 -0.54 27.55 -36.99
CA GLN A 774 -0.08 27.77 -38.36
C GLN A 774 1.42 27.55 -38.42
N ILE A 775 1.87 26.76 -39.39
CA ILE A 775 3.29 26.49 -39.60
C ILE A 775 3.85 27.62 -40.46
N TYR A 776 4.67 28.47 -39.85
CA TYR A 776 5.28 29.59 -40.56
C TYR A 776 6.63 29.17 -41.13
N LYS A 777 6.76 29.24 -42.44
CA LYS A 777 8.03 28.91 -43.07
C LYS A 777 9.04 30.03 -42.87
N THR A 778 10.30 29.64 -42.72
CA THR A 778 11.37 30.62 -42.58
C THR A 778 11.60 31.35 -43.91
N PRO A 779 11.93 32.64 -43.87
CA PRO A 779 12.25 33.35 -45.11
C PRO A 779 13.53 32.82 -45.72
N PRO A 780 13.66 32.90 -47.05
CA PRO A 780 14.88 32.39 -47.70
C PRO A 780 16.11 33.23 -47.39
N ILE A 781 15.97 34.55 -47.45
CA ILE A 781 17.09 35.44 -47.15
C ILE A 781 17.26 35.55 -45.65
N LYS A 782 18.48 35.87 -45.23
CA LYS A 782 18.84 36.00 -43.81
C LYS A 782 19.27 37.42 -43.49
N ASP A 783 18.57 38.41 -44.06
CA ASP A 783 18.89 39.81 -43.82
C ASP A 783 18.23 40.25 -42.52
N PHE A 784 18.91 39.93 -41.41
CA PHE A 784 18.43 40.26 -40.07
C PHE A 784 19.28 41.32 -39.39
N GLY A 785 19.99 42.14 -40.16
CA GLY A 785 20.85 43.16 -39.59
C GLY A 785 22.05 42.62 -38.84
N GLY A 786 22.70 41.58 -39.38
CA GLY A 786 23.87 41.00 -38.75
C GLY A 786 23.57 39.85 -37.81
N PHE A 787 22.32 39.60 -37.48
CA PHE A 787 21.97 38.50 -36.60
C PHE A 787 22.03 37.18 -37.37
N ASN A 788 22.70 36.19 -36.80
CA ASN A 788 22.89 34.89 -37.43
C ASN A 788 22.19 33.83 -36.58
N PHE A 789 21.05 33.34 -37.07
CA PHE A 789 20.29 32.29 -36.41
C PHE A 789 20.53 30.93 -37.04
N SER A 790 21.69 30.74 -37.69
CA SER A 790 21.94 29.49 -38.41
C SER A 790 22.11 28.31 -37.47
N GLN A 791 22.51 28.55 -36.22
CA GLN A 791 22.66 27.46 -35.27
C GLN A 791 21.31 26.96 -34.75
N ILE A 792 20.31 27.84 -34.67
CA ILE A 792 19.01 27.45 -34.14
C ILE A 792 17.96 27.20 -35.22
N LEU A 793 18.15 27.72 -36.43
CA LEU A 793 17.21 27.46 -37.49
C LEU A 793 17.44 26.08 -38.09
N PRO A 794 16.39 25.42 -38.58
CA PRO A 794 16.58 24.14 -39.26
C PRO A 794 17.31 24.30 -40.58
N ASP A 795 18.01 23.24 -40.99
CA ASP A 795 18.77 23.25 -42.22
C ASP A 795 18.30 22.11 -43.13
N PRO A 796 18.29 22.34 -44.46
CA PRO A 796 17.84 21.28 -45.38
C PRO A 796 18.86 20.17 -45.59
N SER A 797 20.08 20.28 -45.05
CA SER A 797 21.09 19.26 -45.27
C SER A 797 20.74 17.98 -44.54
N LYS A 798 20.32 18.09 -43.28
CA LYS A 798 19.94 16.91 -42.52
C LYS A 798 18.60 16.37 -43.00
N PRO A 799 18.42 15.03 -42.98
CA PRO A 799 17.10 14.47 -43.30
C PRO A 799 16.00 14.90 -42.33
N SER A 800 16.35 15.08 -41.06
CA SER A 800 15.41 15.60 -40.07
C SER A 800 15.47 17.12 -40.06
N LYS A 801 14.42 17.73 -39.51
CA LYS A 801 14.32 19.18 -39.41
C LYS A 801 14.92 19.72 -38.12
N ARG A 802 15.71 18.92 -37.42
CA ARG A 802 16.37 19.39 -36.21
C ARG A 802 17.52 20.33 -36.56
N SER A 803 17.72 21.34 -35.71
CA SER A 803 18.81 22.28 -35.89
C SER A 803 20.11 21.70 -35.32
N PHE A 804 21.17 22.51 -35.37
CA PHE A 804 22.45 22.08 -34.81
C PHE A 804 22.37 21.96 -33.29
N ILE A 805 21.68 22.89 -32.63
CA ILE A 805 21.52 22.82 -31.18
C ILE A 805 20.63 21.63 -30.81
N GLU A 806 19.56 21.40 -31.59
CA GLU A 806 18.68 20.28 -31.32
C GLU A 806 19.35 18.94 -31.59
N ASP A 807 20.27 18.90 -32.56
CA ASP A 807 21.02 17.67 -32.82
C ASP A 807 21.98 17.37 -31.67
N LEU A 808 22.58 18.40 -31.08
CA LEU A 808 23.46 18.20 -29.94
C LEU A 808 22.68 17.74 -28.71
N LEU A 809 21.46 18.26 -28.53
CA LEU A 809 20.63 17.84 -27.42
C LEU A 809 20.19 16.38 -27.54
N PHE A 810 19.94 15.92 -28.77
CA PHE A 810 19.54 14.53 -28.97
C PHE A 810 20.69 13.57 -28.69
N ASN A 811 21.91 13.96 -29.05
CA ASN A 811 23.06 13.08 -28.86
C ASN A 811 23.57 13.05 -27.42
N LYS A 812 23.16 14.03 -26.60
CA LYS A 812 23.62 14.10 -25.21
C LYS A 812 22.70 13.37 -24.24
N VAL A 813 21.65 12.72 -24.73
CA VAL A 813 20.73 11.97 -23.89
C VAL A 813 20.98 10.49 -24.10
N THR A 814 21.34 9.79 -23.03
CA THR A 814 21.61 8.36 -23.06
C THR A 814 20.63 7.63 -22.17
N LEU A 815 20.39 6.36 -22.49
CA LEU A 815 19.40 5.54 -21.81
C LEU A 815 20.09 4.43 -21.03
N ALA A 816 19.74 4.30 -19.75
CA ALA A 816 20.20 3.17 -18.96
C ALA A 816 19.43 1.89 -19.28
N ASP A 817 18.28 2.01 -19.93
CA ASP A 817 17.51 0.87 -20.41
C ASP A 817 17.70 0.75 -21.91
N ALA A 818 17.29 -0.39 -22.47
CA ALA A 818 17.36 -0.58 -23.91
C ALA A 818 16.39 0.35 -24.61
N GLY A 819 16.87 1.01 -25.68
CA GLY A 819 16.11 2.08 -26.29
C GLY A 819 14.93 1.58 -27.10
N PHE A 820 14.01 2.53 -27.36
CA PHE A 820 12.80 2.26 -28.14
C PHE A 820 13.12 2.47 -29.61
N ILE A 821 13.77 1.46 -30.20
CA ILE A 821 14.05 1.49 -31.63
C ILE A 821 13.78 0.11 -32.24
N LYS A 822 12.56 -0.05 -32.78
CA LYS A 822 12.12 -1.24 -33.54
C LYS A 822 12.38 -2.53 -32.77
N GLN A 823 12.04 -2.52 -31.49
CA GLN A 823 12.41 -3.62 -30.59
C GLN A 823 11.59 -4.89 -30.84
N TYR A 824 10.44 -4.80 -31.49
CA TYR A 824 9.69 -5.99 -31.85
C TYR A 824 10.02 -6.45 -33.27
N GLY A 825 10.85 -5.70 -34.00
CA GLY A 825 11.53 -6.28 -35.14
C GLY A 825 12.50 -7.36 -34.72
N ASP A 826 13.09 -7.21 -33.53
CA ASP A 826 13.87 -8.26 -32.89
C ASP A 826 12.96 -9.04 -31.94
N CYS A 827 13.57 -9.90 -31.11
CA CYS A 827 12.92 -10.81 -30.16
C CYS A 827 11.98 -11.80 -30.85
N LEU A 828 12.10 -11.95 -32.18
CA LEU A 828 11.31 -12.89 -32.96
C LEU A 828 12.19 -13.43 -34.08
N GLY A 829 12.55 -14.70 -34.00
CA GLY A 829 13.48 -15.27 -34.96
C GLY A 829 14.89 -14.75 -34.85
N ASP A 830 15.25 -14.20 -33.69
CA ASP A 830 16.57 -13.63 -33.46
C ASP A 830 17.34 -14.52 -32.49
N ILE A 831 18.58 -14.85 -32.84
CA ILE A 831 19.40 -15.69 -31.98
C ILE A 831 19.78 -14.93 -30.71
N ALA A 832 20.19 -13.68 -30.84
CA ALA A 832 20.63 -12.87 -29.71
C ALA A 832 19.41 -12.18 -29.08
N ALA A 833 18.52 -13.00 -28.53
CA ALA A 833 17.36 -12.49 -27.79
C ALA A 833 17.67 -12.37 -26.30
N ARG A 834 18.74 -11.66 -25.98
CA ARG A 834 19.20 -11.46 -24.60
C ARG A 834 19.45 -9.97 -24.39
N ASP A 835 18.40 -9.24 -24.05
CA ASP A 835 18.50 -7.81 -23.77
C ASP A 835 17.33 -7.42 -22.87
N LEU A 836 17.34 -6.16 -22.44
CA LEU A 836 16.36 -5.71 -21.47
C LEU A 836 14.98 -5.51 -22.10
N ILE A 837 14.93 -5.00 -23.33
CA ILE A 837 13.64 -4.66 -23.92
C ILE A 837 12.92 -5.91 -24.44
N CYS A 838 13.65 -6.98 -24.79
CA CYS A 838 12.98 -8.24 -25.08
C CYS A 838 12.37 -8.85 -23.82
N ALA A 839 13.13 -8.81 -22.71
CA ALA A 839 12.66 -9.44 -21.48
C ALA A 839 11.58 -8.63 -20.78
N GLN A 840 11.63 -7.30 -20.89
CA GLN A 840 10.62 -6.46 -20.26
C GLN A 840 9.25 -6.69 -20.87
N LYS A 841 9.18 -6.80 -22.20
CA LYS A 841 7.91 -7.03 -22.86
C LYS A 841 7.38 -8.44 -22.62
N PHE A 842 8.28 -9.40 -22.37
CA PHE A 842 7.87 -10.79 -22.19
C PHE A 842 7.05 -10.99 -20.93
N ASN A 843 7.19 -10.11 -19.95
CA ASN A 843 6.39 -10.16 -18.73
C ASN A 843 5.15 -9.28 -18.83
N GLY A 844 4.92 -8.64 -19.97
CA GLY A 844 3.76 -7.80 -20.16
C GLY A 844 3.99 -6.32 -19.96
N LEU A 845 5.23 -5.88 -19.79
CA LEU A 845 5.54 -4.47 -19.59
C LEU A 845 5.86 -3.87 -20.95
N THR A 846 4.90 -3.15 -21.52
CA THR A 846 5.03 -2.57 -22.85
C THR A 846 5.23 -1.06 -22.75
N VAL A 847 5.89 -0.51 -23.77
CA VAL A 847 6.14 0.92 -23.87
C VAL A 847 5.40 1.45 -25.08
N LEU A 848 4.50 2.40 -24.86
CA LEU A 848 3.74 2.93 -25.98
C LEU A 848 4.48 4.10 -26.61
N PRO A 849 4.49 4.17 -27.95
CA PRO A 849 5.13 5.31 -28.61
C PRO A 849 4.33 6.59 -28.39
N PRO A 850 5.01 7.74 -28.34
CA PRO A 850 4.28 9.00 -28.20
C PRO A 850 3.48 9.33 -29.46
N LEU A 851 2.44 10.14 -29.26
CA LEU A 851 1.63 10.59 -30.38
C LEU A 851 2.44 11.47 -31.33
N LEU A 852 3.25 12.38 -30.79
CA LEU A 852 4.09 13.26 -31.58
C LEU A 852 5.52 12.75 -31.51
N THR A 853 6.12 12.49 -32.67
CA THR A 853 7.50 12.03 -32.73
C THR A 853 8.43 13.24 -32.72
N ASP A 854 9.71 13.01 -33.04
CA ASP A 854 10.68 14.10 -33.07
C ASP A 854 10.59 14.94 -34.34
N GLU A 855 9.78 14.53 -35.31
CA GLU A 855 9.70 15.26 -36.57
C GLU A 855 8.82 16.50 -36.44
N MET A 856 7.53 16.31 -36.10
CA MET A 856 6.62 17.45 -36.01
C MET A 856 6.88 18.30 -34.76
N ILE A 857 7.52 17.74 -33.73
CA ILE A 857 7.94 18.56 -32.60
C ILE A 857 9.02 19.54 -33.05
N ALA A 858 9.98 19.08 -33.85
CA ALA A 858 10.96 19.99 -34.43
C ALA A 858 10.33 20.93 -35.43
N GLN A 859 9.26 20.50 -36.11
CA GLN A 859 8.53 21.40 -37.01
C GLN A 859 7.80 22.47 -36.22
N TYR A 860 7.27 22.13 -35.05
CA TYR A 860 6.58 23.10 -34.22
C TYR A 860 7.54 24.15 -33.68
N THR A 861 8.75 23.73 -33.28
CA THR A 861 9.73 24.69 -32.78
C THR A 861 10.24 25.58 -33.90
N SER A 862 10.39 25.04 -35.11
CA SER A 862 10.82 25.85 -36.24
C SER A 862 9.76 26.87 -36.63
N ALA A 863 8.49 26.49 -36.52
CA ALA A 863 7.41 27.44 -36.78
C ALA A 863 7.37 28.54 -35.73
N LEU A 864 7.64 28.19 -34.48
CA LEU A 864 7.69 29.19 -33.42
C LEU A 864 8.90 30.11 -33.59
N LEU A 865 10.03 29.56 -34.06
CA LEU A 865 11.20 30.38 -34.31
C LEU A 865 10.97 31.35 -35.46
N ALA A 866 10.30 30.89 -36.53
CA ALA A 866 10.02 31.75 -37.66
C ALA A 866 9.01 32.84 -37.30
N GLY A 867 8.02 32.51 -36.46
CA GLY A 867 7.07 33.51 -36.01
C GLY A 867 7.71 34.56 -35.12
N THR A 868 8.64 34.16 -34.27
CA THR A 868 9.32 35.11 -33.39
C THR A 868 10.29 35.99 -34.17
N ILE A 869 10.98 35.41 -35.16
CA ILE A 869 11.95 36.18 -35.93
C ILE A 869 11.25 37.19 -36.83
N THR A 870 10.23 36.73 -37.56
CA THR A 870 9.59 37.57 -38.56
C THR A 870 8.48 38.46 -38.00
N SER A 871 7.73 37.97 -37.01
CA SER A 871 6.60 38.71 -36.48
C SER A 871 6.75 39.11 -35.02
N GLY A 872 7.58 38.41 -34.25
CA GLY A 872 7.76 38.75 -32.84
C GLY A 872 6.62 38.28 -31.97
N TRP A 873 5.95 39.22 -31.31
CA TRP A 873 4.85 38.92 -30.40
C TRP A 873 3.49 39.08 -31.07
N THR A 874 3.45 39.51 -32.33
CA THR A 874 2.17 39.75 -32.99
C THR A 874 1.47 38.46 -33.41
N PHE A 875 2.23 37.43 -33.75
CA PHE A 875 1.62 36.18 -34.22
C PHE A 875 0.95 35.40 -33.10
N GLY A 876 1.35 35.62 -31.85
CA GLY A 876 0.70 34.94 -30.74
C GLY A 876 -0.66 35.52 -30.40
N ALA A 877 -0.85 36.82 -30.62
CA ALA A 877 -2.12 37.48 -30.32
C ALA A 877 -3.11 37.42 -31.47
N GLY A 878 -2.70 36.91 -32.63
CA GLY A 878 -3.60 36.83 -33.76
C GLY A 878 -2.87 36.59 -35.08
N ALA A 879 -3.20 37.37 -36.10
CA ALA A 879 -2.55 37.23 -37.39
C ALA A 879 -1.11 37.72 -37.33
N ALA A 880 -0.22 37.00 -38.00
CA ALA A 880 1.19 37.37 -38.00
C ALA A 880 1.41 38.60 -38.88
N LEU A 881 2.13 39.58 -38.34
CA LEU A 881 2.46 40.81 -39.06
C LEU A 881 3.96 40.90 -39.22
N GLN A 882 4.42 41.11 -40.45
CA GLN A 882 5.85 41.19 -40.71
C GLN A 882 6.42 42.49 -40.17
N ILE A 883 7.69 42.43 -39.77
CA ILE A 883 8.39 43.57 -39.19
C ILE A 883 9.89 43.29 -39.30
N PRO A 884 10.71 44.28 -39.64
CA PRO A 884 12.17 44.07 -39.60
C PRO A 884 12.65 43.73 -38.19
N PHE A 885 13.67 42.88 -38.13
CA PHE A 885 14.15 42.38 -36.85
C PHE A 885 14.83 43.47 -36.03
N ALA A 886 15.41 44.47 -36.69
CA ALA A 886 15.98 45.59 -35.95
C ALA A 886 14.91 46.41 -35.25
N MET A 887 13.72 46.51 -35.84
CA MET A 887 12.63 47.24 -35.21
C MET A 887 12.06 46.46 -34.03
N GLN A 888 12.01 45.14 -34.14
CA GLN A 888 11.53 44.31 -33.04
C GLN A 888 12.47 44.39 -31.85
N MET A 889 13.78 44.37 -32.09
CA MET A 889 14.74 44.54 -31.01
C MET A 889 14.69 45.94 -30.42
N ALA A 890 14.36 46.95 -31.25
CA ALA A 890 14.20 48.31 -30.74
C ALA A 890 12.99 48.42 -29.82
N TYR A 891 11.89 47.74 -30.15
CA TYR A 891 10.72 47.75 -29.29
C TYR A 891 10.98 46.99 -28.00
N ARG A 892 11.70 45.86 -28.08
CA ARG A 892 12.02 45.10 -26.88
C ARG A 892 13.02 45.85 -26.00
N PHE A 893 13.89 46.66 -26.59
CA PHE A 893 14.72 47.56 -25.80
C PHE A 893 13.87 48.63 -25.12
N ASN A 894 12.82 49.09 -25.80
CA ASN A 894 11.89 50.04 -25.19
C ASN A 894 11.06 49.41 -24.08
N GLY A 895 10.94 48.07 -24.07
CA GLY A 895 10.19 47.41 -23.04
C GLY A 895 10.89 47.37 -21.69
N ILE A 896 12.21 47.56 -21.67
CA ILE A 896 12.97 47.55 -20.43
C ILE A 896 13.48 48.94 -20.08
N GLY A 897 12.86 49.99 -20.61
CA GLY A 897 13.21 51.34 -20.27
C GLY A 897 14.36 51.95 -21.04
N VAL A 898 14.95 51.22 -21.98
CA VAL A 898 16.06 51.71 -22.78
C VAL A 898 15.49 52.35 -24.04
N THR A 899 15.92 53.57 -24.33
CA THR A 899 15.48 54.26 -25.54
C THR A 899 16.02 53.56 -26.78
N GLN A 900 15.23 53.60 -27.85
CA GLN A 900 15.55 52.85 -29.06
C GLN A 900 16.73 53.43 -29.82
N ASN A 901 17.12 54.68 -29.55
CA ASN A 901 18.28 55.25 -30.21
C ASN A 901 19.59 54.62 -29.74
N VAL A 902 19.59 54.00 -28.57
CA VAL A 902 20.79 53.30 -28.09
C VAL A 902 21.04 52.06 -28.91
N LEU A 903 19.97 51.32 -29.25
CA LEU A 903 20.12 50.10 -30.03
C LEU A 903 20.56 50.39 -31.46
N TYR A 904 20.03 51.46 -32.07
CA TYR A 904 20.38 51.78 -33.44
C TYR A 904 21.80 52.30 -33.55
N GLU A 905 22.31 52.95 -32.50
CA GLU A 905 23.68 53.42 -32.50
C GLU A 905 24.69 52.33 -32.17
N ASN A 906 24.24 51.18 -31.67
CA ASN A 906 25.11 50.07 -31.31
C ASN A 906 24.56 48.76 -31.86
N GLN A 907 24.02 48.81 -33.07
CA GLN A 907 23.44 47.60 -33.68
C GLN A 907 24.52 46.60 -34.03
N LYS A 908 25.67 47.07 -34.53
CA LYS A 908 26.77 46.17 -34.88
C LYS A 908 27.37 45.52 -33.65
N LEU A 909 27.46 46.27 -32.54
CA LEU A 909 27.99 45.70 -31.31
C LEU A 909 27.05 44.68 -30.71
N ILE A 910 25.73 44.92 -30.81
CA ILE A 910 24.75 43.97 -30.29
C ILE A 910 24.76 42.68 -31.09
N ALA A 911 24.83 42.80 -32.43
CA ALA A 911 24.85 41.61 -33.28
C ALA A 911 26.12 40.79 -33.08
N ASN A 912 27.26 41.47 -32.89
CA ASN A 912 28.50 40.76 -32.62
C ASN A 912 28.46 40.10 -31.24
N GLN A 913 27.85 40.76 -30.26
CA GLN A 913 27.71 40.16 -28.93
C GLN A 913 26.75 38.99 -28.95
N PHE A 914 25.68 39.07 -29.74
CA PHE A 914 24.70 37.99 -29.80
C PHE A 914 25.27 36.77 -30.51
N ASN A 915 26.00 36.98 -31.59
CA ASN A 915 26.57 35.85 -32.34
C ASN A 915 27.67 35.16 -31.54
N SER A 916 28.45 35.93 -30.76
CA SER A 916 29.45 35.32 -29.90
C SER A 916 28.82 34.56 -28.74
N ALA A 917 27.68 35.05 -28.24
CA ALA A 917 26.99 34.36 -27.15
C ALA A 917 26.39 33.05 -27.62
N ILE A 918 25.88 33.02 -28.85
CA ILE A 918 25.33 31.78 -29.41
C ILE A 918 26.44 30.75 -29.60
N GLY A 919 27.59 31.18 -30.11
CA GLY A 919 28.71 30.27 -30.28
C GLY A 919 29.27 29.77 -28.96
N LYS A 920 29.26 30.63 -27.94
CA LYS A 920 29.67 30.19 -26.60
C LYS A 920 28.70 29.18 -26.03
N ILE A 921 27.40 29.38 -26.27
CA ILE A 921 26.40 28.39 -25.86
C ILE A 921 26.59 27.09 -26.63
N GLN A 922 26.85 27.19 -27.95
CA GLN A 922 27.06 26.01 -28.77
C GLN A 922 28.32 25.25 -28.35
N ASP A 923 29.40 25.98 -28.04
CA ASP A 923 30.64 25.32 -27.64
C ASP A 923 30.51 24.70 -26.25
N SER A 924 29.79 25.35 -25.34
CA SER A 924 29.59 24.78 -24.01
C SER A 924 28.69 23.56 -24.06
N LEU A 925 27.67 23.58 -24.93
CA LEU A 925 26.78 22.43 -25.05
C LEU A 925 27.46 21.26 -25.75
N SER A 926 28.34 21.54 -26.70
CA SER A 926 29.05 20.49 -27.42
C SER A 926 30.15 19.83 -26.59
N SER A 927 30.48 20.38 -25.43
CA SER A 927 31.52 19.82 -24.57
C SER A 927 30.94 18.67 -23.76
N THR A 928 31.70 18.21 -22.76
CA THR A 928 31.30 17.09 -21.91
C THR A 928 30.50 17.54 -20.69
N ALA A 929 29.85 18.70 -20.76
CA ALA A 929 29.05 19.18 -19.64
C ALA A 929 27.82 18.32 -19.44
N SER A 930 27.44 18.13 -18.18
CA SER A 930 26.28 17.33 -17.80
C SER A 930 25.09 18.19 -17.42
N ALA A 931 24.89 19.31 -18.11
CA ALA A 931 23.79 20.22 -17.82
C ALA A 931 22.43 19.67 -18.20
N LEU A 932 22.38 18.57 -18.97
CA LEU A 932 21.12 17.95 -19.36
C LEU A 932 20.65 16.91 -18.34
N GLY A 933 21.08 17.03 -17.09
CA GLY A 933 20.70 16.06 -16.07
C GLY A 933 19.24 16.12 -15.68
N LYS A 934 18.56 17.24 -15.94
CA LYS A 934 17.14 17.34 -15.63
C LYS A 934 16.31 16.38 -16.47
N LEU A 935 16.66 16.23 -17.75
CA LEU A 935 16.01 15.21 -18.56
C LEU A 935 16.52 13.82 -18.20
N GLN A 936 17.71 13.73 -17.60
CA GLN A 936 18.28 12.43 -17.28
C GLN A 936 17.61 11.77 -16.09
N ASP A 937 17.01 12.56 -15.18
CA ASP A 937 16.29 11.96 -14.07
C ASP A 937 15.04 11.24 -14.55
N VAL A 938 14.36 11.79 -15.56
CA VAL A 938 13.15 11.18 -16.08
C VAL A 938 13.47 9.84 -16.74
N VAL A 939 14.57 9.76 -17.48
CA VAL A 939 14.95 8.51 -18.13
C VAL A 939 15.43 7.50 -17.10
N ASN A 940 16.24 7.94 -16.12
CA ASN A 940 16.85 7.01 -15.18
C ASN A 940 15.83 6.48 -14.17
N GLN A 941 14.91 7.34 -13.71
CA GLN A 941 13.90 6.89 -12.76
C GLN A 941 12.93 5.91 -13.41
N ASN A 942 12.57 6.16 -14.67
CA ASN A 942 11.72 5.22 -15.39
C ASN A 942 12.44 3.89 -15.63
N ALA A 943 13.73 3.95 -15.95
CA ALA A 943 14.49 2.72 -16.15
C ALA A 943 14.67 1.96 -14.85
N GLN A 944 14.91 2.68 -13.75
CA GLN A 944 15.08 2.02 -12.46
C GLN A 944 13.77 1.41 -11.97
N ALA A 945 12.65 2.12 -12.15
CA ALA A 945 11.36 1.59 -11.72
C ALA A 945 10.93 0.40 -12.58
N LEU A 946 11.22 0.45 -13.88
CA LEU A 946 10.90 -0.69 -14.75
C LEU A 946 11.75 -1.90 -14.40
N ASN A 947 13.03 -1.69 -14.06
CA ASN A 947 13.89 -2.80 -13.69
C ASN A 947 13.50 -3.36 -12.32
N THR A 948 13.07 -2.49 -11.41
CA THR A 948 12.58 -2.97 -10.12
C THR A 948 11.29 -3.76 -10.26
N LEU A 949 10.44 -3.37 -11.23
CA LEU A 949 9.22 -4.13 -11.48
C LEU A 949 9.54 -5.52 -12.02
N VAL A 950 10.54 -5.63 -12.89
CA VAL A 950 10.92 -6.92 -13.46
C VAL A 950 11.56 -7.80 -12.39
N LYS A 951 12.47 -7.23 -11.60
CA LYS A 951 13.21 -8.00 -10.61
C LYS A 951 12.36 -8.43 -9.43
N GLN A 952 11.16 -7.87 -9.27
CA GLN A 952 10.29 -8.26 -8.17
C GLN A 952 9.68 -9.65 -8.37
N LEU A 953 9.67 -10.14 -9.62
CA LEU A 953 9.15 -11.48 -9.90
C LEU A 953 10.05 -12.58 -9.35
N SER A 954 11.33 -12.26 -9.07
CA SER A 954 12.24 -13.26 -8.52
C SER A 954 11.93 -13.60 -7.07
N SER A 955 11.21 -12.73 -6.37
CA SER A 955 10.86 -12.99 -4.98
C SER A 955 9.75 -14.04 -4.90
N ASN A 956 9.88 -14.94 -3.92
CA ASN A 956 8.87 -15.97 -3.72
C ASN A 956 7.78 -15.56 -2.74
N PHE A 957 8.02 -14.51 -1.94
CA PHE A 957 7.06 -13.99 -0.96
C PHE A 957 6.60 -15.06 0.03
N GLY A 958 7.54 -15.91 0.46
CA GLY A 958 7.24 -16.96 1.40
C GLY A 958 6.73 -18.25 0.82
N ALA A 959 6.57 -18.33 -0.50
CA ALA A 959 6.11 -19.55 -1.13
C ALA A 959 7.26 -20.53 -1.30
N ILE A 960 6.97 -21.69 -1.89
CA ILE A 960 7.98 -22.70 -2.11
C ILE A 960 8.98 -22.24 -3.18
N SER A 961 8.46 -21.72 -4.29
CA SER A 961 9.30 -21.24 -5.38
C SER A 961 8.66 -20.01 -6.01
N SER A 962 9.47 -19.20 -6.67
CA SER A 962 9.00 -18.01 -7.35
C SER A 962 8.46 -18.29 -8.74
N VAL A 963 8.60 -19.51 -9.24
CA VAL A 963 8.13 -19.88 -10.57
C VAL A 963 6.71 -20.42 -10.46
N LEU A 964 5.80 -19.86 -11.26
CA LEU A 964 4.42 -20.32 -11.26
C LEU A 964 4.29 -21.74 -11.80
N ASN A 965 5.12 -22.08 -12.79
CA ASN A 965 5.05 -23.42 -13.39
C ASN A 965 5.61 -24.48 -12.46
N ASP A 966 6.53 -24.11 -11.56
CA ASP A 966 7.06 -25.08 -10.61
C ASP A 966 6.00 -25.53 -9.61
N ILE A 967 5.18 -24.59 -9.12
CA ILE A 967 4.12 -24.95 -8.18
C ILE A 967 3.04 -25.75 -8.89
N LEU A 968 2.70 -25.36 -10.12
CA LEU A 968 1.65 -26.04 -10.87
C LEU A 968 2.04 -27.45 -11.29
N SER A 969 3.35 -27.73 -11.42
CA SER A 969 3.81 -29.04 -11.82
C SER A 969 4.14 -29.95 -10.63
N ARG A 970 4.25 -29.39 -9.43
CA ARG A 970 4.58 -30.18 -8.24
C ARG A 970 3.41 -30.36 -7.29
N LEU A 971 2.41 -29.50 -7.36
CA LEU A 971 1.29 -29.53 -6.44
C LEU A 971 -0.02 -29.69 -7.19
N ASP A 972 -1.05 -30.10 -6.45
CA ASP A 972 -2.40 -30.26 -6.95
C ASP A 972 -3.30 -29.12 -6.47
N PRO A 973 -4.32 -28.76 -7.24
CA PRO A 973 -5.19 -27.61 -6.88
C PRO A 973 -5.89 -27.73 -5.53
N PRO A 974 -6.15 -28.93 -4.98
CA PRO A 974 -6.56 -28.96 -3.55
C PRO A 974 -5.54 -28.40 -2.57
N GLU A 975 -4.25 -28.34 -2.91
CA GLU A 975 -3.29 -27.74 -1.99
C GLU A 975 -2.32 -26.78 -2.67
N ALA A 976 -2.50 -26.47 -3.94
CA ALA A 976 -1.64 -25.48 -4.60
C ALA A 976 -2.11 -24.06 -4.34
N GLU A 977 -3.40 -23.86 -4.09
CA GLU A 977 -3.95 -22.52 -3.95
C GLU A 977 -3.49 -21.82 -2.67
N VAL A 978 -3.00 -22.57 -1.69
CA VAL A 978 -2.43 -21.93 -0.49
C VAL A 978 -1.05 -21.35 -0.80
N GLN A 979 -0.38 -21.83 -1.84
CA GLN A 979 0.90 -21.29 -2.25
C GLN A 979 0.78 -20.22 -3.32
N ILE A 980 -0.28 -20.27 -4.14
CA ILE A 980 -0.42 -19.32 -5.23
C ILE A 980 -0.75 -17.92 -4.71
N ASP A 981 -1.68 -17.83 -3.75
CA ASP A 981 -2.19 -16.53 -3.31
C ASP A 981 -1.13 -15.70 -2.58
N ARG A 982 -0.11 -16.33 -2.02
CA ARG A 982 1.02 -15.58 -1.49
C ARG A 982 1.76 -14.86 -2.62
N LEU A 983 1.93 -15.53 -3.76
CA LEU A 983 2.51 -14.88 -4.93
C LEU A 983 1.54 -13.88 -5.55
N ILE A 984 0.24 -14.12 -5.43
CA ILE A 984 -0.75 -13.17 -5.93
C ILE A 984 -0.71 -11.88 -5.12
N THR A 985 -0.69 -12.01 -3.78
CA THR A 985 -0.69 -10.84 -2.93
C THR A 985 0.63 -10.06 -3.02
N GLY A 986 1.74 -10.78 -3.12
CA GLY A 986 3.03 -10.11 -3.23
C GLY A 986 3.20 -9.34 -4.53
N ARG A 987 2.79 -9.94 -5.64
CA ARG A 987 2.95 -9.28 -6.93
C ARG A 987 1.94 -8.16 -7.13
N LEU A 988 0.72 -8.32 -6.63
CA LEU A 988 -0.28 -7.26 -6.74
C LEU A 988 0.12 -6.04 -5.91
N GLN A 989 0.68 -6.27 -4.72
CA GLN A 989 1.13 -5.16 -3.88
C GLN A 989 2.30 -4.43 -4.52
N SER A 990 3.18 -5.15 -5.23
CA SER A 990 4.23 -4.49 -5.99
C SER A 990 3.65 -3.68 -7.14
N LEU A 991 2.59 -4.20 -7.78
CA LEU A 991 1.95 -3.45 -8.85
C LEU A 991 1.19 -2.23 -8.32
N GLN A 992 0.63 -2.33 -7.11
CA GLN A 992 0.03 -1.16 -6.48
C GLN A 992 1.07 -0.10 -6.18
N THR A 993 2.25 -0.53 -5.71
CA THR A 993 3.30 0.42 -5.34
C THR A 993 3.87 1.12 -6.58
N TYR A 994 4.03 0.38 -7.68
CA TYR A 994 4.61 0.95 -8.89
C TYR A 994 3.67 2.01 -9.50
N VAL A 995 2.39 1.69 -9.59
CA VAL A 995 1.43 2.60 -10.20
C VAL A 995 1.25 3.85 -9.34
N THR A 996 1.28 3.68 -8.01
CA THR A 996 1.20 4.82 -7.11
C THR A 996 2.40 5.75 -7.29
N GLN A 997 3.60 5.18 -7.44
CA GLN A 997 4.78 6.00 -7.70
C GLN A 997 4.74 6.64 -9.08
N GLN A 998 4.15 5.94 -10.07
CA GLN A 998 4.00 6.53 -11.39
C GLN A 998 3.02 7.70 -11.36
N LEU A 999 1.96 7.59 -10.55
CA LEU A 999 0.98 8.68 -10.45
C LEU A 999 1.59 9.91 -9.80
N ILE A 1000 2.43 9.72 -8.79
CA ILE A 1000 3.10 10.84 -8.15
C ILE A 1000 4.10 11.49 -9.11
N ARG A 1001 4.83 10.67 -9.86
CA ARG A 1001 5.76 11.20 -10.86
C ARG A 1001 5.03 11.91 -12.00
N ALA A 1002 3.84 11.42 -12.37
CA ALA A 1002 3.06 12.09 -13.41
C ALA A 1002 2.57 13.46 -12.94
N ALA A 1003 2.25 13.60 -11.66
CA ALA A 1003 1.86 14.91 -11.14
C ALA A 1003 3.04 15.87 -11.12
N GLU A 1004 4.25 15.35 -10.86
CA GLU A 1004 5.45 16.20 -10.93
C GLU A 1004 5.72 16.67 -12.34
N ILE A 1005 5.54 15.79 -13.33
CA ILE A 1005 5.67 16.19 -14.73
C ILE A 1005 4.56 17.16 -15.12
N ARG A 1006 3.36 16.98 -14.55
CA ARG A 1006 2.24 17.88 -14.82
C ARG A 1006 2.54 19.29 -14.35
N ALA A 1007 3.16 19.43 -13.18
CA ALA A 1007 3.57 20.74 -12.69
C ALA A 1007 4.66 21.34 -13.57
N SER A 1008 5.60 20.51 -14.03
CA SER A 1008 6.68 21.01 -14.88
C SER A 1008 6.17 21.37 -16.27
N ALA A 1009 5.22 20.60 -16.80
CA ALA A 1009 4.68 20.89 -18.12
C ALA A 1009 3.85 22.17 -18.11
N ASN A 1010 3.11 22.40 -17.02
CA ASN A 1010 2.35 23.65 -16.89
C ASN A 1010 3.27 24.85 -16.77
N LEU A 1011 4.41 24.68 -16.07
CA LEU A 1011 5.40 25.74 -16.00
C LEU A 1011 6.06 25.97 -17.36
N ALA A 1012 6.32 24.89 -18.10
CA ALA A 1012 6.93 25.02 -19.43
C ALA A 1012 5.97 25.68 -20.41
N ALA A 1013 4.67 25.35 -20.32
CA ALA A 1013 3.69 26.00 -21.18
C ALA A 1013 3.53 27.47 -20.83
N THR A 1014 3.61 27.81 -19.55
CA THR A 1014 3.53 29.20 -19.13
C THR A 1014 4.75 29.99 -19.60
N LYS A 1015 5.93 29.38 -19.54
CA LYS A 1015 7.14 30.04 -20.02
C LYS A 1015 7.12 30.19 -21.53
N MET A 1016 6.57 29.21 -22.23
CA MET A 1016 6.46 29.29 -23.69
C MET A 1016 5.47 30.37 -24.11
N SER A 1017 4.35 30.49 -23.39
CA SER A 1017 3.34 31.48 -23.74
C SER A 1017 3.76 32.90 -23.38
N GLU A 1018 4.77 33.06 -22.51
CA GLU A 1018 5.21 34.38 -22.06
C GLU A 1018 6.54 34.80 -22.65
N CYS A 1019 7.58 33.96 -22.52
CA CYS A 1019 8.91 34.35 -22.98
C CYS A 1019 9.02 34.30 -24.49
N VAL A 1020 8.41 33.30 -25.12
CA VAL A 1020 8.53 33.12 -26.57
C VAL A 1020 7.51 33.97 -27.32
N LEU A 1021 6.26 33.96 -26.88
CA LEU A 1021 5.19 34.65 -27.58
C LEU A 1021 5.13 36.14 -27.25
N GLY A 1022 5.98 36.63 -26.37
CA GLY A 1022 5.97 38.03 -26.06
C GLY A 1022 7.14 38.41 -25.18
N GLN A 1023 7.06 39.61 -24.61
CA GLN A 1023 8.07 40.11 -23.68
C GLN A 1023 7.46 40.19 -22.29
N SER A 1024 8.17 39.62 -21.31
CA SER A 1024 7.66 39.55 -19.94
C SER A 1024 8.37 40.57 -19.07
N LYS A 1025 7.58 41.38 -18.36
CA LYS A 1025 8.12 42.32 -17.38
C LYS A 1025 8.47 41.65 -16.06
N ARG A 1026 8.15 40.37 -15.90
CA ARG A 1026 8.40 39.68 -14.65
C ARG A 1026 9.90 39.44 -14.46
N VAL A 1027 10.35 39.56 -13.22
CA VAL A 1027 11.76 39.47 -12.89
C VAL A 1027 12.15 38.01 -12.69
N ASP A 1028 13.23 37.59 -13.36
CA ASP A 1028 13.84 36.26 -13.23
C ASP A 1028 12.89 35.13 -13.61
N PHE A 1029 11.91 35.40 -14.47
CA PHE A 1029 11.08 34.31 -14.99
C PHE A 1029 11.64 33.78 -16.29
N CYS A 1030 11.91 34.67 -17.25
CA CYS A 1030 12.52 34.29 -18.52
C CYS A 1030 14.04 34.45 -18.48
N GLY A 1031 14.68 33.83 -17.50
CA GLY A 1031 16.11 33.93 -17.33
C GLY A 1031 16.51 35.09 -16.44
N LYS A 1032 17.79 35.08 -16.06
CA LYS A 1032 18.33 36.11 -15.18
C LYS A 1032 18.63 37.38 -15.98
N GLY A 1033 18.17 38.51 -15.46
CA GLY A 1033 18.37 39.80 -16.11
C GLY A 1033 17.13 40.28 -16.81
N TYR A 1034 17.28 41.42 -17.49
CA TYR A 1034 16.19 42.03 -18.23
C TYR A 1034 15.92 41.21 -19.48
N HIS A 1035 14.76 40.56 -19.54
CA HIS A 1035 14.45 39.66 -20.64
C HIS A 1035 14.12 40.43 -21.91
N LEU A 1036 14.66 39.96 -23.04
CA LEU A 1036 14.36 40.54 -24.34
C LEU A 1036 13.59 39.56 -25.23
N MET A 1037 14.11 38.36 -25.45
CA MET A 1037 13.45 37.37 -26.29
C MET A 1037 13.94 35.99 -25.88
N SER A 1038 13.21 34.97 -26.32
CA SER A 1038 13.57 33.59 -26.01
C SER A 1038 13.33 32.72 -27.25
N PHE A 1039 14.09 31.64 -27.33
CA PHE A 1039 13.99 30.69 -28.44
C PHE A 1039 13.80 29.29 -27.87
N PRO A 1040 12.68 28.63 -28.13
CA PRO A 1040 12.51 27.25 -27.66
C PRO A 1040 13.17 26.26 -28.61
N GLN A 1041 13.71 25.18 -28.03
CA GLN A 1041 14.35 24.13 -28.79
C GLN A 1041 13.83 22.78 -28.32
N SER A 1042 13.71 21.85 -29.26
CA SER A 1042 13.21 20.52 -28.93
C SER A 1042 14.26 19.72 -28.16
N ALA A 1043 13.78 18.79 -27.35
CA ALA A 1043 14.64 17.96 -26.52
C ALA A 1043 13.94 16.64 -26.27
N PRO A 1044 14.69 15.55 -26.03
CA PRO A 1044 14.05 14.27 -25.69
C PRO A 1044 13.39 14.36 -24.31
N HIS A 1045 12.06 14.16 -24.29
CA HIS A 1045 11.25 14.21 -23.07
C HIS A 1045 11.39 15.54 -22.35
N GLY A 1046 11.42 16.63 -23.11
CA GLY A 1046 11.53 17.95 -22.50
C GLY A 1046 11.68 19.02 -23.55
N VAL A 1047 11.88 20.24 -23.07
CA VAL A 1047 12.08 21.40 -23.93
C VAL A 1047 13.26 22.20 -23.38
N VAL A 1048 13.92 22.93 -24.26
CA VAL A 1048 15.08 23.75 -23.91
C VAL A 1048 14.82 25.18 -24.36
N PHE A 1049 14.93 26.13 -23.44
CA PHE A 1049 14.71 27.53 -23.73
C PHE A 1049 16.04 28.27 -23.79
N LEU A 1050 16.19 29.14 -24.77
CA LEU A 1050 17.38 29.97 -24.94
C LEU A 1050 16.97 31.42 -24.70
N HIS A 1051 17.02 31.83 -23.43
CA HIS A 1051 16.62 33.18 -23.06
C HIS A 1051 17.71 34.19 -23.43
N VAL A 1052 17.34 35.23 -24.15
CA VAL A 1052 18.25 36.32 -24.49
C VAL A 1052 17.93 37.48 -23.56
N THR A 1053 18.88 37.83 -22.70
CA THR A 1053 18.66 38.79 -21.65
C THR A 1053 19.58 40.00 -21.81
N TYR A 1054 19.25 41.06 -21.08
CA TYR A 1054 20.00 42.31 -21.08
C TYR A 1054 20.66 42.48 -19.73
N VAL A 1055 21.99 42.61 -19.73
CA VAL A 1055 22.77 42.75 -18.50
C VAL A 1055 23.61 44.01 -18.59
N PRO A 1056 23.40 45.01 -17.74
CA PRO A 1056 24.25 46.20 -17.77
C PRO A 1056 25.62 45.91 -17.20
N ALA A 1057 26.58 46.76 -17.57
CA ALA A 1057 27.96 46.61 -17.12
C ALA A 1057 28.64 47.97 -17.17
N GLN A 1058 29.86 48.00 -16.62
CA GLN A 1058 30.72 49.19 -16.58
C GLN A 1058 30.03 50.36 -15.87
N GLU A 1059 29.77 50.16 -14.59
CA GLU A 1059 29.12 51.16 -13.78
C GLU A 1059 30.05 52.33 -13.50
N LYS A 1060 29.45 53.49 -13.21
CA LYS A 1060 30.20 54.70 -12.90
C LYS A 1060 29.46 55.49 -11.84
N ASN A 1061 30.21 56.00 -10.85
CA ASN A 1061 29.61 56.77 -9.78
C ASN A 1061 29.21 58.16 -10.25
N PHE A 1062 28.11 58.66 -9.70
CA PHE A 1062 27.61 59.98 -10.05
C PHE A 1062 26.96 60.61 -8.82
N THR A 1063 26.87 61.94 -8.85
CA THR A 1063 26.19 62.70 -7.81
C THR A 1063 24.80 63.09 -8.30
N THR A 1064 23.79 62.81 -7.49
CA THR A 1064 22.39 62.95 -7.90
C THR A 1064 21.63 63.82 -6.91
N ALA A 1065 20.55 64.40 -7.40
CA ALA A 1065 19.62 65.20 -6.59
C ALA A 1065 18.20 64.81 -6.96
N PRO A 1066 17.27 64.88 -6.01
CA PRO A 1066 15.88 64.52 -6.34
C PRO A 1066 15.18 65.51 -7.25
N ALA A 1067 15.50 66.80 -7.13
CA ALA A 1067 14.83 67.83 -7.91
C ALA A 1067 15.75 69.03 -8.03
N ILE A 1068 15.38 69.95 -8.92
CA ILE A 1068 16.15 71.16 -9.19
C ILE A 1068 15.24 72.35 -8.98
N CYS A 1069 15.66 73.28 -8.12
CA CYS A 1069 14.96 74.55 -7.91
C CYS A 1069 15.61 75.61 -8.78
N HIS A 1070 14.82 76.24 -9.65
CA HIS A 1070 15.33 77.20 -10.61
C HIS A 1070 14.87 78.63 -10.32
N ASP A 1071 13.56 78.85 -10.25
CA ASP A 1071 12.99 80.16 -9.94
C ASP A 1071 12.02 80.06 -8.78
N GLY A 1072 12.42 79.35 -7.73
CA GLY A 1072 11.53 79.06 -6.62
C GLY A 1072 10.59 77.92 -6.85
N LYS A 1073 10.67 77.27 -8.00
CA LYS A 1073 9.80 76.15 -8.35
C LYS A 1073 10.62 74.89 -8.51
N ALA A 1074 10.08 73.76 -8.04
CA ALA A 1074 10.79 72.50 -8.11
C ALA A 1074 10.59 71.84 -9.46
N HIS A 1075 11.68 71.45 -10.10
CA HIS A 1075 11.67 70.75 -11.38
C HIS A 1075 12.03 69.29 -11.16
N PHE A 1076 11.18 68.39 -11.64
CA PHE A 1076 11.39 66.96 -11.48
C PHE A 1076 11.65 66.31 -12.84
N PRO A 1077 12.49 65.28 -12.88
CA PRO A 1077 12.72 64.58 -14.15
C PRO A 1077 11.48 63.81 -14.60
N ARG A 1078 11.22 63.85 -15.91
CA ARG A 1078 10.05 63.17 -16.45
C ARG A 1078 10.23 61.65 -16.44
N GLU A 1079 11.39 61.17 -16.87
CA GLU A 1079 11.64 59.73 -16.93
C GLU A 1079 12.94 59.31 -16.26
N GLY A 1080 13.98 60.13 -16.34
CA GLY A 1080 15.33 59.72 -15.98
C GLY A 1080 15.78 60.22 -14.63
N VAL A 1081 17.11 60.31 -14.48
CA VAL A 1081 17.74 60.65 -13.21
C VAL A 1081 18.61 61.89 -13.43
N PHE A 1082 18.44 62.87 -12.54
CA PHE A 1082 19.32 64.02 -12.49
C PHE A 1082 20.68 63.57 -11.98
N VAL A 1083 21.71 63.75 -12.81
CA VAL A 1083 23.07 63.30 -12.48
C VAL A 1083 24.04 64.45 -12.69
N SER A 1084 25.19 64.34 -12.05
CA SER A 1084 26.23 65.35 -12.17
C SER A 1084 27.59 64.70 -12.00
N ASN A 1085 28.59 65.26 -12.67
CA ASN A 1085 29.98 64.84 -12.52
C ASN A 1085 30.74 65.69 -11.51
N GLY A 1086 30.03 66.55 -10.77
CA GLY A 1086 30.64 67.46 -9.83
C GLY A 1086 30.79 68.88 -10.34
N THR A 1087 30.72 69.09 -11.66
CA THR A 1087 30.84 70.40 -12.26
C THR A 1087 29.57 70.85 -12.97
N HIS A 1088 28.92 69.97 -13.72
CA HIS A 1088 27.72 70.31 -14.48
C HIS A 1088 26.66 69.24 -14.24
N TRP A 1089 25.40 69.65 -14.42
CA TRP A 1089 24.26 68.78 -14.18
C TRP A 1089 23.69 68.29 -15.50
N PHE A 1090 23.33 67.00 -15.54
CA PHE A 1090 22.77 66.38 -16.72
C PHE A 1090 21.62 65.47 -16.32
N VAL A 1091 20.81 65.09 -17.30
CA VAL A 1091 19.70 64.17 -17.12
C VAL A 1091 19.88 63.00 -18.07
N THR A 1092 19.78 61.79 -17.54
CA THR A 1092 19.93 60.57 -18.33
C THR A 1092 18.94 59.53 -17.85
N GLN A 1093 18.67 58.55 -18.70
CA GLN A 1093 17.73 57.48 -18.35
C GLN A 1093 18.35 56.56 -17.30
N ARG A 1094 17.50 55.74 -16.70
CA ARG A 1094 17.92 54.95 -15.54
C ARG A 1094 18.82 53.79 -15.93
N ASN A 1095 18.51 53.10 -17.03
CA ASN A 1095 19.19 51.86 -17.38
C ASN A 1095 20.40 52.07 -18.28
N PHE A 1096 20.68 53.30 -18.70
CA PHE A 1096 21.81 53.56 -19.57
C PHE A 1096 22.27 55.00 -19.38
N TYR A 1097 23.57 55.23 -19.56
CA TYR A 1097 24.14 56.56 -19.40
C TYR A 1097 24.08 57.30 -20.73
N GLU A 1098 23.33 58.40 -20.76
CA GLU A 1098 23.22 59.24 -21.95
C GLU A 1098 22.86 60.64 -21.49
N PRO A 1099 23.86 61.46 -21.16
CA PRO A 1099 23.58 62.77 -20.57
C PRO A 1099 22.92 63.73 -21.55
N GLN A 1100 22.02 64.56 -21.02
CA GLN A 1100 21.31 65.54 -21.81
C GLN A 1100 21.18 66.83 -21.00
N ILE A 1101 20.96 67.93 -21.71
CA ILE A 1101 20.76 69.22 -21.06
C ILE A 1101 19.37 69.27 -20.46
N ILE A 1102 19.28 69.76 -19.22
CA ILE A 1102 17.99 69.86 -18.54
C ILE A 1102 17.18 70.97 -19.19
N THR A 1103 16.06 70.61 -19.80
CA THR A 1103 15.16 71.54 -20.47
C THR A 1103 13.76 71.42 -19.88
N THR A 1104 12.83 72.19 -20.44
CA THR A 1104 11.44 72.11 -20.03
C THR A 1104 10.71 70.94 -20.68
N ASP A 1105 11.28 70.35 -21.74
CA ASP A 1105 10.64 69.23 -22.41
C ASP A 1105 10.75 67.96 -21.60
N ASN A 1106 11.91 67.71 -21.00
CA ASN A 1106 12.16 66.49 -20.25
C ASN A 1106 11.94 66.67 -18.75
N THR A 1107 11.40 67.80 -18.32
CA THR A 1107 11.11 68.06 -16.92
C THR A 1107 9.71 68.63 -16.78
N PHE A 1108 9.16 68.48 -15.58
CA PHE A 1108 7.86 69.08 -15.25
C PHE A 1108 7.96 69.72 -13.87
N VAL A 1109 7.11 70.72 -13.65
CA VAL A 1109 7.15 71.56 -12.46
C VAL A 1109 5.96 71.22 -11.58
N SER A 1110 6.20 71.08 -10.28
CA SER A 1110 5.14 70.76 -9.32
C SER A 1110 5.50 71.39 -7.98
N GLY A 1111 4.86 72.53 -7.68
CA GLY A 1111 4.99 73.14 -6.37
C GLY A 1111 6.29 73.90 -6.17
N ASN A 1112 6.43 74.44 -4.96
CA ASN A 1112 7.62 75.18 -4.60
C ASN A 1112 8.78 74.23 -4.29
N CYS A 1113 9.98 74.81 -4.20
CA CYS A 1113 11.20 74.04 -3.98
C CYS A 1113 11.67 74.09 -2.54
N ASP A 1114 10.79 74.45 -1.60
CA ASP A 1114 11.17 74.52 -0.20
C ASP A 1114 10.84 73.25 0.57
N VAL A 1115 9.98 72.38 0.04
CA VAL A 1115 9.58 71.17 0.75
C VAL A 1115 10.36 69.94 0.30
N VAL A 1116 11.13 70.04 -0.78
CA VAL A 1116 11.88 68.88 -1.27
C VAL A 1116 13.17 68.77 -0.49
N ILE A 1117 13.40 67.60 0.10
CA ILE A 1117 14.60 67.35 0.89
C ILE A 1117 15.76 67.03 -0.04
N GLY A 1118 16.85 67.78 0.10
CA GLY A 1118 18.02 67.55 -0.72
C GLY A 1118 17.99 68.18 -2.08
N ILE A 1119 17.19 69.24 -2.27
CA ILE A 1119 17.12 69.90 -3.56
C ILE A 1119 18.42 70.68 -3.81
N VAL A 1120 18.78 70.81 -5.08
CA VAL A 1120 20.00 71.49 -5.49
C VAL A 1120 19.62 72.60 -6.45
N ASN A 1121 20.07 73.82 -6.15
CA ASN A 1121 19.78 74.96 -7.01
C ASN A 1121 20.60 74.86 -8.30
N ASN A 1122 19.91 74.98 -9.43
CA ASN A 1122 20.56 74.93 -10.74
C ASN A 1122 19.65 75.59 -11.76
N THR A 1123 20.24 76.01 -12.86
CA THR A 1123 19.49 76.65 -13.93
C THR A 1123 18.79 75.61 -14.80
N VAL A 1124 17.73 76.04 -15.47
CA VAL A 1124 16.98 75.21 -16.39
C VAL A 1124 17.00 75.88 -17.76
N TYR A 1125 17.50 75.15 -18.75
CA TYR A 1125 17.58 75.71 -20.10
C TYR A 1125 16.20 75.76 -20.75
N ASP A 1126 15.95 76.83 -21.49
CA ASP A 1126 14.70 77.01 -22.22
C ASP A 1126 14.95 76.86 -23.70
N PRO A 1127 14.42 75.84 -24.37
CA PRO A 1127 14.61 75.73 -25.83
C PRO A 1127 13.82 76.75 -26.63
N LEU A 1128 12.84 77.41 -26.01
CA LEU A 1128 12.01 78.39 -26.71
C LEU A 1128 12.59 79.80 -26.63
N GLN A 1129 13.35 80.09 -25.58
CA GLN A 1129 13.87 81.44 -25.37
C GLN A 1129 14.79 81.96 -26.49
N PRO A 1130 15.76 81.21 -27.03
CA PRO A 1130 16.55 81.77 -28.15
C PRO A 1130 15.74 82.02 -29.42
N GLU A 1131 14.58 81.41 -29.58
CA GLU A 1131 13.75 81.61 -30.75
C GLU A 1131 12.78 82.77 -30.61
N LEU A 1132 12.83 83.50 -29.50
CA LEU A 1132 11.92 84.62 -29.26
C LEU A 1132 12.38 85.91 -29.93
N ASP A 1133 13.55 85.92 -30.56
CA ASP A 1133 14.05 87.12 -31.22
C ASP A 1133 13.27 87.37 -32.50
N SER A 1134 12.53 88.46 -32.55
CA SER A 1134 11.74 88.81 -33.73
C SER A 1134 11.56 90.32 -33.85
N VAL B 1 54.76 -5.76 -3.63
CA VAL B 1 55.74 -5.73 -2.54
C VAL B 1 56.76 -4.63 -2.78
N GLN B 2 56.67 -3.56 -2.00
CA GLN B 2 57.54 -2.41 -2.13
C GLN B 2 58.49 -2.30 -0.94
N LEU B 3 59.69 -1.82 -1.21
CA LEU B 3 60.71 -1.58 -0.19
C LEU B 3 61.22 -0.15 -0.37
N VAL B 4 60.56 0.79 0.29
CA VAL B 4 60.90 2.20 0.18
C VAL B 4 61.79 2.60 1.34
N GLN B 5 62.96 3.14 1.03
CA GLN B 5 63.90 3.61 2.03
C GLN B 5 63.89 5.14 2.08
N SER B 6 64.72 5.68 2.97
CA SER B 6 64.81 7.13 3.13
C SER B 6 65.64 7.74 2.00
N GLY B 7 65.73 9.06 2.02
CA GLY B 7 66.47 9.80 1.02
C GLY B 7 67.96 9.81 1.29
N SER B 8 68.63 10.75 0.63
CA SER B 8 70.07 10.90 0.80
C SER B 8 70.40 11.91 1.89
N GLU B 9 71.46 11.64 2.64
CA GLU B 9 71.92 12.51 3.71
C GLU B 9 73.40 12.80 3.55
N LEU B 10 73.79 14.01 3.91
CA LEU B 10 75.19 14.41 3.97
C LEU B 10 75.52 14.72 5.43
N LYS B 11 76.52 14.03 5.97
CA LYS B 11 76.83 14.13 7.39
C LYS B 11 78.31 14.38 7.59
N LYS B 12 78.63 15.08 8.68
CA LYS B 12 79.98 15.35 9.11
C LYS B 12 80.57 14.12 9.82
N PRO B 13 81.90 13.97 9.81
CA PRO B 13 82.51 12.89 10.58
C PRO B 13 82.28 13.06 12.07
N GLY B 14 82.15 11.91 12.75
CA GLY B 14 81.90 11.90 14.18
C GLY B 14 80.45 12.08 14.58
N ALA B 15 79.54 12.20 13.64
CA ALA B 15 78.13 12.39 13.91
C ALA B 15 77.39 11.05 13.89
N SER B 16 76.07 11.10 13.95
CA SER B 16 75.24 9.91 13.92
C SER B 16 74.10 10.11 12.92
N VAL B 17 73.73 9.02 12.23
CA VAL B 17 72.69 9.05 11.21
C VAL B 17 71.76 7.85 11.41
N LYS B 18 70.47 8.09 11.17
CA LYS B 18 69.46 7.04 11.24
C LYS B 18 68.84 6.84 9.87
N VAL B 19 68.66 5.58 9.49
CA VAL B 19 68.13 5.21 8.18
C VAL B 19 66.91 4.33 8.38
N SER B 20 65.79 4.71 7.75
CA SER B 20 64.53 3.98 7.86
C SER B 20 64.23 3.25 6.56
N CYS B 21 63.44 2.18 6.67
CA CYS B 21 63.07 1.37 5.52
C CYS B 21 61.60 0.94 5.66
N LYS B 22 60.77 1.40 4.73
CA LYS B 22 59.35 1.07 4.73
C LYS B 22 59.10 -0.16 3.88
N ALA B 23 58.34 -1.11 4.41
CA ALA B 23 57.94 -2.31 3.70
C ALA B 23 56.42 -2.39 3.64
N SER B 24 55.90 -2.84 2.50
CA SER B 24 54.46 -2.90 2.30
C SER B 24 54.13 -3.99 1.30
N GLY B 25 52.85 -4.37 1.27
CA GLY B 25 52.38 -5.38 0.34
C GLY B 25 52.58 -6.81 0.79
N TYR B 26 53.04 -7.04 2.03
CA TYR B 26 53.36 -8.36 2.51
C TYR B 26 53.30 -8.35 4.03
N THR B 27 53.14 -9.53 4.62
CA THR B 27 53.03 -9.67 6.06
C THR B 27 54.41 -9.50 6.69
N PHE B 28 54.62 -8.35 7.34
CA PHE B 28 55.96 -7.91 7.74
C PHE B 28 56.58 -8.85 8.78
N THR B 29 55.76 -9.47 9.63
CA THR B 29 56.30 -10.38 10.64
C THR B 29 56.67 -11.75 10.09
N SER B 30 56.33 -12.04 8.85
CA SER B 30 56.61 -13.36 8.27
C SER B 30 58.01 -13.47 7.68
N TYR B 31 58.62 -12.36 7.29
CA TYR B 31 59.92 -12.36 6.64
C TYR B 31 60.93 -11.64 7.50
N ALA B 32 62.16 -12.18 7.56
CA ALA B 32 63.23 -11.53 8.29
C ALA B 32 63.75 -10.33 7.54
N MET B 33 64.31 -9.38 8.28
CA MET B 33 64.86 -8.15 7.72
C MET B 33 66.37 -8.28 7.60
N ASN B 34 66.91 -7.95 6.44
CA ASN B 34 68.34 -8.04 6.19
C ASN B 34 68.86 -6.70 5.69
N TRP B 35 70.11 -6.41 6.04
CA TRP B 35 70.77 -5.17 5.67
C TRP B 35 72.07 -5.48 4.96
N VAL B 36 72.27 -4.89 3.78
CA VAL B 36 73.47 -5.11 2.97
C VAL B 36 74.01 -3.75 2.55
N ARG B 37 75.28 -3.49 2.85
CA ARG B 37 75.95 -2.27 2.45
C ARG B 37 76.74 -2.50 1.17
N GLN B 38 77.17 -1.39 0.55
CA GLN B 38 77.95 -1.46 -0.68
C GLN B 38 78.77 -0.19 -0.80
N ALA B 39 80.09 -0.32 -0.67
CA ALA B 39 80.97 0.81 -0.90
C ALA B 39 80.95 1.19 -2.38
N PRO B 40 81.16 2.47 -2.70
CA PRO B 40 81.16 2.89 -4.11
C PRO B 40 82.29 2.25 -4.89
N GLY B 41 81.94 1.60 -6.00
CA GLY B 41 82.90 0.87 -6.79
C GLY B 41 83.48 -0.34 -6.09
N GLN B 42 82.70 -1.02 -5.25
CA GLN B 42 83.16 -2.18 -4.52
C GLN B 42 82.05 -3.22 -4.46
N GLY B 43 82.32 -4.32 -3.77
CA GLY B 43 81.37 -5.40 -3.64
C GLY B 43 80.34 -5.15 -2.54
N LEU B 44 79.41 -6.09 -2.44
CA LEU B 44 78.36 -6.03 -1.42
C LEU B 44 78.81 -6.74 -0.16
N GLU B 45 78.54 -6.12 0.98
CA GLU B 45 78.88 -6.69 2.29
C GLU B 45 77.61 -6.87 3.11
N TRP B 46 77.51 -8.00 3.79
CA TRP B 46 76.36 -8.32 4.64
C TRP B 46 76.74 -8.11 6.10
N MET B 47 76.18 -7.08 6.73
CA MET B 47 76.48 -6.76 8.11
C MET B 47 75.57 -7.45 9.12
N GLY B 48 74.56 -8.17 8.66
CA GLY B 48 73.75 -8.97 9.55
C GLY B 48 72.28 -8.88 9.20
N TRP B 49 71.45 -9.35 10.14
CA TRP B 49 70.01 -9.39 9.96
C TRP B 49 69.35 -9.25 11.33
N ILE B 50 68.07 -8.86 11.30
CA ILE B 50 67.29 -8.69 12.52
C ILE B 50 65.92 -9.33 12.31
N ASN B 51 65.50 -10.15 13.28
CA ASN B 51 64.20 -10.78 13.23
C ASN B 51 63.08 -9.74 13.39
N THR B 52 61.94 -10.00 12.75
CA THR B 52 60.81 -9.10 12.86
C THR B 52 59.85 -9.48 14.00
N ASN B 53 59.94 -10.71 14.51
CA ASN B 53 59.06 -11.13 15.60
C ASN B 53 59.60 -10.68 16.95
N THR B 54 60.80 -11.16 17.31
CA THR B 54 61.40 -10.82 18.60
C THR B 54 62.24 -9.57 18.56
N GLY B 55 62.69 -9.14 17.38
CA GLY B 55 63.46 -7.92 17.25
C GLY B 55 64.90 -8.02 17.66
N ASN B 56 65.43 -9.23 17.89
CA ASN B 56 66.82 -9.36 18.30
C ASN B 56 67.73 -9.22 17.08
N PRO B 57 68.70 -8.31 17.11
CA PRO B 57 69.63 -8.18 15.99
C PRO B 57 70.70 -9.27 16.04
N THR B 58 71.40 -9.42 14.92
CA THR B 58 72.52 -10.35 14.80
C THR B 58 73.55 -9.69 13.89
N TYR B 59 74.51 -8.99 14.51
CA TYR B 59 75.50 -8.25 13.75
C TYR B 59 76.60 -9.18 13.25
N ALA B 60 77.31 -8.72 12.21
CA ALA B 60 78.44 -9.43 11.67
C ALA B 60 79.73 -8.93 12.32
N GLN B 61 80.87 -9.38 11.80
CA GLN B 61 82.16 -8.98 12.35
C GLN B 61 82.51 -7.56 11.96
N GLY B 62 82.93 -6.76 12.94
CA GLY B 62 83.33 -5.39 12.70
C GLY B 62 82.21 -4.37 12.75
N PHE B 63 80.96 -4.80 12.87
CA PHE B 63 79.82 -3.89 12.91
C PHE B 63 79.18 -3.83 14.29
N THR B 64 79.83 -4.39 15.32
CA THR B 64 79.27 -4.40 16.66
C THR B 64 79.45 -3.03 17.32
N GLY B 65 78.38 -2.57 17.97
CA GLY B 65 78.43 -1.32 18.72
C GLY B 65 78.02 -0.10 17.92
N ARG B 66 78.72 0.16 16.81
CA ARG B 66 78.42 1.34 16.01
C ARG B 66 77.09 1.20 15.26
N PHE B 67 76.74 -0.02 14.86
CA PHE B 67 75.53 -0.26 14.09
C PHE B 67 74.44 -0.81 15.01
N VAL B 68 73.25 -0.22 14.92
CA VAL B 68 72.11 -0.59 15.76
C VAL B 68 70.95 -0.96 14.84
N PHE B 69 70.37 -2.14 15.08
CA PHE B 69 69.20 -2.61 14.35
C PHE B 69 67.98 -2.52 15.26
N SER B 70 66.91 -1.92 14.75
CA SER B 70 65.68 -1.80 15.51
C SER B 70 64.51 -1.65 14.55
N LEU B 71 63.31 -1.93 15.06
CA LEU B 71 62.09 -1.82 14.27
C LEU B 71 60.90 -1.69 15.22
N ASP B 72 59.74 -1.43 14.64
CA ASP B 72 58.48 -1.43 15.38
C ASP B 72 57.38 -1.90 14.44
N THR B 73 56.39 -2.59 15.00
CA THR B 73 55.37 -3.25 14.21
C THR B 73 54.12 -2.41 13.98
N SER B 74 54.04 -1.21 14.57
CA SER B 74 52.88 -0.36 14.36
C SER B 74 52.85 0.20 12.94
N VAL B 75 53.98 0.70 12.46
CA VAL B 75 54.12 1.18 11.10
C VAL B 75 54.79 0.15 10.20
N SER B 76 55.49 -0.83 10.80
CA SER B 76 56.30 -1.84 10.10
C SER B 76 57.38 -1.18 9.24
N THR B 77 58.27 -0.47 9.93
CA THR B 77 59.40 0.21 9.31
C THR B 77 60.67 -0.15 10.05
N ALA B 78 61.63 -0.72 9.33
CA ALA B 78 62.92 -1.07 9.92
C ALA B 78 63.79 0.18 10.06
N TYR B 79 64.65 0.16 11.08
CA TYR B 79 65.52 1.29 11.38
C TYR B 79 66.98 0.84 11.35
N LEU B 80 67.83 1.69 10.79
CA LEU B 80 69.27 1.49 10.78
C LEU B 80 69.93 2.73 11.34
N GLN B 81 70.58 2.60 12.50
CA GLN B 81 71.22 3.72 13.17
C GLN B 81 72.71 3.45 13.28
N ILE B 82 73.52 4.41 12.85
CA ILE B 82 74.97 4.32 12.90
C ILE B 82 75.50 5.48 13.74
N SER B 83 76.38 5.17 14.69
CA SER B 83 76.99 6.16 15.54
C SER B 83 78.49 6.23 15.28
N SER B 84 79.07 7.40 15.55
CA SER B 84 80.49 7.70 15.35
C SER B 84 80.89 7.45 13.89
N LEU B 85 80.30 8.27 13.00
CA LEU B 85 80.53 8.12 11.57
C LEU B 85 81.96 8.52 11.21
N LYS B 86 82.60 7.70 10.38
CA LYS B 86 83.94 7.97 9.87
C LYS B 86 83.89 8.01 8.35
N THR B 87 85.04 8.35 7.75
CA THR B 87 85.10 8.56 6.30
C THR B 87 84.89 7.28 5.53
N GLU B 88 85.33 6.14 6.08
CA GLU B 88 85.20 4.86 5.39
C GLU B 88 83.78 4.31 5.43
N ASP B 89 82.87 4.94 6.18
CA ASP B 89 81.49 4.50 6.26
C ASP B 89 80.63 5.01 5.11
N THR B 90 81.20 5.80 4.20
CA THR B 90 80.46 6.31 3.05
C THR B 90 80.13 5.16 2.10
N ALA B 91 78.87 4.75 2.08
CA ALA B 91 78.42 3.62 1.27
C ALA B 91 76.92 3.72 1.11
N VAL B 92 76.39 2.92 0.17
CA VAL B 92 74.95 2.79 0.00
C VAL B 92 74.49 1.54 0.74
N TYR B 93 73.43 1.69 1.53
CA TYR B 93 72.90 0.61 2.35
C TYR B 93 71.59 0.11 1.74
N TYR B 94 71.50 -1.19 1.54
CA TYR B 94 70.35 -1.82 0.91
C TYR B 94 69.62 -2.71 1.90
N CYS B 95 68.30 -2.79 1.76
CA CYS B 95 67.48 -3.68 2.56
C CYS B 95 67.11 -4.91 1.74
N ALA B 96 67.20 -6.08 2.36
CA ALA B 96 66.95 -7.35 1.68
C ALA B 96 65.89 -8.14 2.44
N ARG B 97 64.99 -8.76 1.70
CA ARG B 97 63.91 -9.54 2.26
C ARG B 97 64.29 -11.02 2.26
N GLU B 98 64.12 -11.67 3.42
CA GLU B 98 64.42 -13.08 3.58
C GLU B 98 63.32 -13.72 4.41
N LEU B 99 62.86 -14.89 3.98
CA LEU B 99 61.78 -15.59 4.68
C LEU B 99 62.30 -16.17 5.99
N TRP B 100 61.48 -16.03 7.04
CA TRP B 100 61.83 -16.55 8.37
C TRP B 100 61.67 -18.07 8.36
N PHE B 101 62.79 -18.78 8.16
CA PHE B 101 62.77 -20.23 8.09
C PHE B 101 63.15 -20.90 9.40
N GLY B 102 63.98 -20.28 10.21
CA GLY B 102 64.40 -20.85 11.46
C GLY B 102 65.75 -20.28 11.88
N GLU B 103 66.42 -21.03 12.76
CA GLU B 103 67.72 -20.59 13.28
C GLU B 103 68.80 -20.56 12.20
N LEU B 104 68.65 -21.33 11.13
CA LEU B 104 69.55 -21.31 10.00
C LEU B 104 68.85 -20.65 8.82
N LEU B 105 69.42 -19.57 8.32
CA LEU B 105 68.81 -18.78 7.26
C LEU B 105 69.28 -19.28 5.89
N SER B 106 68.44 -19.05 4.89
CA SER B 106 68.74 -19.45 3.52
C SER B 106 69.52 -18.34 2.83
N GLY B 107 69.67 -18.46 1.50
CA GLY B 107 70.40 -17.48 0.74
C GLY B 107 69.62 -16.85 -0.39
N ASP B 108 68.33 -16.57 -0.15
CA ASP B 108 67.44 -16.03 -1.18
C ASP B 108 67.01 -14.62 -0.77
N PHE B 109 67.55 -13.62 -1.46
CA PHE B 109 67.13 -12.23 -1.27
C PHE B 109 66.25 -11.86 -2.46
N ASP B 110 64.95 -12.05 -2.32
CA ASP B 110 64.03 -11.88 -3.44
C ASP B 110 63.78 -10.42 -3.78
N TYR B 111 63.74 -9.54 -2.79
CA TYR B 111 63.38 -8.14 -3.01
C TYR B 111 64.42 -7.23 -2.39
N TRP B 112 64.73 -6.14 -3.09
CA TRP B 112 65.69 -5.15 -2.63
C TRP B 112 65.08 -3.76 -2.72
N GLY B 113 65.55 -2.86 -1.86
CA GLY B 113 65.10 -1.49 -1.86
C GLY B 113 65.87 -0.64 -2.85
N GLN B 114 65.46 0.63 -2.93
CA GLN B 114 66.10 1.57 -3.84
C GLN B 114 67.45 2.06 -3.33
N GLY B 115 67.74 1.87 -2.06
CA GLY B 115 69.04 2.24 -1.51
C GLY B 115 69.03 3.62 -0.87
N THR B 116 69.95 3.81 0.08
CA THR B 116 70.09 5.08 0.79
C THR B 116 71.54 5.52 0.67
N LEU B 117 71.77 6.73 0.17
CA LEU B 117 73.11 7.27 0.00
C LEU B 117 73.47 8.13 1.20
N VAL B 118 74.52 7.75 1.91
CA VAL B 118 75.08 8.56 2.99
C VAL B 118 76.54 8.84 2.67
N THR B 119 76.94 10.10 2.84
CA THR B 119 78.30 10.53 2.54
C THR B 119 78.88 11.24 3.75
N VAL B 120 80.06 10.79 4.19
CA VAL B 120 80.74 11.37 5.33
C VAL B 120 81.94 12.14 4.78
N SER B 121 81.87 13.47 4.86
CA SER B 121 82.94 14.33 4.35
C SER B 121 82.88 15.66 5.08
N SER B 122 83.99 16.39 5.01
CA SER B 122 84.07 17.71 5.64
C SER B 122 83.80 18.82 4.64
N SER C 1 87.20 -11.91 -0.32
CA SER C 1 86.06 -12.81 -0.13
C SER C 1 86.47 -14.26 -0.34
N VAL C 2 85.71 -15.17 0.27
CA VAL C 2 85.98 -16.60 0.10
C VAL C 2 85.66 -17.03 -1.32
N LEU C 3 84.55 -16.58 -1.87
CA LEU C 3 84.20 -16.88 -3.25
C LEU C 3 85.08 -16.08 -4.19
N THR C 4 85.65 -16.75 -5.19
CA THR C 4 86.56 -16.14 -6.14
C THR C 4 85.90 -16.07 -7.50
N GLN C 5 85.95 -14.89 -8.13
CA GLN C 5 85.36 -14.64 -9.42
C GLN C 5 86.41 -14.12 -10.39
N PRO C 6 86.24 -14.36 -11.70
CA PRO C 6 87.13 -13.73 -12.67
C PRO C 6 86.92 -12.22 -12.69
N PRO C 7 87.95 -11.45 -13.05
CA PRO C 7 87.81 -9.99 -13.05
C PRO C 7 86.85 -9.47 -14.11
N SER C 8 87.02 -9.90 -15.36
CA SER C 8 86.16 -9.45 -16.43
C SER C 8 86.15 -10.51 -17.54
N VAL C 9 85.08 -10.47 -18.34
CA VAL C 9 84.94 -11.34 -19.50
C VAL C 9 84.47 -10.51 -20.68
N SER C 10 84.78 -10.99 -21.89
CA SER C 10 84.40 -10.30 -23.11
C SER C 10 83.93 -11.33 -24.13
N GLY C 11 83.07 -10.90 -25.03
CA GLY C 11 82.57 -11.78 -26.06
C GLY C 11 81.77 -11.02 -27.11
N ALA C 12 81.70 -11.61 -28.29
CA ALA C 12 80.94 -11.04 -29.39
C ALA C 12 79.45 -11.16 -29.11
N PRO C 13 78.62 -10.31 -29.72
CA PRO C 13 77.17 -10.48 -29.59
C PRO C 13 76.69 -11.71 -30.35
N GLY C 14 75.95 -12.58 -29.65
CA GLY C 14 75.31 -13.72 -30.24
C GLY C 14 75.97 -15.05 -29.97
N GLN C 15 77.23 -15.06 -29.50
CA GLN C 15 77.90 -16.31 -29.21
C GLN C 15 77.71 -16.69 -27.75
N ARG C 16 78.42 -17.72 -27.29
CA ARG C 16 78.27 -18.25 -25.94
C ARG C 16 79.50 -17.89 -25.11
N VAL C 17 79.26 -17.36 -23.92
CA VAL C 17 80.31 -17.03 -22.97
C VAL C 17 79.94 -17.64 -21.62
N THR C 18 80.91 -18.33 -21.00
CA THR C 18 80.69 -19.01 -19.73
C THR C 18 81.53 -18.35 -18.65
N ILE C 19 80.87 -17.92 -17.58
CA ILE C 19 81.55 -17.35 -16.42
C ILE C 19 81.69 -18.44 -15.36
N SER C 20 82.91 -18.60 -14.85
CA SER C 20 83.20 -19.63 -13.87
C SER C 20 83.18 -19.05 -12.46
N CYS C 21 83.20 -19.95 -11.48
CA CYS C 21 83.25 -19.56 -10.07
C CYS C 21 83.85 -20.71 -9.28
N THR C 22 84.65 -20.36 -8.28
CA THR C 22 85.28 -21.36 -7.43
C THR C 22 85.17 -20.92 -5.97
N GLY C 23 85.05 -21.92 -5.10
CA GLY C 23 84.92 -21.67 -3.68
C GLY C 23 85.82 -22.58 -2.86
N SER C 24 85.23 -23.28 -1.90
CA SER C 24 85.97 -24.21 -1.05
C SER C 24 85.04 -25.36 -0.67
N SER C 25 85.47 -26.17 0.29
CA SER C 25 84.65 -27.27 0.79
C SER C 25 83.68 -26.83 1.88
N SER C 26 83.73 -25.57 2.30
CA SER C 26 82.87 -25.08 3.37
C SER C 26 81.68 -24.28 2.86
N ASN C 27 81.72 -23.79 1.62
CA ASN C 27 80.62 -23.01 1.06
C ASN C 27 79.88 -23.76 -0.04
N ILE C 28 80.59 -24.20 -1.07
CA ILE C 28 79.98 -24.94 -2.17
C ILE C 28 80.14 -26.45 -1.98
N GLY C 29 81.29 -26.89 -1.45
CA GLY C 29 81.50 -28.29 -1.19
C GLY C 29 80.69 -28.83 -0.02
N ALA C 30 80.15 -27.94 0.82
CA ALA C 30 79.32 -28.35 1.94
C ALA C 30 77.87 -28.61 1.54
N GLY C 31 77.51 -28.34 0.29
CA GLY C 31 76.17 -28.59 -0.21
C GLY C 31 75.26 -27.39 -0.27
N TYR C 32 75.72 -26.22 0.15
CA TYR C 32 74.90 -25.02 0.09
C TYR C 32 74.81 -24.50 -1.34
N ASP C 33 73.65 -23.94 -1.68
CA ASP C 33 73.39 -23.48 -3.04
C ASP C 33 74.14 -22.18 -3.32
N VAL C 34 74.33 -21.91 -4.61
CA VAL C 34 75.01 -20.71 -5.09
C VAL C 34 74.00 -19.89 -5.88
N HIS C 35 73.85 -18.62 -5.50
CA HIS C 35 72.94 -17.72 -6.18
C HIS C 35 73.73 -16.71 -7.01
N TRP C 36 73.09 -16.23 -8.08
CA TRP C 36 73.72 -15.28 -8.99
C TRP C 36 72.85 -14.04 -9.12
N TYR C 37 73.48 -12.88 -9.17
CA TYR C 37 72.79 -11.60 -9.24
C TYR C 37 73.31 -10.80 -10.43
N GLN C 38 72.42 -10.03 -11.04
CA GLN C 38 72.76 -9.12 -12.12
C GLN C 38 72.46 -7.69 -11.67
N GLN C 39 73.43 -6.80 -11.86
CA GLN C 39 73.31 -5.41 -11.42
C GLN C 39 73.66 -4.49 -12.59
N LEU C 40 72.65 -3.81 -13.13
CA LEU C 40 72.88 -2.76 -14.10
C LEU C 40 73.57 -1.58 -13.41
N PRO C 41 74.35 -0.79 -14.14
CA PRO C 41 74.99 0.38 -13.53
C PRO C 41 73.97 1.42 -13.07
N GLY C 42 74.04 1.78 -11.79
CA GLY C 42 73.14 2.74 -11.21
C GLY C 42 71.86 2.17 -10.62
N THR C 43 71.65 0.85 -10.71
CA THR C 43 70.44 0.22 -10.21
C THR C 43 70.80 -0.83 -9.16
N ALA C 44 69.75 -1.37 -8.53
CA ALA C 44 69.88 -2.41 -7.52
C ALA C 44 70.14 -3.78 -8.19
N PRO C 45 70.84 -4.68 -7.50
CA PRO C 45 71.06 -6.02 -8.05
C PRO C 45 69.78 -6.82 -8.16
N LYS C 46 69.78 -7.74 -9.13
CA LYS C 46 68.59 -8.53 -9.46
C LYS C 46 69.03 -9.97 -9.64
N ILE C 47 68.49 -10.88 -8.82
CA ILE C 47 68.89 -12.28 -8.87
C ILE C 47 68.26 -12.95 -10.09
N ILE C 48 69.09 -13.61 -10.88
CA ILE C 48 68.63 -14.26 -12.10
C ILE C 48 68.64 -15.77 -12.02
N ILE C 49 69.37 -16.37 -11.08
CA ILE C 49 69.39 -17.82 -10.89
C ILE C 49 69.43 -18.11 -9.40
N TYR C 50 68.53 -18.97 -8.94
CA TYR C 50 68.49 -19.43 -7.55
C TYR C 50 68.51 -20.95 -7.53
N ASP C 51 69.12 -21.50 -6.47
CA ASP C 51 69.27 -22.94 -6.25
C ASP C 51 70.01 -23.62 -7.40
N ASN C 52 70.96 -22.90 -8.01
CA ASN C 52 71.99 -23.36 -8.94
C ASN C 52 71.45 -23.78 -10.31
N SER C 53 70.13 -23.85 -10.47
CA SER C 53 69.57 -24.28 -11.74
C SER C 53 68.32 -23.54 -12.18
N ASN C 54 67.65 -22.79 -11.30
CA ASN C 54 66.30 -22.34 -11.54
C ASN C 54 66.25 -20.84 -11.80
N ARG C 55 65.42 -20.45 -12.77
CA ARG C 55 65.18 -19.08 -13.18
C ARG C 55 63.87 -18.58 -12.58
N PRO C 56 63.86 -17.40 -11.97
CA PRO C 56 62.59 -16.82 -11.52
C PRO C 56 61.74 -16.37 -12.70
N SER C 57 60.51 -15.95 -12.38
CA SER C 57 59.58 -15.53 -13.40
C SER C 57 60.03 -14.22 -14.06
N GLY C 58 59.94 -14.19 -15.40
CA GLY C 58 60.38 -13.05 -16.16
C GLY C 58 61.82 -13.11 -16.63
N VAL C 59 62.60 -14.06 -16.12
CA VAL C 59 64.00 -14.19 -16.54
C VAL C 59 64.04 -14.90 -17.89
N PRO C 60 64.77 -14.36 -18.87
CA PRO C 60 64.82 -15.00 -20.19
C PRO C 60 65.56 -16.33 -20.14
N ASP C 61 65.25 -17.19 -21.11
CA ASP C 61 65.80 -18.54 -21.18
C ASP C 61 67.28 -18.59 -21.53
N ARG C 62 67.88 -17.47 -21.93
CA ARG C 62 69.29 -17.44 -22.29
C ARG C 62 70.20 -17.68 -21.09
N PHE C 63 69.73 -17.44 -19.88
CA PHE C 63 70.54 -17.59 -18.68
C PHE C 63 70.44 -19.01 -18.16
N SER C 64 71.59 -19.62 -17.86
CA SER C 64 71.62 -20.96 -17.31
C SER C 64 72.88 -21.13 -16.48
N GLY C 65 72.81 -22.03 -15.49
CA GLY C 65 73.94 -22.26 -14.61
C GLY C 65 73.88 -23.64 -14.01
N SER C 66 75.00 -24.07 -13.44
CA SER C 66 75.12 -25.38 -12.82
C SER C 66 76.28 -25.35 -11.84
N LYS C 67 76.33 -26.36 -10.99
CA LYS C 67 77.43 -26.54 -10.04
C LYS C 67 77.99 -27.95 -10.20
N SER C 68 79.29 -28.08 -9.90
CA SER C 68 79.98 -29.37 -9.99
C SER C 68 80.95 -29.45 -8.80
N GLY C 69 80.48 -30.03 -7.70
CA GLY C 69 81.29 -30.21 -6.52
C GLY C 69 81.72 -28.91 -5.86
N THR C 70 83.03 -28.64 -5.90
CA THR C 70 83.58 -27.43 -5.28
C THR C 70 83.31 -26.20 -6.13
N SER C 71 83.27 -26.33 -7.45
CA SER C 71 83.13 -25.20 -8.35
C SER C 71 81.68 -25.05 -8.82
N ALA C 72 81.40 -23.90 -9.42
CA ALA C 72 80.09 -23.61 -9.99
C ALA C 72 80.29 -22.69 -11.19
N SER C 73 79.29 -22.67 -12.08
CA SER C 73 79.42 -21.90 -13.30
C SER C 73 78.04 -21.40 -13.73
N LEU C 74 78.07 -20.36 -14.56
CA LEU C 74 76.88 -19.80 -15.18
C LEU C 74 77.16 -19.61 -16.66
N ALA C 75 76.14 -19.84 -17.49
CA ALA C 75 76.29 -19.82 -18.94
C ALA C 75 75.42 -18.73 -19.55
N ILE C 76 75.97 -18.03 -20.53
CA ILE C 76 75.26 -17.01 -21.30
C ILE C 76 75.26 -17.45 -22.76
N THR C 77 74.07 -17.47 -23.37
CA THR C 77 73.91 -17.84 -24.77
C THR C 77 73.22 -16.71 -25.51
N GLY C 78 73.77 -16.32 -26.65
CA GLY C 78 73.19 -15.26 -27.44
C GLY C 78 73.31 -13.89 -26.80
N LEU C 79 74.53 -13.36 -26.75
CA LEU C 79 74.78 -12.07 -26.14
C LEU C 79 74.14 -10.94 -26.94
N GLN C 80 73.56 -9.98 -26.22
CA GLN C 80 73.03 -8.76 -26.84
C GLN C 80 73.59 -7.53 -26.13
N ALA C 81 73.07 -6.35 -26.50
CA ALA C 81 73.58 -5.10 -25.95
C ALA C 81 73.12 -4.85 -24.53
N GLU C 82 71.97 -5.38 -24.13
CA GLU C 82 71.42 -5.12 -22.81
C GLU C 82 72.08 -5.94 -21.71
N ASP C 83 72.98 -6.87 -22.06
CA ASP C 83 73.65 -7.70 -21.07
C ASP C 83 74.87 -7.03 -20.45
N GLU C 84 75.17 -5.79 -20.82
CA GLU C 84 76.32 -5.08 -20.28
C GLU C 84 76.06 -4.68 -18.84
N ALA C 85 76.49 -5.52 -17.89
CA ALA C 85 76.25 -5.29 -16.48
C ALA C 85 77.30 -6.04 -15.68
N ASP C 86 77.21 -5.92 -14.35
CA ASP C 86 78.11 -6.61 -13.44
C ASP C 86 77.35 -7.77 -12.79
N TYR C 87 77.94 -8.96 -12.84
CA TYR C 87 77.33 -10.16 -12.32
C TYR C 87 78.01 -10.57 -11.02
N TYR C 88 77.21 -10.82 -10.00
CA TYR C 88 77.70 -11.15 -8.66
C TYR C 88 77.14 -12.50 -8.22
N CYS C 89 78.03 -13.36 -7.72
CA CYS C 89 77.65 -14.66 -7.20
C CYS C 89 77.74 -14.65 -5.67
N GLN C 90 76.93 -15.48 -5.04
CA GLN C 90 76.91 -15.57 -3.59
C GLN C 90 76.45 -16.96 -3.17
N SER C 91 76.78 -17.32 -1.93
CA SER C 91 76.42 -18.61 -1.37
C SER C 91 76.43 -18.48 0.15
N TYR C 92 76.39 -19.62 0.84
CA TYR C 92 76.47 -19.66 2.29
C TYR C 92 77.70 -20.45 2.70
N ASP C 93 78.62 -19.78 3.40
CA ASP C 93 79.81 -20.42 3.94
C ASP C 93 79.48 -20.99 5.32
N SER C 94 80.50 -21.38 6.08
CA SER C 94 80.28 -21.82 7.45
C SER C 94 79.95 -20.64 8.35
N SER C 95 79.74 -20.93 9.63
CA SER C 95 79.25 -19.93 10.57
C SER C 95 80.27 -18.84 10.87
N LEU C 96 81.56 -19.07 10.60
CA LEU C 96 82.56 -18.04 10.84
C LEU C 96 82.48 -16.92 9.80
N SER C 97 81.90 -17.17 8.64
CA SER C 97 81.76 -16.17 7.60
C SER C 97 80.31 -15.87 7.24
N GLY C 98 79.42 -16.85 7.34
CA GLY C 98 78.02 -16.60 6.99
C GLY C 98 77.85 -16.46 5.49
N ARG C 99 77.14 -15.42 5.08
CA ARG C 99 76.91 -15.17 3.66
C ARG C 99 78.15 -14.54 3.03
N VAL C 100 78.63 -15.14 1.96
CA VAL C 100 79.83 -14.69 1.26
C VAL C 100 79.46 -14.40 -0.19
N PHE C 101 79.79 -13.20 -0.65
CA PHE C 101 79.55 -12.79 -2.03
C PHE C 101 80.81 -12.97 -2.86
N GLY C 102 80.63 -12.94 -4.17
CA GLY C 102 81.74 -13.09 -5.10
C GLY C 102 82.48 -11.79 -5.33
N GLY C 103 83.55 -11.89 -6.13
CA GLY C 103 84.36 -10.73 -6.44
C GLY C 103 83.82 -9.84 -7.53
N GLY C 104 82.84 -10.32 -8.30
CA GLY C 104 82.27 -9.52 -9.37
C GLY C 104 83.00 -9.68 -10.69
N THR C 105 82.26 -9.77 -11.79
CA THR C 105 82.83 -9.94 -13.11
C THR C 105 82.06 -9.07 -14.09
N LYS C 106 82.75 -8.11 -14.70
CA LYS C 106 82.13 -7.25 -15.71
C LYS C 106 82.12 -7.98 -17.05
N LEU C 107 80.94 -8.06 -17.66
CA LEU C 107 80.77 -8.74 -18.94
C LEU C 107 80.77 -7.70 -20.06
N THR C 108 81.66 -7.88 -21.03
CA THR C 108 81.84 -6.94 -22.12
C THR C 108 81.26 -7.53 -23.41
N VAL C 109 80.43 -6.75 -24.08
CA VAL C 109 79.81 -7.15 -25.35
C VAL C 109 80.39 -6.26 -26.44
N LEU C 110 81.06 -6.87 -27.40
CA LEU C 110 81.67 -6.12 -28.50
C LEU C 110 80.70 -5.98 -29.66
N GLN D 1 -19.13 -18.26 69.63
CA GLN D 1 -20.47 -18.54 69.14
C GLN D 1 -21.06 -17.34 68.42
N CYS D 2 -22.38 -17.39 68.17
CA CYS D 2 -23.08 -16.35 67.43
C CYS D 2 -24.10 -15.66 68.33
N VAL D 3 -24.11 -14.33 68.28
CA VAL D 3 -25.09 -13.53 69.01
C VAL D 3 -25.59 -12.42 68.08
N ASN D 4 -26.91 -12.23 68.05
CA ASN D 4 -27.49 -11.17 67.25
C ASN D 4 -27.42 -9.83 68.00
N LEU D 5 -27.00 -8.79 67.29
CA LEU D 5 -26.88 -7.48 67.90
C LEU D 5 -28.23 -6.80 67.96
N THR D 6 -28.59 -6.30 69.14
CA THR D 6 -29.86 -5.62 69.37
C THR D 6 -29.60 -4.13 69.58
N THR D 7 -30.69 -3.39 69.79
CA THR D 7 -30.71 -1.95 70.01
C THR D 7 -30.05 -1.17 68.88
N ARG D 8 -30.14 -1.66 67.65
CA ARG D 8 -29.60 -0.97 66.50
C ARG D 8 -30.73 -0.36 65.67
N THR D 9 -30.46 0.82 65.13
CA THR D 9 -31.42 1.55 64.31
C THR D 9 -31.21 1.15 62.85
N GLN D 10 -32.11 0.33 62.32
CA GLN D 10 -32.01 -0.12 60.94
C GLN D 10 -32.53 0.98 60.02
N LEU D 11 -31.65 1.49 59.14
CA LEU D 11 -31.98 2.61 58.28
C LEU D 11 -31.51 2.30 56.86
N PRO D 12 -32.18 2.86 55.85
CA PRO D 12 -31.68 2.72 54.48
C PRO D 12 -30.40 3.53 54.29
N PRO D 13 -29.53 3.10 53.40
CA PRO D 13 -28.27 3.82 53.18
C PRO D 13 -28.48 5.07 52.32
N ALA D 14 -27.38 5.78 52.09
CA ALA D 14 -27.43 7.01 51.31
C ALA D 14 -26.51 6.93 50.11
N TYR D 15 -26.36 8.05 49.39
CA TYR D 15 -25.55 8.10 48.19
C TYR D 15 -24.66 9.33 48.23
N THR D 16 -23.56 9.27 47.49
CA THR D 16 -22.67 10.41 47.31
C THR D 16 -21.95 10.25 45.97
N ASN D 17 -21.11 11.22 45.64
CA ASN D 17 -20.45 11.27 44.35
C ASN D 17 -18.99 10.90 44.47
N SER D 18 -18.53 10.02 43.57
CA SER D 18 -17.13 9.60 43.53
C SER D 18 -16.41 10.47 42.50
N PHE D 19 -15.56 11.38 42.98
CA PHE D 19 -14.89 12.35 42.11
C PHE D 19 -13.58 11.74 41.63
N THR D 20 -13.64 11.08 40.46
CA THR D 20 -12.49 10.51 39.76
C THR D 20 -11.67 9.57 40.65
N ARG D 21 -12.36 8.72 41.40
CA ARG D 21 -11.72 7.75 42.27
C ARG D 21 -11.78 6.36 41.65
N GLY D 22 -11.09 5.42 42.28
CA GLY D 22 -11.09 4.04 41.85
C GLY D 22 -10.17 3.72 40.69
N VAL D 23 -9.42 4.68 40.18
CA VAL D 23 -8.49 4.44 39.09
C VAL D 23 -7.23 3.77 39.64
N TYR D 24 -6.84 2.66 39.04
CA TYR D 24 -5.69 1.89 39.49
C TYR D 24 -4.71 1.67 38.35
N TYR D 25 -3.57 1.07 38.69
CA TYR D 25 -2.60 0.67 37.67
C TYR D 25 -3.13 -0.57 36.97
N PRO D 26 -3.33 -0.52 35.65
CA PRO D 26 -3.98 -1.66 34.97
C PRO D 26 -3.07 -2.85 34.73
N ASP D 27 -1.75 -2.68 34.82
CA ASP D 27 -0.83 -3.78 34.55
C ASP D 27 0.44 -3.57 35.37
N LYS D 28 1.38 -4.50 35.22
CA LYS D 28 2.63 -4.49 35.97
C LYS D 28 3.79 -3.94 35.15
N VAL D 29 3.51 -2.99 34.27
CA VAL D 29 4.52 -2.43 33.37
C VAL D 29 4.71 -0.96 33.73
N PHE D 30 5.87 -0.42 33.38
CA PHE D 30 6.20 0.96 33.69
C PHE D 30 6.09 1.84 32.44
N ARG D 31 5.50 3.02 32.61
CA ARG D 31 5.41 4.02 31.55
C ARG D 31 5.77 5.38 32.13
N SER D 32 6.28 6.25 31.26
CA SER D 32 6.71 7.57 31.69
C SER D 32 6.55 8.57 30.55
N SER D 33 5.88 9.69 30.84
CA SER D 33 5.68 10.80 29.90
C SER D 33 4.95 10.36 28.63
N VAL D 34 4.04 9.39 28.75
CA VAL D 34 3.24 8.91 27.63
C VAL D 34 1.77 8.94 28.02
N LEU D 35 0.91 8.86 27.01
CA LEU D 35 -0.53 8.75 27.20
C LEU D 35 -0.95 7.38 26.66
N HIS D 36 -1.38 6.50 27.56
CA HIS D 36 -1.67 5.11 27.23
C HIS D 36 -3.15 4.83 27.44
N SER D 37 -3.79 4.26 26.43
CA SER D 37 -5.18 3.84 26.53
C SER D 37 -5.26 2.40 27.02
N THR D 38 -6.35 2.08 27.72
CA THR D 38 -6.52 0.75 28.28
C THR D 38 -7.99 0.38 28.26
N GLN D 39 -8.26 -0.92 28.37
CA GLN D 39 -9.61 -1.46 28.39
C GLN D 39 -9.68 -2.49 29.51
N ASP D 40 -10.28 -2.10 30.63
CA ASP D 40 -10.37 -2.96 31.80
C ASP D 40 -11.56 -2.51 32.64
N LEU D 41 -11.84 -3.28 33.69
CA LEU D 41 -12.89 -2.90 34.64
C LEU D 41 -12.45 -1.68 35.43
N PHE D 42 -13.33 -0.67 35.49
CA PHE D 42 -12.97 0.59 36.13
C PHE D 42 -14.23 1.21 36.72
N LEU D 43 -14.00 2.13 37.67
CA LEU D 43 -15.08 2.95 38.20
C LEU D 43 -15.26 4.17 37.31
N PRO D 44 -16.42 4.36 36.70
CA PRO D 44 -16.62 5.54 35.85
C PRO D 44 -16.63 6.82 36.67
N PHE D 45 -16.26 7.92 36.01
CA PHE D 45 -16.16 9.20 36.69
C PHE D 45 -17.54 9.71 37.09
N PHE D 46 -17.61 10.30 38.29
CA PHE D 46 -18.84 10.86 38.87
C PHE D 46 -19.96 9.81 38.93
N SER D 47 -19.62 8.65 39.47
CA SER D 47 -20.57 7.55 39.62
C SER D 47 -21.16 7.55 41.03
N ASN D 48 -22.37 7.00 41.14
CA ASN D 48 -23.01 6.89 42.44
C ASN D 48 -22.35 5.79 43.27
N VAL D 49 -22.01 6.13 44.51
CA VAL D 49 -21.39 5.19 45.43
C VAL D 49 -22.23 5.13 46.70
N THR D 50 -22.55 3.92 47.14
CA THR D 50 -23.43 3.73 48.29
C THR D 50 -22.69 4.10 49.58
N TRP D 51 -23.36 4.88 50.43
CA TRP D 51 -22.76 5.39 51.66
C TRP D 51 -23.23 4.57 52.85
N PHE D 52 -22.30 4.16 53.69
CA PHE D 52 -22.60 3.47 54.94
C PHE D 52 -21.92 4.21 56.09
N HIS D 53 -22.55 4.15 57.27
CA HIS D 53 -22.03 4.81 58.45
C HIS D 53 -22.04 3.85 59.62
N ALA D 54 -21.05 4.01 60.50
CA ALA D 54 -21.01 3.34 61.80
C ALA D 54 -20.74 4.45 62.82
N ILE D 55 -21.80 5.12 63.25
CA ILE D 55 -21.69 6.26 64.16
C ILE D 55 -22.78 6.15 65.21
N HIS D 56 -22.40 6.25 66.48
CA HIS D 56 -23.35 6.31 67.60
C HIS D 56 -23.18 7.67 68.27
N VAL D 57 -24.18 8.55 68.08
CA VAL D 57 -24.09 9.89 68.62
C VAL D 57 -24.51 9.89 70.09
N SER D 58 -24.19 10.98 70.77
CA SER D 58 -24.57 11.15 72.16
C SER D 58 -26.00 11.64 72.28
N GLY D 59 -26.55 11.53 73.48
CA GLY D 59 -27.89 11.96 73.77
C GLY D 59 -28.66 10.90 74.55
N THR D 60 -29.94 11.20 74.78
CA THR D 60 -30.80 10.26 75.50
C THR D 60 -31.15 9.06 74.61
N ASN D 61 -31.78 9.32 73.46
CA ASN D 61 -32.10 8.26 72.51
C ASN D 61 -30.95 8.02 71.54
N GLY D 62 -30.54 9.06 70.81
CA GLY D 62 -29.43 8.93 69.90
C GLY D 62 -29.78 8.12 68.66
N THR D 63 -28.74 7.80 67.90
CA THR D 63 -28.86 7.00 66.69
C THR D 63 -27.73 5.97 66.69
N LYS D 64 -28.06 4.73 67.05
CA LYS D 64 -27.10 3.63 67.02
C LYS D 64 -27.02 3.05 65.61
N ARG D 65 -26.47 3.85 64.71
CA ARG D 65 -26.33 3.44 63.31
C ARG D 65 -25.10 2.56 63.19
N PHE D 66 -25.32 1.24 63.06
CA PHE D 66 -24.24 0.27 62.92
C PHE D 66 -24.60 -0.61 61.73
N ASP D 67 -24.15 -0.21 60.55
CA ASP D 67 -24.53 -0.84 59.29
C ASP D 67 -23.41 -1.75 58.81
N ASN D 68 -23.62 -3.06 58.89
CA ASN D 68 -22.76 -4.04 58.23
C ASN D 68 -23.63 -5.05 57.50
N PRO D 69 -24.30 -4.64 56.41
CA PRO D 69 -25.20 -5.55 55.71
C PRO D 69 -24.51 -6.32 54.59
N VAL D 70 -25.15 -7.41 54.18
CA VAL D 70 -24.67 -8.14 53.03
C VAL D 70 -24.96 -7.34 51.76
N LEU D 71 -24.06 -7.43 50.79
CA LEU D 71 -24.17 -6.67 49.56
C LEU D 71 -23.81 -7.56 48.38
N PRO D 72 -24.40 -7.33 47.22
CA PRO D 72 -24.00 -8.10 46.03
C PRO D 72 -22.58 -7.78 45.61
N PHE D 73 -21.92 -8.78 45.02
CA PHE D 73 -20.55 -8.65 44.53
C PHE D 73 -20.59 -8.82 43.01
N ASN D 74 -20.40 -7.73 42.29
CA ASN D 74 -20.40 -7.76 40.83
C ASN D 74 -19.04 -8.20 40.33
N ASP D 75 -18.78 -8.02 39.03
CA ASP D 75 -17.50 -8.38 38.44
C ASP D 75 -16.35 -7.55 39.03
N GLY D 76 -16.64 -6.32 39.46
CA GLY D 76 -15.63 -5.50 40.10
C GLY D 76 -16.29 -4.53 41.06
N VAL D 77 -15.65 -4.34 42.21
CA VAL D 77 -16.16 -3.43 43.23
C VAL D 77 -15.05 -2.44 43.61
N TYR D 78 -15.47 -1.32 44.19
CA TYR D 78 -14.56 -0.31 44.69
C TYR D 78 -14.92 -0.01 46.14
N PHE D 79 -13.91 0.00 47.01
CA PHE D 79 -14.10 0.27 48.42
C PHE D 79 -13.29 1.49 48.83
N ALA D 80 -13.83 2.25 49.78
CA ALA D 80 -13.14 3.39 50.35
C ALA D 80 -13.63 3.57 51.78
N SER D 81 -12.75 4.06 52.65
CA SER D 81 -13.08 4.18 54.06
C SER D 81 -12.21 5.24 54.70
N THR D 82 -12.82 6.13 55.48
CA THR D 82 -12.12 7.08 56.32
C THR D 82 -12.10 6.55 57.74
N GLU D 83 -10.90 6.30 58.27
CA GLU D 83 -10.75 5.63 59.55
C GLU D 83 -9.93 6.47 60.50
N LYS D 84 -10.27 6.38 61.78
CA LYS D 84 -9.51 7.02 62.85
C LYS D 84 -9.19 6.09 64.01
N SER D 85 -9.88 4.95 64.14
CA SER D 85 -9.64 4.01 65.23
C SER D 85 -9.51 2.58 64.75
N ASN D 86 -9.30 2.37 63.44
CA ASN D 86 -9.19 1.05 62.81
C ASN D 86 -10.42 0.18 63.11
N ILE D 87 -11.61 0.76 62.89
CA ILE D 87 -12.85 0.06 63.14
C ILE D 87 -13.05 -1.06 62.12
N ILE D 88 -12.78 -0.77 60.84
CA ILE D 88 -12.95 -1.78 59.80
C ILE D 88 -11.79 -2.77 59.89
N ARG D 89 -12.14 -4.05 60.08
CA ARG D 89 -11.15 -5.11 60.23
C ARG D 89 -11.07 -5.99 58.99
N GLY D 90 -11.75 -5.62 57.92
CA GLY D 90 -11.70 -6.40 56.69
C GLY D 90 -13.06 -6.72 56.10
N TRP D 91 -13.12 -7.75 55.26
CA TRP D 91 -14.34 -8.12 54.55
C TRP D 91 -14.44 -9.64 54.49
N ILE D 92 -15.59 -10.11 54.01
CA ILE D 92 -15.82 -11.52 53.73
C ILE D 92 -16.40 -11.64 52.34
N PHE D 93 -16.01 -12.69 51.62
CA PHE D 93 -16.45 -12.91 50.25
C PHE D 93 -16.94 -14.34 50.08
N GLY D 94 -17.98 -14.51 49.28
CA GLY D 94 -18.55 -15.82 49.07
C GLY D 94 -19.83 -15.72 48.25
N THR D 95 -20.56 -16.83 48.23
CA THR D 95 -21.80 -16.92 47.47
C THR D 95 -23.02 -17.06 48.37
N THR D 96 -23.03 -18.07 49.25
CA THR D 96 -24.15 -18.31 50.13
C THR D 96 -23.86 -18.04 51.61
N LEU D 97 -22.59 -18.24 52.03
CA LEU D 97 -22.11 -17.92 53.38
C LEU D 97 -22.89 -18.68 54.46
N ASP D 98 -23.18 -19.96 54.21
CA ASP D 98 -23.87 -20.78 55.20
C ASP D 98 -23.27 -22.18 55.30
N SER D 99 -21.96 -22.29 55.08
CA SER D 99 -21.21 -23.55 55.11
C SER D 99 -21.76 -24.57 54.10
N LYS D 100 -22.31 -24.09 53.00
CA LYS D 100 -22.73 -24.95 51.89
C LYS D 100 -21.85 -24.78 50.66
N THR D 101 -21.43 -23.56 50.37
CA THR D 101 -20.37 -23.27 49.41
C THR D 101 -19.22 -22.63 50.15
N GLN D 102 -17.99 -22.94 49.75
CA GLN D 102 -16.82 -22.43 50.45
C GLN D 102 -16.68 -20.92 50.25
N SER D 103 -16.16 -20.27 51.29
CA SER D 103 -16.01 -18.82 51.32
C SER D 103 -14.59 -18.49 51.77
N LEU D 104 -14.30 -17.20 51.88
CA LEU D 104 -12.95 -16.72 52.15
C LEU D 104 -12.99 -15.64 53.22
N LEU D 105 -11.90 -15.51 53.96
CA LEU D 105 -11.79 -14.58 55.08
C LEU D 105 -10.75 -13.52 54.78
N ILE D 106 -11.12 -12.26 54.99
CA ILE D 106 -10.17 -11.15 55.06
C ILE D 106 -10.40 -10.48 56.41
N VAL D 107 -9.63 -10.89 57.42
CA VAL D 107 -9.72 -10.29 58.74
C VAL D 107 -8.32 -9.80 59.14
N ASN D 108 -8.29 -8.79 59.98
CA ASN D 108 -7.05 -8.25 60.56
C ASN D 108 -7.32 -8.06 62.04
N ASN D 109 -7.03 -9.09 62.83
CA ASN D 109 -7.31 -9.07 64.26
C ASN D 109 -6.17 -8.34 64.98
N ALA D 110 -6.12 -8.47 66.31
CA ALA D 110 -5.24 -7.65 67.13
C ALA D 110 -3.75 -7.90 66.88
N THR D 111 -3.38 -9.01 66.25
CA THR D 111 -1.95 -9.22 66.03
C THR D 111 -1.60 -9.47 64.57
N ASN D 112 -2.40 -10.25 63.84
CA ASN D 112 -2.03 -10.70 62.51
C ASN D 112 -3.08 -10.31 61.48
N VAL D 113 -2.71 -10.46 60.21
CA VAL D 113 -3.64 -10.39 59.10
C VAL D 113 -3.87 -11.82 58.64
N VAL D 114 -5.08 -12.33 58.82
CA VAL D 114 -5.40 -13.74 58.61
C VAL D 114 -6.25 -13.86 57.35
N ILE D 115 -5.77 -14.67 56.40
CA ILE D 115 -6.50 -14.95 55.17
C ILE D 115 -6.77 -16.44 55.14
N LYS D 116 -8.05 -16.80 55.23
CA LYS D 116 -8.47 -18.20 55.24
C LYS D 116 -9.59 -18.40 54.23
N VAL D 117 -9.46 -19.45 53.42
CA VAL D 117 -10.50 -19.83 52.47
C VAL D 117 -10.97 -21.22 52.89
N CYS D 118 -12.00 -21.26 53.74
CA CYS D 118 -12.50 -22.51 54.29
C CYS D 118 -14.03 -22.55 54.15
N GLU D 119 -14.62 -23.68 54.52
CA GLU D 119 -16.06 -23.85 54.54
C GLU D 119 -16.59 -23.23 55.83
N PHE D 120 -16.87 -21.93 55.76
CA PHE D 120 -17.20 -21.14 56.94
C PHE D 120 -18.72 -21.09 57.14
N GLN D 121 -19.16 -21.45 58.34
CA GLN D 121 -20.53 -21.20 58.77
C GLN D 121 -20.55 -19.80 59.37
N PHE D 122 -20.74 -18.80 58.51
CA PHE D 122 -20.58 -17.42 58.92
C PHE D 122 -21.72 -16.97 59.82
N CYS D 123 -21.40 -16.06 60.74
CA CYS D 123 -22.39 -15.53 61.65
C CYS D 123 -23.36 -14.60 60.92
N ASN D 124 -24.55 -14.47 61.49
CA ASN D 124 -25.55 -13.57 60.92
C ASN D 124 -25.10 -12.11 61.04
N ASP D 125 -24.53 -11.74 62.18
CA ASP D 125 -23.99 -10.39 62.40
C ASP D 125 -22.59 -10.52 62.97
N PRO D 126 -21.59 -10.76 62.12
CA PRO D 126 -20.21 -10.84 62.62
C PRO D 126 -19.69 -9.48 63.05
N PHE D 127 -18.83 -9.49 64.08
CA PHE D 127 -18.25 -8.27 64.61
C PHE D 127 -16.97 -8.64 65.36
N LEU D 128 -16.18 -7.61 65.67
CA LEU D 128 -14.96 -7.75 66.45
C LEU D 128 -15.11 -6.92 67.72
N GLY D 129 -14.85 -7.53 68.87
CA GLY D 129 -15.06 -6.89 70.16
C GLY D 129 -13.76 -6.35 70.73
N VAL D 130 -13.78 -5.06 71.07
CA VAL D 130 -12.68 -4.38 71.72
C VAL D 130 -13.16 -3.87 73.07
N TYR D 131 -12.41 -4.16 74.12
CA TYR D 131 -12.78 -3.78 75.48
C TYR D 131 -11.84 -2.70 75.99
N TYR D 132 -12.40 -1.75 76.73
CA TYR D 132 -11.64 -0.65 77.33
C TYR D 132 -11.92 -0.66 78.84
N HIS D 133 -10.93 -1.12 79.62
CA HIS D 133 -11.08 -1.19 81.05
C HIS D 133 -10.78 0.17 81.69
N LYS D 134 -11.15 0.30 82.96
CA LYS D 134 -10.88 1.51 83.74
C LYS D 134 -9.83 1.33 84.82
N ASN D 135 -9.57 0.09 85.25
CA ASN D 135 -8.49 -0.17 86.19
C ASN D 135 -7.13 0.14 85.56
N ASN D 136 -6.91 -0.30 84.32
CA ASN D 136 -5.80 0.16 83.52
C ASN D 136 -6.31 0.45 82.12
N LYS D 137 -5.54 1.25 81.37
CA LYS D 137 -6.03 1.92 80.17
C LYS D 137 -5.74 1.14 78.90
N SER D 138 -5.77 -0.19 78.97
CA SER D 138 -5.56 -1.00 77.78
C SER D 138 -6.78 -0.97 76.87
N TRP D 139 -6.56 -1.38 75.63
CA TRP D 139 -7.60 -1.44 74.60
C TRP D 139 -7.53 -2.77 73.86
N MET D 140 -7.46 -3.86 74.62
CA MET D 140 -7.23 -5.17 74.05
C MET D 140 -8.48 -5.69 73.33
N GLU D 141 -8.28 -6.71 72.50
CA GLU D 141 -9.37 -7.38 71.81
C GLU D 141 -9.78 -8.62 72.59
N SER D 142 -11.08 -8.74 72.86
CA SER D 142 -11.59 -9.82 73.69
C SER D 142 -12.62 -10.71 73.01
N GLU D 143 -13.25 -10.26 71.93
CA GLU D 143 -14.32 -11.02 71.28
C GLU D 143 -13.97 -11.24 69.82
N PHE D 144 -14.15 -12.48 69.36
CA PHE D 144 -13.90 -12.86 67.96
C PHE D 144 -15.04 -13.76 67.52
N ARG D 145 -16.07 -13.17 66.90
CA ARG D 145 -17.26 -13.89 66.46
C ARG D 145 -17.48 -13.57 64.98
N VAL D 146 -16.84 -14.33 64.10
CA VAL D 146 -16.96 -14.11 62.67
C VAL D 146 -17.64 -15.31 62.02
N TYR D 147 -17.43 -16.49 62.58
CA TYR D 147 -17.95 -17.71 61.98
C TYR D 147 -18.22 -18.73 63.07
N SER D 148 -18.78 -19.87 62.66
CA SER D 148 -19.12 -20.96 63.58
C SER D 148 -18.27 -22.21 63.38
N SER D 149 -18.16 -22.71 62.15
CA SER D 149 -17.40 -23.92 61.88
C SER D 149 -16.53 -23.73 60.65
N ALA D 150 -15.37 -24.38 60.67
CA ALA D 150 -14.40 -24.36 59.57
C ALA D 150 -13.87 -25.77 59.32
N ASN D 151 -14.79 -26.73 59.21
CA ASN D 151 -14.42 -28.15 59.14
C ASN D 151 -13.69 -28.48 57.85
N ASN D 152 -13.99 -27.80 56.74
CA ASN D 152 -13.32 -28.04 55.47
C ASN D 152 -12.62 -26.76 55.04
N CYS D 153 -11.35 -26.87 54.67
CA CYS D 153 -10.56 -25.71 54.29
C CYS D 153 -9.54 -26.10 53.23
N THR D 154 -9.11 -25.11 52.46
CA THR D 154 -8.13 -25.34 51.40
C THR D 154 -7.01 -24.30 51.34
N PHE D 155 -7.11 -23.17 52.04
CA PHE D 155 -6.09 -22.14 51.98
C PHE D 155 -5.86 -21.57 53.38
N GLU D 156 -4.61 -21.15 53.63
CA GLU D 156 -4.24 -20.59 54.92
C GLU D 156 -3.11 -19.60 54.72
N TYR D 157 -3.23 -18.44 55.35
CA TYR D 157 -2.16 -17.43 55.31
C TYR D 157 -2.28 -16.55 56.54
N VAL D 158 -1.23 -16.52 57.35
CA VAL D 158 -1.17 -15.68 58.55
C VAL D 158 0.04 -14.77 58.43
N SER D 159 -0.17 -13.47 58.61
CA SER D 159 0.89 -12.49 58.54
C SER D 159 1.72 -12.49 59.83
N GLN D 160 2.82 -11.75 59.78
CA GLN D 160 3.68 -11.60 60.95
C GLN D 160 2.94 -10.80 62.03
N PRO D 161 3.03 -11.22 63.30
CA PRO D 161 2.29 -10.52 64.35
C PRO D 161 2.83 -9.13 64.62
N PHE D 162 1.93 -8.16 64.65
CA PHE D 162 2.27 -6.76 64.92
C PHE D 162 1.24 -6.21 65.89
N LEU D 163 1.30 -4.89 66.13
CA LEU D 163 0.42 -4.25 67.10
C LEU D 163 -0.05 -2.91 66.56
N MET D 164 -1.33 -2.63 66.73
CA MET D 164 -1.93 -1.35 66.37
C MET D 164 -2.45 -0.66 67.62
N ASP D 165 -2.84 0.60 67.45
CA ASP D 165 -3.21 1.43 68.60
C ASP D 165 -4.53 0.99 69.22
N LEU D 166 -5.56 0.79 68.37
CA LEU D 166 -6.93 0.51 68.80
C LEU D 166 -7.46 1.56 69.78
N GLU D 167 -7.15 2.81 69.50
CA GLU D 167 -7.50 3.92 70.38
C GLU D 167 -8.64 4.72 69.76
N GLY D 168 -9.65 5.03 70.57
CA GLY D 168 -10.80 5.79 70.13
C GLY D 168 -10.53 7.28 70.08
N LYS D 169 -9.83 7.72 69.03
CA LYS D 169 -9.43 9.11 68.88
C LYS D 169 -10.64 10.03 68.77
N GLN D 170 -10.61 11.13 69.52
CA GLN D 170 -11.69 12.11 69.48
C GLN D 170 -11.64 12.95 68.21
N GLY D 171 -10.47 13.07 67.58
CA GLY D 171 -10.30 13.90 66.42
C GLY D 171 -11.00 13.34 65.19
N ASN D 172 -10.92 14.12 64.11
CA ASN D 172 -11.58 13.76 62.86
C ASN D 172 -10.79 12.66 62.14
N PHE D 173 -11.31 12.24 61.00
CA PHE D 173 -10.67 11.20 60.22
C PHE D 173 -9.38 11.71 59.60
N LYS D 174 -8.32 10.91 59.74
CA LYS D 174 -7.01 11.28 59.21
C LYS D 174 -6.36 10.17 58.39
N ASN D 175 -7.03 9.05 58.19
CA ASN D 175 -6.51 7.94 57.40
C ASN D 175 -7.55 7.54 56.36
N LEU D 176 -7.12 7.41 55.11
CA LEU D 176 -7.99 7.01 54.01
C LEU D 176 -7.49 5.69 53.45
N ARG D 177 -8.22 4.61 53.71
CA ARG D 177 -7.90 3.30 53.19
C ARG D 177 -8.94 2.95 52.13
N GLU D 178 -8.50 2.91 50.87
CA GLU D 178 -9.38 2.62 49.75
C GLU D 178 -8.93 1.32 49.09
N PHE D 179 -9.90 0.55 48.60
CA PHE D 179 -9.62 -0.79 48.11
C PHE D 179 -10.40 -1.05 46.83
N VAL D 180 -9.84 -1.91 45.98
CA VAL D 180 -10.49 -2.38 44.76
C VAL D 180 -10.30 -3.89 44.69
N PHE D 181 -11.39 -4.63 44.50
CA PHE D 181 -11.37 -6.07 44.47
C PHE D 181 -11.83 -6.57 43.11
N LYS D 182 -11.08 -7.50 42.52
CA LYS D 182 -11.41 -8.11 41.24
C LYS D 182 -11.25 -9.61 41.34
N ASN D 183 -11.98 -10.32 40.48
CA ASN D 183 -11.95 -11.79 40.45
C ASN D 183 -11.99 -12.23 39.00
N ILE D 184 -10.80 -12.47 38.42
CA ILE D 184 -10.67 -12.91 37.05
C ILE D 184 -9.86 -14.20 37.04
N ASP D 185 -10.46 -15.26 36.48
CA ASP D 185 -9.83 -16.59 36.36
C ASP D 185 -9.39 -17.14 37.71
N GLY D 186 -10.20 -16.89 38.74
CA GLY D 186 -9.89 -17.36 40.07
C GLY D 186 -8.83 -16.57 40.81
N TYR D 187 -8.42 -15.42 40.28
CA TYR D 187 -7.40 -14.59 40.89
C TYR D 187 -8.07 -13.43 41.60
N PHE D 188 -7.92 -13.36 42.92
CA PHE D 188 -8.48 -12.26 43.70
C PHE D 188 -7.40 -11.21 43.90
N LYS D 189 -7.41 -10.21 43.02
CA LYS D 189 -6.43 -9.15 43.07
C LYS D 189 -6.90 -8.05 44.02
N ILE D 190 -6.04 -7.69 44.97
CA ILE D 190 -6.32 -6.65 45.95
C ILE D 190 -5.54 -5.41 45.57
N TYR D 191 -6.24 -4.30 45.35
CA TYR D 191 -5.64 -3.01 45.02
C TYR D 191 -5.84 -2.10 46.23
N SER D 192 -4.75 -1.48 46.69
CA SER D 192 -4.84 -0.71 47.92
C SER D 192 -3.83 0.43 47.91
N LYS D 193 -4.13 1.44 48.74
CA LYS D 193 -3.23 2.57 48.97
C LYS D 193 -3.65 3.27 50.25
N HIS D 194 -2.70 3.49 51.15
CA HIS D 194 -2.95 4.21 52.39
C HIS D 194 -2.53 5.67 52.21
N THR D 195 -3.47 6.58 52.42
CA THR D 195 -3.24 8.00 52.20
C THR D 195 -3.76 8.80 53.39
N PRO D 196 -2.96 9.69 53.97
CA PRO D 196 -3.48 10.58 55.01
C PRO D 196 -4.45 11.61 54.43
N ILE D 197 -5.41 12.01 55.26
CA ILE D 197 -6.45 12.95 54.85
C ILE D 197 -6.71 13.93 55.98
N ASN D 198 -7.49 14.96 55.68
CA ASN D 198 -7.98 15.91 56.68
C ASN D 198 -9.36 16.37 56.23
N LEU D 199 -10.40 15.69 56.73
CA LEU D 199 -11.77 15.98 56.38
C LEU D 199 -12.64 15.79 57.62
N VAL D 200 -13.95 15.94 57.45
CA VAL D 200 -14.88 15.78 58.57
C VAL D 200 -15.84 14.63 58.31
N ARG D 201 -16.70 14.77 57.29
CA ARG D 201 -17.80 13.83 57.12
C ARG D 201 -18.12 13.53 55.67
N ASP D 202 -17.14 13.57 54.77
CA ASP D 202 -17.44 13.38 53.36
C ASP D 202 -16.24 12.77 52.64
N LEU D 203 -16.52 12.18 51.48
CA LEU D 203 -15.49 11.65 50.62
C LEU D 203 -14.65 12.79 50.06
N PRO D 204 -13.32 12.72 50.12
CA PRO D 204 -12.50 13.84 49.67
C PRO D 204 -12.49 13.98 48.16
N GLN D 205 -12.24 15.21 47.71
CA GLN D 205 -12.14 15.52 46.29
C GLN D 205 -10.67 15.51 45.88
N GLY D 206 -10.34 14.68 44.89
CA GLY D 206 -8.98 14.60 44.42
C GLY D 206 -8.78 13.39 43.53
N PHE D 207 -7.52 13.19 43.16
CA PHE D 207 -7.12 12.11 42.27
C PHE D 207 -6.08 11.24 42.98
N SER D 208 -6.20 9.92 42.81
CA SER D 208 -5.26 8.99 43.42
C SER D 208 -5.17 7.74 42.57
N ALA D 209 -3.94 7.29 42.31
CA ALA D 209 -3.69 6.10 41.52
C ALA D 209 -3.45 4.92 42.46
N LEU D 210 -4.18 3.83 42.25
CA LEU D 210 -4.15 2.69 43.16
C LEU D 210 -3.23 1.59 42.64
N GLU D 211 -2.55 0.93 43.55
CA GLU D 211 -1.59 -0.12 43.25
C GLU D 211 -2.08 -1.46 43.75
N PRO D 212 -1.94 -2.53 42.96
CA PRO D 212 -2.26 -3.87 43.47
C PRO D 212 -1.38 -4.24 44.66
N LEU D 213 -2.01 -4.85 45.67
CA LEU D 213 -1.29 -5.25 46.87
C LEU D 213 -0.79 -6.69 46.78
N VAL D 214 -1.70 -7.64 46.54
CA VAL D 214 -1.37 -9.05 46.50
C VAL D 214 -2.47 -9.77 45.72
N ASP D 215 -2.09 -10.86 45.06
CA ASP D 215 -3.02 -11.66 44.26
C ASP D 215 -3.31 -12.97 44.98
N LEU D 216 -4.59 -13.29 45.12
CA LEU D 216 -5.02 -14.50 45.83
C LEU D 216 -5.60 -15.50 44.84
N PRO D 217 -4.93 -16.62 44.57
CA PRO D 217 -5.55 -17.69 43.78
C PRO D 217 -6.54 -18.49 44.62
N ILE D 218 -7.82 -18.32 44.34
CA ILE D 218 -8.87 -18.94 45.14
C ILE D 218 -9.71 -19.88 44.29
N GLY D 219 -9.85 -19.54 43.00
CA GLY D 219 -10.59 -20.39 42.08
C GLY D 219 -12.07 -20.50 42.35
N ILE D 220 -12.67 -19.53 43.05
CA ILE D 220 -14.08 -19.60 43.40
C ILE D 220 -14.83 -18.48 42.71
N ASN D 221 -16.15 -18.64 42.65
CA ASN D 221 -17.07 -17.73 41.97
C ASN D 221 -17.87 -17.00 43.05
N ILE D 222 -17.60 -15.71 43.22
CA ILE D 222 -18.13 -14.92 44.32
C ILE D 222 -19.30 -14.08 43.81
N THR D 223 -20.41 -14.13 44.55
CA THR D 223 -21.61 -13.37 44.20
C THR D 223 -21.97 -12.30 45.22
N ARG D 224 -21.57 -12.44 46.48
CA ARG D 224 -21.93 -11.49 47.52
C ARG D 224 -20.71 -11.20 48.39
N PHE D 225 -20.80 -10.12 49.18
CA PHE D 225 -19.75 -9.78 50.11
C PHE D 225 -20.33 -8.94 51.25
N GLN D 226 -19.57 -8.87 52.34
CA GLN D 226 -19.97 -8.12 53.52
C GLN D 226 -18.71 -7.59 54.21
N THR D 227 -18.87 -6.50 54.95
CA THR D 227 -17.76 -5.84 55.62
C THR D 227 -17.69 -6.23 57.09
N LEU D 228 -16.50 -6.08 57.67
CA LEU D 228 -16.27 -6.34 59.07
C LEU D 228 -16.09 -5.03 59.83
N LEU D 229 -16.65 -4.97 61.04
CA LEU D 229 -16.60 -3.76 61.85
C LEU D 229 -16.22 -4.13 63.27
N ALA D 230 -15.63 -3.16 63.97
CA ALA D 230 -15.25 -3.34 65.36
C ALA D 230 -16.40 -3.00 66.29
N LEU D 231 -16.22 -3.32 67.57
CA LEU D 231 -17.23 -3.05 68.58
C LEU D 231 -16.53 -2.67 69.88
N HIS D 232 -17.01 -1.61 70.53
CA HIS D 232 -16.41 -1.10 71.76
C HIS D 232 -17.31 -1.43 72.94
N ARG D 233 -16.72 -2.03 73.97
CA ARG D 233 -17.42 -2.35 75.21
C ARG D 233 -16.66 -1.74 76.38
N SER D 234 -17.38 -1.04 77.25
CA SER D 234 -16.78 -0.37 78.39
C SER D 234 -17.83 -0.27 79.50
N TYR D 235 -17.54 0.54 80.52
CA TYR D 235 -18.44 0.71 81.65
C TYR D 235 -19.58 1.68 81.36
N LEU D 236 -19.55 2.37 80.22
CA LEU D 236 -20.65 3.23 79.80
C LEU D 236 -21.71 2.49 79.00
N THR D 237 -21.52 1.20 78.75
CA THR D 237 -22.45 0.40 77.94
C THR D 237 -22.88 -0.82 78.74
N PRO D 238 -23.81 -0.66 79.68
CA PRO D 238 -24.28 -1.81 80.45
C PRO D 238 -25.25 -2.67 79.65
N GLY D 239 -25.39 -3.92 80.10
CA GLY D 239 -26.29 -4.87 79.49
C GLY D 239 -25.57 -6.15 79.16
N ASP D 240 -26.20 -6.95 78.30
CA ASP D 240 -25.64 -8.22 77.88
C ASP D 240 -24.69 -8.00 76.70
N SER D 241 -24.26 -9.09 76.06
CA SER D 241 -23.38 -8.98 74.90
C SER D 241 -24.12 -8.51 73.65
N SER D 242 -25.45 -8.58 73.65
CA SER D 242 -26.24 -8.17 72.51
C SER D 242 -26.64 -6.69 72.53
N SER D 243 -26.55 -6.05 73.69
CA SER D 243 -26.95 -4.65 73.82
C SER D 243 -25.94 -3.77 74.53
N GLY D 244 -25.06 -4.32 75.36
CA GLY D 244 -24.09 -3.52 76.07
C GLY D 244 -22.87 -3.18 75.23
N TRP D 245 -23.05 -2.28 74.25
CA TRP D 245 -21.97 -1.93 73.34
C TRP D 245 -22.20 -0.53 72.79
N THR D 246 -21.13 0.04 72.24
CA THR D 246 -21.19 1.30 71.51
C THR D 246 -20.43 1.14 70.20
N ALA D 247 -20.81 1.95 69.22
CA ALA D 247 -20.27 1.78 67.87
C ALA D 247 -18.87 2.37 67.74
N GLY D 248 -18.73 3.67 67.98
CA GLY D 248 -17.50 4.37 67.67
C GLY D 248 -17.55 4.88 66.25
N ALA D 249 -17.24 6.16 66.05
CA ALA D 249 -17.52 6.84 64.79
C ALA D 249 -16.61 6.32 63.67
N ALA D 250 -17.23 5.83 62.60
CA ALA D 250 -16.51 5.38 61.42
C ALA D 250 -17.47 5.39 60.24
N ALA D 251 -16.88 5.40 59.03
CA ALA D 251 -17.69 5.41 57.82
C ALA D 251 -16.88 4.77 56.69
N TYR D 252 -17.59 4.27 55.69
CA TYR D 252 -16.96 3.65 54.53
C TYR D 252 -17.90 3.74 53.33
N TYR D 253 -17.31 3.58 52.15
CA TYR D 253 -18.03 3.70 50.89
C TYR D 253 -17.89 2.41 50.08
N VAL D 254 -18.99 2.00 49.44
CA VAL D 254 -19.03 0.79 48.63
C VAL D 254 -19.51 1.17 47.23
N GLY D 255 -18.67 0.89 46.23
CA GLY D 255 -19.03 1.19 44.86
C GLY D 255 -18.70 0.00 43.97
N TYR D 256 -19.24 0.06 42.75
CA TYR D 256 -19.07 -1.01 41.76
C TYR D 256 -18.31 -0.49 40.55
N LEU D 257 -17.47 -1.35 39.98
CA LEU D 257 -16.71 -1.01 38.80
C LEU D 257 -17.52 -1.29 37.52
N GLN D 258 -17.18 -0.82 36.38
CA GLN D 258 -17.75 -1.23 35.10
C GLN D 258 -16.67 -1.47 34.06
N PRO D 259 -16.65 -2.41 33.10
CA PRO D 259 -15.74 -2.35 31.95
C PRO D 259 -15.81 -1.00 31.23
N ARG D 260 -14.76 -0.19 31.38
CA ARG D 260 -14.69 1.13 30.78
C ARG D 260 -13.37 1.29 30.04
N THR D 261 -13.36 2.20 29.08
CA THR D 261 -12.15 2.55 28.34
C THR D 261 -11.55 3.80 28.97
N PHE D 262 -10.29 3.71 29.37
CA PHE D 262 -9.61 4.78 30.06
C PHE D 262 -8.35 5.20 29.31
N LEU D 263 -8.08 6.49 29.32
CA LEU D 263 -6.83 7.06 28.83
C LEU D 263 -6.02 7.53 30.03
N LEU D 264 -4.83 6.95 30.21
CA LEU D 264 -4.03 7.18 31.40
C LEU D 264 -2.82 8.05 31.06
N LYS D 265 -2.56 9.03 31.91
CA LYS D 265 -1.45 9.95 31.75
C LYS D 265 -0.36 9.63 32.76
N TYR D 266 0.85 9.40 32.27
CA TYR D 266 2.01 9.15 33.10
C TYR D 266 2.92 10.37 33.08
N ASN D 267 3.43 10.75 34.24
CA ASN D 267 4.32 11.89 34.33
C ASN D 267 5.77 11.45 34.05
N GLU D 268 6.70 12.39 34.21
CA GLU D 268 8.11 12.06 34.02
C GLU D 268 8.63 11.17 35.14
N ASN D 269 8.16 11.38 36.38
CA ASN D 269 8.63 10.59 37.51
C ASN D 269 8.05 9.18 37.50
N GLY D 270 6.97 8.95 36.77
CA GLY D 270 6.42 7.63 36.63
C GLY D 270 5.18 7.32 37.45
N THR D 271 4.32 8.30 37.69
CA THR D 271 3.09 8.11 38.45
C THR D 271 1.91 8.59 37.62
N ILE D 272 0.78 7.91 37.79
CA ILE D 272 -0.45 8.29 37.08
C ILE D 272 -1.02 9.52 37.76
N THR D 273 -1.10 10.62 37.02
CA THR D 273 -1.56 11.89 37.57
C THR D 273 -2.94 12.31 37.08
N ASP D 274 -3.41 11.77 35.95
CA ASP D 274 -4.72 12.12 35.43
C ASP D 274 -5.27 10.96 34.61
N ALA D 275 -6.59 10.95 34.44
CA ALA D 275 -7.26 9.93 33.66
C ALA D 275 -8.45 10.55 32.96
N VAL D 276 -8.85 9.94 31.84
CA VAL D 276 -9.95 10.42 31.02
C VAL D 276 -10.94 9.28 30.83
N ASP D 277 -12.19 9.51 31.20
CA ASP D 277 -13.27 8.56 30.97
C ASP D 277 -13.84 8.81 29.57
N CYS D 278 -13.66 7.84 28.67
CA CYS D 278 -14.04 8.06 27.28
C CYS D 278 -15.54 8.04 27.08
N ALA D 279 -16.28 7.36 27.95
CA ALA D 279 -17.72 7.24 27.82
C ALA D 279 -18.49 8.17 28.74
N LEU D 280 -17.79 9.06 29.45
CA LEU D 280 -18.47 9.95 30.39
C LEU D 280 -19.28 11.02 29.65
N ASP D 281 -18.68 11.67 28.66
CA ASP D 281 -19.32 12.76 27.95
C ASP D 281 -18.66 12.88 26.57
N PRO D 282 -19.34 13.50 25.60
CA PRO D 282 -18.71 13.73 24.29
C PRO D 282 -17.46 14.59 24.33
N LEU D 283 -17.30 15.44 25.35
CA LEU D 283 -16.10 16.27 25.45
C LEU D 283 -14.87 15.41 25.74
N SER D 284 -14.96 14.52 26.72
CA SER D 284 -13.86 13.60 26.98
C SER D 284 -13.77 12.50 25.94
N GLU D 285 -14.85 12.21 25.22
CA GLU D 285 -14.80 11.26 24.12
C GLU D 285 -13.96 11.81 22.98
N THR D 286 -14.03 13.12 22.74
CA THR D 286 -13.14 13.75 21.76
C THR D 286 -11.70 13.71 22.24
N LYS D 287 -11.47 13.83 23.55
CA LYS D 287 -10.13 13.67 24.09
C LYS D 287 -9.63 12.25 23.96
N CYS D 288 -10.54 11.27 24.06
CA CYS D 288 -10.14 9.87 23.98
C CYS D 288 -9.74 9.49 22.56
N THR D 289 -10.50 9.93 21.56
CA THR D 289 -10.18 9.59 20.18
C THR D 289 -9.00 10.40 19.65
N LEU D 290 -8.66 11.52 20.29
CA LEU D 290 -7.49 12.29 19.89
C LEU D 290 -6.23 11.88 20.63
N LYS D 291 -6.35 11.06 21.68
CA LYS D 291 -5.25 10.59 22.51
C LYS D 291 -4.42 11.75 23.08
N SER D 292 -5.11 12.81 23.50
CA SER D 292 -4.46 13.97 24.07
C SER D 292 -5.42 14.66 25.02
N PHE D 293 -4.86 15.46 25.92
CA PHE D 293 -5.64 16.23 26.88
C PHE D 293 -6.08 17.59 26.35
N THR D 294 -5.59 17.99 25.19
CA THR D 294 -5.96 19.27 24.60
C THR D 294 -6.23 19.14 23.11
N VAL D 295 -9.23 19.96 23.99
CA VAL D 295 -9.80 20.03 22.65
C VAL D 295 -9.92 21.47 22.21
N GLU D 296 -9.33 21.80 21.06
CA GLU D 296 -9.39 23.15 20.53
C GLU D 296 -10.72 23.41 19.83
N LYS D 297 -10.92 24.65 19.44
CA LYS D 297 -12.16 25.05 18.78
C LYS D 297 -12.17 24.54 17.34
N GLY D 298 -13.27 23.90 16.95
CA GLY D 298 -13.42 23.43 15.60
C GLY D 298 -14.38 22.24 15.55
N ILE D 299 -14.49 21.68 14.34
CA ILE D 299 -15.31 20.49 14.10
C ILE D 299 -14.43 19.26 14.23
N TYR D 300 -15.02 18.17 14.72
CA TYR D 300 -14.34 16.90 14.89
C TYR D 300 -15.35 15.78 14.65
N GLN D 301 -14.99 14.84 13.78
CA GLN D 301 -15.83 13.67 13.54
C GLN D 301 -15.43 12.58 14.52
N THR D 302 -16.36 12.18 15.39
CA THR D 302 -16.05 11.32 16.52
C THR D 302 -16.45 9.86 16.28
N SER D 303 -17.71 9.61 15.99
CA SER D 303 -18.21 8.23 15.88
C SER D 303 -19.43 8.24 14.98
N ASN D 304 -20.20 7.15 15.01
CA ASN D 304 -21.41 7.01 14.22
C ASN D 304 -22.53 6.48 15.08
N PHE D 305 -23.76 6.86 14.73
CA PHE D 305 -24.96 6.40 15.42
C PHE D 305 -25.74 5.46 14.51
N ARG D 306 -26.62 4.67 15.15
CA ARG D 306 -27.40 3.67 14.44
C ARG D 306 -28.62 3.32 15.29
N VAL D 307 -29.71 3.00 14.60
CA VAL D 307 -30.93 2.57 15.30
C VAL D 307 -30.74 1.12 15.72
N GLN D 308 -30.76 0.87 17.03
CA GLN D 308 -30.68 -0.49 17.53
C GLN D 308 -31.98 -1.22 17.23
N PRO D 309 -31.92 -2.49 16.84
CA PRO D 309 -33.15 -3.24 16.56
C PRO D 309 -33.97 -3.47 17.82
N THR D 310 -35.29 -3.36 17.68
CA THR D 310 -36.17 -3.50 18.83
C THR D 310 -36.30 -4.95 19.28
N GLU D 311 -36.42 -5.86 18.33
CA GLU D 311 -36.59 -7.28 18.64
C GLU D 311 -35.97 -8.09 17.50
N SER D 312 -36.29 -9.39 17.45
CA SER D 312 -35.86 -10.26 16.38
C SER D 312 -37.04 -11.12 15.93
N ILE D 313 -37.14 -11.32 14.61
CA ILE D 313 -38.19 -12.14 14.03
C ILE D 313 -37.56 -13.23 13.18
N VAL D 314 -38.07 -14.45 13.33
CA VAL D 314 -37.54 -15.62 12.64
C VAL D 314 -38.63 -16.17 11.74
N ARG D 315 -38.31 -16.34 10.45
CA ARG D 315 -39.25 -16.84 9.47
C ARG D 315 -38.79 -18.20 8.97
N PHE D 316 -39.59 -19.22 9.21
CA PHE D 316 -39.31 -20.58 8.78
C PHE D 316 -40.54 -21.15 8.07
N PRO D 317 -40.33 -22.04 7.10
CA PRO D 317 -41.47 -22.63 6.38
C PRO D 317 -42.32 -23.52 7.27
N ASN D 318 -43.60 -23.61 6.91
CA ASN D 318 -44.55 -24.46 7.63
C ASN D 318 -44.25 -25.92 7.32
N ILE D 319 -43.62 -26.61 8.27
CA ILE D 319 -43.21 -27.99 8.08
C ILE D 319 -43.12 -28.65 9.44
N THR D 320 -43.56 -29.92 9.52
CA THR D 320 -43.62 -30.60 10.80
C THR D 320 -43.03 -32.01 10.78
N ASN D 321 -43.02 -32.64 9.61
CA ASN D 321 -42.59 -34.03 9.52
C ASN D 321 -41.07 -34.15 9.63
N LEU D 322 -40.63 -35.28 10.17
CA LEU D 322 -39.22 -35.49 10.50
C LEU D 322 -38.54 -36.32 9.41
N CYS D 323 -37.24 -36.06 9.22
CA CYS D 323 -36.46 -36.79 8.23
C CYS D 323 -36.12 -38.19 8.75
N PRO D 324 -36.27 -39.22 7.91
CA PRO D 324 -35.94 -40.60 8.33
C PRO D 324 -34.43 -40.87 8.36
N PHE D 325 -33.77 -40.32 9.39
CA PHE D 325 -32.34 -40.56 9.56
C PHE D 325 -32.06 -42.01 9.96
N GLY D 326 -32.93 -42.61 10.76
CA GLY D 326 -32.76 -44.00 11.15
C GLY D 326 -32.99 -44.99 10.03
N GLU D 327 -33.62 -44.57 8.93
CA GLU D 327 -33.77 -45.44 7.78
C GLU D 327 -32.41 -45.75 7.14
N VAL D 328 -31.53 -44.75 7.08
CA VAL D 328 -30.23 -44.92 6.45
C VAL D 328 -29.12 -45.16 7.47
N PHE D 329 -29.35 -44.79 8.73
CA PHE D 329 -28.35 -45.03 9.76
C PHE D 329 -28.50 -46.40 10.42
N ASN D 330 -29.68 -46.99 10.35
CA ASN D 330 -29.95 -48.32 10.91
C ASN D 330 -30.52 -49.25 9.85
N ALA D 331 -29.99 -49.16 8.63
CA ALA D 331 -30.46 -50.00 7.55
C ALA D 331 -29.96 -51.43 7.73
N THR D 332 -30.71 -52.36 7.13
CA THR D 332 -30.37 -53.79 7.26
C THR D 332 -29.10 -54.13 6.49
N ARG D 333 -28.98 -53.62 5.25
CA ARG D 333 -27.81 -53.92 4.42
C ARG D 333 -27.38 -52.64 3.72
N PHE D 334 -26.08 -52.54 3.47
CA PHE D 334 -25.47 -51.39 2.82
C PHE D 334 -24.88 -51.79 1.48
N ALA D 335 -25.04 -50.92 0.48
CA ALA D 335 -24.52 -51.18 -0.85
C ALA D 335 -23.00 -51.07 -0.87
N SER D 336 -22.40 -51.64 -1.91
CA SER D 336 -20.96 -51.63 -2.06
C SER D 336 -20.47 -50.25 -2.51
N VAL D 337 -19.15 -50.08 -2.51
CA VAL D 337 -18.56 -48.79 -2.86
C VAL D 337 -18.73 -48.52 -4.35
N TYR D 338 -18.49 -49.53 -5.20
CA TYR D 338 -18.62 -49.33 -6.64
C TYR D 338 -20.07 -49.18 -7.08
N ALA D 339 -21.03 -49.56 -6.24
CA ALA D 339 -22.46 -49.44 -6.51
C ALA D 339 -23.15 -48.71 -5.38
N TRP D 340 -22.58 -47.56 -5.00
CA TRP D 340 -23.06 -46.82 -3.83
C TRP D 340 -24.47 -46.29 -4.04
N ASN D 341 -25.28 -46.41 -2.99
CA ASN D 341 -26.68 -45.99 -3.05
C ASN D 341 -26.80 -44.49 -2.86
N ARG D 342 -27.77 -43.90 -3.57
CA ARG D 342 -28.08 -42.48 -3.47
C ARG D 342 -29.55 -42.34 -3.09
N LYS D 343 -29.82 -41.68 -1.96
CA LYS D 343 -31.18 -41.51 -1.47
C LYS D 343 -31.46 -40.03 -1.24
N ARG D 344 -32.70 -39.64 -1.55
CA ARG D 344 -33.11 -38.23 -1.51
C ARG D 344 -33.75 -37.91 -0.16
N ILE D 345 -33.28 -36.85 0.47
CA ILE D 345 -33.86 -36.34 1.71
C ILE D 345 -34.42 -34.95 1.40
N SER D 346 -35.74 -34.82 1.46
CA SER D 346 -36.39 -33.56 1.14
C SER D 346 -37.73 -33.47 1.85
N ASN D 347 -38.18 -32.23 2.07
CA ASN D 347 -39.48 -31.91 2.65
C ASN D 347 -39.68 -32.56 4.02
N CYS D 348 -38.74 -32.28 4.91
CA CYS D 348 -38.82 -32.79 6.27
C CYS D 348 -38.04 -31.85 7.20
N VAL D 349 -38.32 -31.97 8.49
CA VAL D 349 -37.59 -31.22 9.50
C VAL D 349 -36.40 -32.06 9.95
N ALA D 350 -35.21 -31.47 9.89
CA ALA D 350 -34.01 -32.17 10.32
C ALA D 350 -33.68 -31.81 11.76
N ASP D 351 -32.91 -32.69 12.41
CA ASP D 351 -32.42 -32.44 13.76
C ASP D 351 -31.06 -33.13 13.88
N TYR D 352 -30.00 -32.36 13.66
CA TYR D 352 -28.65 -32.90 13.65
C TYR D 352 -28.04 -33.03 15.03
N SER D 353 -28.69 -32.50 16.06
CA SER D 353 -28.12 -32.56 17.41
C SER D 353 -28.15 -33.96 17.99
N VAL D 354 -28.99 -34.85 17.44
CA VAL D 354 -29.11 -36.20 17.96
C VAL D 354 -28.18 -37.14 17.20
N LEU D 355 -27.32 -36.58 16.35
CA LEU D 355 -26.35 -37.37 15.61
C LEU D 355 -24.95 -37.28 16.19
N TYR D 356 -24.40 -36.06 16.30
CA TYR D 356 -23.02 -35.94 16.77
C TYR D 356 -22.87 -36.15 18.27
N ASN D 357 -23.97 -36.12 19.03
CA ASN D 357 -23.88 -36.38 20.47
C ASN D 357 -23.64 -37.85 20.77
N SER D 358 -24.01 -38.75 19.86
CA SER D 358 -23.79 -40.17 20.07
C SER D 358 -22.32 -40.51 19.93
N ALA D 359 -21.81 -41.31 20.85
CA ALA D 359 -20.41 -41.73 20.84
C ALA D 359 -20.14 -42.93 19.94
N SER D 360 -21.18 -43.47 19.31
CA SER D 360 -20.99 -44.62 18.41
C SER D 360 -20.21 -44.22 17.16
N PHE D 361 -20.48 -43.03 16.63
CA PHE D 361 -19.83 -42.58 15.41
C PHE D 361 -18.39 -42.17 15.72
N SER D 362 -17.43 -42.79 15.02
CA SER D 362 -16.02 -42.50 15.25
C SER D 362 -15.55 -41.24 14.54
N THR D 363 -16.33 -40.70 13.62
CA THR D 363 -15.93 -39.51 12.87
C THR D 363 -17.16 -38.71 12.50
N PHE D 364 -17.18 -37.44 12.92
CA PHE D 364 -18.25 -36.50 12.57
C PHE D 364 -17.63 -35.19 12.09
N LYS D 365 -16.66 -35.29 11.18
CA LYS D 365 -15.91 -34.11 10.77
C LYS D 365 -16.60 -33.54 9.52
N CYS D 366 -16.77 -32.23 9.48
CA CYS D 366 -17.49 -31.56 8.41
C CYS D 366 -16.59 -30.57 7.69
N TYR D 367 -17.00 -30.19 6.48
CA TYR D 367 -16.21 -29.33 5.61
C TYR D 367 -16.71 -27.89 5.59
N GLY D 368 -17.97 -27.66 5.23
CA GLY D 368 -18.44 -26.32 4.96
C GLY D 368 -19.30 -25.70 6.03
N VAL D 369 -20.03 -26.52 6.79
CA VAL D 369 -20.90 -26.05 7.86
C VAL D 369 -20.47 -26.71 9.15
N SER D 370 -20.33 -25.92 10.21
CA SER D 370 -19.99 -26.46 11.51
C SER D 370 -21.12 -27.35 12.03
N PRO D 371 -20.81 -28.44 12.73
CA PRO D 371 -21.88 -29.30 13.27
C PRO D 371 -22.78 -28.59 14.27
N THR D 372 -22.25 -27.66 15.05
CA THR D 372 -23.07 -26.94 16.02
C THR D 372 -23.99 -25.92 15.37
N LYS D 373 -23.69 -25.51 14.13
CA LYS D 373 -24.50 -24.54 13.41
C LYS D 373 -25.49 -25.20 12.45
N LEU D 374 -25.58 -26.53 12.46
CA LEU D 374 -26.42 -27.23 11.50
C LEU D 374 -27.91 -27.05 11.81
N ASN D 375 -28.27 -26.94 13.09
CA ASN D 375 -29.67 -26.92 13.48
C ASN D 375 -30.35 -25.57 13.23
N ASP D 376 -29.59 -24.52 12.95
CA ASP D 376 -30.14 -23.17 12.80
C ASP D 376 -30.24 -22.74 11.35
N LEU D 377 -29.96 -23.62 10.39
CA LEU D 377 -29.93 -23.27 8.98
C LEU D 377 -30.91 -24.12 8.20
N CYS D 378 -31.63 -23.48 7.27
CA CYS D 378 -32.44 -24.19 6.30
C CYS D 378 -31.55 -24.67 5.16
N PHE D 379 -31.94 -25.80 4.57
CA PHE D 379 -31.06 -26.49 3.64
C PHE D 379 -31.83 -26.88 2.39
N THR D 380 -31.11 -27.04 1.28
CA THR D 380 -31.68 -27.42 0.00
C THR D 380 -30.95 -28.63 -0.55
N ASN D 381 -31.72 -29.64 -0.98
CA ASN D 381 -31.24 -30.79 -1.76
C ASN D 381 -30.15 -31.56 -1.02
N VAL D 382 -30.56 -32.17 0.09
CA VAL D 382 -29.67 -32.98 0.92
C VAL D 382 -29.69 -34.41 0.40
N TYR D 383 -28.50 -34.97 0.15
CA TYR D 383 -28.35 -36.33 -0.36
C TYR D 383 -27.39 -37.11 0.52
N ALA D 384 -27.63 -38.42 0.62
CA ALA D 384 -26.83 -39.31 1.45
C ALA D 384 -26.34 -40.49 0.62
N ASP D 385 -25.04 -40.75 0.69
CA ASP D 385 -24.41 -41.91 0.06
C ASP D 385 -23.92 -42.87 1.13
N SER D 386 -24.06 -44.17 0.87
CA SER D 386 -23.76 -45.19 1.87
C SER D 386 -22.92 -46.30 1.26
N PHE D 387 -21.89 -46.72 1.99
CA PHE D 387 -21.02 -47.81 1.58
C PHE D 387 -20.28 -48.37 2.79
N VAL D 388 -19.71 -49.55 2.62
CA VAL D 388 -18.87 -50.20 3.64
C VAL D 388 -17.44 -50.21 3.12
N ILE D 389 -16.49 -49.80 3.97
CA ILE D 389 -15.14 -49.47 3.55
C ILE D 389 -14.14 -50.39 4.25
N ARG D 390 -12.93 -50.44 3.67
CA ARG D 390 -11.77 -50.99 4.34
C ARG D 390 -11.33 -50.02 5.44
N GLY D 391 -10.81 -50.59 6.54
CA GLY D 391 -10.52 -49.80 7.73
C GLY D 391 -9.48 -48.73 7.53
N ASP D 392 -8.53 -48.95 6.63
CA ASP D 392 -7.47 -47.99 6.35
C ASP D 392 -7.84 -46.99 5.27
N GLU D 393 -9.08 -47.01 4.78
CA GLU D 393 -9.50 -46.15 3.69
C GLU D 393 -10.02 -44.80 4.21
N VAL D 394 -10.16 -44.66 5.53
CA VAL D 394 -10.76 -43.47 6.15
C VAL D 394 -10.03 -42.17 5.79
N ARG D 395 -8.75 -42.24 5.42
CA ARG D 395 -8.06 -41.06 4.90
C ARG D 395 -8.54 -40.73 3.49
N GLN D 396 -8.86 -41.75 2.68
CA GLN D 396 -9.16 -41.54 1.27
C GLN D 396 -10.48 -40.84 1.03
N ILE D 397 -11.42 -40.89 1.98
CA ILE D 397 -12.71 -40.26 1.76
C ILE D 397 -12.57 -38.78 2.16
N ALA D 398 -12.05 -37.99 1.21
CA ALA D 398 -11.73 -36.58 1.35
C ALA D 398 -11.34 -36.01 -0.01
N PRO D 399 -11.61 -34.73 -0.27
CA PRO D 399 -11.14 -34.12 -1.52
C PRO D 399 -9.62 -34.01 -1.54
N GLY D 400 -9.02 -34.34 -2.69
CA GLY D 400 -7.60 -34.23 -2.89
C GLY D 400 -6.82 -35.48 -2.53
N GLN D 401 -7.41 -36.41 -1.79
CA GLN D 401 -6.72 -37.63 -1.43
C GLN D 401 -6.77 -38.64 -2.56
N THR D 402 -5.78 -39.53 -2.58
CA THR D 402 -5.63 -40.52 -3.63
C THR D 402 -5.47 -41.91 -3.01
N GLY D 403 -5.77 -42.93 -3.80
CA GLY D 403 -5.64 -44.30 -3.33
C GLY D 403 -6.34 -45.26 -4.27
N LYS D 404 -6.96 -46.28 -3.67
CA LYS D 404 -7.74 -47.25 -4.46
C LYS D 404 -9.16 -46.76 -4.65
N ILE D 405 -9.87 -46.51 -3.54
CA ILE D 405 -11.24 -46.01 -3.61
C ILE D 405 -11.27 -44.60 -4.16
N ALA D 406 -10.32 -43.76 -3.73
CA ALA D 406 -10.30 -42.36 -4.14
C ALA D 406 -10.01 -42.15 -5.62
N ASP D 407 -9.47 -43.17 -6.30
CA ASP D 407 -9.17 -43.07 -7.72
C ASP D 407 -10.05 -43.94 -8.60
N TYR D 408 -10.49 -45.10 -8.11
CA TYR D 408 -11.21 -46.06 -8.94
C TYR D 408 -12.66 -46.27 -8.56
N ASN D 409 -13.08 -45.83 -7.38
CA ASN D 409 -14.44 -46.09 -6.91
C ASN D 409 -15.24 -44.84 -6.58
N TYR D 410 -14.62 -43.85 -5.93
CA TYR D 410 -15.34 -42.68 -5.49
C TYR D 410 -14.42 -41.47 -5.51
N LYS D 411 -15.03 -40.29 -5.54
CA LYS D 411 -14.27 -39.04 -5.57
C LYS D 411 -15.16 -37.91 -5.08
N LEU D 412 -14.61 -37.03 -4.22
CA LEU D 412 -15.30 -35.84 -3.76
C LEU D 412 -14.82 -34.61 -4.54
N PRO D 413 -15.69 -33.63 -4.77
CA PRO D 413 -15.27 -32.40 -5.44
C PRO D 413 -14.32 -31.59 -4.57
N ASP D 414 -13.54 -30.72 -5.23
CA ASP D 414 -12.56 -29.90 -4.53
C ASP D 414 -13.23 -28.87 -3.62
N ASP D 415 -14.47 -28.49 -3.92
CA ASP D 415 -15.25 -27.54 -3.13
C ASP D 415 -16.39 -28.21 -2.34
N PHE D 416 -16.21 -29.49 -2.04
CA PHE D 416 -17.26 -30.31 -1.44
C PHE D 416 -17.63 -29.83 -0.05
N THR D 417 -18.90 -29.47 0.13
CA THR D 417 -19.47 -29.09 1.41
C THR D 417 -20.27 -30.27 1.94
N GLY D 418 -19.80 -30.88 3.01
CA GLY D 418 -20.47 -32.05 3.54
C GLY D 418 -19.84 -32.52 4.83
N CYS D 419 -20.31 -33.67 5.30
CA CYS D 419 -19.81 -34.29 6.51
C CYS D 419 -19.58 -35.78 6.25
N VAL D 420 -18.58 -36.34 6.92
CA VAL D 420 -18.28 -37.76 6.84
C VAL D 420 -18.62 -38.41 8.18
N ILE D 421 -19.47 -39.44 8.12
CA ILE D 421 -19.90 -40.17 9.31
C ILE D 421 -19.45 -41.61 9.19
N ALA D 422 -18.72 -42.09 10.21
CA ALA D 422 -18.21 -43.44 10.19
C ALA D 422 -18.32 -44.06 11.58
N TRP D 423 -18.75 -45.31 11.64
CA TRP D 423 -18.80 -46.05 12.88
C TRP D 423 -18.55 -47.53 12.59
N ASN D 424 -17.95 -48.21 13.55
CA ASN D 424 -17.53 -49.59 13.36
C ASN D 424 -18.73 -50.52 13.25
N SER D 425 -18.65 -51.47 12.31
CA SER D 425 -19.72 -52.42 12.04
C SER D 425 -19.18 -53.85 12.08
N ASN D 426 -18.41 -54.15 13.12
CA ASN D 426 -17.90 -55.52 13.29
C ASN D 426 -19.02 -56.48 13.68
N ASN D 427 -20.03 -55.99 14.41
CA ASN D 427 -21.15 -56.83 14.83
C ASN D 427 -22.13 -57.14 13.70
N LEU D 428 -21.98 -56.50 12.54
CA LEU D 428 -22.90 -56.70 11.43
C LEU D 428 -22.25 -57.32 10.20
N ASP D 429 -20.94 -57.20 10.04
CA ASP D 429 -20.24 -57.66 8.85
C ASP D 429 -19.11 -58.63 9.19
N SER D 430 -19.38 -59.57 10.11
CA SER D 430 -18.42 -60.59 10.47
C SER D 430 -19.07 -61.96 10.34
N LYS D 431 -18.42 -62.86 9.60
CA LYS D 431 -18.93 -64.21 9.40
C LYS D 431 -17.80 -65.23 9.46
N GLY D 434 -16.86 -65.74 5.82
CA GLY D 434 -16.57 -64.33 5.63
C GLY D 434 -17.60 -63.62 4.77
N ASN D 435 -17.67 -62.29 4.93
CA ASN D 435 -18.60 -61.47 4.16
C ASN D 435 -17.94 -61.08 2.85
N TYR D 436 -18.16 -61.88 1.82
CA TYR D 436 -17.59 -61.66 0.51
C TYR D 436 -18.53 -60.91 -0.43
N ASN D 437 -19.66 -60.42 0.06
CA ASN D 437 -20.63 -59.74 -0.79
C ASN D 437 -20.23 -58.31 -1.13
N TYR D 438 -19.30 -57.72 -0.39
CA TYR D 438 -18.89 -56.34 -0.65
C TYR D 438 -17.80 -56.32 -1.71
N LEU D 439 -17.94 -55.45 -2.70
CA LEU D 439 -17.03 -55.40 -3.83
C LEU D 439 -16.61 -53.96 -4.10
N TYR D 440 -15.45 -53.82 -4.75
CA TYR D 440 -14.93 -52.51 -5.11
C TYR D 440 -14.03 -52.65 -6.34
N ARG D 441 -13.80 -51.51 -7.00
CA ARG D 441 -13.05 -51.49 -8.25
C ARG D 441 -11.57 -51.27 -8.00
N LEU D 442 -10.74 -51.92 -8.82
CA LEU D 442 -9.29 -51.82 -8.72
C LEU D 442 -8.63 -51.34 -10.00
N PHE D 443 -9.14 -51.78 -11.16
CA PHE D 443 -8.50 -51.51 -12.44
C PHE D 443 -9.44 -50.71 -13.32
N ARG D 444 -8.94 -49.59 -13.85
CA ARG D 444 -9.68 -48.77 -14.79
C ARG D 444 -8.69 -48.02 -15.66
N LYS D 445 -9.12 -47.71 -16.89
CA LYS D 445 -8.24 -47.08 -17.87
C LYS D 445 -8.11 -45.58 -17.68
N SER D 446 -8.90 -44.96 -16.82
CA SER D 446 -8.87 -43.52 -16.67
C SER D 446 -9.26 -43.12 -15.24
N ASN D 447 -8.85 -41.91 -14.86
CA ASN D 447 -9.20 -41.37 -13.57
C ASN D 447 -10.67 -40.98 -13.55
N LEU D 448 -11.31 -41.15 -12.40
CA LEU D 448 -12.72 -40.82 -12.23
C LEU D 448 -12.90 -39.32 -12.04
N LYS D 449 -14.16 -38.90 -12.01
CA LYS D 449 -14.58 -37.54 -11.71
C LYS D 449 -15.60 -37.60 -10.58
N PRO D 450 -15.69 -36.55 -9.75
CA PRO D 450 -16.51 -36.64 -8.54
C PRO D 450 -18.00 -36.82 -8.81
N PHE D 451 -18.66 -37.53 -7.90
CA PHE D 451 -20.10 -37.79 -7.92
C PHE D 451 -20.54 -38.53 -9.19
N GLU D 452 -20.04 -39.75 -9.35
CA GLU D 452 -20.51 -40.65 -10.38
C GLU D 452 -20.40 -42.09 -9.85
N ARG D 453 -20.86 -43.04 -10.68
CA ARG D 453 -20.80 -44.45 -10.34
C ARG D 453 -20.31 -45.24 -11.54
N ASP D 454 -19.71 -46.39 -11.27
CA ASP D 454 -19.18 -47.27 -12.31
C ASP D 454 -19.74 -48.67 -12.08
N ILE D 455 -20.76 -49.03 -12.87
CA ILE D 455 -21.40 -50.35 -12.76
C ILE D 455 -20.92 -51.31 -13.84
N SER D 456 -20.04 -50.86 -14.74
CA SER D 456 -19.58 -51.67 -15.87
C SER D 456 -18.77 -52.87 -15.43
N THR D 457 -19.30 -54.07 -15.66
CA THR D 457 -18.61 -55.32 -15.32
C THR D 457 -17.91 -55.86 -16.58
N GLU D 458 -16.81 -55.20 -16.94
CA GLU D 458 -16.03 -55.56 -18.10
C GLU D 458 -14.64 -56.01 -17.67
N ILE D 459 -14.05 -56.93 -18.43
CA ILE D 459 -12.73 -57.45 -18.09
C ILE D 459 -11.67 -56.49 -18.59
N TYR D 460 -10.80 -56.05 -17.69
CA TYR D 460 -9.70 -55.16 -18.01
C TYR D 460 -8.46 -55.96 -18.35
N GLN D 461 -7.73 -55.49 -19.35
CA GLN D 461 -6.48 -56.12 -19.78
C GLN D 461 -5.31 -55.20 -19.44
N ALA D 462 -4.31 -55.75 -18.76
CA ALA D 462 -3.09 -54.99 -18.43
C ALA D 462 -2.02 -55.15 -19.52
N GLY D 463 -2.41 -54.88 -20.76
CA GLY D 463 -1.49 -55.00 -21.88
C GLY D 463 -2.20 -54.64 -23.17
N SER D 464 -1.42 -54.68 -24.24
CA SER D 464 -1.94 -54.36 -25.58
C SER D 464 -2.40 -55.61 -26.32
N THR D 465 -3.26 -56.39 -25.67
CA THR D 465 -3.84 -57.60 -26.24
C THR D 465 -5.34 -57.62 -26.01
N PRO D 466 -6.11 -58.19 -26.93
CA PRO D 466 -7.55 -58.33 -26.71
C PRO D 466 -7.86 -59.38 -25.66
N CYS D 467 -9.02 -59.22 -25.02
CA CYS D 467 -9.49 -60.17 -24.01
C CYS D 467 -11.02 -60.12 -24.03
N ASN D 468 -11.64 -61.18 -24.55
CA ASN D 468 -13.08 -61.22 -24.74
C ASN D 468 -13.67 -62.39 -23.98
N GLY D 469 -14.71 -62.11 -23.19
CA GLY D 469 -15.48 -63.16 -22.55
C GLY D 469 -14.88 -63.76 -21.30
N VAL D 470 -13.70 -64.37 -21.43
CA VAL D 470 -13.12 -65.13 -20.33
C VAL D 470 -11.81 -64.49 -19.89
N GLU D 471 -11.18 -65.08 -18.88
CA GLU D 471 -9.93 -64.57 -18.32
C GLU D 471 -8.75 -65.05 -19.17
N GLY D 472 -7.55 -64.83 -18.67
CA GLY D 472 -6.35 -65.22 -19.41
C GLY D 472 -5.14 -64.51 -18.84
N PHE D 473 -4.12 -64.37 -19.69
CA PHE D 473 -2.91 -63.66 -19.29
C PHE D 473 -3.22 -62.17 -19.21
N ASN D 474 -2.97 -61.58 -18.02
CA ASN D 474 -3.21 -60.18 -17.70
C ASN D 474 -4.68 -59.77 -17.90
N CYS D 475 -5.61 -60.72 -17.81
CA CYS D 475 -7.03 -60.43 -17.83
C CYS D 475 -7.56 -60.48 -16.41
N TYR D 476 -8.13 -59.37 -15.95
CA TYR D 476 -8.51 -59.21 -14.55
C TYR D 476 -9.98 -58.87 -14.45
N PHE D 477 -10.69 -59.58 -13.57
CA PHE D 477 -12.04 -59.19 -13.21
C PHE D 477 -11.99 -57.87 -12.45
N PRO D 478 -12.89 -56.92 -12.75
CA PRO D 478 -12.78 -55.58 -12.15
C PRO D 478 -13.11 -55.52 -10.66
N LEU D 479 -13.67 -56.58 -10.08
CA LEU D 479 -14.11 -56.57 -8.70
C LEU D 479 -13.47 -57.73 -7.94
N GLN D 480 -12.84 -57.41 -6.80
CA GLN D 480 -12.44 -58.42 -5.83
C GLN D 480 -12.93 -57.98 -4.47
N SER D 481 -13.30 -58.96 -3.65
CA SER D 481 -14.02 -58.70 -2.42
C SER D 481 -13.09 -58.64 -1.22
N TYR D 482 -13.38 -57.71 -0.31
CA TYR D 482 -12.64 -57.62 0.95
C TYR D 482 -12.92 -58.87 1.79
N GLY D 483 -11.87 -59.47 2.32
CA GLY D 483 -12.02 -60.66 3.14
C GLY D 483 -12.34 -60.34 4.59
N PHE D 484 -13.55 -59.85 4.84
CA PHE D 484 -13.94 -59.44 6.18
C PHE D 484 -14.16 -60.67 7.06
N GLN D 485 -13.55 -60.67 8.23
CA GLN D 485 -13.60 -61.75 9.19
C GLN D 485 -13.83 -61.18 10.57
N PRO D 486 -14.37 -61.98 11.50
CA PRO D 486 -14.47 -61.50 12.90
C PRO D 486 -13.13 -61.20 13.54
N THR D 487 -12.07 -61.92 13.17
CA THR D 487 -10.74 -61.70 13.71
C THR D 487 -9.86 -61.06 12.63
N ASN D 488 -9.55 -59.79 12.81
CA ASN D 488 -8.67 -59.07 11.90
C ASN D 488 -7.72 -58.19 12.70
N GLY D 489 -6.66 -57.74 12.03
CA GLY D 489 -5.77 -56.76 12.63
C GLY D 489 -6.39 -55.38 12.64
N VAL D 490 -5.76 -54.47 13.39
CA VAL D 490 -6.24 -53.10 13.52
C VAL D 490 -5.94 -52.38 12.21
N GLY D 491 -7.00 -51.99 11.49
CA GLY D 491 -6.85 -51.36 10.19
C GLY D 491 -7.50 -52.19 9.10
N TYR D 492 -7.97 -53.39 9.47
CA TYR D 492 -8.63 -54.29 8.54
C TYR D 492 -10.12 -54.43 8.80
N GLN D 493 -10.60 -54.01 9.97
CA GLN D 493 -12.01 -54.14 10.30
C GLN D 493 -12.84 -53.16 9.48
N PRO D 494 -14.03 -53.58 9.04
CA PRO D 494 -14.90 -52.65 8.30
C PRO D 494 -15.65 -51.72 9.24
N TYR D 495 -15.84 -50.48 8.80
CA TYR D 495 -16.74 -49.53 9.44
C TYR D 495 -17.84 -49.14 8.47
N ARG D 496 -19.01 -48.85 9.02
CA ARG D 496 -20.16 -48.41 8.24
C ARG D 496 -20.07 -46.90 8.05
N VAL D 497 -20.05 -46.45 6.80
CA VAL D 497 -19.80 -45.06 6.46
C VAL D 497 -20.96 -44.52 5.64
N VAL D 498 -21.50 -43.37 6.08
CA VAL D 498 -22.48 -42.62 5.31
C VAL D 498 -22.01 -41.17 5.22
N VAL D 499 -22.05 -40.59 4.02
CA VAL D 499 -21.65 -39.21 3.81
C VAL D 499 -22.87 -38.41 3.38
N LEU D 500 -22.78 -37.10 3.55
CA LEU D 500 -23.87 -36.18 3.25
C LEU D 500 -23.39 -35.14 2.25
N SER D 501 -24.20 -34.90 1.21
CA SER D 501 -23.90 -33.91 0.19
C SER D 501 -25.10 -32.98 0.05
N PHE D 502 -24.83 -31.68 0.00
CA PHE D 502 -25.90 -30.68 -0.03
C PHE D 502 -25.36 -29.38 -0.59
N GLU D 503 -26.27 -28.44 -0.83
CA GLU D 503 -25.95 -27.08 -1.22
C GLU D 503 -26.81 -26.12 -0.40
N LEU D 504 -26.34 -24.89 -0.27
CA LEU D 504 -26.84 -24.02 0.79
C LEU D 504 -27.08 -22.59 0.31
N LEU D 505 -28.26 -22.07 0.67
CA LEU D 505 -28.60 -20.65 0.65
C LEU D 505 -28.58 -20.03 -0.75
N HIS D 506 -28.86 -20.80 -1.80
CA HIS D 506 -29.21 -20.22 -3.09
C HIS D 506 -30.58 -20.68 -3.58
N ALA D 507 -30.85 -21.98 -3.52
CA ALA D 507 -32.14 -22.51 -3.92
C ALA D 507 -33.18 -22.24 -2.84
N PRO D 508 -34.47 -22.27 -3.19
CA PRO D 508 -35.51 -22.23 -2.17
C PRO D 508 -35.41 -23.42 -1.21
N ALA D 509 -35.64 -23.14 0.06
CA ALA D 509 -35.42 -24.14 1.10
C ALA D 509 -36.51 -25.20 1.10
N THR D 510 -36.09 -26.44 1.40
CA THR D 510 -37.01 -27.56 1.52
C THR D 510 -36.85 -28.34 2.82
N VAL D 511 -35.68 -28.33 3.44
CA VAL D 511 -35.45 -29.00 4.72
C VAL D 511 -34.81 -28.00 5.67
N CYS D 512 -35.29 -27.97 6.91
CA CYS D 512 -34.82 -27.02 7.91
C CYS D 512 -34.65 -27.72 9.24
N GLY D 513 -33.86 -27.10 10.12
CA GLY D 513 -33.60 -27.64 11.43
C GLY D 513 -34.70 -27.31 12.42
N PRO D 514 -34.49 -27.65 13.69
CA PRO D 514 -35.52 -27.38 14.71
C PRO D 514 -35.60 -25.91 15.08
N LYS D 515 -36.65 -25.23 14.63
CA LYS D 515 -36.83 -23.81 14.92
C LYS D 515 -38.32 -23.50 14.89
N LYS D 516 -38.68 -22.39 15.55
CA LYS D 516 -40.06 -21.93 15.63
C LYS D 516 -40.16 -20.59 14.93
N SER D 517 -41.14 -20.46 14.04
CA SER D 517 -41.34 -19.24 13.29
C SER D 517 -41.99 -18.17 14.17
N THR D 518 -41.72 -16.91 13.83
CA THR D 518 -42.26 -15.76 14.53
C THR D 518 -42.89 -14.82 13.51
N ASN D 519 -44.06 -14.27 13.86
CA ASN D 519 -44.76 -13.35 12.96
C ASN D 519 -43.95 -12.08 12.75
N LEU D 520 -43.96 -11.59 11.52
CA LEU D 520 -43.13 -10.46 11.12
C LEU D 520 -43.88 -9.14 11.32
N VAL D 521 -43.15 -8.13 11.77
CA VAL D 521 -43.65 -6.77 11.91
C VAL D 521 -42.79 -5.86 11.04
N LYS D 522 -43.45 -5.03 10.22
CA LYS D 522 -42.77 -4.21 9.24
C LYS D 522 -42.57 -2.78 9.77
N ASN D 523 -41.90 -1.97 8.94
CA ASN D 523 -41.73 -0.52 9.15
C ASN D 523 -40.98 -0.21 10.44
N LYS D 524 -40.00 -1.04 10.78
CA LYS D 524 -39.13 -0.79 11.92
C LYS D 524 -37.83 -1.56 11.73
N CYS D 525 -36.73 -0.99 12.23
CA CYS D 525 -35.45 -1.67 12.20
C CYS D 525 -35.48 -2.85 13.17
N VAL D 526 -35.15 -4.04 12.66
CA VAL D 526 -35.37 -5.28 13.41
C VAL D 526 -34.37 -6.31 12.91
N ASN D 527 -34.12 -7.34 13.72
CA ASN D 527 -33.33 -8.47 13.28
C ASN D 527 -34.22 -9.49 12.59
N PHE D 528 -33.80 -9.93 11.41
CA PHE D 528 -34.57 -10.87 10.61
C PHE D 528 -33.73 -12.11 10.31
N ASN D 529 -34.40 -13.25 10.21
CA ASN D 529 -33.73 -14.53 9.91
C ASN D 529 -34.59 -15.27 8.90
N PHE D 530 -34.32 -15.05 7.61
CA PHE D 530 -35.05 -15.68 6.53
C PHE D 530 -34.27 -16.91 6.08
N ASN D 531 -34.65 -18.08 6.62
CA ASN D 531 -34.05 -19.38 6.29
C ASN D 531 -32.55 -19.39 6.52
N GLY D 532 -32.11 -18.75 7.60
CA GLY D 532 -30.71 -18.69 7.93
C GLY D 532 -29.99 -17.43 7.50
N LEU D 533 -30.72 -16.42 7.06
CA LEU D 533 -30.13 -15.16 6.59
C LEU D 533 -30.31 -14.11 7.68
N THR D 534 -29.32 -14.01 8.57
CA THR D 534 -29.36 -12.99 9.61
C THR D 534 -29.06 -11.61 9.02
N GLY D 535 -29.57 -10.59 9.69
CA GLY D 535 -29.35 -9.22 9.24
C GLY D 535 -30.12 -8.25 10.11
N THR D 536 -29.97 -6.97 9.78
CA THR D 536 -30.61 -5.90 10.52
C THR D 536 -31.07 -4.82 9.56
N GLY D 537 -32.34 -4.43 9.66
CA GLY D 537 -32.88 -3.39 8.81
C GLY D 537 -34.38 -3.30 8.96
N VAL D 538 -34.98 -2.45 8.13
CA VAL D 538 -36.43 -2.27 8.13
C VAL D 538 -37.03 -3.19 7.07
N LEU D 539 -38.31 -3.50 7.25
CA LEU D 539 -39.04 -4.36 6.33
C LEU D 539 -40.19 -3.58 5.70
N THR D 540 -40.31 -3.68 4.38
CA THR D 540 -41.33 -2.97 3.63
C THR D 540 -41.77 -3.86 2.47
N GLU D 541 -43.06 -3.85 2.17
CA GLU D 541 -43.57 -4.57 1.01
C GLU D 541 -43.02 -3.96 -0.27
N SER D 542 -42.92 -4.78 -1.31
CA SER D 542 -42.26 -4.39 -2.55
C SER D 542 -43.11 -4.77 -3.75
N ASN D 543 -42.93 -4.02 -4.83
CA ASN D 543 -43.57 -4.30 -6.10
C ASN D 543 -42.71 -5.16 -7.03
N LYS D 544 -41.53 -5.55 -6.58
CA LYS D 544 -40.64 -6.39 -7.38
C LYS D 544 -41.19 -7.79 -7.45
N LYS D 545 -41.81 -8.15 -8.58
CA LYS D 545 -42.33 -9.49 -8.75
C LYS D 545 -41.19 -10.48 -8.87
N PHE D 546 -41.39 -11.68 -8.31
CA PHE D 546 -40.39 -12.73 -8.33
C PHE D 546 -40.89 -13.91 -9.14
N LEU D 547 -40.01 -14.43 -9.99
CA LEU D 547 -40.30 -15.68 -10.68
C LEU D 547 -40.34 -16.82 -9.66
N PRO D 548 -41.17 -17.85 -9.90
CA PRO D 548 -41.34 -18.91 -8.89
C PRO D 548 -40.08 -19.72 -8.60
N PHE D 549 -39.11 -19.73 -9.50
CA PHE D 549 -37.90 -20.52 -9.24
C PHE D 549 -36.95 -19.83 -8.26
N GLN D 550 -36.95 -18.49 -8.22
CA GLN D 550 -35.86 -17.76 -7.60
C GLN D 550 -36.18 -17.38 -6.16
N GLN D 551 -35.14 -17.41 -5.33
CA GLN D 551 -35.19 -16.98 -3.94
C GLN D 551 -34.78 -15.50 -3.89
N PHE D 552 -34.39 -15.01 -2.71
CA PHE D 552 -34.04 -13.61 -2.47
C PHE D 552 -33.04 -13.06 -3.48
N GLY D 553 -33.16 -11.77 -3.76
CA GLY D 553 -32.29 -11.10 -4.71
C GLY D 553 -31.07 -10.49 -4.05
N ARG D 554 -30.39 -9.64 -4.81
CA ARG D 554 -29.17 -8.98 -4.36
C ARG D 554 -29.00 -7.68 -5.12
N ASP D 555 -28.13 -6.83 -4.60
CA ASP D 555 -27.81 -5.54 -5.22
C ASP D 555 -26.38 -5.56 -5.76
N ILE D 556 -25.91 -4.39 -6.19
CA ILE D 556 -24.54 -4.27 -6.67
C ILE D 556 -23.52 -4.34 -5.54
N ALA D 557 -23.95 -4.24 -4.28
CA ALA D 557 -23.08 -4.33 -3.12
C ALA D 557 -23.10 -5.72 -2.48
N ASP D 558 -23.69 -6.71 -3.16
CA ASP D 558 -23.78 -8.10 -2.70
C ASP D 558 -24.52 -8.19 -1.35
N THR D 559 -25.54 -7.37 -1.18
CA THR D 559 -26.40 -7.40 0.00
C THR D 559 -27.83 -7.70 -0.42
N THR D 560 -28.57 -8.36 0.47
CA THR D 560 -29.95 -8.70 0.19
C THR D 560 -30.83 -7.45 0.18
N ASP D 561 -31.74 -7.37 -0.78
CA ASP D 561 -32.61 -6.21 -0.91
C ASP D 561 -34.08 -6.62 -0.91
N ALA D 562 -34.39 -7.77 -1.49
CA ALA D 562 -35.75 -8.30 -1.51
C ALA D 562 -35.71 -9.78 -1.16
N VAL D 563 -36.76 -10.25 -0.47
CA VAL D 563 -36.81 -11.62 0.02
C VAL D 563 -38.24 -12.13 -0.12
N ARG D 564 -38.38 -13.46 -0.20
CA ARG D 564 -39.67 -14.11 -0.17
C ARG D 564 -39.96 -14.61 1.25
N ASP D 565 -41.20 -14.41 1.68
CA ASP D 565 -41.62 -14.97 2.96
C ASP D 565 -41.82 -16.47 2.82
N PRO D 566 -41.29 -17.29 3.73
CA PRO D 566 -41.43 -18.75 3.59
C PRO D 566 -42.82 -19.27 3.94
N GLN D 567 -43.72 -18.42 4.43
CA GLN D 567 -45.06 -18.87 4.81
C GLN D 567 -46.16 -18.20 3.99
N THR D 568 -46.12 -16.87 3.85
CA THR D 568 -47.14 -16.14 3.12
C THR D 568 -46.79 -15.94 1.65
N LEU D 569 -45.63 -16.45 1.21
CA LEU D 569 -45.07 -16.34 -0.14
C LEU D 569 -45.22 -14.94 -0.76
N GLU D 570 -44.91 -13.91 0.02
CA GLU D 570 -44.95 -12.54 -0.46
C GLU D 570 -43.55 -11.96 -0.50
N ILE D 571 -43.40 -10.85 -1.22
CA ILE D 571 -42.10 -10.23 -1.45
C ILE D 571 -41.98 -9.00 -0.56
N LEU D 572 -40.90 -8.95 0.22
CA LEU D 572 -40.65 -7.86 1.16
C LEU D 572 -39.29 -7.25 0.88
N ASP D 573 -39.21 -5.93 0.87
CA ASP D 573 -37.96 -5.23 0.68
C ASP D 573 -37.20 -5.12 2.00
N ILE D 574 -35.87 -5.16 1.90
CA ILE D 574 -34.98 -4.98 3.05
C ILE D 574 -34.15 -3.73 2.79
N THR D 575 -34.18 -2.80 3.75
CA THR D 575 -33.38 -1.59 3.70
C THR D 575 -32.75 -1.40 5.06
N PRO D 576 -31.45 -1.11 5.15
CA PRO D 576 -30.85 -0.79 6.45
C PRO D 576 -31.46 0.48 7.03
N CYS D 577 -31.62 0.49 8.35
CA CYS D 577 -32.27 1.61 9.02
C CYS D 577 -31.30 2.79 9.12
N SER D 578 -31.75 3.84 9.82
CA SER D 578 -31.07 5.13 9.79
C SER D 578 -29.71 5.06 10.49
N PHE D 579 -28.74 5.75 9.90
CA PHE D 579 -27.40 5.84 10.46
C PHE D 579 -26.73 7.09 9.89
N GLY D 580 -25.65 7.50 10.54
CA GLY D 580 -24.91 8.66 10.09
C GLY D 580 -23.75 8.93 11.02
N GLY D 581 -23.01 9.99 10.69
CA GLY D 581 -21.85 10.37 11.48
C GLY D 581 -22.20 11.29 12.64
N VAL D 582 -21.34 11.26 13.65
CA VAL D 582 -21.48 12.09 14.84
C VAL D 582 -20.36 13.11 14.86
N SER D 583 -20.72 14.39 14.90
CA SER D 583 -19.75 15.48 14.95
C SER D 583 -20.07 16.36 16.15
N VAL D 584 -19.01 16.87 16.79
CA VAL D 584 -19.13 17.62 18.04
C VAL D 584 -18.70 19.06 17.80
N ILE D 585 -19.57 20.00 18.13
CA ILE D 585 -19.23 21.42 18.14
C ILE D 585 -18.72 21.78 19.52
N THR D 586 -17.54 22.37 19.57
CA THR D 586 -16.97 22.86 20.81
C THR D 586 -16.30 24.20 20.57
N PRO D 587 -16.42 25.14 21.51
CA PRO D 587 -15.68 26.40 21.43
C PRO D 587 -14.27 26.34 21.98
N GLY D 588 -13.73 25.15 22.19
CA GLY D 588 -12.45 24.97 22.83
C GLY D 588 -12.61 24.53 24.27
N THR D 589 -11.61 23.82 24.77
CA THR D 589 -11.63 23.36 26.16
C THR D 589 -11.38 24.48 27.15
N ASN D 590 -10.88 25.62 26.67
CA ASN D 590 -10.55 26.74 27.56
C ASN D 590 -11.79 27.56 27.90
N THR D 591 -12.68 27.76 26.93
CA THR D 591 -13.80 28.68 27.14
C THR D 591 -14.89 28.07 28.01
N SER D 592 -15.49 26.98 27.54
CA SER D 592 -16.59 26.35 28.28
C SER D 592 -16.67 24.89 27.88
N ASN D 593 -17.34 24.11 28.73
CA ASN D 593 -17.51 22.68 28.51
C ASN D 593 -18.79 22.32 27.78
N GLN D 594 -19.67 23.29 27.52
CA GLN D 594 -20.91 22.99 26.81
C GLN D 594 -20.61 22.74 25.34
N VAL D 595 -21.20 21.68 24.80
CA VAL D 595 -20.93 21.24 23.43
C VAL D 595 -22.23 21.01 22.70
N ALA D 596 -22.15 21.03 21.37
CA ALA D 596 -23.29 20.76 20.51
C ALA D 596 -22.94 19.59 19.60
N VAL D 597 -23.90 18.70 19.39
CA VAL D 597 -23.72 17.48 18.60
C VAL D 597 -24.56 17.59 17.35
N LEU D 598 -23.94 17.40 16.19
CA LEU D 598 -24.62 17.45 14.91
C LEU D 598 -24.65 16.05 14.30
N TYR D 599 -25.84 15.62 13.87
CA TYR D 599 -26.02 14.34 13.20
C TYR D 599 -26.22 14.60 11.72
N GLN D 600 -25.53 13.82 10.89
CA GLN D 600 -25.36 14.16 9.48
C GLN D 600 -26.48 13.57 8.63
N ASP D 601 -27.19 14.45 7.92
CA ASP D 601 -28.09 14.09 6.82
C ASP D 601 -29.23 13.17 7.25
N VAL D 602 -29.82 13.47 8.40
CA VAL D 602 -30.99 12.75 8.88
C VAL D 602 -32.09 13.74 9.19
N ASN D 603 -33.34 13.28 9.09
CA ASN D 603 -34.46 14.07 9.59
C ASN D 603 -34.56 13.91 11.10
N CYS D 604 -34.88 15.01 11.78
CA CYS D 604 -34.73 15.07 13.22
C CYS D 604 -35.93 14.49 13.96
N THR D 605 -36.96 14.05 13.23
CA THR D 605 -38.09 13.37 13.87
C THR D 605 -37.67 12.03 14.45
N GLU D 606 -36.83 11.29 13.72
CA GLU D 606 -36.35 10.00 14.20
C GLU D 606 -35.25 10.13 15.25
N VAL D 607 -34.57 11.27 15.31
CA VAL D 607 -33.42 11.53 16.19
C VAL D 607 -33.67 11.23 17.67
N PRO D 608 -34.81 11.61 18.30
CA PRO D 608 -34.96 11.29 19.73
C PRO D 608 -35.01 9.81 20.07
N VAL D 609 -35.22 8.92 19.11
CA VAL D 609 -35.35 7.50 19.41
C VAL D 609 -34.26 6.70 18.70
N ALA D 610 -33.76 7.23 17.58
CA ALA D 610 -32.85 6.45 16.73
C ALA D 610 -31.47 6.28 17.36
N ILE D 611 -30.94 7.35 17.96
CA ILE D 611 -29.54 7.35 18.39
C ILE D 611 -29.35 6.49 19.63
N HIS D 612 -28.09 6.25 20.00
CA HIS D 612 -27.64 5.37 21.08
C HIS D 612 -27.96 5.89 22.48
N ALA D 613 -28.75 6.95 22.65
CA ALA D 613 -29.06 7.48 23.98
C ALA D 613 -29.90 6.50 24.80
N ASP D 614 -30.56 5.54 24.17
CA ASP D 614 -31.31 4.54 24.92
C ASP D 614 -30.39 3.60 25.69
N GLN D 615 -29.16 3.40 25.21
CA GLN D 615 -28.19 2.55 25.86
C GLN D 615 -27.19 3.30 26.71
N LEU D 616 -26.95 4.58 26.41
CA LEU D 616 -25.91 5.36 27.08
C LEU D 616 -26.51 6.10 28.28
N THR D 617 -25.72 7.00 28.86
CA THR D 617 -26.17 7.81 29.98
C THR D 617 -27.26 8.79 29.54
N PRO D 618 -28.15 9.21 30.44
CA PRO D 618 -29.19 10.19 30.07
C PRO D 618 -28.67 11.56 29.65
N THR D 619 -27.37 11.84 29.76
CA THR D 619 -26.83 13.06 29.17
C THR D 619 -26.96 13.04 27.65
N TRP D 620 -26.79 11.85 27.04
CA TRP D 620 -27.08 11.70 25.63
C TRP D 620 -28.57 11.83 25.34
N ARG D 621 -29.42 11.42 26.29
CA ARG D 621 -30.86 11.62 26.13
C ARG D 621 -31.23 13.10 26.18
N VAL D 622 -30.48 13.89 26.95
CA VAL D 622 -30.63 15.34 26.90
C VAL D 622 -30.23 15.86 25.52
N TYR D 623 -29.16 15.30 24.95
CA TYR D 623 -28.75 15.62 23.59
C TYR D 623 -29.54 14.85 22.53
N SER D 624 -30.52 14.05 22.94
CA SER D 624 -31.39 13.35 22.01
C SER D 624 -32.61 14.18 21.64
N THR D 625 -33.23 14.83 22.63
CA THR D 625 -34.37 15.71 22.39
C THR D 625 -34.37 16.79 23.48
N GLY D 626 -35.05 17.90 23.17
CA GLY D 626 -35.11 18.99 24.11
C GLY D 626 -35.76 20.20 23.47
N SER D 627 -35.64 21.33 24.17
CA SER D 627 -36.24 22.58 23.73
C SER D 627 -35.50 23.21 22.56
N ASN D 628 -34.24 22.83 22.32
CA ASN D 628 -33.42 23.42 21.27
C ASN D 628 -33.18 22.37 20.19
N VAL D 629 -34.13 22.26 19.27
CA VAL D 629 -34.04 21.35 18.14
C VAL D 629 -34.22 22.17 16.86
N PHE D 630 -33.24 22.12 15.97
CA PHE D 630 -33.24 22.91 14.75
C PHE D 630 -32.87 22.03 13.57
N GLN D 631 -33.83 21.77 12.70
CA GLN D 631 -33.56 21.01 11.48
C GLN D 631 -32.74 21.85 10.50
N THR D 632 -31.72 21.22 9.92
CA THR D 632 -30.81 21.88 9.00
C THR D 632 -30.62 20.97 7.79
N ARG D 633 -30.17 21.57 6.68
CA ARG D 633 -29.92 20.80 5.45
C ARG D 633 -28.83 19.76 5.65
N ALA D 634 -27.86 20.04 6.52
CA ALA D 634 -26.80 19.09 6.87
C ALA D 634 -27.17 18.22 8.08
N GLY D 635 -28.47 18.00 8.30
CA GLY D 635 -28.92 17.29 9.47
C GLY D 635 -29.17 18.21 10.65
N CYS D 636 -30.08 17.79 11.53
CA CYS D 636 -30.52 18.66 12.60
C CYS D 636 -29.44 18.80 13.67
N LEU D 637 -29.42 19.98 14.30
CA LEU D 637 -28.43 20.32 15.31
C LEU D 637 -29.13 20.49 16.66
N ILE D 638 -28.51 19.96 17.71
CA ILE D 638 -29.04 20.06 19.06
C ILE D 638 -27.99 20.75 19.93
N GLY D 639 -28.47 21.33 21.03
CA GLY D 639 -27.58 22.08 21.91
C GLY D 639 -27.15 23.43 21.39
N ALA D 640 -27.88 23.98 20.42
CA ALA D 640 -27.53 25.27 19.85
C ALA D 640 -28.78 26.12 19.70
N GLU D 641 -28.59 27.44 19.69
CA GLU D 641 -29.69 28.40 19.59
C GLU D 641 -29.70 29.00 18.19
N HIS D 642 -30.75 28.68 17.42
CA HIS D 642 -30.90 29.28 16.10
C HIS D 642 -31.36 30.72 16.24
N VAL D 643 -30.66 31.63 15.56
CA VAL D 643 -30.96 33.04 15.61
C VAL D 643 -31.14 33.56 14.18
N ASN D 644 -31.90 34.65 14.05
CA ASN D 644 -32.13 35.26 12.75
C ASN D 644 -31.04 36.26 12.37
N ASN D 645 -30.11 36.55 13.28
CA ASN D 645 -28.98 37.41 12.96
C ASN D 645 -27.96 36.66 12.13
N SER D 646 -27.06 37.42 11.50
CA SER D 646 -26.04 36.87 10.63
C SER D 646 -24.69 37.47 11.00
N TYR D 647 -23.68 36.61 11.17
CA TYR D 647 -22.35 37.03 11.58
C TYR D 647 -21.30 36.31 10.75
N GLU D 648 -20.04 36.61 11.04
CA GLU D 648 -18.91 35.95 10.39
C GLU D 648 -18.74 34.54 10.94
N CYS D 649 -18.30 33.63 10.07
CA CYS D 649 -18.15 32.22 10.43
C CYS D 649 -17.05 32.04 11.47
N ASP D 650 -17.42 31.50 12.63
CA ASP D 650 -16.45 31.11 13.64
C ASP D 650 -16.06 29.64 13.47
N ILE D 651 -17.04 28.75 13.54
CA ILE D 651 -16.84 27.32 13.31
C ILE D 651 -17.76 26.90 12.17
N PRO D 652 -17.25 26.30 11.10
CA PRO D 652 -18.12 25.90 9.99
C PRO D 652 -18.94 24.67 10.31
N ILE D 653 -20.16 24.65 9.77
CA ILE D 653 -21.06 23.50 9.87
C ILE D 653 -21.31 22.88 8.49
N GLY D 654 -21.85 23.67 7.56
CA GLY D 654 -22.20 23.19 6.24
C GLY D 654 -23.49 23.86 5.80
N ALA D 655 -23.66 23.97 4.47
CA ALA D 655 -24.84 24.58 3.84
C ALA D 655 -25.07 26.01 4.31
N GLY D 656 -23.99 26.77 4.45
CA GLY D 656 -24.08 28.16 4.84
C GLY D 656 -24.38 28.41 6.30
N ILE D 657 -24.16 27.41 7.16
CA ILE D 657 -24.43 27.53 8.59
C ILE D 657 -23.10 27.54 9.32
N CYS D 658 -22.96 28.44 10.30
CA CYS D 658 -21.78 28.49 11.14
C CYS D 658 -22.20 28.71 12.59
N ALA D 659 -21.37 28.24 13.51
CA ALA D 659 -21.67 28.28 14.93
C ALA D 659 -20.63 29.12 15.67
N SER D 660 -21.10 29.79 16.73
CA SER D 660 -20.23 30.63 17.54
C SER D 660 -20.73 30.61 18.98
N TYR D 661 -19.87 31.06 19.89
CA TYR D 661 -20.16 31.07 21.33
C TYR D 661 -19.93 32.48 21.86
N GLN D 662 -21.00 33.26 21.93
CA GLN D 662 -20.90 34.63 22.43
C GLN D 662 -21.88 34.92 23.56
N THR D 663 -23.10 34.39 23.49
CA THR D 663 -24.12 34.66 24.50
C THR D 663 -25.16 33.54 24.54
N SER D 676 -25.84 32.53 30.99
CA SER D 676 -26.23 33.54 30.00
C SER D 676 -25.45 33.37 28.71
N GLN D 677 -24.56 32.38 28.69
CA GLN D 677 -23.72 32.09 27.52
C GLN D 677 -24.10 30.73 26.95
N SER D 678 -24.19 30.67 25.62
CA SER D 678 -24.59 29.44 24.94
C SER D 678 -24.06 29.48 23.52
N ILE D 679 -24.05 28.31 22.88
CA ILE D 679 -23.64 28.18 21.49
C ILE D 679 -24.82 28.55 20.60
N ILE D 680 -24.57 29.45 19.64
CA ILE D 680 -25.61 29.90 18.73
C ILE D 680 -25.29 29.43 17.32
N ALA D 681 -26.34 29.30 16.52
CA ALA D 681 -26.23 28.92 15.11
C ALA D 681 -26.92 29.97 14.26
N TYR D 682 -26.29 30.32 13.14
CA TYR D 682 -26.76 31.43 12.33
C TYR D 682 -26.43 31.18 10.86
N THR D 683 -27.19 31.84 9.99
CA THR D 683 -26.90 31.82 8.57
C THR D 683 -25.74 32.75 8.25
N MET D 684 -25.16 32.56 7.07
CA MET D 684 -23.91 33.23 6.74
C MET D 684 -24.15 34.68 6.31
N SER D 685 -23.33 35.58 6.83
CA SER D 685 -23.28 36.96 6.38
C SER D 685 -22.06 37.10 5.49
N LEU D 686 -22.29 37.26 4.17
CA LEU D 686 -21.19 37.30 3.21
C LEU D 686 -20.34 38.56 3.35
N GLY D 687 -20.88 39.61 3.95
CA GLY D 687 -20.14 40.84 4.13
C GLY D 687 -21.09 42.00 4.32
N ALA D 688 -20.49 43.18 4.48
CA ALA D 688 -21.28 44.40 4.60
C ALA D 688 -21.92 44.74 3.26
N GLU D 689 -23.21 45.05 3.28
CA GLU D 689 -23.91 45.40 2.07
C GLU D 689 -23.47 46.78 1.60
N ASN D 690 -23.08 46.87 0.33
CA ASN D 690 -22.54 48.11 -0.22
C ASN D 690 -23.15 48.36 -1.59
N SER D 691 -23.21 49.64 -1.96
CA SER D 691 -23.69 50.06 -3.26
C SER D 691 -22.75 51.12 -3.82
N VAL D 692 -22.68 51.20 -5.14
CA VAL D 692 -21.81 52.14 -5.84
C VAL D 692 -22.68 53.17 -6.54
N ALA D 693 -22.43 54.45 -6.26
CA ALA D 693 -23.17 55.54 -6.89
C ALA D 693 -22.66 55.70 -8.32
N TYR D 694 -23.18 54.86 -9.20
CA TYR D 694 -22.75 54.83 -10.59
C TYR D 694 -23.58 55.79 -11.44
N SER D 695 -22.89 56.49 -12.34
CA SER D 695 -23.55 57.34 -13.33
C SER D 695 -22.63 57.44 -14.54
N ASN D 696 -23.12 58.11 -15.58
CA ASN D 696 -22.35 58.27 -16.80
C ASN D 696 -21.39 59.45 -16.74
N ASN D 697 -21.41 60.25 -15.67
CA ASN D 697 -20.54 61.42 -15.61
C ASN D 697 -19.94 61.64 -14.22
N SER D 698 -19.98 60.64 -13.34
CA SER D 698 -19.46 60.78 -11.99
C SER D 698 -18.25 59.87 -11.81
N ILE D 699 -17.19 60.42 -11.23
CA ILE D 699 -15.96 59.68 -10.96
C ILE D 699 -15.51 59.99 -9.54
N ALA D 700 -14.75 59.08 -8.94
CA ALA D 700 -14.21 59.24 -7.60
C ALA D 700 -12.69 59.21 -7.67
N ILE D 701 -12.06 60.25 -7.13
CA ILE D 701 -10.61 60.38 -7.12
C ILE D 701 -10.15 60.48 -5.68
N PRO D 702 -9.22 59.65 -5.23
CA PRO D 702 -8.71 59.76 -3.87
C PRO D 702 -7.91 61.04 -3.67
N THR D 703 -7.98 61.58 -2.45
CA THR D 703 -7.25 62.78 -2.09
C THR D 703 -6.06 62.53 -1.19
N ASN D 704 -5.97 61.34 -0.58
CA ASN D 704 -4.85 60.96 0.27
C ASN D 704 -4.56 59.49 0.04
N PHE D 705 -3.64 58.94 0.83
CA PHE D 705 -3.27 57.54 0.69
C PHE D 705 -2.72 57.05 2.03
N THR D 706 -2.66 55.73 2.17
CA THR D 706 -2.16 55.08 3.37
C THR D 706 -1.24 53.95 2.98
N ILE D 707 0.00 54.01 3.46
CA ILE D 707 0.96 52.93 3.23
C ILE D 707 0.67 51.81 4.22
N SER D 708 0.46 50.60 3.70
CA SER D 708 0.10 49.45 4.51
C SER D 708 1.13 48.35 4.34
N VAL D 709 1.46 47.68 5.44
CA VAL D 709 2.39 46.56 5.44
C VAL D 709 1.63 45.32 5.91
N THR D 710 1.65 44.28 5.10
CA THR D 710 0.96 43.03 5.40
C THR D 710 1.97 41.90 5.52
N THR D 711 1.52 40.79 6.10
CA THR D 711 2.36 39.63 6.36
C THR D 711 1.84 38.44 5.57
N GLU D 712 2.75 37.75 4.89
CA GLU D 712 2.43 36.53 4.15
C GLU D 712 3.40 35.43 4.58
N ILE D 713 2.86 34.27 4.91
CA ILE D 713 3.63 33.13 5.39
C ILE D 713 3.45 31.98 4.42
N LEU D 714 4.56 31.42 3.93
CA LEU D 714 4.53 30.31 3.00
C LEU D 714 5.50 29.23 3.50
N PRO D 715 5.08 27.97 3.56
CA PRO D 715 6.01 26.90 3.93
C PRO D 715 7.08 26.70 2.86
N VAL D 716 8.25 26.27 3.31
CA VAL D 716 9.41 26.06 2.44
C VAL D 716 9.85 24.60 2.45
N SER D 717 10.10 24.03 3.63
CA SER D 717 10.64 22.69 3.73
C SER D 717 9.99 21.98 4.92
N MET D 718 10.15 20.66 4.94
CA MET D 718 9.63 19.81 5.99
C MET D 718 10.80 19.11 6.69
N THR D 719 10.47 18.28 7.67
CA THR D 719 11.50 17.56 8.40
C THR D 719 12.06 16.42 7.56
N LYS D 720 13.39 16.39 7.42
CA LYS D 720 14.05 15.34 6.65
C LYS D 720 14.18 14.10 7.53
N THR D 721 13.35 13.10 7.27
CA THR D 721 13.31 11.88 8.05
C THR D 721 13.80 10.70 7.23
N SER D 722 14.71 9.92 7.81
CA SER D 722 15.23 8.71 7.19
C SER D 722 14.87 7.53 8.08
N VAL D 723 14.41 6.44 7.45
CA VAL D 723 13.92 5.28 8.16
C VAL D 723 14.76 4.06 7.77
N ASP D 724 15.30 3.38 8.77
CA ASP D 724 15.96 2.10 8.55
C ASP D 724 14.88 1.02 8.52
N CYS D 725 14.61 0.50 7.31
CA CYS D 725 13.49 -0.42 7.12
C CYS D 725 13.71 -1.74 7.86
N THR D 726 14.93 -2.29 7.78
CA THR D 726 15.22 -3.54 8.46
C THR D 726 15.16 -3.38 9.98
N MET D 727 15.66 -2.26 10.50
CA MET D 727 15.60 -2.02 11.94
C MET D 727 14.16 -1.75 12.39
N TYR D 728 13.38 -1.06 11.57
CA TYR D 728 11.99 -0.79 11.93
C TYR D 728 11.16 -2.07 11.92
N ILE D 729 11.44 -2.99 10.99
CA ILE D 729 10.69 -4.23 10.92
C ILE D 729 11.00 -5.13 12.11
N CYS D 730 12.29 -5.29 12.43
CA CYS D 730 12.67 -6.13 13.56
C CYS D 730 14.00 -5.67 14.14
N GLY D 731 14.20 -6.02 15.40
CA GLY D 731 15.41 -5.68 16.14
C GLY D 731 16.53 -6.69 16.05
N ASP D 732 17.21 -6.73 14.89
CA ASP D 732 18.39 -7.56 14.66
C ASP D 732 18.09 -9.05 14.80
N SER D 733 16.90 -9.48 14.42
CA SER D 733 16.58 -10.90 14.38
C SER D 733 17.01 -11.47 13.03
N THR D 734 17.96 -12.40 13.05
CA THR D 734 18.47 -12.98 11.81
C THR D 734 17.41 -13.80 11.09
N GLU D 735 16.53 -14.47 11.84
CA GLU D 735 15.41 -15.18 11.23
C GLU D 735 14.46 -14.20 10.55
N CYS D 736 14.21 -13.06 11.19
CA CYS D 736 13.37 -12.03 10.57
C CYS D 736 14.03 -11.45 9.32
N SER D 737 15.36 -11.26 9.35
CA SER D 737 16.07 -10.78 8.18
C SER D 737 15.99 -11.79 7.03
N ASN D 738 16.13 -13.08 7.35
CA ASN D 738 16.03 -14.12 6.33
C ASN D 738 14.62 -14.18 5.74
N LEU D 739 13.59 -14.01 6.59
CA LEU D 739 12.23 -13.98 6.09
C LEU D 739 11.95 -12.73 5.27
N LEU D 740 12.56 -11.60 5.63
CA LEU D 740 12.37 -10.35 4.89
C LEU D 740 13.08 -10.38 3.54
N LEU D 741 14.20 -11.10 3.46
CA LEU D 741 14.91 -11.23 2.19
C LEU D 741 14.11 -11.98 1.15
N GLN D 742 13.12 -12.78 1.57
CA GLN D 742 12.23 -13.43 0.62
C GLN D 742 11.31 -12.44 -0.05
N TYR D 743 11.01 -11.31 0.59
CA TYR D 743 10.11 -10.32 0.03
C TYR D 743 10.74 -9.54 -1.11
N GLY D 744 12.03 -9.20 -1.01
CA GLY D 744 12.72 -8.54 -2.10
C GLY D 744 13.33 -7.20 -1.74
N SER D 745 13.18 -6.23 -2.63
CA SER D 745 13.84 -4.92 -2.52
C SER D 745 12.89 -3.82 -2.06
N PHE D 746 11.99 -4.13 -1.14
CA PHE D 746 11.06 -3.12 -0.63
C PHE D 746 11.80 -2.06 0.18
N CYS D 747 12.68 -2.50 1.08
CA CYS D 747 13.36 -1.57 1.99
C CYS D 747 14.29 -0.62 1.23
N THR D 748 14.97 -1.13 0.21
CA THR D 748 15.84 -0.28 -0.61
C THR D 748 15.03 0.76 -1.36
N GLN D 749 13.85 0.37 -1.87
CA GLN D 749 12.98 1.31 -2.56
C GLN D 749 12.47 2.40 -1.63
N LEU D 750 12.07 2.02 -0.41
CA LEU D 750 11.61 3.02 0.56
C LEU D 750 12.73 3.96 0.98
N ASN D 751 13.93 3.42 1.19
CA ASN D 751 15.08 4.26 1.54
C ASN D 751 15.44 5.20 0.40
N ARG D 752 15.36 4.73 -0.84
CA ARG D 752 15.62 5.59 -2.00
C ARG D 752 14.59 6.70 -2.09
N ALA D 753 13.31 6.38 -1.83
CA ALA D 753 12.26 7.39 -1.87
C ALA D 753 12.47 8.44 -0.79
N LEU D 754 12.83 8.01 0.43
CA LEU D 754 13.07 8.96 1.51
C LEU D 754 14.29 9.82 1.25
N THR D 755 15.35 9.24 0.69
CA THR D 755 16.53 10.00 0.33
C THR D 755 16.22 11.03 -0.76
N GLY D 756 15.40 10.64 -1.74
CA GLY D 756 14.97 11.59 -2.76
C GLY D 756 14.14 12.71 -2.19
N ILE D 757 13.29 12.40 -1.21
CA ILE D 757 12.49 13.42 -0.53
C ILE D 757 13.39 14.41 0.21
N ALA D 758 14.40 13.91 0.92
CA ALA D 758 15.31 14.79 1.65
C ALA D 758 16.14 15.66 0.70
N VAL D 759 16.61 15.08 -0.41
CA VAL D 759 17.36 15.84 -1.39
C VAL D 759 16.48 16.90 -2.04
N GLU D 760 15.21 16.56 -2.27
CA GLU D 760 14.27 17.53 -2.84
C GLU D 760 14.00 18.67 -1.86
N GLN D 761 13.91 18.36 -0.56
CA GLN D 761 13.73 19.42 0.44
C GLN D 761 14.93 20.36 0.47
N ASP D 762 16.14 19.80 0.42
CA ASP D 762 17.35 20.63 0.40
C ASP D 762 17.40 21.47 -0.87
N LYS D 763 16.99 20.90 -2.00
CA LYS D 763 16.96 21.63 -3.26
C LYS D 763 15.93 22.77 -3.20
N ASN D 764 14.78 22.53 -2.57
CA ASN D 764 13.77 23.57 -2.41
C ASN D 764 14.30 24.72 -1.57
N THR D 765 14.97 24.40 -0.46
CA THR D 765 15.54 25.45 0.40
C THR D 765 16.61 26.24 -0.34
N GLN D 766 17.48 25.54 -1.08
CA GLN D 766 18.54 26.22 -1.82
C GLN D 766 17.98 27.11 -2.93
N GLU D 767 16.95 26.63 -3.65
CA GLU D 767 16.38 27.40 -4.73
C GLU D 767 15.47 28.52 -4.24
N VAL D 768 15.02 28.46 -2.98
CA VAL D 768 14.20 29.54 -2.46
C VAL D 768 15.02 30.58 -1.70
N PHE D 769 16.23 30.24 -1.25
CA PHE D 769 17.03 31.18 -0.47
C PHE D 769 18.29 31.67 -1.17
N ALA D 770 18.95 30.84 -1.96
CA ALA D 770 20.18 31.23 -2.63
C ALA D 770 19.88 31.82 -4.01
N GLN D 771 19.14 32.94 -4.00
CA GLN D 771 18.80 33.62 -5.23
C GLN D 771 19.97 34.43 -5.78
N VAL D 772 20.76 35.04 -4.90
CA VAL D 772 21.89 35.87 -5.29
C VAL D 772 23.14 35.36 -4.60
N LYS D 773 24.24 35.31 -5.34
CA LYS D 773 25.51 34.82 -4.80
C LYS D 773 26.34 35.91 -4.14
N GLN D 774 25.98 37.17 -4.32
CA GLN D 774 26.72 38.29 -3.74
C GLN D 774 26.15 38.60 -2.37
N ILE D 775 26.93 38.38 -1.32
CA ILE D 775 26.50 38.64 0.05
C ILE D 775 26.76 40.10 0.37
N TYR D 776 25.76 40.95 0.11
CA TYR D 776 25.91 42.38 0.37
C TYR D 776 25.82 42.68 1.86
N LYS D 777 26.58 43.67 2.29
CA LYS D 777 26.59 44.12 3.67
C LYS D 777 25.81 45.42 3.81
N THR D 778 25.12 45.56 4.94
CA THR D 778 24.44 46.81 5.24
C THR D 778 25.44 47.92 5.51
N PRO D 779 25.14 49.16 5.10
CA PRO D 779 26.05 50.27 5.39
C PRO D 779 26.09 50.56 6.87
N PRO D 780 27.23 51.03 7.39
CA PRO D 780 27.29 51.34 8.82
C PRO D 780 26.45 52.55 9.21
N ILE D 781 26.32 53.52 8.32
CA ILE D 781 25.49 54.70 8.57
C ILE D 781 24.13 54.49 7.91
N LYS D 782 23.06 54.72 8.67
CA LYS D 782 21.71 54.44 8.22
C LYS D 782 20.92 55.75 8.21
N ASP D 783 20.77 56.33 7.02
CA ASP D 783 20.05 57.59 6.84
C ASP D 783 19.12 57.51 5.64
N PHE D 784 18.33 56.43 5.59
CA PHE D 784 17.48 56.14 4.43
C PHE D 784 16.21 57.00 4.41
N GLY D 785 16.43 58.32 4.38
CA GLY D 785 15.33 59.27 4.25
C GLY D 785 14.36 59.27 5.41
N GLY D 786 14.82 58.89 6.60
CA GLY D 786 13.95 58.80 7.76
C GLY D 786 13.27 57.45 7.95
N PHE D 787 13.41 56.54 6.99
CA PHE D 787 12.84 55.21 7.13
C PHE D 787 13.67 54.40 8.13
N ASN D 788 12.99 53.74 9.06
CA ASN D 788 13.63 52.97 10.12
C ASN D 788 13.47 51.48 9.81
N PHE D 789 14.58 50.81 9.53
CA PHE D 789 14.59 49.38 9.26
C PHE D 789 15.21 48.58 10.39
N SER D 790 15.21 49.14 11.61
CA SER D 790 15.89 48.47 12.73
C SER D 790 15.22 47.18 13.14
N GLN D 791 13.91 47.05 12.89
CA GLN D 791 13.20 45.83 13.24
C GLN D 791 13.51 44.68 12.28
N ILE D 792 13.81 45.00 11.02
CA ILE D 792 14.06 43.96 10.02
C ILE D 792 15.55 43.74 9.74
N LEU D 793 16.41 44.72 10.01
CA LEU D 793 17.83 44.57 9.77
C LEU D 793 18.43 43.61 10.80
N PRO D 794 19.49 42.89 10.44
CA PRO D 794 20.13 41.98 11.40
C PRO D 794 20.75 42.73 12.58
N ASP D 795 20.75 42.07 13.73
CA ASP D 795 21.25 42.67 14.96
C ASP D 795 22.68 42.19 15.21
N PRO D 796 23.68 43.07 15.18
CA PRO D 796 25.05 42.65 15.45
C PRO D 796 25.36 42.43 16.92
N SER D 797 24.40 42.67 17.82
CA SER D 797 24.62 42.50 19.25
C SER D 797 24.43 41.06 19.72
N LYS D 798 24.09 40.14 18.82
CA LYS D 798 23.88 38.75 19.17
C LYS D 798 24.74 37.86 18.27
N PRO D 799 25.15 36.68 18.77
CA PRO D 799 25.82 35.73 17.88
C PRO D 799 24.98 35.27 16.71
N SER D 800 23.67 35.14 16.90
CA SER D 800 22.77 34.86 15.79
C SER D 800 22.49 36.14 15.02
N LYS D 801 22.51 36.04 13.69
CA LYS D 801 22.31 37.20 12.82
C LYS D 801 20.84 37.45 12.53
N ARG D 802 19.93 36.87 13.30
CA ARG D 802 18.51 37.10 13.08
C ARG D 802 18.09 38.47 13.59
N SER D 803 17.03 39.01 13.01
CA SER D 803 16.50 40.30 13.41
C SER D 803 15.54 40.12 14.59
N PHE D 804 14.97 41.24 15.04
CA PHE D 804 13.99 41.19 16.12
C PHE D 804 12.72 40.47 15.68
N ILE D 805 12.23 40.80 14.48
CA ILE D 805 11.05 40.12 13.93
C ILE D 805 11.36 38.65 13.67
N GLU D 806 12.56 38.36 13.17
CA GLU D 806 12.97 36.98 12.96
C GLU D 806 13.09 36.23 14.29
N ASP D 807 13.54 36.92 15.34
CA ASP D 807 13.58 36.31 16.67
C ASP D 807 12.17 36.00 17.17
N LEU D 808 11.21 36.89 16.93
CA LEU D 808 9.83 36.63 17.30
C LEU D 808 9.25 35.45 16.53
N LEU D 809 9.59 35.36 15.23
CA LEU D 809 9.14 34.23 14.42
C LEU D 809 9.74 32.92 14.92
N PHE D 810 11.01 32.93 15.31
CA PHE D 810 11.64 31.74 15.85
C PHE D 810 11.04 31.34 17.19
N ASN D 811 10.74 32.33 18.04
CA ASN D 811 10.16 32.02 19.35
C ASN D 811 8.69 31.60 19.26
N LYS D 812 7.98 32.00 18.20
CA LYS D 812 6.57 31.66 18.08
C LYS D 812 6.36 30.19 17.75
N VAL D 813 7.07 29.69 16.74
CA VAL D 813 6.93 28.29 16.35
C VAL D 813 7.71 27.41 17.32
N THR D 814 7.05 26.40 17.86
CA THR D 814 7.66 25.55 18.88
C THR D 814 7.23 24.10 18.68
N LEU D 815 7.96 23.21 19.34
CA LEU D 815 7.70 21.77 19.32
C LEU D 815 7.34 21.28 20.72
N ALA D 816 6.48 22.02 21.41
CA ALA D 816 6.22 21.76 22.83
C ALA D 816 5.46 20.46 23.04
N ASP D 817 4.39 20.25 22.29
CA ASP D 817 3.53 19.08 22.45
C ASP D 817 3.79 18.00 21.40
N ALA D 818 4.92 18.08 20.69
CA ALA D 818 5.23 17.12 19.64
C ALA D 818 5.59 15.76 20.23
N GLY D 819 5.64 14.77 19.36
CA GLY D 819 5.91 13.40 19.76
C GLY D 819 7.33 12.93 19.50
N PHE D 820 7.53 12.24 18.38
CA PHE D 820 8.84 11.67 18.06
C PHE D 820 9.89 12.77 17.85
N ILE D 821 9.49 13.90 17.27
CA ILE D 821 10.46 14.95 16.95
C ILE D 821 11.04 15.56 18.23
N LYS D 822 10.17 15.87 19.21
CA LYS D 822 10.65 16.44 20.46
C LYS D 822 11.47 15.43 21.25
N GLN D 823 11.06 14.15 21.23
CA GLN D 823 11.81 13.11 21.94
C GLN D 823 13.18 12.89 21.31
N TYR D 824 13.27 13.00 19.99
CA TYR D 824 14.56 12.87 19.33
C TYR D 824 15.44 14.08 19.58
N GLY D 825 14.85 15.28 19.61
CA GLY D 825 15.60 16.48 19.91
C GLY D 825 16.04 16.60 21.35
N ASP D 826 15.33 15.93 22.28
CA ASP D 826 15.73 15.95 23.67
C ASP D 826 16.99 15.15 23.94
N CYS D 827 17.33 14.20 23.07
CA CYS D 827 18.57 13.45 23.24
C CYS D 827 19.79 14.32 22.97
N LEU D 828 19.65 15.35 22.14
CA LEU D 828 20.74 16.29 21.91
C LEU D 828 20.90 17.29 23.05
N GLY D 829 19.92 17.39 23.94
CA GLY D 829 20.05 18.22 25.13
C GLY D 829 20.48 17.40 26.32
N ASP D 830 20.51 16.08 26.16
CA ASP D 830 20.92 15.14 27.21
C ASP D 830 22.35 14.66 26.97
N ILE D 831 23.22 15.52 26.46
CA ILE D 831 24.60 15.13 26.15
C ILE D 831 25.47 14.98 27.39
N ALA D 832 24.97 15.36 28.57
CA ALA D 832 25.75 15.19 29.79
C ALA D 832 25.91 13.72 30.16
N ALA D 833 24.93 12.88 29.80
CA ALA D 833 24.99 11.45 30.07
C ALA D 833 25.64 10.74 28.89
N ARG D 834 26.70 9.98 29.17
CA ARG D 834 27.41 9.26 28.13
C ARG D 834 26.66 8.00 27.74
N ASP D 835 27.17 7.35 26.67
CA ASP D 835 26.58 6.13 26.10
C ASP D 835 25.11 6.32 25.72
N LEU D 836 24.80 7.48 25.15
CA LEU D 836 23.44 7.81 24.73
C LEU D 836 23.38 7.67 23.21
N ILE D 837 23.14 6.46 22.73
CA ILE D 837 23.01 6.21 21.29
C ILE D 837 21.53 6.37 20.97
N CYS D 838 21.14 7.62 20.72
CA CYS D 838 19.75 7.94 20.40
C CYS D 838 19.47 7.95 18.90
N ALA D 839 20.45 7.59 18.07
CA ALA D 839 20.22 7.58 16.64
C ALA D 839 19.27 6.46 16.22
N GLN D 840 19.47 5.25 16.77
CA GLN D 840 18.63 4.10 16.44
C GLN D 840 17.81 3.63 17.64
N LYS D 841 17.66 4.47 18.66
CA LYS D 841 16.91 4.08 19.85
C LYS D 841 15.43 3.90 19.54
N PHE D 842 14.87 4.74 18.68
CA PHE D 842 13.45 4.65 18.32
C PHE D 842 13.23 3.77 17.09
N ASN D 843 13.74 2.55 17.16
CA ASN D 843 13.56 1.53 16.12
C ASN D 843 14.07 1.99 14.75
N GLY D 844 15.20 2.68 14.76
CA GLY D 844 15.83 3.09 13.52
C GLY D 844 15.25 4.32 12.85
N LEU D 845 14.31 5.00 13.49
CA LEU D 845 13.77 6.24 12.94
C LEU D 845 14.73 7.38 13.23
N THR D 846 15.26 8.00 12.19
CA THR D 846 16.25 9.06 12.32
C THR D 846 15.73 10.35 11.71
N VAL D 847 16.25 11.47 12.20
CA VAL D 847 15.94 12.80 11.67
C VAL D 847 17.23 13.40 11.16
N LEU D 848 17.26 13.73 9.86
CA LEU D 848 18.49 14.28 9.32
C LEU D 848 18.51 15.80 9.50
N PRO D 849 19.67 16.36 9.88
CA PRO D 849 19.76 17.81 9.98
C PRO D 849 19.70 18.45 8.60
N PRO D 850 19.18 19.68 8.51
CA PRO D 850 19.09 20.35 7.22
C PRO D 850 20.47 20.72 6.67
N LEU D 851 20.55 20.81 5.34
CA LEU D 851 21.80 21.22 4.70
C LEU D 851 22.14 22.66 5.05
N LEU D 852 21.14 23.54 5.07
CA LEU D 852 21.32 24.95 5.41
C LEU D 852 20.81 25.17 6.83
N THR D 853 21.66 25.71 7.69
CA THR D 853 21.26 26.01 9.06
C THR D 853 20.60 27.39 9.12
N ASP D 854 20.19 27.78 10.33
CA ASP D 854 19.47 29.04 10.50
C ASP D 854 20.38 30.25 10.32
N GLU D 855 21.67 30.11 10.65
CA GLU D 855 22.59 31.23 10.57
C GLU D 855 22.82 31.67 9.12
N MET D 856 23.06 30.71 8.22
CA MET D 856 23.30 31.08 6.82
C MET D 856 22.01 31.50 6.13
N ILE D 857 20.86 30.96 6.54
CA ILE D 857 19.59 31.43 6.02
C ILE D 857 19.34 32.88 6.45
N ALA D 858 19.64 33.20 7.70
CA ALA D 858 19.53 34.58 8.17
C ALA D 858 20.51 35.50 7.44
N GLN D 859 21.71 34.99 7.15
CA GLN D 859 22.68 35.77 6.38
C GLN D 859 22.19 36.03 4.96
N TYR D 860 21.57 35.02 4.34
CA TYR D 860 21.01 35.19 2.99
C TYR D 860 19.88 36.22 3.00
N THR D 861 19.01 36.16 4.01
CA THR D 861 17.92 37.13 4.10
C THR D 861 18.44 38.54 4.35
N SER D 862 19.49 38.65 5.17
CA SER D 862 20.11 39.95 5.41
C SER D 862 20.76 40.51 4.15
N ALA D 863 21.41 39.64 3.37
CA ALA D 863 21.98 40.07 2.10
C ALA D 863 20.91 40.52 1.12
N LEU D 864 19.78 39.80 1.08
CA LEU D 864 18.66 40.19 0.22
C LEU D 864 18.09 41.55 0.67
N LEU D 865 17.96 41.75 1.98
CA LEU D 865 17.47 43.03 2.49
C LEU D 865 18.42 44.18 2.15
N ALA D 866 19.72 43.93 2.29
CA ALA D 866 20.71 44.96 1.95
C ALA D 866 20.70 45.28 0.47
N GLY D 867 20.56 44.26 -0.38
CA GLY D 867 20.48 44.50 -1.81
C GLY D 867 19.21 45.24 -2.21
N THR D 868 18.09 44.95 -1.54
CA THR D 868 16.85 45.64 -1.82
C THR D 868 16.92 47.10 -1.36
N ILE D 869 17.50 47.35 -0.19
CA ILE D 869 17.55 48.70 0.35
C ILE D 869 18.54 49.57 -0.44
N THR D 870 19.75 49.05 -0.64
CA THR D 870 20.81 49.85 -1.23
C THR D 870 20.78 49.90 -2.76
N SER D 871 20.41 48.80 -3.41
CA SER D 871 20.48 48.72 -4.86
C SER D 871 19.13 48.69 -5.55
N GLY D 872 18.04 48.57 -4.81
CA GLY D 872 16.73 48.50 -5.45
C GLY D 872 16.53 47.15 -6.13
N TRP D 873 16.02 47.20 -7.36
CA TRP D 873 15.84 45.99 -8.15
C TRP D 873 16.97 45.75 -9.14
N THR D 874 18.01 46.59 -9.12
CA THR D 874 19.11 46.45 -10.08
C THR D 874 20.02 45.28 -9.74
N PHE D 875 20.15 44.95 -8.45
CA PHE D 875 21.05 43.86 -8.06
C PHE D 875 20.50 42.49 -8.43
N GLY D 876 19.19 42.36 -8.61
CA GLY D 876 18.64 41.08 -9.03
C GLY D 876 18.96 40.75 -10.47
N ALA D 877 18.90 41.76 -11.35
CA ALA D 877 19.17 41.51 -12.77
C ALA D 877 20.65 41.33 -13.03
N GLY D 878 21.49 42.12 -12.38
CA GLY D 878 22.93 42.06 -12.62
C GLY D 878 23.75 42.62 -11.48
N ALA D 879 24.78 43.39 -11.82
CA ALA D 879 25.62 44.01 -10.80
C ALA D 879 24.84 45.05 -10.01
N ALA D 880 25.20 45.19 -8.74
CA ALA D 880 24.51 46.14 -7.86
C ALA D 880 24.84 47.57 -8.24
N LEU D 881 23.82 48.42 -8.18
CA LEU D 881 23.95 49.85 -8.48
C LEU D 881 23.46 50.62 -7.27
N GLN D 882 24.35 51.36 -6.61
CA GLN D 882 23.95 52.15 -5.46
C GLN D 882 23.06 53.32 -5.89
N ILE D 883 22.10 53.64 -5.03
CA ILE D 883 21.04 54.59 -5.36
C ILE D 883 20.42 55.07 -4.05
N PRO D 884 20.11 56.37 -3.91
CA PRO D 884 19.40 56.83 -2.72
C PRO D 884 18.01 56.22 -2.62
N PHE D 885 17.56 56.04 -1.38
CA PHE D 885 16.28 55.38 -1.13
C PHE D 885 15.10 56.22 -1.60
N ALA D 886 15.26 57.54 -1.61
CA ALA D 886 14.21 58.42 -2.13
C ALA D 886 13.99 58.20 -3.62
N MET D 887 15.07 57.97 -4.37
CA MET D 887 14.94 57.66 -5.79
C MET D 887 14.20 56.35 -6.01
N GLN D 888 14.52 55.33 -5.21
CA GLN D 888 13.84 54.04 -5.32
C GLN D 888 12.37 54.16 -4.99
N MET D 889 12.03 54.91 -3.94
CA MET D 889 10.62 55.14 -3.61
C MET D 889 9.91 55.92 -4.71
N ALA D 890 10.59 56.90 -5.30
CA ALA D 890 9.98 57.69 -6.37
C ALA D 890 9.70 56.83 -7.60
N TYR D 891 10.64 55.98 -7.97
CA TYR D 891 10.42 55.16 -9.16
C TYR D 891 9.45 54.02 -8.90
N ARG D 892 9.37 53.52 -7.67
CA ARG D 892 8.34 52.53 -7.37
C ARG D 892 6.96 53.17 -7.26
N PHE D 893 6.90 54.46 -6.91
CA PHE D 893 5.64 55.19 -7.03
C PHE D 893 5.28 55.43 -8.48
N ASN D 894 6.27 55.69 -9.33
CA ASN D 894 6.02 55.88 -10.76
C ASN D 894 5.59 54.59 -11.42
N GLY D 895 6.02 53.44 -10.90
CA GLY D 895 5.62 52.16 -11.45
C GLY D 895 4.15 51.84 -11.28
N ILE D 896 3.47 52.48 -10.34
CA ILE D 896 2.04 52.27 -10.13
C ILE D 896 1.23 53.48 -10.58
N GLY D 897 1.80 54.33 -11.43
CA GLY D 897 1.06 55.45 -11.99
C GLY D 897 0.89 56.64 -11.09
N VAL D 898 1.81 56.85 -10.16
CA VAL D 898 1.78 58.01 -9.26
C VAL D 898 3.06 58.80 -9.48
N THR D 899 2.91 60.10 -9.71
CA THR D 899 4.07 60.96 -9.99
C THR D 899 4.92 61.12 -8.73
N GLN D 900 6.23 61.29 -8.96
CA GLN D 900 7.21 61.33 -7.87
C GLN D 900 7.12 62.57 -7.00
N ASN D 901 6.47 63.64 -7.49
CA ASN D 901 6.32 64.84 -6.68
C ASN D 901 5.44 64.61 -5.47
N VAL D 902 4.54 63.63 -5.52
CA VAL D 902 3.74 63.27 -4.36
C VAL D 902 4.65 62.76 -3.23
N LEU D 903 5.60 61.88 -3.57
CA LEU D 903 6.57 61.42 -2.59
C LEU D 903 7.46 62.56 -2.12
N TYR D 904 7.96 63.38 -3.06
CA TYR D 904 8.86 64.45 -2.67
C TYR D 904 8.17 65.57 -1.91
N GLU D 905 6.83 65.57 -1.86
CA GLU D 905 6.10 66.50 -1.00
C GLU D 905 5.60 65.86 0.30
N ASN D 906 5.42 64.53 0.34
CA ASN D 906 4.89 63.88 1.53
C ASN D 906 5.81 62.78 2.05
N GLN D 907 7.12 62.96 1.88
CA GLN D 907 8.10 61.97 2.33
C GLN D 907 8.05 61.76 3.84
N LYS D 908 7.89 62.85 4.62
CA LYS D 908 7.84 62.72 6.07
C LYS D 908 6.61 61.94 6.51
N LEU D 909 5.46 62.22 5.92
CA LEU D 909 4.24 61.49 6.23
C LEU D 909 4.35 60.03 5.83
N ILE D 910 4.96 59.77 4.66
CA ILE D 910 5.13 58.39 4.20
C ILE D 910 6.05 57.61 5.13
N ALA D 911 7.15 58.23 5.57
CA ALA D 911 8.07 57.57 6.50
C ALA D 911 7.42 57.32 7.85
N ASN D 912 6.62 58.28 8.34
CA ASN D 912 5.92 58.10 9.61
C ASN D 912 4.89 56.98 9.52
N GLN D 913 4.16 56.92 8.40
CA GLN D 913 3.18 55.85 8.20
C GLN D 913 3.86 54.49 8.09
N PHE D 914 5.00 54.43 7.41
CA PHE D 914 5.74 53.18 7.29
C PHE D 914 6.26 52.71 8.64
N ASN D 915 6.78 53.63 9.45
CA ASN D 915 7.26 53.28 10.78
C ASN D 915 6.11 52.81 11.68
N SER D 916 4.96 53.47 11.57
CA SER D 916 3.79 53.04 12.34
C SER D 916 3.30 51.67 11.91
N ALA D 917 3.34 51.39 10.59
CA ALA D 917 2.94 50.08 10.09
C ALA D 917 3.92 48.99 10.55
N ILE D 918 5.21 49.31 10.55
CA ILE D 918 6.22 48.36 11.03
C ILE D 918 6.02 48.07 12.51
N GLY D 919 5.74 49.11 13.31
CA GLY D 919 5.47 48.91 14.72
C GLY D 919 4.21 48.11 14.97
N LYS D 920 3.16 48.34 14.17
CA LYS D 920 1.93 47.57 14.30
C LYS D 920 2.15 46.10 13.93
N ILE D 921 2.95 45.86 12.89
CA ILE D 921 3.27 44.48 12.50
C ILE D 921 4.06 43.78 13.60
N GLN D 922 5.02 44.49 14.19
CA GLN D 922 5.80 43.92 15.29
C GLN D 922 4.93 43.63 16.50
N ASP D 923 4.00 44.53 16.83
CA ASP D 923 3.11 44.32 17.96
C ASP D 923 2.15 43.16 17.70
N SER D 924 1.66 43.01 16.46
CA SER D 924 0.78 41.91 16.13
C SER D 924 1.53 40.58 16.17
N LEU D 925 2.78 40.56 15.72
CA LEU D 925 3.56 39.33 15.76
C LEU D 925 3.98 38.97 17.19
N SER D 926 4.20 39.98 18.03
CA SER D 926 4.56 39.74 19.43
C SER D 926 3.36 39.39 20.30
N SER D 927 2.14 39.50 19.77
CA SER D 927 0.94 39.18 20.52
C SER D 927 0.74 37.67 20.60
N THR D 928 -0.35 37.26 21.23
CA THR D 928 -0.66 35.85 21.40
C THR D 928 -1.45 35.26 20.24
N ALA D 929 -1.72 36.05 19.20
CA ALA D 929 -2.43 35.54 18.03
C ALA D 929 -1.56 34.56 17.26
N SER D 930 -2.18 33.46 16.84
CA SER D 930 -1.47 32.40 16.12
C SER D 930 -1.51 32.69 14.62
N ALA D 931 -0.71 33.68 14.22
CA ALA D 931 -0.60 34.07 12.82
C ALA D 931 0.31 33.14 12.03
N LEU D 932 1.11 32.32 12.70
CA LEU D 932 2.03 31.38 12.04
C LEU D 932 1.47 29.97 12.01
N GLY D 933 0.15 29.83 11.83
CA GLY D 933 -0.47 28.52 11.86
C GLY D 933 -0.14 27.64 10.67
N LYS D 934 0.29 28.24 9.56
CA LYS D 934 0.58 27.45 8.35
C LYS D 934 1.79 26.54 8.55
N LEU D 935 2.85 27.06 9.17
CA LEU D 935 4.00 26.20 9.47
C LEU D 935 3.67 25.24 10.61
N GLN D 936 2.83 25.66 11.55
CA GLN D 936 2.42 24.79 12.64
C GLN D 936 1.62 23.59 12.13
N ASP D 937 0.84 23.78 11.05
CA ASP D 937 0.13 22.66 10.45
C ASP D 937 1.09 21.61 9.90
N VAL D 938 2.15 22.06 9.22
CA VAL D 938 3.15 21.13 8.69
C VAL D 938 3.88 20.41 9.81
N VAL D 939 4.24 21.15 10.87
CA VAL D 939 4.94 20.54 12.00
C VAL D 939 4.05 19.51 12.70
N ASN D 940 2.79 19.86 12.91
CA ASN D 940 1.86 18.95 13.57
C ASN D 940 1.55 17.73 12.70
N GLN D 941 1.48 17.92 11.38
CA GLN D 941 1.26 16.79 10.48
C GLN D 941 2.44 15.83 10.49
N ASN D 942 3.66 16.37 10.47
CA ASN D 942 4.85 15.51 10.55
C ASN D 942 4.91 14.77 11.88
N ALA D 943 4.62 15.46 12.98
CA ALA D 943 4.64 14.82 14.29
C ALA D 943 3.56 13.74 14.39
N GLN D 944 2.37 14.01 13.87
CA GLN D 944 1.29 13.03 13.90
C GLN D 944 1.61 11.81 13.04
N ALA D 945 2.21 12.03 11.86
CA ALA D 945 2.58 10.90 11.01
C ALA D 945 3.66 10.05 11.67
N LEU D 946 4.66 10.68 12.28
CA LEU D 946 5.71 9.92 12.95
C LEU D 946 5.17 9.18 14.17
N ASN D 947 4.27 9.82 14.93
CA ASN D 947 3.67 9.16 16.08
C ASN D 947 2.81 7.98 15.67
N THR D 948 2.07 8.12 14.57
CA THR D 948 1.28 6.99 14.06
C THR D 948 2.18 5.86 13.58
N LEU D 949 3.31 6.19 12.94
CA LEU D 949 4.25 5.18 12.50
C LEU D 949 4.87 4.43 13.68
N VAL D 950 5.16 5.15 14.76
CA VAL D 950 5.67 4.50 15.97
C VAL D 950 4.60 3.63 16.61
N LYS D 951 3.37 4.16 16.73
CA LYS D 951 2.29 3.47 17.40
C LYS D 951 1.81 2.24 16.62
N GLN D 952 2.05 2.19 15.30
CA GLN D 952 1.63 1.04 14.52
C GLN D 952 2.41 -0.22 14.86
N LEU D 953 3.55 -0.10 15.55
CA LEU D 953 4.27 -1.29 16.00
C LEU D 953 3.57 -2.01 17.14
N SER D 954 2.63 -1.35 17.82
CA SER D 954 1.90 -1.98 18.92
C SER D 954 0.85 -2.97 18.44
N SER D 955 0.52 -2.98 17.15
CA SER D 955 -0.46 -3.91 16.63
C SER D 955 0.18 -5.28 16.39
N ASN D 956 -0.47 -6.33 16.85
CA ASN D 956 0.03 -7.68 16.66
C ASN D 956 -0.30 -8.26 15.30
N PHE D 957 -1.27 -7.67 14.58
CA PHE D 957 -1.71 -8.11 13.25
C PHE D 957 -2.11 -9.59 13.24
N GLY D 958 -2.82 -10.02 14.29
CA GLY D 958 -3.28 -11.38 14.39
C GLY D 958 -2.28 -12.36 15.00
N ALA D 959 -1.07 -11.91 15.32
CA ALA D 959 -0.11 -12.78 15.97
C ALA D 959 -0.39 -12.87 17.46
N ILE D 960 0.37 -13.74 18.13
CA ILE D 960 0.19 -13.93 19.57
C ILE D 960 0.69 -12.72 20.36
N SER D 961 1.64 -11.96 19.81
CA SER D 961 2.17 -10.80 20.51
C SER D 961 2.69 -9.81 19.49
N SER D 962 2.82 -8.55 19.92
CA SER D 962 3.30 -7.48 19.06
C SER D 962 4.80 -7.30 19.12
N VAL D 963 5.50 -8.03 19.98
CA VAL D 963 6.95 -7.95 20.11
C VAL D 963 7.55 -9.25 19.57
N LEU D 964 8.57 -9.11 18.72
CA LEU D 964 9.14 -10.27 18.05
C LEU D 964 9.98 -11.13 19.00
N ASN D 965 10.54 -10.51 20.04
CA ASN D 965 11.41 -11.24 20.97
C ASN D 965 10.63 -12.29 21.75
N ASP D 966 9.40 -11.97 22.15
CA ASP D 966 8.55 -12.93 22.87
C ASP D 966 8.21 -14.12 21.98
N ILE D 967 7.91 -13.87 20.70
CA ILE D 967 7.60 -14.95 19.77
C ILE D 967 8.85 -15.81 19.53
N LEU D 968 10.01 -15.17 19.39
CA LEU D 968 11.25 -15.92 19.17
C LEU D 968 11.62 -16.77 20.39
N SER D 969 11.38 -16.25 21.59
CA SER D 969 11.70 -16.98 22.81
C SER D 969 10.60 -17.93 23.24
N ARG D 970 9.44 -17.91 22.59
CA ARG D 970 8.33 -18.77 22.96
C ARG D 970 8.06 -19.93 22.02
N LEU D 971 8.37 -19.79 20.73
CA LEU D 971 7.90 -20.71 19.71
C LEU D 971 9.04 -21.30 18.91
N ASP D 972 8.82 -22.50 18.39
CA ASP D 972 9.72 -23.10 17.43
C ASP D 972 9.65 -22.36 16.10
N PRO D 973 10.71 -22.40 15.31
CA PRO D 973 10.74 -21.68 14.01
C PRO D 973 9.64 -22.07 13.03
N PRO D 974 9.16 -23.33 12.96
CA PRO D 974 8.05 -23.62 12.02
C PRO D 974 6.78 -22.81 12.23
N GLU D 975 6.43 -22.46 13.47
CA GLU D 975 5.32 -21.55 13.71
C GLU D 975 5.76 -20.10 13.94
N ALA D 976 7.00 -19.91 14.38
CA ALA D 976 7.54 -18.55 14.51
C ALA D 976 7.57 -17.85 13.16
N GLU D 977 7.93 -18.57 12.10
CA GLU D 977 7.93 -17.96 10.77
C GLU D 977 6.52 -17.58 10.33
N VAL D 978 5.51 -18.35 10.74
CA VAL D 978 4.13 -18.00 10.44
C VAL D 978 3.73 -16.72 11.15
N GLN D 979 4.18 -16.54 12.40
CA GLN D 979 3.93 -15.28 13.08
C GLN D 979 4.68 -14.12 12.43
N ILE D 980 5.93 -14.35 12.00
CA ILE D 980 6.75 -13.29 11.42
C ILE D 980 6.19 -12.87 10.07
N ASP D 981 5.54 -13.77 9.33
CA ASP D 981 4.90 -13.38 8.08
C ASP D 981 3.82 -12.32 8.30
N ARG D 982 2.94 -12.55 9.28
CA ARG D 982 1.89 -11.59 9.59
C ARG D 982 2.47 -10.28 10.11
N LEU D 983 3.47 -10.37 11.00
CA LEU D 983 4.07 -9.15 11.56
C LEU D 983 4.78 -8.33 10.49
N ILE D 984 5.51 -9.00 9.60
CA ILE D 984 6.22 -8.32 8.51
C ILE D 984 5.24 -7.70 7.55
N THR D 985 4.15 -8.40 7.22
CA THR D 985 3.14 -7.85 6.32
C THR D 985 2.49 -6.60 6.92
N GLY D 986 2.15 -6.63 8.21
CA GLY D 986 1.55 -5.47 8.83
C GLY D 986 2.50 -4.28 8.91
N ARG D 987 3.75 -4.53 9.31
CA ARG D 987 4.70 -3.43 9.43
C ARG D 987 5.07 -2.87 8.06
N LEU D 988 5.16 -3.72 7.04
CA LEU D 988 5.43 -3.26 5.68
C LEU D 988 4.27 -2.43 5.15
N GLN D 989 3.03 -2.84 5.45
CA GLN D 989 1.88 -2.04 5.03
C GLN D 989 1.88 -0.67 5.71
N SER D 990 2.19 -0.63 7.01
CA SER D 990 2.26 0.64 7.72
C SER D 990 3.37 1.53 7.17
N LEU D 991 4.53 0.95 6.88
CA LEU D 991 5.64 1.72 6.32
C LEU D 991 5.32 2.24 4.92
N GLN D 992 4.64 1.43 4.10
CA GLN D 992 4.23 1.87 2.78
C GLN D 992 3.22 3.01 2.85
N THR D 993 2.28 2.92 3.79
CA THR D 993 1.31 4.00 4.00
C THR D 993 2.02 5.29 4.41
N TYR D 994 2.97 5.18 5.33
CA TYR D 994 3.72 6.36 5.78
C TYR D 994 4.53 6.97 4.65
N VAL D 995 5.17 6.13 3.83
CA VAL D 995 5.99 6.63 2.74
C VAL D 995 5.13 7.30 1.67
N THR D 996 3.97 6.71 1.35
CA THR D 996 3.07 7.32 0.37
C THR D 996 2.52 8.66 0.86
N GLN D 997 2.12 8.74 2.13
CA GLN D 997 1.63 10.00 2.68
C GLN D 997 2.74 11.05 2.72
N GLN D 998 3.96 10.62 3.04
CA GLN D 998 5.10 11.54 3.00
C GLN D 998 5.39 12.03 1.59
N LEU D 999 5.21 11.16 0.58
CA LEU D 999 5.41 11.58 -0.81
C LEU D 999 4.37 12.62 -1.24
N ILE D 1000 3.10 12.41 -0.86
CA ILE D 1000 2.07 13.39 -1.19
C ILE D 1000 2.33 14.71 -0.48
N ARG D 1001 2.71 14.65 0.80
CA ARG D 1001 3.01 15.87 1.55
C ARG D 1001 4.24 16.57 0.97
N ALA D 1002 5.22 15.82 0.51
CA ALA D 1002 6.40 16.41 -0.11
C ALA D 1002 6.06 17.06 -1.45
N ALA D 1003 5.12 16.48 -2.20
CA ALA D 1003 4.66 17.13 -3.43
C ALA D 1003 3.96 18.45 -3.13
N GLU D 1004 3.12 18.47 -2.08
CA GLU D 1004 2.47 19.72 -1.68
C GLU D 1004 3.49 20.76 -1.22
N ILE D 1005 4.49 20.33 -0.46
CA ILE D 1005 5.55 21.24 -0.01
C ILE D 1005 6.38 21.73 -1.20
N ARG D 1006 6.58 20.88 -2.21
CA ARG D 1006 7.27 21.31 -3.42
C ARG D 1006 6.49 22.40 -4.15
N ALA D 1007 5.16 22.23 -4.26
CA ALA D 1007 4.34 23.26 -4.88
C ALA D 1007 4.38 24.56 -4.10
N SER D 1008 4.31 24.47 -2.76
CA SER D 1008 4.37 25.66 -1.91
C SER D 1008 5.73 26.34 -2.02
N ALA D 1009 6.81 25.56 -2.09
CA ALA D 1009 8.15 26.14 -2.20
C ALA D 1009 8.38 26.78 -3.55
N ASN D 1010 7.82 26.19 -4.62
CA ASN D 1010 7.89 26.82 -5.93
C ASN D 1010 7.14 28.15 -5.94
N LEU D 1011 5.96 28.18 -5.31
CA LEU D 1011 5.21 29.42 -5.19
C LEU D 1011 5.98 30.46 -4.38
N ALA D 1012 6.64 30.03 -3.30
CA ALA D 1012 7.42 30.95 -2.47
C ALA D 1012 8.63 31.49 -3.21
N ALA D 1013 9.29 30.65 -4.00
CA ALA D 1013 10.42 31.09 -4.81
C ALA D 1013 9.98 32.08 -5.89
N THR D 1014 8.82 31.83 -6.50
CA THR D 1014 8.27 32.79 -7.46
C THR D 1014 7.95 34.11 -6.79
N LYS D 1015 7.34 34.07 -5.60
CA LYS D 1015 7.02 35.30 -4.87
C LYS D 1015 8.29 36.06 -4.49
N MET D 1016 9.34 35.33 -4.09
CA MET D 1016 10.63 35.94 -3.83
C MET D 1016 11.16 36.66 -5.07
N SER D 1017 11.21 35.95 -6.20
CA SER D 1017 11.81 36.50 -7.42
C SER D 1017 11.01 37.67 -7.99
N GLU D 1018 9.69 37.70 -7.77
CA GLU D 1018 8.91 38.82 -8.27
C GLU D 1018 8.89 39.98 -7.29
N CYS D 1019 8.38 39.76 -6.08
CA CYS D 1019 8.16 40.87 -5.16
C CYS D 1019 9.45 41.38 -4.51
N VAL D 1020 10.42 40.51 -4.25
CA VAL D 1020 11.62 40.93 -3.53
C VAL D 1020 12.64 41.53 -4.48
N LEU D 1021 12.87 40.89 -5.62
CA LEU D 1021 13.88 41.34 -6.58
C LEU D 1021 13.34 42.38 -7.56
N GLY D 1022 12.09 42.80 -7.42
CA GLY D 1022 11.55 43.78 -8.33
C GLY D 1022 10.16 44.19 -7.92
N GLN D 1023 9.49 44.92 -8.82
CA GLN D 1023 8.13 45.38 -8.62
C GLN D 1023 7.22 44.66 -9.61
N SER D 1024 6.13 44.09 -9.10
CA SER D 1024 5.22 43.29 -9.91
C SER D 1024 3.93 44.07 -10.17
N LYS D 1025 3.51 44.11 -11.43
CA LYS D 1025 2.27 44.76 -11.79
C LYS D 1025 1.05 43.86 -11.62
N ARG D 1026 1.26 42.60 -11.24
CA ARG D 1026 0.16 41.67 -11.08
C ARG D 1026 -0.65 42.02 -9.84
N VAL D 1027 -1.97 42.05 -9.98
CA VAL D 1027 -2.85 42.49 -8.91
C VAL D 1027 -2.99 41.38 -7.87
N ASP D 1028 -2.81 41.75 -6.60
CA ASP D 1028 -3.00 40.86 -5.44
C ASP D 1028 -2.08 39.65 -5.47
N PHE D 1029 -0.89 39.80 -6.02
CA PHE D 1029 0.11 38.75 -5.93
C PHE D 1029 1.09 38.98 -4.80
N CYS D 1030 1.54 40.23 -4.63
CA CYS D 1030 2.41 40.63 -3.52
C CYS D 1030 1.57 41.52 -2.60
N GLY D 1031 0.97 40.92 -1.59
CA GLY D 1031 0.10 41.68 -0.71
C GLY D 1031 -1.23 42.02 -1.38
N LYS D 1032 -1.91 43.00 -0.81
CA LYS D 1032 -3.19 43.48 -1.31
C LYS D 1032 -3.08 44.94 -1.66
N GLY D 1033 -3.49 45.29 -2.87
CA GLY D 1033 -3.39 46.65 -3.35
C GLY D 1033 -2.21 46.86 -4.29
N TYR D 1034 -1.85 48.12 -4.46
CA TYR D 1034 -0.74 48.48 -5.32
C TYR D 1034 0.58 48.16 -4.62
N HIS D 1035 1.32 47.21 -5.17
CA HIS D 1035 2.53 46.70 -4.55
C HIS D 1035 3.71 47.65 -4.76
N LEU D 1036 4.51 47.83 -3.72
CA LEU D 1036 5.72 48.64 -3.82
C LEU D 1036 6.99 47.81 -3.63
N MET D 1037 7.18 47.18 -2.48
CA MET D 1037 8.32 46.29 -2.24
C MET D 1037 7.86 45.14 -1.35
N SER D 1038 8.80 44.30 -0.96
CA SER D 1038 8.55 43.22 -0.01
C SER D 1038 9.84 42.88 0.73
N PHE D 1039 9.71 42.63 2.03
CA PHE D 1039 10.85 42.30 2.87
C PHE D 1039 10.84 40.82 3.21
N PRO D 1040 11.83 40.05 2.75
CA PRO D 1040 11.90 38.64 3.15
C PRO D 1040 12.42 38.49 4.57
N GLN D 1041 11.83 37.56 5.31
CA GLN D 1041 12.24 37.26 6.67
C GLN D 1041 12.34 35.76 6.86
N SER D 1042 13.40 35.32 7.54
CA SER D 1042 13.61 33.90 7.77
C SER D 1042 12.62 33.38 8.81
N ALA D 1043 12.15 32.16 8.59
CA ALA D 1043 11.18 31.51 9.47
C ALA D 1043 11.55 30.04 9.61
N PRO D 1044 11.18 29.41 10.74
CA PRO D 1044 11.39 27.95 10.87
C PRO D 1044 10.51 27.19 9.89
N HIS D 1045 11.15 26.44 8.99
CA HIS D 1045 10.49 25.64 7.95
C HIS D 1045 9.56 26.49 7.08
N GLY D 1046 10.01 27.70 6.75
CA GLY D 1046 9.20 28.57 5.93
C GLY D 1046 9.87 29.91 5.75
N VAL D 1047 9.16 30.81 5.07
CA VAL D 1047 9.62 32.17 4.85
C VAL D 1047 8.45 33.12 5.12
N VAL D 1048 8.77 34.34 5.52
CA VAL D 1048 7.78 35.35 5.87
C VAL D 1048 8.01 36.57 4.99
N PHE D 1049 6.97 37.00 4.30
CA PHE D 1049 7.03 38.16 3.41
C PHE D 1049 6.35 39.36 4.07
N LEU D 1050 7.02 40.50 4.03
CA LEU D 1050 6.47 41.75 4.53
C LEU D 1050 6.25 42.66 3.32
N HIS D 1051 5.08 42.53 2.69
CA HIS D 1051 4.75 43.30 1.51
C HIS D 1051 4.38 44.73 1.90
N VAL D 1052 4.98 45.69 1.22
CA VAL D 1052 4.66 47.11 1.39
C VAL D 1052 3.73 47.50 0.26
N THR D 1053 2.51 47.92 0.60
CA THR D 1053 1.46 48.15 -0.38
C THR D 1053 0.98 49.60 -0.32
N TYR D 1054 0.46 50.06 -1.45
CA TYR D 1054 -0.10 51.40 -1.58
C TYR D 1054 -1.62 51.28 -1.58
N VAL D 1055 -2.27 51.87 -0.58
CA VAL D 1055 -3.71 51.80 -0.40
C VAL D 1055 -4.25 53.23 -0.43
N PRO D 1056 -5.20 53.54 -1.31
CA PRO D 1056 -5.77 54.91 -1.33
C PRO D 1056 -6.64 55.17 -0.12
N ALA D 1057 -6.61 56.42 0.34
CA ALA D 1057 -7.43 56.87 1.47
C ALA D 1057 -8.75 57.42 0.93
N GLN D 1058 -9.46 58.20 1.75
CA GLN D 1058 -10.78 58.73 1.40
C GLN D 1058 -10.72 59.58 0.13
N GLU D 1059 -11.86 59.62 -0.56
CA GLU D 1059 -11.97 60.21 -1.89
C GLU D 1059 -13.02 61.31 -1.87
N LYS D 1060 -13.24 61.92 -3.04
CA LYS D 1060 -14.24 62.97 -3.18
C LYS D 1060 -15.02 62.75 -4.47
N ASN D 1061 -16.26 63.23 -4.48
CA ASN D 1061 -17.08 63.17 -5.68
C ASN D 1061 -16.59 64.17 -6.72
N PHE D 1062 -16.66 63.77 -7.99
CA PHE D 1062 -16.25 64.65 -9.08
C PHE D 1062 -17.12 64.39 -10.29
N THR D 1063 -17.24 65.40 -11.14
CA THR D 1063 -17.95 65.30 -12.41
C THR D 1063 -16.93 65.24 -13.54
N THR D 1064 -17.08 64.26 -14.42
CA THR D 1064 -16.08 63.98 -15.43
C THR D 1064 -16.70 63.97 -16.82
N ALA D 1065 -15.86 64.21 -17.82
CA ALA D 1065 -16.23 64.17 -19.22
C ALA D 1065 -15.12 63.46 -19.99
N PRO D 1066 -15.47 62.70 -21.04
CA PRO D 1066 -14.43 61.97 -21.78
C PRO D 1066 -13.56 62.86 -22.66
N ALA D 1067 -14.03 64.04 -23.05
CA ALA D 1067 -13.26 64.90 -23.94
C ALA D 1067 -13.70 66.34 -23.76
N ILE D 1068 -12.85 67.26 -24.24
CA ILE D 1068 -13.08 68.68 -24.16
C ILE D 1068 -13.07 69.26 -25.58
N CYS D 1069 -14.13 69.99 -25.92
CA CYS D 1069 -14.30 70.53 -27.26
C CYS D 1069 -13.74 71.95 -27.32
N HIS D 1070 -12.74 72.15 -28.16
CA HIS D 1070 -12.21 73.48 -28.43
C HIS D 1070 -12.93 73.97 -29.69
N ASP D 1071 -12.39 74.96 -30.40
CA ASP D 1071 -13.07 75.52 -31.58
C ASP D 1071 -12.93 74.52 -32.73
N GLY D 1072 -13.80 73.51 -32.71
CA GLY D 1072 -13.83 72.50 -33.75
C GLY D 1072 -12.85 71.36 -33.58
N LYS D 1073 -12.03 71.37 -32.52
CA LYS D 1073 -11.08 70.30 -32.26
C LYS D 1073 -11.45 69.63 -30.95
N ALA D 1074 -11.34 68.30 -30.93
CA ALA D 1074 -11.62 67.52 -29.73
C ALA D 1074 -10.31 67.22 -29.01
N HIS D 1075 -10.29 67.43 -27.70
CA HIS D 1075 -9.10 67.24 -26.89
C HIS D 1075 -9.29 66.05 -25.96
N PHE D 1076 -8.22 65.27 -25.79
CA PHE D 1076 -8.20 64.11 -24.93
C PHE D 1076 -7.04 64.20 -23.96
N PRO D 1077 -7.17 63.67 -22.75
CA PRO D 1077 -6.07 63.73 -21.80
C PRO D 1077 -4.92 62.81 -22.21
N ARG D 1078 -3.70 63.32 -22.08
CA ARG D 1078 -2.53 62.52 -22.40
C ARG D 1078 -2.33 61.40 -21.39
N GLU D 1079 -2.43 61.73 -20.10
CA GLU D 1079 -2.33 60.72 -19.04
C GLU D 1079 -3.12 61.24 -17.85
N GLY D 1080 -4.34 60.74 -17.69
CA GLY D 1080 -5.22 61.14 -16.62
C GLY D 1080 -6.64 61.26 -17.10
N VAL D 1081 -7.47 61.95 -16.32
CA VAL D 1081 -8.87 62.16 -16.64
C VAL D 1081 -9.23 63.62 -16.39
N PHE D 1082 -10.32 64.05 -17.02
CA PHE D 1082 -10.84 65.40 -16.83
C PHE D 1082 -11.84 65.40 -15.69
N VAL D 1083 -11.68 66.34 -14.76
CA VAL D 1083 -12.56 66.45 -13.60
C VAL D 1083 -12.97 67.91 -13.43
N SER D 1084 -14.05 68.11 -12.69
CA SER D 1084 -14.55 69.45 -12.40
C SER D 1084 -15.26 69.44 -11.06
N ASN D 1085 -15.26 70.59 -10.40
CA ASN D 1085 -15.99 70.79 -9.15
C ASN D 1085 -17.34 71.46 -9.38
N GLY D 1086 -17.77 71.57 -10.64
CA GLY D 1086 -18.99 72.26 -10.99
C GLY D 1086 -18.81 73.67 -11.48
N THR D 1087 -17.64 74.27 -11.24
CA THR D 1087 -17.34 75.62 -11.68
C THR D 1087 -16.23 75.66 -12.72
N HIS D 1088 -15.11 74.98 -12.47
CA HIS D 1088 -13.97 74.99 -13.37
C HIS D 1088 -13.50 73.56 -13.61
N TRP D 1089 -12.94 73.34 -14.79
CA TRP D 1089 -12.45 72.02 -15.20
C TRP D 1089 -10.97 71.88 -14.89
N PHE D 1090 -10.56 70.66 -14.56
CA PHE D 1090 -9.18 70.36 -14.22
C PHE D 1090 -8.83 68.97 -14.71
N VAL D 1091 -7.52 68.69 -14.77
CA VAL D 1091 -7.00 67.40 -15.19
C VAL D 1091 -6.09 66.87 -14.09
N THR D 1092 -6.28 65.60 -13.73
CA THR D 1092 -5.49 64.99 -12.67
C THR D 1092 -5.23 63.53 -13.03
N GLN D 1093 -4.24 62.94 -12.36
CA GLN D 1093 -3.92 61.54 -12.56
C GLN D 1093 -4.98 60.65 -11.92
N ARG D 1094 -5.00 59.39 -12.35
CA ARG D 1094 -6.08 58.48 -11.98
C ARG D 1094 -5.97 57.94 -10.56
N ASN D 1095 -4.83 58.12 -9.88
CA ASN D 1095 -4.64 57.55 -8.56
C ASN D 1095 -4.44 58.60 -7.47
N PHE D 1096 -4.39 59.88 -7.83
CA PHE D 1096 -4.22 60.94 -6.84
C PHE D 1096 -4.84 62.21 -7.37
N TYR D 1097 -5.34 63.04 -6.46
CA TYR D 1097 -5.98 64.30 -6.85
C TYR D 1097 -4.91 65.38 -6.98
N GLU D 1098 -4.48 65.64 -8.21
CA GLU D 1098 -3.52 66.69 -8.51
C GLU D 1098 -4.10 67.54 -9.63
N PRO D 1099 -5.00 68.48 -9.30
CA PRO D 1099 -5.65 69.28 -10.35
C PRO D 1099 -4.66 70.23 -11.01
N GLN D 1100 -4.77 70.33 -12.34
CA GLN D 1100 -3.88 71.17 -13.12
C GLN D 1100 -4.71 71.87 -14.20
N ILE D 1101 -4.16 72.99 -14.69
CA ILE D 1101 -4.80 73.72 -15.77
C ILE D 1101 -4.68 72.93 -17.06
N ILE D 1102 -5.79 72.76 -17.77
CA ILE D 1102 -5.81 71.98 -19.00
C ILE D 1102 -5.11 72.78 -20.09
N THR D 1103 -3.94 72.30 -20.52
CA THR D 1103 -3.14 72.97 -21.54
C THR D 1103 -3.01 72.05 -22.76
N THR D 1104 -2.21 72.49 -23.74
CA THR D 1104 -1.94 71.66 -24.91
C THR D 1104 -0.82 70.67 -24.67
N ASP D 1105 -0.03 70.84 -23.61
CA ASP D 1105 1.06 69.91 -23.33
C ASP D 1105 0.55 68.60 -22.75
N ASN D 1106 -0.43 68.67 -21.84
CA ASN D 1106 -0.99 67.49 -21.21
C ASN D 1106 -2.21 66.96 -21.95
N THR D 1107 -2.51 67.48 -23.13
CA THR D 1107 -3.62 67.00 -23.95
C THR D 1107 -3.13 66.78 -25.38
N PHE D 1108 -4.01 66.19 -26.19
CA PHE D 1108 -3.73 66.01 -27.61
C PHE D 1108 -5.05 66.04 -28.37
N VAL D 1109 -4.95 66.32 -29.67
CA VAL D 1109 -6.11 66.54 -30.53
C VAL D 1109 -6.28 65.34 -31.44
N SER D 1110 -7.50 64.81 -31.50
CA SER D 1110 -7.80 63.67 -32.37
C SER D 1110 -9.26 63.74 -32.77
N GLY D 1111 -9.52 64.08 -34.02
CA GLY D 1111 -10.88 64.10 -34.54
C GLY D 1111 -11.64 65.36 -34.18
N ASN D 1112 -12.91 65.38 -34.61
CA ASN D 1112 -13.79 66.52 -34.38
C ASN D 1112 -14.61 66.31 -33.11
N CYS D 1113 -15.39 67.33 -32.76
CA CYS D 1113 -16.17 67.30 -31.53
C CYS D 1113 -17.43 66.45 -31.64
N ASP D 1114 -18.02 66.36 -32.84
CA ASP D 1114 -19.34 65.75 -32.99
C ASP D 1114 -19.31 64.23 -32.86
N VAL D 1115 -18.16 63.59 -33.07
CA VAL D 1115 -18.11 62.14 -33.02
C VAL D 1115 -18.07 61.64 -31.57
N VAL D 1116 -17.41 62.37 -30.67
CA VAL D 1116 -17.24 61.93 -29.29
C VAL D 1116 -18.54 62.14 -28.53
N ILE D 1117 -19.00 61.09 -27.85
CA ILE D 1117 -20.23 61.15 -27.08
C ILE D 1117 -19.94 61.79 -25.73
N GLY D 1118 -20.71 62.82 -25.38
CA GLY D 1118 -20.56 63.44 -24.07
C GLY D 1118 -19.45 64.44 -23.95
N ILE D 1119 -19.06 65.09 -25.06
CA ILE D 1119 -18.03 66.11 -25.01
C ILE D 1119 -18.57 67.35 -24.31
N VAL D 1120 -17.67 68.15 -23.73
CA VAL D 1120 -18.02 69.36 -23.02
C VAL D 1120 -17.18 70.51 -23.57
N ASN D 1121 -17.84 71.59 -23.97
CA ASN D 1121 -17.12 72.74 -24.51
C ASN D 1121 -16.39 73.48 -23.39
N ASN D 1122 -15.10 73.72 -23.60
CA ASN D 1122 -14.28 74.43 -22.64
C ASN D 1122 -13.07 75.00 -23.35
N THR D 1123 -12.43 75.97 -22.71
CA THR D 1123 -11.22 76.59 -23.24
C THR D 1123 -9.98 75.81 -22.81
N VAL D 1124 -8.93 75.92 -23.62
CA VAL D 1124 -7.65 75.29 -23.35
C VAL D 1124 -6.58 76.36 -23.35
N TYR D 1125 -5.86 76.48 -22.24
CA TYR D 1125 -4.77 77.44 -22.16
C TYR D 1125 -3.60 76.99 -23.03
N ASP D 1126 -2.94 77.97 -23.64
CA ASP D 1126 -1.75 77.71 -24.46
C ASP D 1126 -0.54 78.37 -23.81
N PRO D 1127 0.45 77.60 -23.34
CA PRO D 1127 1.65 78.23 -22.77
C PRO D 1127 2.56 78.86 -23.80
N LEU D 1128 2.29 78.69 -25.09
CA LEU D 1128 3.12 79.30 -26.12
C LEU D 1128 2.94 80.81 -26.18
N GLN D 1129 1.71 81.30 -26.00
CA GLN D 1129 1.43 82.73 -26.10
C GLN D 1129 0.60 83.26 -24.93
N PRO D 1130 1.15 83.30 -23.70
CA PRO D 1130 0.54 84.20 -22.70
C PRO D 1130 0.83 85.66 -23.03
N GLU D 1131 2.13 85.97 -23.22
CA GLU D 1131 2.57 87.28 -23.68
C GLU D 1131 3.75 87.17 -24.63
N LEU D 1132 4.14 85.96 -25.03
CA LEU D 1132 5.39 85.72 -25.77
C LEU D 1132 5.21 86.17 -27.21
N ASP D 1133 5.33 87.48 -27.41
CA ASP D 1133 5.28 88.08 -28.74
C ASP D 1133 6.38 89.13 -28.84
N SER D 1134 6.85 89.36 -30.07
CA SER D 1134 7.91 90.33 -30.32
C SER D 1134 7.63 91.13 -31.58
N GLN E 1 -43.16 -52.99 -28.16
CA GLN E 1 -42.66 -53.63 -29.37
C GLN E 1 -42.06 -52.58 -30.29
N CYS E 2 -41.13 -52.98 -31.15
CA CYS E 2 -40.39 -52.06 -31.99
C CYS E 2 -40.70 -52.30 -33.47
N VAL E 3 -40.81 -51.22 -34.22
CA VAL E 3 -41.02 -51.27 -35.66
C VAL E 3 -40.16 -50.20 -36.33
N ASN E 4 -39.48 -50.58 -37.40
CA ASN E 4 -38.72 -49.62 -38.20
C ASN E 4 -39.65 -48.90 -39.17
N LEU E 5 -39.42 -47.59 -39.31
CA LEU E 5 -40.22 -46.76 -40.19
C LEU E 5 -39.65 -46.80 -41.60
N THR E 6 -40.51 -47.12 -42.57
CA THR E 6 -40.14 -47.20 -43.97
C THR E 6 -40.73 -46.02 -44.74
N THR E 7 -40.40 -45.95 -46.03
CA THR E 7 -40.85 -44.93 -46.98
C THR E 7 -40.49 -43.51 -46.52
N ARG E 8 -39.37 -43.35 -45.83
CA ARG E 8 -38.92 -42.04 -45.38
C ARG E 8 -37.67 -41.64 -46.15
N THR E 9 -37.61 -40.38 -46.56
CA THR E 9 -36.50 -39.88 -47.37
C THR E 9 -35.34 -39.52 -46.45
N GLN E 10 -34.25 -40.27 -46.56
CA GLN E 10 -33.04 -39.99 -45.79
C GLN E 10 -32.27 -38.86 -46.45
N LEU E 11 -32.20 -37.71 -45.79
CA LEU E 11 -31.60 -36.51 -46.35
C LEU E 11 -30.66 -35.89 -45.34
N PRO E 12 -29.59 -35.23 -45.80
CA PRO E 12 -28.72 -34.53 -44.86
C PRO E 12 -29.41 -33.31 -44.29
N PRO E 13 -29.06 -32.89 -43.08
CA PRO E 13 -29.68 -31.71 -42.47
C PRO E 13 -29.09 -30.42 -43.05
N ALA E 14 -29.66 -29.29 -42.62
CA ALA E 14 -29.22 -27.99 -43.09
C ALA E 14 -28.78 -27.12 -41.92
N TYR E 15 -28.46 -25.85 -42.20
CA TYR E 15 -28.00 -24.92 -41.18
C TYR E 15 -28.74 -23.60 -41.30
N THR E 16 -28.81 -22.88 -40.19
CA THR E 16 -29.36 -21.54 -40.16
C THR E 16 -28.67 -20.76 -39.05
N ASN E 17 -29.03 -19.48 -38.93
CA ASN E 17 -28.37 -18.58 -38.00
C ASN E 17 -29.23 -18.38 -36.75
N SER E 18 -28.59 -18.48 -35.59
CA SER E 18 -29.24 -18.25 -34.30
C SER E 18 -28.97 -16.81 -33.88
N PHE E 19 -29.98 -15.95 -34.02
CA PHE E 19 -29.83 -14.52 -33.79
C PHE E 19 -29.99 -14.23 -32.30
N THR E 20 -28.87 -14.29 -31.58
CA THR E 20 -28.76 -13.91 -30.16
C THR E 20 -29.76 -14.67 -29.28
N ARG E 21 -29.89 -15.97 -29.53
CA ARG E 21 -30.81 -16.81 -28.76
C ARG E 21 -30.02 -17.63 -27.73
N GLY E 22 -30.75 -18.41 -26.95
CA GLY E 22 -30.13 -19.29 -25.97
C GLY E 22 -29.72 -18.62 -24.67
N VAL E 23 -30.13 -17.39 -24.43
CA VAL E 23 -29.76 -16.69 -23.20
C VAL E 23 -30.75 -17.05 -22.11
N TYR E 24 -30.22 -17.52 -20.97
CA TYR E 24 -31.04 -17.91 -19.83
C TYR E 24 -30.56 -17.17 -18.59
N TYR E 25 -31.37 -17.23 -17.54
CA TYR E 25 -31.00 -16.61 -16.27
C TYR E 25 -29.90 -17.42 -15.61
N PRO E 26 -28.76 -16.81 -15.25
CA PRO E 26 -27.63 -17.59 -14.75
C PRO E 26 -27.78 -18.02 -13.30
N ASP E 27 -28.56 -17.27 -12.52
CA ASP E 27 -28.73 -17.55 -11.10
C ASP E 27 -30.17 -17.25 -10.69
N LYS E 28 -30.46 -17.47 -9.41
CA LYS E 28 -31.78 -17.23 -8.84
C LYS E 28 -31.82 -15.92 -8.07
N VAL E 29 -31.09 -14.91 -8.55
CA VAL E 29 -30.95 -13.63 -7.87
C VAL E 29 -31.66 -12.57 -8.69
N PHE E 30 -32.56 -11.83 -8.05
CA PHE E 30 -33.25 -10.74 -8.71
C PHE E 30 -32.34 -9.52 -8.81
N ARG E 31 -32.21 -8.97 -10.02
CA ARG E 31 -31.42 -7.79 -10.27
C ARG E 31 -32.24 -6.79 -11.09
N SER E 32 -31.96 -5.51 -10.91
CA SER E 32 -32.70 -4.47 -11.61
C SER E 32 -31.79 -3.31 -11.92
N SER E 33 -31.78 -2.89 -13.20
CA SER E 33 -31.04 -1.73 -13.69
C SER E 33 -29.55 -1.83 -13.40
N VAL E 34 -28.96 -2.97 -13.76
CA VAL E 34 -27.55 -3.21 -13.52
C VAL E 34 -27.01 -4.13 -14.63
N LEU E 35 -25.86 -3.77 -15.18
CA LEU E 35 -25.18 -4.61 -16.16
C LEU E 35 -24.30 -5.59 -15.40
N HIS E 36 -24.69 -6.87 -15.44
CA HIS E 36 -24.03 -7.91 -14.65
C HIS E 36 -23.27 -8.85 -15.56
N SER E 37 -21.99 -9.03 -15.29
CA SER E 37 -21.15 -9.95 -16.05
C SER E 37 -21.23 -11.35 -15.43
N THR E 38 -21.02 -12.36 -16.27
CA THR E 38 -21.09 -13.74 -15.83
C THR E 38 -20.17 -14.60 -16.67
N GLN E 39 -19.87 -15.79 -16.16
CA GLN E 39 -19.03 -16.76 -16.84
C GLN E 39 -19.69 -18.13 -16.69
N ASP E 40 -20.39 -18.56 -17.74
CA ASP E 40 -21.12 -19.82 -17.70
C ASP E 40 -21.28 -20.33 -19.12
N LEU E 41 -21.86 -21.53 -19.24
CA LEU E 41 -22.12 -22.10 -20.56
C LEU E 41 -23.27 -21.36 -21.23
N PHE E 42 -23.05 -20.96 -22.48
CA PHE E 42 -24.04 -20.17 -23.19
C PHE E 42 -23.95 -20.48 -24.68
N LEU E 43 -25.01 -20.15 -25.41
CA LEU E 43 -24.99 -20.22 -26.86
C LEU E 43 -24.29 -18.98 -27.40
N PRO E 44 -23.22 -19.12 -28.18
CA PRO E 44 -22.56 -17.94 -28.74
C PRO E 44 -23.44 -17.25 -29.78
N PHE E 45 -23.24 -15.95 -29.90
CA PHE E 45 -24.09 -15.14 -30.78
C PHE E 45 -23.78 -15.44 -32.24
N PHE E 46 -24.84 -15.49 -33.06
CA PHE E 46 -24.77 -15.74 -34.50
C PHE E 46 -24.04 -17.05 -34.82
N SER E 47 -24.41 -18.10 -34.10
CA SER E 47 -23.82 -19.42 -34.27
C SER E 47 -24.65 -20.27 -35.23
N ASN E 48 -23.99 -21.26 -35.83
CA ASN E 48 -24.68 -22.19 -36.70
C ASN E 48 -25.48 -23.18 -35.86
N VAL E 49 -26.76 -23.29 -36.17
CA VAL E 49 -27.66 -24.20 -35.48
C VAL E 49 -28.22 -25.19 -36.50
N THR E 50 -28.14 -26.48 -36.18
CA THR E 50 -28.50 -27.52 -37.13
C THR E 50 -30.01 -27.57 -37.31
N TRP E 51 -30.46 -27.60 -38.55
CA TRP E 51 -31.88 -27.54 -38.89
C TRP E 51 -32.40 -28.95 -39.17
N PHE E 52 -33.54 -29.28 -38.57
CA PHE E 52 -34.24 -30.53 -38.85
C PHE E 52 -35.69 -30.21 -39.18
N HIS E 53 -36.30 -31.09 -39.98
CA HIS E 53 -37.68 -30.91 -40.39
C HIS E 53 -38.43 -32.23 -40.25
N ALA E 54 -39.73 -32.12 -39.96
CA ALA E 54 -40.66 -33.23 -40.02
C ALA E 54 -41.84 -32.73 -40.86
N ILE E 55 -41.70 -32.83 -42.18
CA ILE E 55 -42.67 -32.29 -43.12
C ILE E 55 -42.91 -33.32 -44.22
N HIS E 56 -44.18 -33.64 -44.47
CA HIS E 56 -44.58 -34.49 -45.60
C HIS E 56 -45.47 -33.65 -46.51
N VAL E 57 -44.91 -33.24 -47.66
CA VAL E 57 -45.65 -32.40 -48.58
C VAL E 57 -46.62 -33.24 -49.41
N SER E 58 -47.58 -32.57 -50.03
CA SER E 58 -48.54 -33.22 -50.89
C SER E 58 -47.95 -33.48 -52.28
N GLY E 59 -48.60 -34.36 -53.02
CA GLY E 59 -48.19 -34.72 -54.36
C GLY E 59 -48.16 -36.21 -54.56
N THR E 60 -47.69 -36.62 -55.74
CA THR E 60 -47.60 -38.04 -56.05
C THR E 60 -46.47 -38.70 -55.27
N ASN E 61 -45.24 -38.24 -55.48
CA ASN E 61 -44.08 -38.77 -54.75
C ASN E 61 -43.89 -38.04 -53.43
N GLY E 62 -43.70 -36.73 -53.49
CA GLY E 62 -43.51 -35.93 -52.30
C GLY E 62 -42.17 -36.16 -51.63
N THR E 63 -42.05 -35.60 -50.43
CA THR E 63 -40.84 -35.74 -49.61
C THR E 63 -41.28 -36.09 -48.20
N LYS E 64 -41.12 -37.36 -47.82
CA LYS E 64 -41.46 -37.82 -46.48
C LYS E 64 -40.25 -37.61 -45.56
N ARG E 65 -39.99 -36.34 -45.26
CA ARG E 65 -38.89 -35.95 -44.39
C ARG E 65 -39.33 -36.13 -42.94
N PHE E 66 -38.73 -37.12 -42.26
CA PHE E 66 -39.06 -37.42 -40.86
C PHE E 66 -37.73 -37.68 -40.16
N ASP E 67 -37.15 -36.62 -39.59
CA ASP E 67 -35.80 -36.66 -39.05
C ASP E 67 -35.86 -36.76 -37.54
N ASN E 68 -35.49 -37.92 -37.00
CA ASN E 68 -35.24 -38.10 -35.58
C ASN E 68 -33.92 -38.87 -35.40
N PRO E 69 -32.78 -38.22 -35.69
CA PRO E 69 -31.51 -38.93 -35.62
C PRO E 69 -30.84 -38.82 -34.26
N VAL E 70 -29.93 -39.75 -34.01
CA VAL E 70 -29.13 -39.73 -32.78
C VAL E 70 -28.06 -38.66 -32.94
N LEU E 71 -28.00 -37.73 -32.00
CA LEU E 71 -27.09 -36.61 -32.07
C LEU E 71 -26.19 -36.58 -30.83
N PRO E 72 -24.95 -36.12 -30.97
CA PRO E 72 -24.07 -36.04 -29.81
C PRO E 72 -24.54 -35.00 -28.79
N PHE E 73 -24.19 -35.24 -27.54
CA PHE E 73 -24.52 -34.35 -26.43
C PHE E 73 -23.23 -33.78 -25.87
N ASN E 74 -22.98 -32.51 -26.15
CA ASN E 74 -21.79 -31.82 -25.64
C ASN E 74 -22.01 -31.36 -24.21
N ASP E 75 -21.13 -30.46 -23.74
CA ASP E 75 -21.26 -29.93 -22.38
C ASP E 75 -22.56 -29.17 -22.18
N GLY E 76 -23.09 -28.57 -23.25
CA GLY E 76 -24.39 -27.94 -23.19
C GLY E 76 -25.04 -27.91 -24.55
N VAL E 77 -26.36 -27.98 -24.57
CA VAL E 77 -27.13 -27.95 -25.80
C VAL E 77 -28.22 -26.89 -25.70
N TYR E 78 -28.70 -26.45 -26.85
CA TYR E 78 -29.81 -25.52 -26.94
C TYR E 78 -30.84 -26.08 -27.91
N PHE E 79 -32.11 -26.10 -27.50
CA PHE E 79 -33.19 -26.65 -28.29
C PHE E 79 -34.27 -25.61 -28.48
N ALA E 80 -34.70 -25.43 -29.73
CA ALA E 80 -35.83 -24.57 -30.06
C ALA E 80 -36.72 -25.31 -31.05
N SER E 81 -38.01 -25.05 -30.99
CA SER E 81 -38.96 -25.78 -31.85
C SER E 81 -40.19 -24.92 -32.11
N THR E 82 -40.50 -24.72 -33.38
CA THR E 82 -41.73 -24.07 -33.79
C THR E 82 -42.80 -25.14 -33.98
N GLU E 83 -43.91 -25.02 -33.25
CA GLU E 83 -44.92 -26.06 -33.22
C GLU E 83 -46.31 -25.49 -33.47
N LYS E 84 -47.17 -26.31 -34.06
CA LYS E 84 -48.58 -25.98 -34.25
C LYS E 84 -49.52 -27.10 -33.86
N SER E 85 -49.03 -28.34 -33.69
CA SER E 85 -49.88 -29.48 -33.38
C SER E 85 -49.30 -30.36 -32.28
N ASN E 86 -48.31 -29.83 -31.53
CA ASN E 86 -47.62 -30.54 -30.44
C ASN E 86 -47.01 -31.85 -30.93
N ILE E 87 -46.28 -31.77 -32.05
CA ILE E 87 -45.64 -32.95 -32.62
C ILE E 87 -44.47 -33.40 -31.74
N ILE E 88 -43.71 -32.43 -31.20
CA ILE E 88 -42.56 -32.76 -30.36
C ILE E 88 -43.07 -33.27 -29.02
N ARG E 89 -42.67 -34.50 -28.66
CA ARG E 89 -43.12 -35.14 -27.43
C ARG E 89 -41.99 -35.34 -26.43
N GLY E 90 -40.86 -34.64 -26.61
CA GLY E 90 -39.78 -34.74 -25.68
C GLY E 90 -38.49 -35.28 -26.26
N TRP E 91 -37.55 -35.66 -25.39
CA TRP E 91 -36.22 -36.10 -25.81
C TRP E 91 -35.80 -37.30 -24.97
N ILE E 92 -34.69 -37.92 -25.38
CA ILE E 92 -34.04 -38.97 -24.62
C ILE E 92 -32.57 -38.61 -24.48
N PHE E 93 -31.99 -38.97 -23.35
CA PHE E 93 -30.59 -38.67 -23.06
C PHE E 93 -29.90 -39.90 -22.51
N GLY E 94 -28.61 -40.01 -22.79
CA GLY E 94 -27.84 -41.15 -22.32
C GLY E 94 -26.49 -41.21 -23.02
N THR E 95 -25.88 -42.39 -22.95
CA THR E 95 -24.58 -42.62 -23.58
C THR E 95 -24.64 -43.65 -24.70
N THR E 96 -25.17 -44.85 -24.42
CA THR E 96 -25.24 -45.91 -25.41
C THR E 96 -26.66 -46.25 -25.83
N LEU E 97 -27.64 -46.08 -24.94
CA LEU E 97 -29.08 -46.24 -25.24
C LEU E 97 -29.41 -47.64 -25.76
N ASP E 98 -28.80 -48.66 -25.14
CA ASP E 98 -29.08 -50.04 -25.54
C ASP E 98 -29.22 -50.95 -24.32
N SER E 99 -29.77 -50.43 -23.23
CA SER E 99 -29.96 -51.13 -21.96
C SER E 99 -28.64 -51.66 -21.39
N LYS E 100 -27.54 -50.96 -21.67
CA LYS E 100 -26.24 -51.26 -21.07
C LYS E 100 -25.73 -50.16 -20.17
N THR E 101 -26.10 -48.91 -20.42
CA THR E 101 -25.84 -47.80 -19.52
C THR E 101 -27.17 -47.17 -19.13
N GLN E 102 -27.18 -46.50 -17.98
CA GLN E 102 -28.41 -45.91 -17.47
C GLN E 102 -28.79 -44.70 -18.31
N SER E 103 -30.01 -44.69 -18.81
CA SER E 103 -30.55 -43.61 -19.63
C SER E 103 -31.79 -43.03 -18.96
N LEU E 104 -32.35 -41.98 -19.58
CA LEU E 104 -33.46 -41.26 -18.99
C LEU E 104 -34.52 -41.00 -20.05
N LEU E 105 -35.74 -40.73 -19.59
CA LEU E 105 -36.88 -40.48 -20.45
C LEU E 105 -37.47 -39.11 -20.14
N ILE E 106 -37.79 -38.35 -21.18
CA ILE E 106 -38.61 -37.14 -21.07
C ILE E 106 -39.69 -37.28 -22.14
N VAL E 107 -40.87 -37.76 -21.74
CA VAL E 107 -41.99 -37.95 -22.64
C VAL E 107 -43.19 -37.19 -22.09
N ASN E 108 -43.86 -36.45 -22.96
CA ASN E 108 -45.14 -35.81 -22.64
C ASN E 108 -46.20 -36.49 -23.50
N ASN E 109 -46.80 -37.54 -22.96
CA ASN E 109 -47.79 -38.30 -23.70
C ASN E 109 -49.16 -37.64 -23.54
N ALA E 110 -50.23 -38.34 -23.90
CA ALA E 110 -51.56 -37.75 -24.02
C ALA E 110 -52.14 -37.27 -22.69
N THR E 111 -51.61 -37.70 -21.56
CA THR E 111 -52.21 -37.25 -20.30
C THR E 111 -51.22 -36.63 -19.34
N ASN E 112 -50.00 -37.17 -19.24
CA ASN E 112 -49.05 -36.72 -18.24
C ASN E 112 -47.70 -36.40 -18.87
N VAL E 113 -46.82 -35.82 -18.05
CA VAL E 113 -45.42 -35.64 -18.39
C VAL E 113 -44.62 -36.65 -17.57
N VAL E 114 -43.97 -37.59 -18.25
CA VAL E 114 -43.33 -38.73 -17.61
C VAL E 114 -41.82 -38.54 -17.68
N ILE E 115 -41.18 -38.52 -16.52
CA ILE E 115 -39.72 -38.47 -16.41
C ILE E 115 -39.28 -39.74 -15.68
N LYS E 116 -38.60 -40.63 -16.40
CA LYS E 116 -38.13 -41.89 -15.84
C LYS E 116 -36.67 -42.08 -16.22
N VAL E 117 -35.85 -42.43 -15.23
CA VAL E 117 -34.43 -42.71 -15.45
C VAL E 117 -34.23 -44.19 -15.13
N CYS E 118 -34.37 -45.03 -16.14
CA CYS E 118 -34.31 -46.47 -15.99
C CYS E 118 -33.39 -47.07 -17.05
N GLU E 119 -33.10 -48.36 -16.90
CA GLU E 119 -32.33 -49.10 -17.89
C GLU E 119 -33.24 -49.40 -19.08
N PHE E 120 -33.25 -48.50 -20.04
CA PHE E 120 -34.19 -48.57 -21.15
C PHE E 120 -33.51 -49.20 -22.37
N GLN E 121 -34.12 -50.26 -22.90
CA GLN E 121 -33.72 -50.80 -24.19
C GLN E 121 -34.44 -49.98 -25.26
N PHE E 122 -33.80 -48.89 -25.67
CA PHE E 122 -34.45 -47.91 -26.52
C PHE E 122 -34.64 -48.45 -27.94
N CYS E 123 -35.76 -48.05 -28.56
CA CYS E 123 -36.05 -48.46 -29.91
C CYS E 123 -35.11 -47.78 -30.90
N ASN E 124 -34.94 -48.41 -32.06
CA ASN E 124 -34.12 -47.83 -33.12
C ASN E 124 -34.75 -46.55 -33.67
N ASP E 125 -36.06 -46.55 -33.86
CA ASP E 125 -36.80 -45.39 -34.33
C ASP E 125 -38.01 -45.17 -33.44
N PRO E 126 -37.83 -44.55 -32.28
CA PRO E 126 -38.96 -44.28 -31.39
C PRO E 126 -39.87 -43.20 -31.96
N PHE E 127 -41.17 -43.34 -31.69
CA PHE E 127 -42.16 -42.38 -32.15
C PHE E 127 -43.40 -42.50 -31.28
N LEU E 128 -44.30 -41.52 -31.42
CA LEU E 128 -45.59 -41.51 -30.75
C LEU E 128 -46.68 -41.51 -31.80
N GLY E 129 -47.65 -42.41 -31.65
CA GLY E 129 -48.69 -42.59 -32.64
C GLY E 129 -49.99 -41.91 -32.24
N VAL E 130 -50.48 -41.07 -33.14
CA VAL E 130 -51.76 -40.38 -32.97
C VAL E 130 -52.67 -40.80 -34.11
N TYR E 131 -53.90 -41.20 -33.78
CA TYR E 131 -54.86 -41.69 -34.77
C TYR E 131 -56.00 -40.70 -34.91
N TYR E 132 -56.45 -40.51 -36.15
CA TYR E 132 -57.58 -39.63 -36.46
C TYR E 132 -58.64 -40.46 -37.17
N HIS E 133 -59.77 -40.69 -36.51
CA HIS E 133 -60.84 -41.47 -37.07
C HIS E 133 -61.78 -40.59 -37.89
N LYS E 134 -62.65 -41.24 -38.68
CA LYS E 134 -63.65 -40.55 -39.46
C LYS E 134 -65.07 -40.78 -38.97
N ASN E 135 -65.30 -41.85 -38.20
CA ASN E 135 -66.61 -42.05 -37.56
C ASN E 135 -66.90 -40.93 -36.56
N ASN E 136 -65.92 -40.60 -35.72
CA ASN E 136 -65.96 -39.37 -34.94
C ASN E 136 -64.64 -38.63 -35.13
N LYS E 137 -64.63 -37.35 -34.73
CA LYS E 137 -63.53 -36.45 -35.02
C LYS E 137 -62.53 -36.36 -33.88
N SER E 138 -62.33 -37.45 -33.15
CA SER E 138 -61.37 -37.46 -32.06
C SER E 138 -59.95 -37.60 -32.60
N TRP E 139 -58.98 -37.29 -31.75
CA TRP E 139 -57.56 -37.30 -32.08
C TRP E 139 -56.77 -37.99 -30.97
N MET E 140 -57.24 -39.16 -30.55
CA MET E 140 -56.64 -39.85 -29.41
C MET E 140 -55.28 -40.44 -29.78
N GLU E 141 -54.48 -40.68 -28.74
CA GLU E 141 -53.19 -41.35 -28.88
C GLU E 141 -53.38 -42.85 -28.78
N SER E 142 -52.76 -43.59 -29.71
CA SER E 142 -52.96 -45.03 -29.79
C SER E 142 -51.68 -45.85 -29.74
N GLU E 143 -50.51 -45.29 -30.05
CA GLU E 143 -49.27 -46.04 -30.09
C GLU E 143 -48.24 -45.38 -29.19
N PHE E 144 -47.50 -46.22 -28.45
CA PHE E 144 -46.43 -45.76 -27.56
C PHE E 144 -45.28 -46.74 -27.70
N ARG E 145 -44.30 -46.39 -28.54
CA ARG E 145 -43.15 -47.26 -28.83
C ARG E 145 -41.89 -46.42 -28.65
N VAL E 146 -41.38 -46.38 -27.42
CA VAL E 146 -40.18 -45.59 -27.12
C VAL E 146 -39.06 -46.53 -26.68
N TYR E 147 -39.40 -47.64 -26.05
CA TYR E 147 -38.41 -48.54 -25.49
C TYR E 147 -38.94 -49.96 -25.51
N SER E 148 -38.11 -50.89 -25.03
CA SER E 148 -38.45 -52.30 -24.99
C SER E 148 -38.51 -52.86 -23.57
N SER E 149 -37.47 -52.66 -22.77
CA SER E 149 -37.41 -53.19 -21.42
C SER E 149 -36.97 -52.11 -20.45
N ALA E 150 -37.53 -52.17 -19.24
CA ALA E 150 -37.21 -51.23 -18.16
C ALA E 150 -37.02 -51.98 -16.86
N ASN E 151 -36.20 -53.04 -16.90
CA ASN E 151 -36.07 -53.94 -15.76
C ASN E 151 -35.37 -53.29 -14.57
N ASN E 152 -34.43 -52.38 -14.81
CA ASN E 152 -33.70 -51.69 -13.76
C ASN E 152 -34.00 -50.20 -13.83
N CYS E 153 -34.39 -49.61 -12.70
CA CYS E 153 -34.74 -48.20 -12.66
C CYS E 153 -34.39 -47.63 -11.30
N THR E 154 -34.19 -46.31 -11.25
CA THR E 154 -33.87 -45.62 -10.02
C THR E 154 -34.64 -44.32 -9.81
N PHE E 155 -35.31 -43.79 -10.82
CA PHE E 155 -36.05 -42.54 -10.70
C PHE E 155 -37.34 -42.60 -11.48
N GLU E 156 -38.41 -42.07 -10.89
CA GLU E 156 -39.71 -41.99 -11.53
C GLU E 156 -40.36 -40.67 -11.18
N TYR E 157 -41.03 -40.06 -12.16
CA TYR E 157 -41.77 -38.82 -11.93
C TYR E 157 -42.90 -38.74 -12.95
N VAL E 158 -44.14 -38.64 -12.45
CA VAL E 158 -45.32 -38.48 -13.29
C VAL E 158 -46.03 -37.21 -12.87
N SER E 159 -46.31 -36.34 -13.85
CA SER E 159 -47.02 -35.10 -13.58
C SER E 159 -48.52 -35.36 -13.45
N GLN E 160 -49.26 -34.30 -13.16
CA GLN E 160 -50.71 -34.41 -13.01
C GLN E 160 -51.36 -34.66 -14.38
N PRO E 161 -52.50 -35.36 -14.41
CA PRO E 161 -53.15 -35.64 -15.69
C PRO E 161 -53.84 -34.40 -16.26
N PHE E 162 -53.56 -34.12 -17.52
CA PHE E 162 -54.15 -32.99 -18.23
C PHE E 162 -54.38 -33.40 -19.68
N LEU E 163 -54.94 -32.50 -20.47
CA LEU E 163 -55.30 -32.78 -21.85
C LEU E 163 -54.80 -31.67 -22.76
N MET E 164 -54.53 -32.04 -24.01
CA MET E 164 -54.14 -31.10 -25.04
C MET E 164 -54.99 -31.36 -26.29
N ASP E 165 -54.90 -30.43 -27.25
CA ASP E 165 -55.79 -30.47 -28.41
C ASP E 165 -55.45 -31.63 -29.34
N LEU E 166 -54.16 -31.79 -29.66
CA LEU E 166 -53.66 -32.77 -30.65
C LEU E 166 -54.36 -32.63 -31.99
N GLU E 167 -54.60 -31.39 -32.40
CA GLU E 167 -55.35 -31.09 -33.62
C GLU E 167 -54.40 -30.71 -34.73
N GLY E 168 -54.67 -31.21 -35.94
CA GLY E 168 -53.85 -30.92 -37.10
C GLY E 168 -54.16 -29.57 -37.70
N LYS E 169 -53.67 -28.51 -37.08
CA LYS E 169 -53.94 -27.15 -37.53
C LYS E 169 -53.35 -26.90 -38.91
N GLN E 170 -54.17 -26.35 -39.80
CA GLN E 170 -53.72 -26.07 -41.16
C GLN E 170 -52.87 -24.81 -41.25
N GLY E 171 -52.92 -23.95 -40.23
CA GLY E 171 -52.26 -22.68 -40.27
C GLY E 171 -50.75 -22.81 -40.07
N ASN E 172 -50.10 -21.65 -40.04
CA ASN E 172 -48.66 -21.58 -39.83
C ASN E 172 -48.35 -21.78 -38.35
N PHE E 173 -47.04 -21.81 -38.04
CA PHE E 173 -46.61 -22.02 -36.66
C PHE E 173 -46.94 -20.80 -35.80
N LYS E 174 -47.46 -21.07 -34.60
CA LYS E 174 -47.82 -20.01 -33.66
C LYS E 174 -47.30 -20.25 -32.26
N ASN E 175 -46.58 -21.35 -32.01
CA ASN E 175 -46.01 -21.65 -30.70
C ASN E 175 -44.52 -21.91 -30.86
N LEU E 176 -43.72 -21.26 -30.02
CA LEU E 176 -42.27 -21.44 -30.02
C LEU E 176 -41.83 -21.83 -28.62
N ARG E 177 -41.13 -22.96 -28.50
CA ARG E 177 -40.65 -23.47 -27.23
C ARG E 177 -39.14 -23.58 -27.28
N GLU E 178 -38.47 -22.88 -26.37
CA GLU E 178 -37.02 -22.96 -26.22
C GLU E 178 -36.67 -23.91 -25.08
N PHE E 179 -35.54 -24.59 -25.21
CA PHE E 179 -35.09 -25.51 -24.18
C PHE E 179 -33.57 -25.49 -24.13
N VAL E 180 -33.02 -25.42 -22.91
CA VAL E 180 -31.59 -25.47 -22.69
C VAL E 180 -31.32 -26.52 -21.63
N PHE E 181 -30.46 -27.49 -21.96
CA PHE E 181 -30.13 -28.59 -21.08
C PHE E 181 -28.65 -28.54 -20.70
N LYS E 182 -28.37 -28.64 -19.41
CA LYS E 182 -27.01 -28.65 -18.90
C LYS E 182 -26.86 -29.82 -17.93
N ASN E 183 -25.61 -30.29 -17.79
CA ASN E 183 -25.31 -31.44 -16.93
C ASN E 183 -24.04 -31.11 -16.16
N ILE E 184 -24.21 -30.56 -14.96
CA ILE E 184 -23.10 -30.26 -14.07
C ILE E 184 -23.37 -30.90 -12.71
N ASP E 185 -22.39 -31.67 -12.23
CA ASP E 185 -22.46 -32.37 -10.93
C ASP E 185 -23.68 -33.27 -10.81
N GLY E 186 -24.11 -33.87 -11.92
CA GLY E 186 -25.28 -34.73 -11.92
C GLY E 186 -26.61 -34.01 -11.98
N TYR E 187 -26.61 -32.68 -12.08
CA TYR E 187 -27.84 -31.90 -12.11
C TYR E 187 -28.21 -31.64 -13.57
N PHE E 188 -29.42 -32.04 -13.94
CA PHE E 188 -29.94 -31.84 -15.30
C PHE E 188 -30.82 -30.60 -15.29
N LYS E 189 -30.17 -29.44 -15.29
CA LYS E 189 -30.89 -28.17 -15.23
C LYS E 189 -31.56 -27.87 -16.57
N ILE E 190 -32.83 -27.49 -16.53
CA ILE E 190 -33.62 -27.22 -17.71
C ILE E 190 -34.10 -25.78 -17.67
N TYR E 191 -33.86 -25.04 -18.75
CA TYR E 191 -34.31 -23.66 -18.90
C TYR E 191 -35.24 -23.59 -20.10
N SER E 192 -36.44 -23.03 -19.90
CA SER E 192 -37.44 -23.04 -20.94
C SER E 192 -38.35 -21.83 -20.83
N LYS E 193 -38.97 -21.47 -21.96
CA LYS E 193 -39.97 -20.40 -22.01
C LYS E 193 -40.82 -20.60 -23.25
N HIS E 194 -42.13 -20.60 -23.08
CA HIS E 194 -43.07 -20.69 -24.18
C HIS E 194 -43.43 -19.30 -24.67
N THR E 195 -43.26 -19.07 -25.97
CA THR E 195 -43.50 -17.75 -26.56
C THR E 195 -44.32 -17.90 -27.84
N PRO E 196 -45.43 -17.16 -27.96
CA PRO E 196 -46.17 -17.18 -29.23
C PRO E 196 -45.38 -16.49 -30.34
N ILE E 197 -45.64 -16.94 -31.57
CA ILE E 197 -44.92 -16.45 -32.74
C ILE E 197 -45.90 -16.30 -33.90
N ASN E 198 -45.42 -15.67 -34.96
CA ASN E 198 -46.16 -15.60 -36.24
C ASN E 198 -45.11 -15.57 -37.35
N LEU E 199 -44.80 -16.75 -37.88
CA LEU E 199 -43.81 -16.91 -38.92
C LEU E 199 -44.26 -18.01 -39.88
N VAL E 200 -43.41 -18.33 -40.84
CA VAL E 200 -43.76 -19.36 -41.82
C VAL E 200 -42.80 -20.54 -41.75
N ARG E 201 -41.52 -20.31 -42.09
CA ARG E 201 -40.60 -21.43 -42.25
C ARG E 201 -39.19 -21.11 -41.77
N ASP E 202 -39.02 -20.24 -40.77
CA ASP E 202 -37.68 -19.88 -40.35
C ASP E 202 -37.66 -19.51 -38.87
N LEU E 203 -36.47 -19.59 -38.30
CA LEU E 203 -36.27 -19.16 -36.92
C LEU E 203 -36.41 -17.64 -36.82
N PRO E 204 -37.22 -17.12 -35.91
CA PRO E 204 -37.48 -15.67 -35.88
C PRO E 204 -36.29 -14.89 -35.36
N GLN E 205 -36.25 -13.61 -35.74
CA GLN E 205 -35.23 -12.68 -35.29
C GLN E 205 -35.71 -11.97 -34.03
N GLY E 206 -34.94 -12.08 -32.96
CA GLY E 206 -35.30 -11.43 -31.72
C GLY E 206 -34.44 -11.93 -30.57
N PHE E 207 -34.77 -11.43 -29.38
CA PHE E 207 -34.06 -11.77 -28.16
C PHE E 207 -35.05 -12.25 -27.11
N SER E 208 -34.62 -13.21 -26.29
CA SER E 208 -35.46 -13.74 -25.23
C SER E 208 -34.58 -14.26 -24.11
N ALA E 209 -35.11 -14.19 -22.89
CA ALA E 209 -34.44 -14.70 -21.71
C ALA E 209 -35.20 -15.92 -21.19
N LEU E 210 -34.48 -17.02 -20.99
CA LEU E 210 -35.12 -18.29 -20.65
C LEU E 210 -35.11 -18.48 -19.13
N GLU E 211 -36.30 -18.62 -18.56
CA GLU E 211 -36.42 -18.91 -17.14
C GLU E 211 -36.11 -20.38 -16.88
N PRO E 212 -35.49 -20.72 -15.75
CA PRO E 212 -35.30 -22.12 -15.40
C PRO E 212 -36.63 -22.80 -15.10
N LEU E 213 -36.74 -24.07 -15.52
CA LEU E 213 -37.96 -24.83 -15.35
C LEU E 213 -37.89 -25.79 -14.16
N VAL E 214 -36.90 -26.68 -14.16
CA VAL E 214 -36.78 -27.69 -13.10
C VAL E 214 -35.33 -28.16 -13.09
N ASP E 215 -34.88 -28.62 -11.92
CA ASP E 215 -33.57 -29.22 -11.76
C ASP E 215 -33.75 -30.72 -11.50
N LEU E 216 -32.99 -31.53 -12.23
CA LEU E 216 -33.11 -32.99 -12.16
C LEU E 216 -31.78 -33.59 -11.73
N PRO E 217 -31.57 -33.80 -10.43
CA PRO E 217 -30.36 -34.51 -9.99
C PRO E 217 -30.43 -36.00 -10.28
N ILE E 218 -29.63 -36.46 -11.25
CA ILE E 218 -29.73 -37.83 -11.72
C ILE E 218 -28.39 -38.54 -11.60
N GLY E 219 -27.30 -37.78 -11.70
CA GLY E 219 -25.96 -38.34 -11.59
C GLY E 219 -25.53 -39.26 -12.72
N ILE E 220 -26.29 -39.34 -13.81
CA ILE E 220 -25.98 -40.26 -14.90
C ILE E 220 -25.05 -39.60 -15.89
N ASN E 221 -24.45 -40.41 -16.78
CA ASN E 221 -23.53 -39.93 -17.79
C ASN E 221 -24.26 -39.85 -19.12
N ILE E 222 -24.24 -38.66 -19.74
CA ILE E 222 -24.92 -38.41 -20.99
C ILE E 222 -23.88 -38.04 -22.05
N THR E 223 -23.94 -38.72 -23.19
CA THR E 223 -22.99 -38.46 -24.27
C THR E 223 -23.72 -38.20 -25.59
N ARG E 224 -24.89 -38.80 -25.75
CA ARG E 224 -25.69 -38.64 -26.96
C ARG E 224 -27.15 -38.39 -26.58
N PHE E 225 -27.90 -37.84 -27.52
CA PHE E 225 -29.30 -37.55 -27.27
C PHE E 225 -30.09 -37.63 -28.57
N GLN E 226 -31.40 -37.81 -28.43
CA GLN E 226 -32.31 -37.91 -29.56
C GLN E 226 -33.65 -37.33 -29.13
N THR E 227 -34.42 -36.87 -30.12
CA THR E 227 -35.71 -36.25 -29.88
C THR E 227 -36.85 -37.21 -30.20
N LEU E 228 -38.04 -36.86 -29.71
CA LEU E 228 -39.25 -37.65 -29.92
C LEU E 228 -40.21 -36.86 -30.80
N LEU E 229 -40.75 -37.52 -31.83
CA LEU E 229 -41.69 -36.90 -32.74
C LEU E 229 -42.99 -37.71 -32.76
N ALA E 230 -44.07 -37.02 -33.10
CA ALA E 230 -45.38 -37.65 -33.18
C ALA E 230 -45.57 -38.30 -34.55
N LEU E 231 -46.68 -39.01 -34.70
CA LEU E 231 -47.00 -39.69 -35.96
C LEU E 231 -48.51 -39.70 -36.13
N HIS E 232 -48.96 -39.39 -37.34
CA HIS E 232 -50.38 -39.33 -37.66
C HIS E 232 -50.76 -40.52 -38.53
N ARG E 233 -51.80 -41.23 -38.13
CA ARG E 233 -52.34 -42.35 -38.88
C ARG E 233 -53.82 -42.12 -39.12
N SER E 234 -54.26 -42.29 -40.36
CA SER E 234 -55.66 -42.07 -40.72
C SER E 234 -55.97 -42.93 -41.94
N TYR E 235 -57.14 -42.68 -42.55
CA TYR E 235 -57.56 -43.43 -43.72
C TYR E 235 -56.89 -42.97 -45.00
N LEU E 236 -56.15 -41.87 -44.98
CA LEU E 236 -55.36 -41.42 -46.12
C LEU E 236 -53.98 -42.04 -46.16
N THR E 237 -53.62 -42.87 -45.17
CA THR E 237 -52.31 -43.49 -45.09
C THR E 237 -52.49 -45.00 -44.97
N PRO E 238 -52.75 -45.68 -46.08
CA PRO E 238 -52.90 -47.14 -46.04
C PRO E 238 -51.57 -47.85 -45.94
N GLY E 239 -51.63 -49.10 -45.48
CA GLY E 239 -50.47 -49.94 -45.36
C GLY E 239 -50.35 -50.50 -43.96
N ASP E 240 -49.15 -50.98 -43.63
CA ASP E 240 -48.89 -51.55 -42.32
C ASP E 240 -48.48 -50.43 -41.37
N SER E 241 -48.00 -50.81 -40.18
CA SER E 241 -47.54 -49.83 -39.20
C SER E 241 -46.19 -49.22 -39.57
N SER E 242 -45.47 -49.81 -40.52
CA SER E 242 -44.16 -49.30 -40.92
C SER E 242 -44.24 -48.28 -42.05
N SER E 243 -45.34 -48.25 -42.80
CA SER E 243 -45.48 -47.35 -43.93
C SER E 243 -46.79 -46.57 -43.97
N GLY E 244 -47.85 -47.04 -43.32
CA GLY E 244 -49.11 -46.34 -43.34
C GLY E 244 -49.17 -45.19 -42.34
N TRP E 245 -48.45 -44.11 -42.64
CA TRP E 245 -48.38 -42.97 -41.74
C TRP E 245 -48.07 -41.71 -42.53
N THR E 246 -48.33 -40.57 -41.90
CA THR E 246 -47.94 -39.27 -42.43
C THR E 246 -47.29 -38.47 -41.31
N ALA E 247 -46.44 -37.53 -41.70
CA ALA E 247 -45.62 -36.81 -40.73
C ALA E 247 -46.41 -35.74 -39.99
N GLY E 248 -46.95 -34.77 -40.72
CA GLY E 248 -47.52 -33.59 -40.10
C GLY E 248 -46.45 -32.54 -39.91
N ALA E 249 -46.70 -31.32 -40.40
CA ALA E 249 -45.64 -30.32 -40.54
C ALA E 249 -45.16 -29.82 -39.18
N ALA E 250 -43.87 -29.96 -38.93
CA ALA E 250 -43.23 -29.47 -37.72
C ALA E 250 -41.74 -29.31 -37.99
N ALA E 251 -41.08 -28.52 -37.14
CA ALA E 251 -39.66 -28.29 -37.27
C ALA E 251 -39.07 -27.95 -35.91
N TYR E 252 -37.76 -28.15 -35.78
CA TYR E 252 -37.06 -27.84 -34.55
C TYR E 252 -35.60 -27.54 -34.86
N TYR E 253 -34.93 -26.93 -33.89
CA TYR E 253 -33.54 -26.51 -34.04
C TYR E 253 -32.71 -27.04 -32.88
N VAL E 254 -31.49 -27.48 -33.20
CA VAL E 254 -30.59 -28.07 -32.22
C VAL E 254 -29.27 -27.32 -32.28
N GLY E 255 -28.89 -26.71 -31.16
CA GLY E 255 -27.63 -26.00 -31.07
C GLY E 255 -26.84 -26.45 -29.86
N TYR E 256 -25.56 -26.10 -29.85
CA TYR E 256 -24.64 -26.52 -28.80
C TYR E 256 -24.13 -25.32 -28.03
N LEU E 257 -23.99 -25.49 -26.71
CA LEU E 257 -23.44 -24.45 -25.84
C LEU E 257 -21.96 -24.70 -25.59
N GLN E 258 -21.28 -23.63 -25.19
CA GLN E 258 -19.86 -23.70 -24.82
C GLN E 258 -19.58 -22.55 -23.88
N PRO E 259 -18.59 -22.67 -22.99
CA PRO E 259 -18.35 -21.61 -21.98
C PRO E 259 -17.92 -20.29 -22.61
N ARG E 260 -18.71 -19.26 -22.35
CA ARG E 260 -18.45 -17.92 -22.87
C ARG E 260 -18.71 -16.90 -21.76
N THR E 261 -18.08 -15.74 -21.91
CA THR E 261 -18.31 -14.63 -21.00
C THR E 261 -19.40 -13.74 -21.58
N PHE E 262 -20.37 -13.36 -20.75
CA PHE E 262 -21.50 -12.56 -21.18
C PHE E 262 -21.74 -11.41 -20.21
N LEU E 263 -22.16 -10.28 -20.78
CA LEU E 263 -22.57 -9.11 -20.01
C LEU E 263 -24.09 -8.99 -20.14
N LEU E 264 -24.80 -9.24 -19.06
CA LEU E 264 -26.26 -9.30 -19.07
C LEU E 264 -26.83 -7.96 -18.62
N LYS E 265 -27.80 -7.45 -19.38
CA LYS E 265 -28.45 -6.18 -19.07
C LYS E 265 -29.80 -6.46 -18.44
N TYR E 266 -30.03 -5.88 -17.26
CA TYR E 266 -31.30 -5.98 -16.56
C TYR E 266 -32.04 -4.65 -16.65
N ASN E 267 -33.34 -4.73 -16.89
CA ASN E 267 -34.17 -3.53 -16.94
C ASN E 267 -34.53 -3.11 -15.51
N GLU E 268 -35.47 -2.18 -15.37
CA GLU E 268 -35.90 -1.75 -14.05
C GLU E 268 -36.90 -2.71 -13.41
N ASN E 269 -37.42 -3.69 -14.15
CA ASN E 269 -38.39 -4.63 -13.61
C ASN E 269 -37.92 -6.08 -13.77
N GLY E 270 -36.60 -6.28 -13.80
CA GLY E 270 -36.03 -7.61 -13.62
C GLY E 270 -36.14 -8.56 -14.79
N THR E 271 -36.24 -8.06 -16.02
CA THR E 271 -36.27 -8.90 -17.20
C THR E 271 -35.05 -8.59 -18.07
N ILE E 272 -34.34 -9.64 -18.48
CA ILE E 272 -33.17 -9.46 -19.33
C ILE E 272 -33.62 -9.07 -20.73
N THR E 273 -33.18 -7.91 -21.20
CA THR E 273 -33.58 -7.40 -22.50
C THR E 273 -32.46 -7.38 -23.54
N ASP E 274 -31.21 -7.49 -23.11
CA ASP E 274 -30.08 -7.48 -24.04
C ASP E 274 -28.91 -8.22 -23.42
N ALA E 275 -27.98 -8.63 -24.28
CA ALA E 275 -26.78 -9.32 -23.84
C ALA E 275 -25.64 -8.99 -24.79
N VAL E 276 -24.42 -9.13 -24.29
CA VAL E 276 -23.21 -8.83 -25.05
C VAL E 276 -22.30 -10.05 -24.98
N ASP E 277 -21.94 -10.59 -26.14
CA ASP E 277 -20.99 -11.70 -26.22
C ASP E 277 -19.58 -11.12 -26.19
N CYS E 278 -18.81 -11.44 -25.15
CA CYS E 278 -17.52 -10.82 -24.94
C CYS E 278 -16.43 -11.32 -25.89
N ALA E 279 -16.70 -12.38 -26.66
CA ALA E 279 -15.72 -12.92 -27.59
C ALA E 279 -16.24 -13.03 -29.02
N LEU E 280 -17.38 -12.39 -29.32
CA LEU E 280 -17.92 -12.46 -30.68
C LEU E 280 -17.11 -11.63 -31.66
N ASP E 281 -16.76 -10.41 -31.27
CA ASP E 281 -16.07 -9.47 -32.15
C ASP E 281 -15.33 -8.47 -31.26
N PRO E 282 -14.31 -7.79 -31.82
CA PRO E 282 -13.62 -6.75 -31.03
C PRO E 282 -14.51 -5.59 -30.59
N LEU E 283 -15.62 -5.34 -31.30
CA LEU E 283 -16.54 -4.29 -30.87
C LEU E 283 -17.22 -4.63 -29.55
N SER E 284 -17.79 -5.83 -29.46
CA SER E 284 -18.45 -6.25 -28.23
C SER E 284 -17.46 -6.67 -27.16
N GLU E 285 -16.23 -7.00 -27.53
CA GLU E 285 -15.21 -7.29 -26.54
C GLU E 285 -14.80 -6.02 -25.80
N THR E 286 -14.82 -4.88 -26.49
CA THR E 286 -14.62 -3.60 -25.81
C THR E 286 -15.81 -3.25 -24.93
N LYS E 287 -17.02 -3.66 -25.33
CA LYS E 287 -18.19 -3.47 -24.49
C LYS E 287 -18.08 -4.28 -23.20
N CYS E 288 -17.54 -5.49 -23.29
CA CYS E 288 -17.29 -6.30 -22.10
C CYS E 288 -16.22 -5.68 -21.21
N THR E 289 -15.18 -5.11 -21.82
CA THR E 289 -14.11 -4.48 -21.05
C THR E 289 -14.60 -3.20 -20.37
N LEU E 290 -15.37 -2.37 -21.10
CA LEU E 290 -15.87 -1.13 -20.53
C LEU E 290 -17.10 -1.32 -19.66
N LYS E 291 -17.73 -2.49 -19.72
CA LYS E 291 -18.94 -2.83 -18.95
C LYS E 291 -20.06 -1.81 -19.19
N SER E 292 -20.22 -1.40 -20.45
CA SER E 292 -21.25 -0.44 -20.81
C SER E 292 -21.66 -0.68 -22.26
N PHE E 293 -22.87 -0.23 -22.59
CA PHE E 293 -23.38 -0.36 -23.95
C PHE E 293 -23.06 0.84 -24.81
N THR E 294 -22.81 2.00 -24.21
CA THR E 294 -22.50 3.22 -24.95
C THR E 294 -21.43 4.03 -24.21
N VAL E 295 -19.77 1.44 -26.34
CA VAL E 295 -18.61 2.24 -25.98
C VAL E 295 -18.59 3.53 -26.79
N GLU E 296 -17.82 4.51 -26.30
CA GLU E 296 -17.72 5.81 -26.94
C GLU E 296 -16.60 5.79 -27.98
N LYS E 297 -16.55 6.83 -28.80
CA LYS E 297 -15.50 6.94 -29.81
C LYS E 297 -14.14 7.17 -29.15
N GLY E 298 -13.21 6.28 -29.45
CA GLY E 298 -11.88 6.37 -28.87
C GLY E 298 -11.12 5.08 -29.07
N ILE E 299 -9.90 5.08 -28.53
CA ILE E 299 -9.02 3.92 -28.56
C ILE E 299 -9.01 3.29 -27.17
N TYR E 300 -9.12 1.97 -27.13
CA TYR E 300 -9.22 1.24 -25.86
C TYR E 300 -8.26 0.07 -25.85
N GLN E 301 -7.46 -0.01 -24.78
CA GLN E 301 -6.54 -1.13 -24.61
C GLN E 301 -7.29 -2.35 -24.10
N THR E 302 -6.89 -3.52 -24.56
CA THR E 302 -7.56 -4.77 -24.23
C THR E 302 -6.56 -5.78 -23.67
N SER E 303 -7.01 -7.02 -23.52
CA SER E 303 -6.19 -8.06 -22.92
C SER E 303 -5.08 -8.50 -23.85
N ASN E 304 -3.97 -8.93 -23.26
CA ASN E 304 -2.84 -9.46 -24.00
C ASN E 304 -3.22 -10.81 -24.62
N PHE E 305 -2.63 -11.13 -25.76
CA PHE E 305 -2.89 -12.42 -26.39
C PHE E 305 -1.62 -13.23 -26.55
N ARG E 306 -1.80 -14.55 -26.59
CA ARG E 306 -0.77 -15.49 -26.99
C ARG E 306 -1.48 -16.71 -27.56
N VAL E 307 -0.73 -17.51 -28.34
CA VAL E 307 -1.34 -18.64 -29.04
C VAL E 307 -1.76 -19.71 -28.03
N GLN E 308 -2.92 -20.31 -28.27
CA GLN E 308 -3.44 -21.34 -27.39
C GLN E 308 -2.57 -22.61 -27.48
N PRO E 309 -2.47 -23.37 -26.39
CA PRO E 309 -1.71 -24.63 -26.46
C PRO E 309 -2.44 -25.67 -27.30
N THR E 310 -1.69 -26.32 -28.19
CA THR E 310 -2.24 -27.33 -29.10
C THR E 310 -2.02 -28.75 -28.62
N GLU E 311 -0.83 -29.06 -28.09
CA GLU E 311 -0.52 -30.40 -27.63
C GLU E 311 0.51 -30.31 -26.51
N SER E 312 0.77 -31.44 -25.87
CA SER E 312 1.74 -31.54 -24.78
C SER E 312 2.99 -32.23 -25.28
N ILE E 313 4.15 -31.68 -24.93
CA ILE E 313 5.44 -32.20 -25.35
C ILE E 313 6.22 -32.64 -24.12
N VAL E 314 6.67 -33.89 -24.12
CA VAL E 314 7.47 -34.46 -23.05
C VAL E 314 8.81 -34.88 -23.63
N ARG E 315 9.90 -34.38 -23.06
CA ARG E 315 11.25 -34.68 -23.52
C ARG E 315 12.08 -35.14 -22.33
N PHE E 316 12.33 -36.45 -22.26
CA PHE E 316 13.09 -37.08 -21.19
C PHE E 316 14.27 -37.85 -21.78
N PRO E 317 15.35 -38.03 -21.02
CA PRO E 317 16.45 -38.88 -21.49
C PRO E 317 16.01 -40.33 -21.62
N ASN E 318 16.60 -41.02 -22.60
CA ASN E 318 16.18 -42.38 -22.95
C ASN E 318 16.90 -43.40 -22.05
N ILE E 319 16.48 -43.42 -20.80
CA ILE E 319 16.96 -44.38 -19.82
C ILE E 319 15.99 -45.56 -19.82
N THR E 320 16.53 -46.78 -19.71
CA THR E 320 15.72 -47.98 -19.76
C THR E 320 15.70 -48.78 -18.46
N ASN E 321 16.75 -48.72 -17.65
CA ASN E 321 16.86 -49.59 -16.50
C ASN E 321 15.99 -49.10 -15.35
N LEU E 322 15.69 -50.02 -14.42
CA LEU E 322 14.90 -49.75 -13.23
C LEU E 322 15.77 -49.95 -12.01
N CYS E 323 15.77 -48.96 -11.10
CA CYS E 323 16.50 -49.12 -9.85
C CYS E 323 15.84 -50.17 -8.96
N PRO E 324 16.62 -50.93 -8.19
CA PRO E 324 16.02 -51.99 -7.37
C PRO E 324 15.33 -51.46 -6.12
N PHE E 325 14.06 -51.08 -6.25
CA PHE E 325 13.26 -50.80 -5.07
C PHE E 325 12.89 -52.06 -4.30
N GLY E 326 13.09 -53.25 -4.90
CA GLY E 326 12.83 -54.48 -4.19
C GLY E 326 13.79 -54.72 -3.03
N GLU E 327 15.05 -54.31 -3.20
CA GLU E 327 16.00 -54.45 -2.10
C GLU E 327 15.90 -53.31 -1.09
N VAL E 328 15.02 -52.35 -1.33
CA VAL E 328 14.76 -51.27 -0.38
C VAL E 328 13.49 -51.54 0.42
N PHE E 329 12.42 -51.97 -0.24
CA PHE E 329 11.14 -52.20 0.42
C PHE E 329 10.94 -53.65 0.86
N ASN E 330 11.32 -54.62 0.03
CA ASN E 330 11.24 -56.03 0.40
C ASN E 330 12.52 -56.55 1.03
N ALA E 331 13.30 -55.66 1.66
CA ALA E 331 14.57 -56.06 2.25
C ALA E 331 14.36 -56.93 3.48
N THR E 332 15.34 -57.78 3.76
CA THR E 332 15.24 -58.70 4.89
C THR E 332 15.55 -58.01 6.20
N ARG E 333 16.75 -57.44 6.32
CA ARG E 333 17.22 -56.82 7.56
C ARG E 333 17.22 -55.31 7.42
N PHE E 334 16.67 -54.63 8.43
CA PHE E 334 16.65 -53.18 8.48
C PHE E 334 17.61 -52.68 9.55
N ALA E 335 18.35 -51.62 9.24
CA ALA E 335 19.30 -51.06 10.19
C ALA E 335 18.57 -50.32 11.31
N SER E 336 19.31 -50.03 12.38
CA SER E 336 18.75 -49.31 13.51
C SER E 336 18.67 -47.82 13.22
N VAL E 337 17.96 -47.10 14.08
CA VAL E 337 17.76 -45.67 13.88
C VAL E 337 19.01 -44.85 14.20
N TYR E 338 19.93 -45.38 15.00
CA TYR E 338 21.18 -44.69 15.28
C TYR E 338 22.27 -45.04 14.28
N ALA E 339 22.04 -46.03 13.42
CA ALA E 339 22.96 -46.43 12.37
C ALA E 339 22.19 -46.62 11.06
N TRP E 340 21.37 -45.63 10.72
CA TRP E 340 20.51 -45.72 9.55
C TRP E 340 21.34 -45.72 8.27
N ASN E 341 20.99 -46.61 7.35
CA ASN E 341 21.71 -46.77 6.10
C ASN E 341 21.13 -45.87 5.03
N ARG E 342 22.02 -45.30 4.22
CA ARG E 342 21.64 -44.44 3.10
C ARG E 342 22.07 -45.10 1.80
N LYS E 343 21.13 -45.28 0.87
CA LYS E 343 21.40 -45.90 -0.41
C LYS E 343 21.16 -44.89 -1.51
N ARG E 344 22.12 -44.76 -2.43
CA ARG E 344 21.99 -43.84 -3.54
C ARG E 344 21.17 -44.46 -4.66
N ILE E 345 20.22 -43.69 -5.17
CA ILE E 345 19.38 -44.11 -6.29
C ILE E 345 19.65 -43.16 -7.44
N SER E 346 20.13 -43.71 -8.56
CA SER E 346 20.51 -42.88 -9.70
C SER E 346 20.49 -43.71 -10.97
N ASN E 347 20.36 -43.00 -12.09
CA ASN E 347 20.48 -43.56 -13.45
C ASN E 347 19.45 -44.67 -13.71
N CYS E 348 18.18 -44.36 -13.44
CA CYS E 348 17.09 -45.28 -13.73
C CYS E 348 15.87 -44.49 -14.17
N VAL E 349 14.78 -45.23 -14.42
CA VAL E 349 13.44 -44.67 -14.54
C VAL E 349 12.62 -45.22 -13.38
N ALA E 350 12.16 -44.34 -12.51
CA ALA E 350 11.48 -44.73 -11.29
C ALA E 350 9.97 -44.65 -11.50
N ASP E 351 9.31 -45.81 -11.49
CA ASP E 351 7.85 -45.89 -11.58
C ASP E 351 7.31 -45.82 -10.15
N TYR E 352 6.97 -44.61 -9.71
CA TYR E 352 6.43 -44.43 -8.37
C TYR E 352 5.00 -44.92 -8.24
N SER E 353 4.33 -45.24 -9.35
CA SER E 353 2.93 -45.67 -9.34
C SER E 353 2.76 -47.14 -8.97
N VAL E 354 3.77 -47.76 -8.36
CA VAL E 354 3.66 -49.10 -7.82
C VAL E 354 3.77 -49.13 -6.31
N LEU E 355 3.96 -47.97 -5.66
CA LEU E 355 4.19 -47.90 -4.23
C LEU E 355 3.05 -47.21 -3.49
N TYR E 356 2.71 -45.98 -3.85
CA TYR E 356 1.69 -45.25 -3.10
C TYR E 356 0.30 -45.77 -3.38
N ASN E 357 0.06 -46.29 -4.59
CA ASN E 357 -1.24 -46.87 -4.90
C ASN E 357 -1.42 -48.24 -4.25
N SER E 358 -0.34 -48.90 -3.86
CA SER E 358 -0.42 -50.19 -3.22
C SER E 358 -0.93 -50.06 -1.79
N ALA E 359 -1.55 -51.12 -1.30
CA ALA E 359 -2.09 -51.16 0.06
C ALA E 359 -1.10 -51.69 1.08
N SER E 360 0.15 -51.95 0.66
CA SER E 360 1.14 -52.50 1.58
C SER E 360 1.62 -51.48 2.60
N PHE E 361 1.41 -50.19 2.36
CA PHE E 361 1.88 -49.13 3.25
C PHE E 361 0.69 -48.52 3.97
N SER E 362 0.78 -48.42 5.29
CA SER E 362 -0.28 -47.86 6.11
C SER E 362 -0.14 -46.36 6.32
N THR E 363 0.98 -45.76 5.91
CA THR E 363 1.20 -44.33 6.09
C THR E 363 2.04 -43.82 4.93
N PHE E 364 1.51 -42.84 4.20
CA PHE E 364 2.20 -42.27 3.05
C PHE E 364 1.87 -40.79 2.96
N LYS E 365 2.89 -39.94 3.09
CA LYS E 365 2.69 -38.51 2.95
C LYS E 365 3.98 -37.89 2.43
N CYS E 366 3.82 -36.80 1.67
CA CYS E 366 4.94 -36.09 1.07
C CYS E 366 4.83 -34.61 1.40
N TYR E 367 5.96 -33.92 1.34
CA TYR E 367 6.03 -32.51 1.71
C TYR E 367 6.44 -31.60 0.57
N GLY E 368 7.51 -31.93 -0.15
CA GLY E 368 7.97 -31.07 -1.22
C GLY E 368 7.13 -31.17 -2.48
N VAL E 369 6.56 -32.33 -2.76
CA VAL E 369 5.77 -32.56 -3.97
C VAL E 369 4.51 -33.32 -3.61
N SER E 370 3.54 -33.29 -4.53
CA SER E 370 2.35 -34.10 -4.35
C SER E 370 2.66 -35.56 -4.72
N PRO E 371 2.09 -36.53 -4.00
CA PRO E 371 2.30 -37.93 -4.36
C PRO E 371 1.76 -38.30 -5.73
N THR E 372 0.69 -37.66 -6.18
CA THR E 372 0.13 -37.96 -7.50
C THR E 372 0.97 -37.39 -8.62
N LYS E 373 1.84 -36.43 -8.34
CA LYS E 373 2.68 -35.77 -9.34
C LYS E 373 4.14 -36.18 -9.21
N LEU E 374 4.39 -37.45 -8.95
CA LEU E 374 5.76 -37.96 -8.84
C LEU E 374 6.27 -38.52 -10.16
N ASN E 375 5.38 -38.99 -11.04
CA ASN E 375 5.79 -39.66 -12.26
C ASN E 375 6.03 -38.69 -13.42
N ASP E 376 5.66 -37.42 -13.30
CA ASP E 376 5.84 -36.46 -14.37
C ASP E 376 7.07 -35.57 -14.18
N LEU E 377 7.90 -35.86 -13.18
CA LEU E 377 9.09 -35.07 -12.91
C LEU E 377 10.33 -35.96 -12.97
N CYS E 378 11.46 -35.35 -13.30
CA CYS E 378 12.75 -36.02 -13.28
C CYS E 378 13.50 -35.63 -12.02
N PHE E 379 14.29 -36.56 -11.51
CA PHE E 379 14.82 -36.48 -10.15
C PHE E 379 16.34 -36.55 -10.16
N THR E 380 16.97 -35.84 -9.23
CA THR E 380 18.42 -35.80 -9.12
C THR E 380 18.83 -36.23 -7.72
N ASN E 381 19.70 -37.25 -7.65
CA ASN E 381 20.31 -37.73 -6.41
C ASN E 381 19.26 -38.15 -5.38
N VAL E 382 18.51 -39.19 -5.73
CA VAL E 382 17.52 -39.77 -4.82
C VAL E 382 18.23 -40.62 -3.79
N TYR E 383 17.93 -40.39 -2.52
CA TYR E 383 18.54 -41.12 -1.41
C TYR E 383 17.45 -41.78 -0.57
N ALA E 384 17.70 -43.01 -0.14
CA ALA E 384 16.74 -43.80 0.60
C ALA E 384 17.31 -44.18 1.95
N ASP E 385 16.55 -43.93 3.01
CA ASP E 385 16.91 -44.32 4.37
C ASP E 385 15.86 -45.26 4.92
N SER E 386 16.29 -46.20 5.77
CA SER E 386 15.38 -47.21 6.30
C SER E 386 15.79 -47.57 7.72
N PHE E 387 14.79 -47.67 8.60
CA PHE E 387 15.00 -48.10 9.98
C PHE E 387 13.67 -48.60 10.53
N VAL E 388 13.69 -49.01 11.80
CA VAL E 388 12.53 -49.61 12.46
C VAL E 388 12.06 -48.70 13.59
N ILE E 389 10.76 -48.50 13.69
CA ILE E 389 10.14 -47.57 14.63
C ILE E 389 9.13 -48.34 15.46
N ARG E 390 9.03 -47.98 16.76
CA ARG E 390 8.04 -48.58 17.64
C ARG E 390 6.60 -48.27 17.24
N GLY E 391 6.39 -47.22 16.44
CA GLY E 391 5.10 -46.92 15.87
C GLY E 391 4.36 -45.77 16.53
N ASP E 392 4.63 -45.50 17.80
CA ASP E 392 3.98 -44.40 18.50
C ASP E 392 4.79 -43.10 18.42
N GLU E 393 5.95 -43.13 17.78
CA GLU E 393 6.77 -41.93 17.60
C GLU E 393 7.02 -41.63 16.13
N VAL E 394 6.16 -42.14 15.23
CA VAL E 394 6.30 -41.89 13.80
C VAL E 394 6.06 -40.43 13.46
N ARG E 395 5.35 -39.68 14.32
CA ARG E 395 5.19 -38.25 14.10
C ARG E 395 6.49 -37.49 14.26
N GLN E 396 7.47 -38.03 15.00
CA GLN E 396 8.76 -37.38 15.14
C GLN E 396 9.58 -37.44 13.86
N ILE E 397 9.28 -38.37 12.96
CA ILE E 397 9.96 -38.44 11.67
C ILE E 397 9.59 -37.25 10.79
N ALA E 398 8.43 -36.63 11.04
CA ALA E 398 8.02 -35.47 10.25
C ALA E 398 8.95 -34.29 10.51
N PRO E 399 9.23 -33.47 9.50
CA PRO E 399 10.10 -32.31 9.71
C PRO E 399 9.45 -31.26 10.61
N GLY E 400 10.30 -30.52 11.31
CA GLY E 400 9.83 -29.52 12.25
C GLY E 400 9.10 -30.09 13.44
N GLN E 401 9.52 -31.25 13.92
CA GLN E 401 8.88 -31.92 15.05
C GLN E 401 9.94 -32.28 16.08
N THR E 402 9.62 -32.06 17.36
CA THR E 402 10.51 -32.41 18.44
C THR E 402 10.19 -33.81 18.96
N GLY E 403 11.16 -34.39 19.64
CA GLY E 403 11.02 -35.73 20.18
C GLY E 403 12.36 -36.38 20.37
N LYS E 404 12.32 -37.58 20.94
CA LYS E 404 13.55 -38.32 21.22
C LYS E 404 14.25 -38.75 19.93
N ILE E 405 13.49 -39.37 19.02
CA ILE E 405 14.06 -39.85 17.77
C ILE E 405 14.49 -38.69 16.88
N ALA E 406 13.72 -37.60 16.92
CA ALA E 406 14.08 -36.43 16.12
C ALA E 406 15.34 -35.75 16.63
N ASP E 407 15.45 -35.59 17.95
CA ASP E 407 16.59 -34.85 18.50
C ASP E 407 17.87 -35.69 18.53
N TYR E 408 17.77 -36.99 18.81
CA TYR E 408 18.96 -37.76 19.09
C TYR E 408 19.15 -38.99 18.21
N ASN E 409 18.21 -39.30 17.32
CA ASN E 409 18.36 -40.47 16.45
C ASN E 409 18.33 -40.13 14.98
N TYR E 410 17.36 -39.35 14.53
CA TYR E 410 17.22 -39.06 13.10
C TYR E 410 16.47 -37.75 12.94
N LYS E 411 17.14 -36.73 12.41
CA LYS E 411 16.59 -35.39 12.30
C LYS E 411 16.40 -35.01 10.84
N LEU E 412 15.25 -34.41 10.53
CA LEU E 412 14.96 -33.90 9.20
C LEU E 412 15.01 -32.38 9.18
N PRO E 413 15.51 -31.77 8.10
CA PRO E 413 15.55 -30.31 8.03
C PRO E 413 14.17 -29.73 7.77
N ASP E 414 14.07 -28.41 8.00
CA ASP E 414 12.80 -27.71 7.81
C ASP E 414 12.42 -27.60 6.34
N ASP E 415 13.39 -27.61 5.44
CA ASP E 415 13.15 -27.56 3.99
C ASP E 415 13.23 -28.94 3.36
N PHE E 416 12.78 -29.96 4.08
CA PHE E 416 12.86 -31.34 3.59
C PHE E 416 11.87 -31.56 2.46
N THR E 417 12.38 -31.79 1.26
CA THR E 417 11.56 -32.13 0.11
C THR E 417 11.65 -33.63 -0.11
N GLY E 418 10.64 -34.35 0.37
CA GLY E 418 10.66 -35.79 0.25
C GLY E 418 9.39 -36.40 0.81
N CYS E 419 9.39 -37.74 0.85
CA CYS E 419 8.25 -38.50 1.34
C CYS E 419 8.71 -39.46 2.42
N VAL E 420 7.81 -39.76 3.35
CA VAL E 420 8.03 -40.73 4.41
C VAL E 420 7.02 -41.85 4.26
N ILE E 421 7.51 -43.08 4.25
CA ILE E 421 6.68 -44.27 4.04
C ILE E 421 6.77 -45.14 5.28
N ALA E 422 5.62 -45.51 5.83
CA ALA E 422 5.57 -46.32 7.04
C ALA E 422 4.52 -47.41 6.89
N TRP E 423 4.84 -48.59 7.40
CA TRP E 423 3.90 -49.71 7.41
C TRP E 423 4.23 -50.64 8.57
N ASN E 424 3.23 -51.43 8.97
CA ASN E 424 3.39 -52.34 10.09
C ASN E 424 4.26 -53.53 9.69
N SER E 425 5.13 -53.94 10.61
CA SER E 425 6.01 -55.09 10.40
C SER E 425 6.07 -55.94 11.67
N ASN E 426 4.92 -56.15 12.31
CA ASN E 426 4.90 -56.94 13.54
C ASN E 426 5.16 -58.41 13.28
N ASN E 427 4.62 -58.94 12.18
CA ASN E 427 4.79 -60.35 11.85
C ASN E 427 6.18 -60.67 11.30
N LEU E 428 6.98 -59.67 10.97
CA LEU E 428 8.29 -59.87 10.38
C LEU E 428 9.44 -59.62 11.35
N ASP E 429 9.36 -58.56 12.15
CA ASP E 429 10.46 -58.18 13.02
C ASP E 429 10.33 -58.78 14.42
N SER E 430 9.13 -58.83 14.97
CA SER E 430 8.94 -59.35 16.32
C SER E 430 9.06 -60.87 16.34
N LYS E 431 9.43 -61.40 17.49
CA LYS E 431 9.59 -62.84 17.65
C LYS E 431 9.01 -63.31 18.98
N GLY E 434 10.20 -60.65 21.12
CA GLY E 434 11.29 -60.28 21.99
C GLY E 434 12.60 -60.05 21.26
N ASN E 435 12.53 -59.38 20.12
CA ASN E 435 13.72 -59.11 19.32
C ASN E 435 14.48 -57.93 19.93
N TYR E 436 15.69 -58.20 20.41
CA TYR E 436 16.51 -57.21 21.09
C TYR E 436 17.61 -56.64 20.22
N ASN E 437 17.66 -57.00 18.94
CA ASN E 437 18.72 -56.49 18.07
C ASN E 437 18.49 -55.06 17.63
N TYR E 438 17.25 -54.56 17.69
CA TYR E 438 16.92 -53.21 17.24
C TYR E 438 17.13 -52.25 18.41
N LEU E 439 18.24 -51.52 18.36
CA LEU E 439 18.60 -50.59 19.42
C LEU E 439 18.29 -49.15 19.00
N TYR E 440 18.22 -48.27 20.00
CA TYR E 440 18.03 -46.85 19.74
C TYR E 440 18.71 -46.04 20.83
N ARG E 441 19.08 -44.81 20.48
CA ARG E 441 19.81 -43.94 21.39
C ARG E 441 18.85 -43.13 22.26
N LEU E 442 19.17 -43.01 23.54
CA LEU E 442 18.36 -42.26 24.49
C LEU E 442 18.95 -40.90 24.83
N PHE E 443 20.27 -40.82 25.02
CA PHE E 443 20.90 -39.62 25.54
C PHE E 443 22.04 -39.18 24.63
N ARG E 444 22.23 -37.86 24.56
CA ARG E 444 23.36 -37.28 23.86
C ARG E 444 23.63 -35.90 24.47
N LYS E 445 24.87 -35.43 24.30
CA LYS E 445 25.25 -34.14 24.86
C LYS E 445 24.68 -32.97 24.06
N SER E 446 24.24 -33.21 22.83
CA SER E 446 23.68 -32.15 22.02
C SER E 446 22.69 -32.75 21.02
N ASN E 447 21.80 -31.91 20.51
CA ASN E 447 20.84 -32.35 19.51
C ASN E 447 21.52 -32.59 18.17
N LEU E 448 21.00 -33.56 17.43
CA LEU E 448 21.60 -33.94 16.16
C LEU E 448 21.27 -32.93 15.06
N LYS E 449 22.24 -32.71 14.17
CA LYS E 449 22.00 -31.95 12.97
C LYS E 449 21.13 -32.77 12.02
N PRO E 450 20.40 -32.11 11.12
CA PRO E 450 19.62 -32.84 10.11
C PRO E 450 20.52 -33.67 9.20
N PHE E 451 20.04 -34.88 8.88
CA PHE E 451 20.73 -35.85 8.01
C PHE E 451 22.13 -36.18 8.52
N GLU E 452 22.17 -36.75 9.72
CA GLU E 452 23.43 -37.19 10.31
C GLU E 452 23.17 -38.36 11.24
N ARG E 453 24.23 -39.11 11.53
CA ARG E 453 24.15 -40.27 12.39
C ARG E 453 25.28 -40.24 13.41
N ASP E 454 25.07 -40.93 14.52
CA ASP E 454 26.05 -41.00 15.62
C ASP E 454 26.09 -42.44 16.12
N ILE E 455 27.14 -43.17 15.77
CA ILE E 455 27.30 -44.55 16.18
C ILE E 455 28.25 -44.69 17.36
N SER E 456 28.61 -43.57 18.00
CA SER E 456 29.51 -43.62 19.15
C SER E 456 28.79 -44.21 20.35
N THR E 457 29.46 -45.14 21.04
CA THR E 457 28.89 -45.84 22.19
C THR E 457 29.60 -45.44 23.49
N GLU E 458 29.98 -44.18 23.61
CA GLU E 458 30.62 -43.70 24.83
C GLU E 458 29.60 -43.59 25.95
N ILE E 459 30.08 -43.79 27.19
CA ILE E 459 29.20 -43.81 28.34
C ILE E 459 28.74 -42.39 28.65
N TYR E 460 27.43 -42.17 28.62
CA TYR E 460 26.87 -40.86 28.94
C TYR E 460 26.80 -40.68 30.45
N GLN E 461 27.09 -39.47 30.91
CA GLN E 461 26.96 -39.11 32.32
C GLN E 461 26.16 -37.82 32.44
N ALA E 462 25.47 -37.68 33.56
CA ALA E 462 24.55 -36.55 33.74
C ALA E 462 24.89 -35.73 34.98
N GLY E 463 26.16 -35.40 35.16
CA GLY E 463 26.57 -34.58 36.29
C GLY E 463 28.05 -34.29 36.33
N SER E 464 28.64 -34.35 37.52
CA SER E 464 30.07 -34.14 37.71
C SER E 464 30.83 -35.45 37.85
N THR E 465 30.17 -36.59 37.67
CA THR E 465 30.81 -37.89 37.83
C THR E 465 31.71 -38.17 36.63
N PRO E 466 33.01 -38.40 36.82
CA PRO E 466 33.92 -38.72 35.69
C PRO E 466 33.91 -40.21 35.36
N CYS E 467 32.78 -40.69 34.86
CA CYS E 467 32.64 -42.09 34.51
C CYS E 467 33.46 -42.40 33.25
N ASN E 468 34.26 -43.46 33.32
CA ASN E 468 35.12 -43.89 32.20
C ASN E 468 34.82 -45.37 31.94
N GLY E 469 33.80 -45.64 31.14
CA GLY E 469 33.42 -47.01 30.84
C GLY E 469 32.77 -47.73 31.98
N VAL E 470 32.23 -47.01 32.96
CA VAL E 470 31.60 -47.61 34.13
C VAL E 470 30.23 -46.96 34.33
N GLU E 471 29.21 -47.78 34.55
CA GLU E 471 27.85 -47.29 34.77
C GLU E 471 27.66 -46.98 36.25
N GLY E 472 28.28 -45.88 36.68
CA GLY E 472 28.21 -45.43 38.05
C GLY E 472 26.95 -44.65 38.36
N PHE E 473 27.08 -43.67 39.24
CA PHE E 473 25.95 -42.83 39.63
C PHE E 473 25.61 -41.88 38.49
N ASN E 474 24.39 -41.98 37.98
CA ASN E 474 23.88 -41.18 36.86
C ASN E 474 24.76 -41.34 35.61
N CYS E 475 25.29 -42.54 35.42
CA CYS E 475 26.06 -42.90 34.24
C CYS E 475 25.35 -44.06 33.56
N TYR E 476 24.98 -43.88 32.29
CA TYR E 476 24.14 -44.83 31.59
C TYR E 476 24.75 -45.19 30.25
N PHE E 477 24.48 -46.41 29.82
CA PHE E 477 24.80 -46.82 28.46
C PHE E 477 23.83 -46.15 27.50
N PRO E 478 24.31 -45.43 26.47
CA PRO E 478 23.42 -44.55 25.70
C PRO E 478 22.45 -45.26 24.76
N LEU E 479 22.44 -46.59 24.71
CA LEU E 479 21.58 -47.31 23.79
C LEU E 479 20.69 -48.29 24.55
N GLN E 480 19.45 -48.40 24.09
CA GLN E 480 18.48 -49.35 24.62
C GLN E 480 17.75 -49.98 23.44
N SER E 481 17.20 -51.17 23.68
CA SER E 481 16.46 -51.89 22.64
C SER E 481 14.97 -51.87 22.95
N TYR E 482 14.16 -51.93 21.88
CA TYR E 482 12.72 -51.92 22.04
C TYR E 482 12.21 -53.21 22.67
N GLY E 483 12.71 -54.36 22.19
CA GLY E 483 12.19 -55.63 22.62
C GLY E 483 10.82 -55.91 22.02
N PHE E 484 10.78 -56.04 20.70
CA PHE E 484 9.51 -56.17 19.98
C PHE E 484 8.94 -57.57 20.17
N GLN E 485 7.76 -57.64 20.79
CA GLN E 485 7.05 -58.90 21.00
C GLN E 485 5.79 -58.95 20.14
N PRO E 486 5.41 -60.13 19.65
CA PRO E 486 4.19 -60.22 18.83
C PRO E 486 2.90 -59.97 19.61
N THR E 487 2.94 -60.06 20.94
CA THR E 487 1.76 -59.80 21.76
C THR E 487 1.58 -58.33 22.09
N ASN E 488 2.49 -57.47 21.65
CA ASN E 488 2.37 -56.04 21.92
C ASN E 488 1.22 -55.42 21.13
N GLY E 489 0.61 -54.40 21.71
CA GLY E 489 -0.53 -53.74 21.11
C GLY E 489 -0.12 -52.67 20.12
N VAL E 490 -1.10 -51.85 19.74
CA VAL E 490 -0.88 -50.77 18.80
C VAL E 490 -0.02 -49.69 19.47
N GLY E 491 0.99 -49.22 18.74
CA GLY E 491 1.96 -48.28 19.28
C GLY E 491 3.22 -48.92 19.80
N TYR E 492 3.25 -50.24 19.92
CA TYR E 492 4.44 -50.97 20.33
C TYR E 492 4.89 -52.02 19.33
N GLN E 493 4.06 -52.35 18.35
CA GLN E 493 4.49 -53.26 17.30
C GLN E 493 5.51 -52.59 16.40
N PRO E 494 6.49 -53.34 15.89
CA PRO E 494 7.54 -52.72 15.07
C PRO E 494 7.01 -52.21 13.73
N TYR E 495 7.45 -51.00 13.37
CA TYR E 495 7.04 -50.34 12.15
C TYR E 495 8.28 -50.07 11.31
N ARG E 496 8.30 -50.56 10.07
CA ARG E 496 9.39 -50.31 9.15
C ARG E 496 9.13 -49.01 8.40
N VAL E 497 10.09 -48.09 8.45
CA VAL E 497 9.93 -46.75 7.91
C VAL E 497 10.99 -46.54 6.84
N VAL E 498 10.55 -46.08 5.66
CA VAL E 498 11.44 -45.75 4.55
C VAL E 498 11.29 -44.27 4.24
N VAL E 499 12.42 -43.56 4.25
CA VAL E 499 12.46 -42.11 4.04
C VAL E 499 13.20 -41.84 2.74
N LEU E 500 12.60 -41.02 1.88
CA LEU E 500 13.20 -40.63 0.60
C LEU E 500 13.51 -39.15 0.60
N SER E 501 14.74 -38.81 0.20
CA SER E 501 15.16 -37.42 0.07
C SER E 501 15.86 -37.27 -1.28
N PHE E 502 15.69 -36.09 -1.88
CA PHE E 502 16.20 -35.84 -3.22
C PHE E 502 16.35 -34.35 -3.45
N GLU E 503 16.74 -33.99 -4.67
CA GLU E 503 16.87 -32.61 -5.11
C GLU E 503 16.04 -32.42 -6.38
N LEU E 504 15.67 -31.18 -6.65
CA LEU E 504 14.82 -30.84 -7.80
C LEU E 504 15.52 -29.80 -8.65
N LEU E 505 15.68 -30.11 -9.94
CA LEU E 505 16.17 -29.21 -10.99
C LEU E 505 17.54 -28.58 -10.69
N HIS E 506 18.29 -29.13 -9.74
CA HIS E 506 19.60 -28.60 -9.41
C HIS E 506 20.70 -29.07 -10.37
N ALA E 507 20.44 -30.09 -11.18
CA ALA E 507 21.47 -30.68 -12.02
C ALA E 507 20.77 -31.40 -13.16
N PRO E 508 21.49 -31.76 -14.22
CA PRO E 508 20.95 -32.72 -15.20
C PRO E 508 20.56 -34.03 -14.53
N ALA E 509 19.27 -34.33 -14.57
CA ALA E 509 18.72 -35.41 -13.77
C ALA E 509 19.11 -36.78 -14.31
N THR E 510 19.21 -37.75 -13.41
CA THR E 510 19.48 -39.13 -13.76
C THR E 510 18.29 -40.06 -13.50
N VAL E 511 17.37 -39.67 -12.63
CA VAL E 511 16.16 -40.43 -12.34
C VAL E 511 14.98 -39.69 -12.96
N CYS E 512 14.12 -40.43 -13.66
CA CYS E 512 12.99 -39.82 -14.34
C CYS E 512 11.77 -40.72 -14.18
N GLY E 513 10.60 -40.13 -14.45
CA GLY E 513 9.37 -40.87 -14.39
C GLY E 513 9.13 -41.71 -15.62
N PRO E 514 8.16 -42.63 -15.52
CA PRO E 514 7.86 -43.53 -16.64
C PRO E 514 6.95 -42.88 -17.69
N LYS E 515 7.50 -41.89 -18.38
CA LYS E 515 6.79 -41.17 -19.43
C LYS E 515 7.62 -41.22 -20.70
N LYS E 516 6.98 -41.60 -21.80
CA LYS E 516 7.67 -41.68 -23.08
C LYS E 516 7.95 -40.29 -23.64
N SER E 517 9.06 -40.17 -24.35
CA SER E 517 9.45 -38.91 -24.98
C SER E 517 8.79 -38.83 -26.36
N THR E 518 8.01 -37.78 -26.58
CA THR E 518 7.31 -37.59 -27.85
C THR E 518 8.20 -36.87 -28.86
N ASN E 519 7.67 -36.75 -30.07
CA ASN E 519 8.39 -36.06 -31.14
C ASN E 519 8.42 -34.56 -30.87
N LEU E 520 9.55 -33.94 -31.18
CA LEU E 520 9.72 -32.51 -30.97
C LEU E 520 8.97 -31.70 -32.02
N VAL E 521 8.25 -30.67 -31.56
CA VAL E 521 7.54 -29.75 -32.44
C VAL E 521 8.00 -28.33 -32.10
N LYS E 522 7.94 -27.45 -33.10
CA LYS E 522 8.47 -26.10 -32.97
C LYS E 522 7.52 -25.12 -33.64
N ASN E 523 7.70 -23.84 -33.29
CA ASN E 523 6.99 -22.70 -33.89
C ASN E 523 5.47 -22.79 -33.68
N LYS E 524 5.05 -23.41 -32.59
CA LYS E 524 3.64 -23.40 -32.19
C LYS E 524 3.60 -23.52 -30.68
N CYS E 525 2.60 -22.89 -30.06
CA CYS E 525 2.52 -22.85 -28.61
C CYS E 525 2.10 -24.21 -28.08
N VAL E 526 3.00 -24.86 -27.36
CA VAL E 526 2.76 -26.21 -26.83
C VAL E 526 3.21 -26.27 -25.38
N ASN E 527 2.69 -27.26 -24.67
CA ASN E 527 3.06 -27.51 -23.27
C ASN E 527 4.29 -28.42 -23.26
N PHE E 528 5.46 -27.85 -23.03
CA PHE E 528 6.70 -28.61 -23.01
C PHE E 528 6.95 -29.19 -21.63
N ASN E 529 7.89 -30.14 -21.58
CA ASN E 529 8.28 -30.75 -20.31
C ASN E 529 9.74 -31.18 -20.45
N PHE E 530 10.65 -30.44 -19.83
CA PHE E 530 12.08 -30.68 -19.92
C PHE E 530 12.58 -31.14 -18.56
N ASN E 531 12.62 -32.46 -18.38
CA ASN E 531 13.10 -33.11 -17.14
C ASN E 531 12.34 -32.61 -15.91
N GLY E 532 11.03 -32.51 -16.04
CA GLY E 532 10.18 -32.04 -14.97
C GLY E 532 9.90 -30.55 -14.99
N LEU E 533 10.57 -29.80 -15.87
CA LEU E 533 10.33 -28.36 -16.00
C LEU E 533 9.26 -28.15 -17.06
N THR E 534 8.10 -27.66 -16.65
CA THR E 534 6.95 -27.50 -17.53
C THR E 534 6.77 -26.03 -17.89
N GLY E 535 5.74 -25.77 -18.68
CA GLY E 535 5.45 -24.42 -19.14
C GLY E 535 4.75 -24.47 -20.48
N THR E 536 4.63 -23.29 -21.09
CA THR E 536 3.92 -23.16 -22.35
C THR E 536 4.56 -22.06 -23.18
N GLY E 537 4.83 -22.35 -24.45
CA GLY E 537 5.35 -21.33 -25.34
C GLY E 537 5.91 -21.95 -26.61
N VAL E 538 6.27 -21.06 -27.54
CA VAL E 538 6.94 -21.44 -28.78
C VAL E 538 8.41 -21.68 -28.48
N LEU E 539 8.91 -22.84 -28.88
CA LEU E 539 10.29 -23.23 -28.61
C LEU E 539 11.12 -22.86 -29.85
N THR E 540 11.91 -21.80 -29.75
CA THR E 540 12.60 -21.25 -30.91
C THR E 540 14.05 -21.75 -30.97
N GLU E 541 14.54 -21.88 -32.19
CA GLU E 541 15.93 -22.23 -32.42
C GLU E 541 16.84 -21.08 -32.01
N SER E 542 17.98 -21.42 -31.38
CA SER E 542 18.95 -20.43 -30.98
C SER E 542 20.34 -21.05 -30.97
N ASN E 543 21.34 -20.23 -31.23
CA ASN E 543 22.74 -20.66 -31.29
C ASN E 543 23.57 -20.02 -30.17
N LYS E 544 23.00 -19.95 -28.97
CA LYS E 544 23.72 -19.38 -27.84
C LYS E 544 24.85 -20.31 -27.40
N LYS E 545 25.96 -19.71 -26.97
CA LYS E 545 27.11 -20.48 -26.51
C LYS E 545 26.84 -21.00 -25.11
N PHE E 546 26.78 -22.32 -24.97
CA PHE E 546 26.38 -22.97 -23.73
C PHE E 546 27.59 -23.67 -23.12
N LEU E 547 27.83 -23.43 -21.83
CA LEU E 547 28.84 -24.18 -21.11
C LEU E 547 28.35 -25.62 -20.89
N PRO E 548 29.20 -26.61 -21.15
CA PRO E 548 28.79 -28.01 -20.93
C PRO E 548 28.41 -28.35 -19.50
N PHE E 549 29.00 -27.66 -18.51
CA PHE E 549 28.62 -27.89 -17.11
C PHE E 549 27.50 -26.95 -16.67
N GLN E 550 26.41 -26.95 -17.43
CA GLN E 550 25.23 -26.15 -17.12
C GLN E 550 24.04 -26.75 -17.86
N GLN E 551 22.86 -26.59 -17.27
CA GLN E 551 21.65 -27.17 -17.83
C GLN E 551 20.55 -26.15 -18.08
N PHE E 552 20.35 -25.20 -17.17
CA PHE E 552 19.23 -24.26 -17.26
C PHE E 552 19.77 -22.84 -17.38
N GLY E 553 19.30 -22.13 -18.40
CA GLY E 553 19.65 -20.73 -18.60
C GLY E 553 18.47 -19.84 -18.27
N ARG E 554 18.74 -18.79 -17.49
CA ARG E 554 17.69 -17.92 -16.98
C ARG E 554 17.97 -16.48 -17.38
N ASP E 555 17.03 -15.61 -17.04
CA ASP E 555 17.10 -14.18 -17.34
C ASP E 555 17.10 -13.38 -16.04
N ILE E 556 16.95 -12.06 -16.17
CA ILE E 556 16.93 -11.18 -15.01
C ILE E 556 15.72 -11.45 -14.12
N ALA E 557 14.58 -11.81 -14.72
CA ALA E 557 13.37 -12.08 -13.98
C ALA E 557 13.30 -13.51 -13.44
N ASP E 558 14.40 -14.27 -13.55
CA ASP E 558 14.52 -15.64 -13.06
C ASP E 558 13.48 -16.57 -13.69
N THR E 559 13.13 -16.33 -14.95
CA THR E 559 12.33 -17.25 -15.73
C THR E 559 13.23 -18.08 -16.64
N THR E 560 12.67 -19.15 -17.19
CA THR E 560 13.44 -20.06 -18.04
C THR E 560 13.67 -19.39 -19.39
N ASP E 561 14.93 -19.13 -19.72
CA ASP E 561 15.25 -18.51 -21.00
C ASP E 561 15.73 -19.53 -22.03
N ALA E 562 16.76 -20.30 -21.70
CA ALA E 562 17.31 -21.28 -22.62
C ALA E 562 17.53 -22.59 -21.86
N VAL E 563 17.22 -23.70 -22.53
CA VAL E 563 17.36 -25.03 -21.95
C VAL E 563 17.99 -25.95 -22.99
N ARG E 564 18.56 -27.04 -22.51
CA ARG E 564 19.20 -28.04 -23.36
C ARG E 564 18.37 -29.32 -23.35
N ASP E 565 17.93 -29.76 -24.52
CA ASP E 565 17.18 -31.00 -24.63
C ASP E 565 18.11 -32.18 -24.39
N PRO E 566 17.77 -33.12 -23.50
CA PRO E 566 18.69 -34.23 -23.21
C PRO E 566 18.89 -35.21 -24.37
N GLN E 567 17.96 -35.25 -25.33
CA GLN E 567 18.10 -36.15 -26.47
C GLN E 567 18.84 -35.47 -27.62
N THR E 568 18.30 -34.37 -28.13
CA THR E 568 18.92 -33.60 -29.20
C THR E 568 19.67 -32.43 -28.58
N LEU E 569 20.98 -32.39 -28.82
CA LEU E 569 21.85 -31.37 -28.22
C LEU E 569 21.77 -30.08 -29.03
N GLU E 570 20.63 -29.41 -28.94
CA GLU E 570 20.40 -28.11 -29.56
C GLU E 570 19.77 -27.19 -28.52
N ILE E 571 19.98 -25.89 -28.72
CA ILE E 571 19.53 -24.88 -27.77
C ILE E 571 18.17 -24.37 -28.23
N LEU E 572 17.15 -24.63 -27.41
CA LEU E 572 15.78 -24.23 -27.70
C LEU E 572 15.34 -23.20 -26.67
N ASP E 573 14.91 -22.04 -27.15
CA ASP E 573 14.63 -20.90 -26.28
C ASP E 573 13.18 -20.93 -25.81
N ILE E 574 13.00 -20.87 -24.50
CA ILE E 574 11.67 -20.69 -23.93
C ILE E 574 11.29 -19.22 -24.06
N THR E 575 10.19 -18.98 -24.76
CA THR E 575 9.67 -17.65 -25.03
C THR E 575 8.16 -17.70 -24.88
N PRO E 576 7.52 -16.62 -24.44
CA PRO E 576 6.07 -16.50 -24.63
C PRO E 576 5.72 -16.62 -26.11
N CYS E 577 4.71 -17.43 -26.41
CA CYS E 577 4.50 -17.85 -27.78
C CYS E 577 3.91 -16.75 -28.65
N SER E 578 4.78 -15.87 -29.15
CA SER E 578 4.46 -14.83 -30.13
C SER E 578 3.33 -13.93 -29.65
N PHE E 579 3.54 -13.30 -28.50
CA PHE E 579 2.55 -12.42 -27.91
C PHE E 579 2.51 -11.08 -28.64
N GLY E 580 1.55 -10.25 -28.23
CA GLY E 580 1.43 -8.90 -28.75
C GLY E 580 0.31 -8.18 -28.05
N GLY E 581 0.24 -6.87 -28.28
CA GLY E 581 -0.78 -6.03 -27.67
C GLY E 581 -1.84 -5.64 -28.68
N VAL E 582 -3.10 -5.73 -28.26
CA VAL E 582 -4.26 -5.42 -29.10
C VAL E 582 -5.00 -4.24 -28.48
N SER E 583 -5.19 -3.20 -29.29
CA SER E 583 -6.02 -2.07 -28.91
C SER E 583 -7.03 -1.84 -30.04
N VAL E 584 -8.30 -1.73 -29.68
CA VAL E 584 -9.39 -1.65 -30.64
C VAL E 584 -9.80 -0.20 -30.79
N ILE E 585 -9.80 0.30 -32.04
CA ILE E 585 -10.19 1.66 -32.35
C ILE E 585 -11.57 1.63 -32.98
N THR E 586 -12.50 2.42 -32.45
CA THR E 586 -13.87 2.47 -32.91
C THR E 586 -14.32 3.92 -33.01
N PRO E 587 -15.22 4.22 -33.96
CA PRO E 587 -15.83 5.55 -34.00
C PRO E 587 -17.05 5.73 -33.11
N GLY E 588 -17.36 4.75 -32.26
CA GLY E 588 -18.51 4.85 -31.38
C GLY E 588 -19.67 4.00 -31.85
N THR E 589 -20.28 3.26 -30.94
CA THR E 589 -21.40 2.39 -31.29
C THR E 589 -22.66 3.18 -31.61
N ASN E 590 -22.75 4.44 -31.19
CA ASN E 590 -23.87 5.28 -31.55
C ASN E 590 -23.89 5.61 -33.04
N THR E 591 -22.74 5.58 -33.70
CA THR E 591 -22.66 5.90 -35.12
C THR E 591 -22.71 4.63 -35.98
N SER E 592 -21.80 3.70 -35.75
CA SER E 592 -21.73 2.49 -36.55
C SER E 592 -21.01 1.41 -35.75
N ASN E 593 -21.12 0.17 -36.25
CA ASN E 593 -20.51 -0.99 -35.63
C ASN E 593 -19.18 -1.39 -36.26
N GLN E 594 -18.71 -0.63 -37.24
CA GLN E 594 -17.44 -0.96 -37.89
C GLN E 594 -16.28 -0.62 -36.97
N VAL E 595 -15.33 -1.54 -36.85
CA VAL E 595 -14.20 -1.40 -35.94
C VAL E 595 -12.92 -1.79 -36.66
N ALA E 596 -11.80 -1.37 -36.06
CA ALA E 596 -10.48 -1.74 -36.55
C ALA E 596 -9.63 -2.15 -35.36
N VAL E 597 -8.63 -2.99 -35.63
CA VAL E 597 -7.76 -3.57 -34.61
C VAL E 597 -6.34 -3.09 -34.85
N LEU E 598 -5.69 -2.59 -33.80
CA LEU E 598 -4.30 -2.18 -33.85
C LEU E 598 -3.47 -3.18 -33.05
N TYR E 599 -2.44 -3.73 -33.69
CA TYR E 599 -1.51 -4.65 -33.05
C TYR E 599 -0.25 -3.90 -32.65
N GLN E 600 0.22 -4.14 -31.43
CA GLN E 600 1.30 -3.34 -30.85
C GLN E 600 2.65 -3.83 -31.35
N ASP E 601 3.32 -2.98 -32.15
CA ASP E 601 4.74 -3.05 -32.49
C ASP E 601 5.10 -4.21 -33.43
N VAL E 602 4.15 -5.08 -33.76
CA VAL E 602 4.48 -6.23 -34.59
C VAL E 602 4.46 -5.83 -36.06
N ASN E 603 5.13 -6.63 -36.88
CA ASN E 603 5.04 -6.46 -38.32
C ASN E 603 3.71 -6.99 -38.84
N CYS E 604 3.41 -6.66 -40.08
CA CYS E 604 2.22 -7.15 -40.75
C CYS E 604 2.45 -8.49 -41.46
N THR E 605 3.64 -9.06 -41.32
CA THR E 605 3.97 -10.36 -41.90
C THR E 605 3.82 -11.50 -40.91
N GLU E 606 4.28 -11.33 -39.67
CA GLU E 606 4.15 -12.36 -38.65
C GLU E 606 2.94 -12.16 -37.77
N VAL E 607 2.01 -11.28 -38.16
CA VAL E 607 0.75 -11.13 -37.44
C VAL E 607 -0.09 -12.42 -37.40
N PRO E 608 -0.22 -13.26 -38.45
CA PRO E 608 -1.06 -14.45 -38.26
C PRO E 608 -0.43 -15.51 -37.37
N VAL E 609 0.91 -15.63 -37.35
CA VAL E 609 1.54 -16.58 -36.45
C VAL E 609 1.65 -16.05 -35.03
N ALA E 610 1.35 -14.77 -34.81
CA ALA E 610 1.26 -14.21 -33.47
C ALA E 610 -0.14 -14.37 -32.89
N ILE E 611 -1.15 -13.93 -33.63
CA ILE E 611 -2.55 -14.09 -33.27
C ILE E 611 -2.95 -15.55 -33.45
N HIS E 612 -4.11 -15.93 -32.92
CA HIS E 612 -4.65 -17.29 -33.08
C HIS E 612 -5.33 -17.42 -34.45
N ALA E 613 -4.50 -17.45 -35.49
CA ALA E 613 -5.03 -17.64 -36.84
C ALA E 613 -5.52 -19.05 -37.08
N ASP E 614 -4.99 -20.03 -36.36
CA ASP E 614 -5.40 -21.42 -36.52
C ASP E 614 -6.35 -21.89 -35.43
N GLN E 615 -6.78 -21.00 -34.54
CA GLN E 615 -7.58 -21.43 -33.39
C GLN E 615 -8.89 -20.67 -33.24
N LEU E 616 -8.90 -19.37 -33.56
CA LEU E 616 -10.08 -18.57 -33.25
C LEU E 616 -11.11 -18.64 -34.38
N THR E 617 -12.25 -18.00 -34.12
CA THR E 617 -13.39 -18.03 -35.02
C THR E 617 -13.13 -17.18 -36.27
N PRO E 618 -13.82 -17.48 -37.38
CA PRO E 618 -13.65 -16.65 -38.60
C PRO E 618 -14.04 -15.19 -38.43
N THR E 619 -14.94 -14.87 -37.50
CA THR E 619 -15.26 -13.46 -37.22
C THR E 619 -14.03 -12.74 -36.67
N TRP E 620 -13.26 -13.40 -35.80
CA TRP E 620 -11.96 -12.88 -35.39
C TRP E 620 -10.91 -13.05 -36.47
N ARG E 621 -11.11 -13.97 -37.41
CA ARG E 621 -10.10 -14.27 -38.41
C ARG E 621 -10.18 -13.36 -39.63
N VAL E 622 -11.24 -12.58 -39.76
CA VAL E 622 -11.26 -11.57 -40.82
C VAL E 622 -10.30 -10.43 -40.50
N TYR E 623 -9.88 -10.29 -39.24
CA TYR E 623 -8.93 -9.26 -38.83
C TYR E 623 -7.50 -9.77 -38.76
N SER E 624 -7.26 -11.05 -39.02
CA SER E 624 -5.89 -11.55 -39.06
C SER E 624 -5.17 -11.09 -40.32
N THR E 625 -5.87 -11.07 -41.45
CA THR E 625 -5.31 -10.57 -42.70
C THR E 625 -6.46 -10.03 -43.55
N GLY E 626 -6.10 -9.17 -44.50
CA GLY E 626 -7.10 -8.58 -45.38
C GLY E 626 -6.47 -7.56 -46.29
N SER E 627 -7.34 -6.87 -47.04
CA SER E 627 -6.87 -5.83 -47.95
C SER E 627 -6.48 -4.56 -47.23
N ASN E 628 -7.17 -4.22 -46.14
CA ASN E 628 -6.90 -2.97 -45.40
C ASN E 628 -5.83 -3.23 -44.33
N VAL E 629 -4.61 -3.48 -44.81
CA VAL E 629 -3.46 -3.72 -43.94
C VAL E 629 -2.49 -2.57 -44.13
N PHE E 630 -2.16 -1.89 -43.03
CA PHE E 630 -1.25 -0.77 -43.05
C PHE E 630 -0.23 -0.94 -41.94
N GLN E 631 1.04 -0.69 -42.25
CA GLN E 631 2.14 -0.86 -41.30
C GLN E 631 2.52 0.52 -40.76
N THR E 632 2.38 0.70 -39.45
CA THR E 632 2.76 1.93 -38.78
C THR E 632 3.98 1.69 -37.89
N ARG E 633 4.55 2.78 -37.41
CA ARG E 633 5.63 2.67 -36.42
C ARG E 633 5.11 2.11 -35.10
N ALA E 634 3.86 2.41 -34.75
CA ALA E 634 3.26 1.85 -33.55
C ALA E 634 2.92 0.37 -33.70
N GLY E 635 2.84 -0.13 -34.93
CA GLY E 635 2.58 -1.53 -35.15
C GLY E 635 1.76 -1.74 -36.41
N CYS E 636 1.19 -2.93 -36.52
CA CYS E 636 0.38 -3.31 -37.67
C CYS E 636 -1.08 -2.98 -37.40
N LEU E 637 -1.72 -2.29 -38.34
CA LEU E 637 -3.11 -1.88 -38.23
C LEU E 637 -3.92 -2.59 -39.31
N ILE E 638 -5.02 -3.22 -38.91
CA ILE E 638 -5.88 -3.97 -39.81
C ILE E 638 -7.30 -3.44 -39.65
N GLY E 639 -7.94 -3.14 -40.78
CA GLY E 639 -9.31 -2.66 -40.76
C GLY E 639 -9.48 -1.27 -41.34
N ALA E 640 -8.52 -0.40 -41.07
CA ALA E 640 -8.58 0.98 -41.56
C ALA E 640 -7.95 1.09 -42.94
N GLU E 641 -8.44 2.05 -43.72
CA GLU E 641 -7.96 2.29 -45.07
C GLU E 641 -6.97 3.45 -45.05
N HIS E 642 -5.74 3.18 -45.48
CA HIS E 642 -4.71 4.21 -45.48
C HIS E 642 -4.95 5.22 -46.61
N VAL E 643 -4.85 6.50 -46.28
CA VAL E 643 -5.01 7.57 -47.25
C VAL E 643 -3.80 8.49 -47.17
N ASN E 644 -3.56 9.23 -48.25
CA ASN E 644 -2.43 10.13 -48.34
C ASN E 644 -2.77 11.55 -47.90
N ASN E 645 -4.04 11.85 -47.63
CA ASN E 645 -4.42 13.17 -47.19
C ASN E 645 -4.11 13.36 -45.71
N SER E 646 -4.24 14.59 -45.24
CA SER E 646 -3.96 14.93 -43.85
C SER E 646 -5.07 15.83 -43.32
N TYR E 647 -5.61 15.47 -42.16
CA TYR E 647 -6.66 16.23 -41.51
C TYR E 647 -6.33 16.40 -40.03
N GLU E 648 -7.25 17.02 -39.29
CA GLU E 648 -7.11 17.11 -37.85
C GLU E 648 -7.32 15.75 -37.20
N CYS E 649 -6.71 15.57 -36.03
CA CYS E 649 -6.76 14.28 -35.35
C CYS E 649 -8.09 14.11 -34.63
N ASP E 650 -8.91 13.19 -35.12
CA ASP E 650 -10.15 12.87 -34.42
C ASP E 650 -9.88 12.01 -33.18
N ILE E 651 -8.98 11.05 -33.29
CA ILE E 651 -8.63 10.17 -32.18
C ILE E 651 -7.18 9.73 -32.35
N PRO E 652 -6.30 10.02 -31.40
CA PRO E 652 -4.90 9.59 -31.54
C PRO E 652 -4.73 8.08 -31.50
N ILE E 653 -3.71 7.62 -32.23
CA ILE E 653 -3.32 6.22 -32.26
C ILE E 653 -1.88 6.04 -31.81
N GLY E 654 -0.96 6.76 -32.42
CA GLY E 654 0.45 6.72 -32.06
C GLY E 654 1.33 6.99 -33.26
N ALA E 655 2.49 7.59 -32.98
CA ALA E 655 3.53 7.89 -33.99
C ALA E 655 3.00 8.76 -35.12
N GLY E 656 2.21 9.78 -34.77
CA GLY E 656 1.69 10.70 -35.77
C GLY E 656 0.56 10.17 -36.62
N ILE E 657 -0.09 9.07 -36.21
CA ILE E 657 -1.18 8.48 -36.96
C ILE E 657 -2.46 8.69 -36.18
N CYS E 658 -3.50 9.18 -36.87
CA CYS E 658 -4.81 9.36 -36.27
C CYS E 658 -5.87 8.81 -37.21
N ALA E 659 -6.99 8.38 -36.62
CA ALA E 659 -8.08 7.77 -37.36
C ALA E 659 -9.30 8.67 -37.34
N SER E 660 -10.20 8.42 -38.30
CA SER E 660 -11.44 9.16 -38.41
C SER E 660 -12.44 8.33 -39.19
N TYR E 661 -13.71 8.70 -39.05
CA TYR E 661 -14.79 8.04 -39.78
C TYR E 661 -15.21 8.93 -40.94
N GLN E 662 -15.05 8.43 -42.16
CA GLN E 662 -15.27 9.25 -43.35
C GLN E 662 -15.58 8.35 -44.53
N THR E 663 -16.52 8.79 -45.37
CA THR E 663 -16.86 8.07 -46.59
C THR E 663 -15.72 8.16 -47.61
N SER E 676 -21.54 3.85 -46.69
CA SER E 676 -20.43 4.35 -47.50
C SER E 676 -19.28 4.84 -46.62
N GLN E 677 -19.59 5.09 -45.35
CA GLN E 677 -18.57 5.53 -44.41
C GLN E 677 -17.62 4.39 -44.07
N SER E 678 -16.36 4.76 -43.84
CA SER E 678 -15.33 3.77 -43.54
C SER E 678 -14.30 4.39 -42.60
N ILE E 679 -13.56 3.53 -41.91
CA ILE E 679 -12.51 3.97 -41.00
C ILE E 679 -11.24 4.18 -41.81
N ILE E 680 -10.65 5.37 -41.69
CA ILE E 680 -9.46 5.74 -42.44
C ILE E 680 -8.36 6.13 -41.47
N ALA E 681 -7.11 5.98 -41.91
CA ALA E 681 -5.94 6.37 -41.15
C ALA E 681 -5.10 7.32 -41.99
N TYR E 682 -4.56 8.36 -41.33
CA TYR E 682 -3.86 9.40 -42.06
C TYR E 682 -2.73 9.97 -41.22
N THR E 683 -1.78 10.60 -41.91
CA THR E 683 -0.64 11.26 -41.29
C THR E 683 -1.09 12.56 -40.63
N MET E 684 -0.50 12.85 -39.47
CA MET E 684 -0.79 14.07 -38.71
C MET E 684 -0.57 15.33 -39.54
N SER E 685 -1.49 16.29 -39.39
CA SER E 685 -1.39 17.58 -40.04
C SER E 685 -1.21 18.66 -38.98
N LEU E 686 -0.24 19.55 -39.20
CA LEU E 686 0.08 20.61 -38.26
C LEU E 686 -0.60 21.93 -38.62
N GLY E 687 -1.79 21.86 -39.20
CA GLY E 687 -2.49 23.06 -39.65
C GLY E 687 -2.05 23.48 -41.03
N ALA E 688 -2.61 24.61 -41.47
CA ALA E 688 -2.32 25.13 -42.79
C ALA E 688 -0.91 25.72 -42.83
N GLU E 689 -0.17 25.37 -43.89
CA GLU E 689 1.16 25.94 -44.09
C GLU E 689 1.05 27.42 -44.43
N ASN E 690 1.91 28.23 -43.81
CA ASN E 690 1.88 29.67 -43.99
C ASN E 690 3.29 30.20 -44.19
N SER E 691 3.39 31.35 -44.83
CA SER E 691 4.65 32.04 -45.02
C SER E 691 4.46 33.52 -44.71
N VAL E 692 5.54 34.17 -44.28
CA VAL E 692 5.54 35.58 -43.93
C VAL E 692 6.43 36.31 -44.91
N ALA E 693 5.89 37.34 -45.57
CA ALA E 693 6.64 38.14 -46.53
C ALA E 693 7.56 39.08 -45.76
N TYR E 694 8.68 38.53 -45.30
CA TYR E 694 9.64 39.28 -44.52
C TYR E 694 10.50 40.17 -45.42
N SER E 695 10.75 41.38 -44.96
CA SER E 695 11.63 42.31 -45.65
C SER E 695 12.23 43.25 -44.62
N ASN E 696 13.35 43.88 -44.99
CA ASN E 696 14.03 44.78 -44.08
C ASN E 696 13.43 46.18 -44.04
N ASN E 697 12.42 46.46 -44.87
CA ASN E 697 11.78 47.77 -44.86
C ASN E 697 10.26 47.67 -45.00
N SER E 698 9.68 46.49 -44.78
CA SER E 698 8.25 46.29 -44.92
C SER E 698 7.64 45.93 -43.57
N ILE E 699 6.52 46.56 -43.23
CA ILE E 699 5.82 46.30 -41.99
C ILE E 699 4.33 46.18 -42.29
N ALA E 700 3.61 45.53 -41.37
CA ALA E 700 2.17 45.35 -41.49
C ALA E 700 1.49 45.97 -40.27
N ILE E 701 0.52 46.85 -40.52
CA ILE E 701 -0.21 47.54 -39.47
C ILE E 701 -1.69 47.17 -39.62
N PRO E 702 -2.35 46.68 -38.58
CA PRO E 702 -3.78 46.37 -38.70
C PRO E 702 -4.62 47.64 -38.79
N THR E 703 -5.65 47.58 -39.63
CA THR E 703 -6.56 48.70 -39.82
C THR E 703 -7.88 48.53 -39.10
N ASN E 704 -8.19 47.33 -38.63
CA ASN E 704 -9.43 47.07 -37.91
C ASN E 704 -9.13 46.10 -36.78
N PHE E 705 -10.18 45.71 -36.05
CA PHE E 705 -10.03 44.82 -34.91
C PHE E 705 -11.35 44.12 -34.66
N THR E 706 -11.29 43.04 -33.89
CA THR E 706 -12.47 42.25 -33.56
C THR E 706 -12.40 41.86 -32.09
N ILE E 707 -13.43 42.24 -31.34
CA ILE E 707 -13.52 41.86 -29.92
C ILE E 707 -14.08 40.44 -29.84
N SER E 708 -13.34 39.56 -29.17
CA SER E 708 -13.70 38.16 -29.07
C SER E 708 -13.82 37.76 -27.60
N VAL E 709 -14.79 36.90 -27.31
CA VAL E 709 -15.02 36.38 -25.96
C VAL E 709 -14.82 34.88 -26.00
N THR E 710 -13.93 34.38 -25.13
CA THR E 710 -13.61 32.97 -25.06
C THR E 710 -13.92 32.44 -23.66
N THR E 711 -14.38 31.19 -23.61
CA THR E 711 -14.75 30.55 -22.36
C THR E 711 -13.61 29.68 -21.85
N GLU E 712 -13.32 29.80 -20.56
CA GLU E 712 -12.32 28.97 -19.89
C GLU E 712 -12.95 28.33 -18.67
N ILE E 713 -12.86 27.01 -18.58
CA ILE E 713 -13.47 26.24 -17.51
C ILE E 713 -12.38 25.55 -16.71
N LEU E 714 -12.40 25.75 -15.39
CA LEU E 714 -11.42 25.14 -14.51
C LEU E 714 -12.13 24.51 -13.31
N PRO E 715 -11.75 23.29 -12.94
CA PRO E 715 -12.30 22.69 -11.72
C PRO E 715 -11.83 23.44 -10.48
N VAL E 716 -12.68 23.43 -9.45
CA VAL E 716 -12.41 24.11 -8.20
C VAL E 716 -12.43 23.15 -7.01
N SER E 717 -13.53 22.42 -6.85
CA SER E 717 -13.68 21.54 -5.71
C SER E 717 -14.22 20.19 -6.16
N MET E 718 -13.97 19.18 -5.33
CA MET E 718 -14.43 17.82 -5.55
C MET E 718 -15.47 17.47 -4.49
N THR E 719 -16.18 16.36 -4.72
CA THR E 719 -17.21 15.93 -3.80
C THR E 719 -16.60 15.49 -2.47
N LYS E 720 -17.12 16.03 -1.37
CA LYS E 720 -16.57 15.76 -0.03
C LYS E 720 -17.14 14.43 0.47
N THR E 721 -16.49 13.35 0.06
CA THR E 721 -16.91 12.02 0.45
C THR E 721 -16.34 11.65 1.82
N SER E 722 -17.12 10.92 2.60
CA SER E 722 -16.70 10.43 3.90
C SER E 722 -17.12 8.97 4.03
N VAL E 723 -16.18 8.13 4.45
CA VAL E 723 -16.40 6.69 4.54
C VAL E 723 -16.12 6.26 5.98
N ASP E 724 -17.11 5.62 6.61
CA ASP E 724 -16.88 4.97 7.89
C ASP E 724 -16.04 3.72 7.67
N CYS E 725 -14.91 3.64 8.35
CA CYS E 725 -14.00 2.51 8.15
C CYS E 725 -14.60 1.21 8.68
N THR E 726 -15.19 1.26 9.87
CA THR E 726 -15.67 0.04 10.52
C THR E 726 -16.86 -0.56 9.78
N MET E 727 -17.86 0.26 9.46
CA MET E 727 -19.06 -0.26 8.82
C MET E 727 -18.80 -0.73 7.40
N TYR E 728 -17.92 -0.04 6.67
CA TYR E 728 -17.54 -0.53 5.35
C TYR E 728 -16.74 -1.82 5.45
N ILE E 729 -15.92 -1.96 6.50
CA ILE E 729 -15.16 -3.18 6.69
C ILE E 729 -16.09 -4.34 7.05
N CYS E 730 -17.01 -4.11 8.00
CA CYS E 730 -18.03 -5.11 8.35
C CYS E 730 -19.15 -4.42 9.12
N GLY E 731 -20.39 -4.71 8.75
CA GLY E 731 -21.54 -4.14 9.41
C GLY E 731 -22.16 -5.13 10.39
N ASP E 732 -22.31 -4.68 11.64
CA ASP E 732 -22.99 -5.40 12.72
C ASP E 732 -22.33 -6.77 12.98
N SER E 733 -21.08 -6.72 13.43
CA SER E 733 -20.36 -7.94 13.80
C SER E 733 -19.35 -7.58 14.89
N THR E 734 -19.58 -8.10 16.10
CA THR E 734 -18.66 -7.81 17.20
C THR E 734 -17.35 -8.57 17.05
N GLU E 735 -17.41 -9.80 16.54
CA GLU E 735 -16.20 -10.59 16.34
C GLU E 735 -15.30 -9.96 15.28
N CYS E 736 -15.90 -9.40 14.22
CA CYS E 736 -15.12 -8.69 13.22
C CYS E 736 -14.47 -7.44 13.80
N SER E 737 -15.17 -6.74 14.70
CA SER E 737 -14.58 -5.59 15.36
C SER E 737 -13.42 -6.01 16.27
N ASN E 738 -13.56 -7.13 16.96
CA ASN E 738 -12.47 -7.63 17.81
C ASN E 738 -11.27 -8.05 16.98
N LEU E 739 -11.50 -8.63 15.80
CA LEU E 739 -10.38 -8.97 14.93
C LEU E 739 -9.79 -7.73 14.26
N LEU E 740 -10.60 -6.68 14.07
CA LEU E 740 -10.13 -5.47 13.42
C LEU E 740 -9.28 -4.61 14.36
N LEU E 741 -9.63 -4.58 15.65
CA LEU E 741 -8.84 -3.81 16.59
C LEU E 741 -7.45 -4.39 16.84
N GLN E 742 -7.20 -5.63 16.41
CA GLN E 742 -5.85 -6.18 16.45
C GLN E 742 -4.93 -5.45 15.48
N TYR E 743 -5.48 -4.86 14.42
CA TYR E 743 -4.68 -4.09 13.48
C TYR E 743 -4.34 -2.70 13.99
N GLY E 744 -5.00 -2.24 15.06
CA GLY E 744 -4.64 -0.99 15.68
C GLY E 744 -5.28 0.24 15.07
N SER E 745 -4.45 1.12 14.50
CA SER E 745 -4.90 2.42 14.00
C SER E 745 -5.10 2.41 12.49
N PHE E 746 -5.60 1.31 11.94
CA PHE E 746 -5.82 1.19 10.50
C PHE E 746 -7.20 1.68 10.07
N CYS E 747 -7.89 2.43 10.93
CA CYS E 747 -9.21 2.95 10.59
C CYS E 747 -9.27 4.46 10.81
N THR E 748 -8.55 4.95 11.82
CA THR E 748 -8.62 6.37 12.18
C THR E 748 -7.90 7.26 11.19
N GLN E 749 -6.76 6.79 10.64
CA GLN E 749 -5.98 7.64 9.75
C GLN E 749 -6.69 7.85 8.42
N LEU E 750 -7.50 6.90 7.99
CA LEU E 750 -8.29 7.08 6.76
C LEU E 750 -9.36 8.15 6.97
N ASN E 751 -10.02 8.14 8.12
CA ASN E 751 -10.99 9.18 8.45
C ASN E 751 -10.31 10.53 8.57
N ARG E 752 -9.11 10.57 9.15
CA ARG E 752 -8.34 11.81 9.23
C ARG E 752 -7.98 12.34 7.85
N ALA E 753 -7.55 11.44 6.95
CA ALA E 753 -7.20 11.85 5.59
C ALA E 753 -8.43 12.36 4.83
N LEU E 754 -9.57 11.69 4.97
CA LEU E 754 -10.78 12.14 4.29
C LEU E 754 -11.26 13.48 4.85
N THR E 755 -11.16 13.67 6.17
CA THR E 755 -11.52 14.96 6.76
C THR E 755 -10.59 16.06 6.27
N GLY E 756 -9.29 15.77 6.16
CA GLY E 756 -8.36 16.74 5.61
C GLY E 756 -8.65 17.07 4.16
N ILE E 757 -9.06 16.07 3.38
CA ILE E 757 -9.44 16.29 1.99
C ILE E 757 -10.66 17.19 1.89
N ALA E 758 -11.67 16.94 2.74
CA ALA E 758 -12.87 17.79 2.74
C ALA E 758 -12.55 19.22 3.17
N VAL E 759 -11.70 19.37 4.18
CA VAL E 759 -11.27 20.69 4.63
C VAL E 759 -10.50 21.40 3.51
N GLU E 760 -9.68 20.65 2.77
CA GLU E 760 -8.95 21.23 1.64
C GLU E 760 -9.91 21.67 0.53
N GLN E 761 -10.96 20.90 0.29
CA GLN E 761 -11.97 21.30 -0.71
C GLN E 761 -12.67 22.59 -0.31
N ASP E 762 -13.08 22.68 0.96
CA ASP E 762 -13.74 23.90 1.44
C ASP E 762 -12.79 25.09 1.39
N LYS E 763 -11.52 24.88 1.74
CA LYS E 763 -10.53 25.94 1.72
C LYS E 763 -10.24 26.39 0.28
N ASN E 764 -10.24 25.45 -0.66
CA ASN E 764 -10.08 25.79 -2.08
C ASN E 764 -11.24 26.63 -2.58
N THR E 765 -12.47 26.26 -2.19
CA THR E 765 -13.63 27.05 -2.56
C THR E 765 -13.57 28.45 -1.96
N GLN E 766 -13.13 28.55 -0.71
CA GLN E 766 -12.99 29.85 -0.06
C GLN E 766 -11.93 30.71 -0.73
N GLU E 767 -10.82 30.09 -1.14
CA GLU E 767 -9.78 30.84 -1.85
C GLU E 767 -10.28 31.31 -3.21
N VAL E 768 -11.05 30.48 -3.91
CA VAL E 768 -11.49 30.82 -5.25
C VAL E 768 -12.53 31.94 -5.21
N PHE E 769 -13.55 31.80 -4.35
CA PHE E 769 -14.74 32.63 -4.48
C PHE E 769 -14.87 33.76 -3.46
N ALA E 770 -14.08 33.76 -2.39
CA ALA E 770 -14.18 34.79 -1.35
C ALA E 770 -13.04 35.79 -1.45
N GLN E 771 -12.67 36.16 -2.67
CA GLN E 771 -11.59 37.13 -2.86
C GLN E 771 -11.96 38.52 -2.38
N VAL E 772 -13.24 38.87 -2.43
CA VAL E 772 -13.72 40.19 -2.02
C VAL E 772 -14.78 40.01 -0.95
N LYS E 773 -14.69 40.81 0.12
CA LYS E 773 -15.63 40.71 1.23
C LYS E 773 -16.83 41.63 1.10
N GLN E 774 -16.69 42.76 0.40
CA GLN E 774 -17.80 43.70 0.23
C GLN E 774 -18.73 43.19 -0.86
N ILE E 775 -19.99 43.00 -0.51
CA ILE E 775 -21.00 42.52 -1.45
C ILE E 775 -21.61 43.76 -2.12
N TYR E 776 -21.28 43.97 -3.39
CA TYR E 776 -21.77 45.12 -4.14
C TYR E 776 -23.03 44.74 -4.90
N LYS E 777 -24.06 45.58 -4.79
CA LYS E 777 -25.29 45.38 -5.53
C LYS E 777 -25.18 45.99 -6.92
N THR E 778 -25.90 45.40 -7.87
CA THR E 778 -25.94 45.95 -9.21
C THR E 778 -26.72 47.28 -9.21
N PRO E 779 -26.33 48.24 -10.04
CA PRO E 779 -27.09 49.49 -10.12
C PRO E 779 -28.46 49.24 -10.72
N PRO E 780 -29.47 50.01 -10.32
CA PRO E 780 -30.81 49.82 -10.92
C PRO E 780 -30.87 50.25 -12.38
N ILE E 781 -30.12 51.26 -12.76
CA ILE E 781 -30.06 51.71 -14.15
C ILE E 781 -28.97 50.92 -14.87
N LYS E 782 -29.18 50.71 -16.16
CA LYS E 782 -28.26 49.92 -16.98
C LYS E 782 -27.67 50.76 -18.12
N ASP E 783 -27.24 51.98 -17.79
CA ASP E 783 -26.63 52.87 -18.77
C ASP E 783 -25.13 52.58 -18.77
N PHE E 784 -24.72 51.66 -19.65
CA PHE E 784 -23.33 51.25 -19.76
C PHE E 784 -22.76 51.55 -21.15
N GLY E 785 -23.27 52.59 -21.79
CA GLY E 785 -22.78 52.99 -23.10
C GLY E 785 -23.05 52.00 -24.22
N GLY E 786 -24.23 51.39 -24.22
CA GLY E 786 -24.61 50.46 -25.25
C GLY E 786 -24.31 49.00 -24.95
N PHE E 787 -23.45 48.74 -23.96
CA PHE E 787 -23.15 47.36 -23.60
C PHE E 787 -24.33 46.74 -22.86
N ASN E 788 -24.60 45.47 -23.16
CA ASN E 788 -25.71 44.73 -22.56
C ASN E 788 -25.15 43.57 -21.76
N PHE E 789 -25.35 43.61 -20.44
CA PHE E 789 -24.88 42.56 -19.54
C PHE E 789 -26.02 41.75 -18.94
N SER E 790 -27.19 41.73 -19.59
CA SER E 790 -28.33 41.02 -19.04
C SER E 790 -28.15 39.51 -19.06
N GLN E 791 -27.28 38.99 -19.94
CA GLN E 791 -27.08 37.56 -20.02
C GLN E 791 -26.22 37.02 -18.88
N ILE E 792 -25.27 37.84 -18.38
CA ILE E 792 -24.36 37.39 -17.34
C ILE E 792 -24.75 37.91 -15.95
N LEU E 793 -25.52 38.98 -15.86
CA LEU E 793 -25.98 39.43 -14.56
C LEU E 793 -27.15 38.58 -14.09
N PRO E 794 -27.26 38.34 -12.78
CA PRO E 794 -28.40 37.59 -12.27
C PRO E 794 -29.70 38.37 -12.41
N ASP E 795 -30.79 37.64 -12.62
CA ASP E 795 -32.08 38.26 -12.79
C ASP E 795 -32.95 38.06 -11.55
N PRO E 796 -33.74 39.06 -11.16
CA PRO E 796 -34.62 38.90 -9.99
C PRO E 796 -35.91 38.14 -10.28
N SER E 797 -36.11 37.67 -11.51
CA SER E 797 -37.34 36.98 -11.89
C SER E 797 -37.38 35.54 -11.38
N LYS E 798 -36.27 35.00 -10.88
CA LYS E 798 -36.24 33.63 -10.40
C LYS E 798 -35.80 33.59 -8.94
N PRO E 799 -36.35 32.69 -8.13
CA PRO E 799 -35.84 32.51 -6.77
C PRO E 799 -34.39 32.04 -6.73
N SER E 800 -33.97 31.22 -7.70
CA SER E 800 -32.58 30.82 -7.84
C SER E 800 -31.84 31.97 -8.52
N LYS E 801 -31.14 32.78 -7.73
CA LYS E 801 -30.48 33.99 -8.24
C LYS E 801 -29.23 33.59 -9.01
N ARG E 802 -29.44 33.17 -10.26
CA ARG E 802 -28.37 32.79 -11.15
C ARG E 802 -28.60 33.42 -12.52
N SER E 803 -27.51 33.58 -13.27
CA SER E 803 -27.59 34.14 -14.60
C SER E 803 -28.14 33.11 -15.59
N PHE E 804 -28.48 33.59 -16.79
CA PHE E 804 -28.90 32.70 -17.86
C PHE E 804 -27.77 31.78 -18.29
N ILE E 805 -26.55 32.32 -18.39
CA ILE E 805 -25.39 31.50 -18.68
C ILE E 805 -25.12 30.52 -17.54
N GLU E 806 -25.27 30.97 -16.31
CA GLU E 806 -25.13 30.08 -15.16
C GLU E 806 -26.20 29.00 -15.16
N ASP E 807 -27.43 29.34 -15.57
CA ASP E 807 -28.48 28.34 -15.70
C ASP E 807 -28.15 27.31 -16.77
N LEU E 808 -27.59 27.75 -17.90
CA LEU E 808 -27.17 26.82 -18.94
C LEU E 808 -26.04 25.91 -18.46
N LEU E 809 -25.10 26.48 -17.69
CA LEU E 809 -24.02 25.67 -17.12
C LEU E 809 -24.55 24.65 -16.13
N PHE E 810 -25.52 25.04 -15.31
CA PHE E 810 -26.12 24.10 -14.36
C PHE E 810 -26.90 23.00 -15.08
N ASN E 811 -27.61 23.34 -16.15
CA ASN E 811 -28.35 22.35 -16.90
C ASN E 811 -27.45 21.43 -17.72
N LYS E 812 -26.26 21.90 -18.10
CA LYS E 812 -25.36 21.07 -18.89
C LYS E 812 -24.76 19.94 -18.06
N VAL E 813 -24.50 20.17 -16.78
CA VAL E 813 -23.89 19.16 -15.93
C VAL E 813 -24.95 18.14 -15.50
N THR E 814 -24.65 16.86 -15.71
CA THR E 814 -25.51 15.78 -15.28
C THR E 814 -24.80 15.02 -14.17
N LEU E 815 -25.47 14.88 -13.03
CA LEU E 815 -24.88 14.21 -11.88
C LEU E 815 -25.96 13.57 -11.00
N ILE E 837 -23.26 8.16 -5.61
CA ILE E 837 -24.29 9.12 -5.11
C ILE E 837 -25.63 8.37 -5.03
N CYS E 838 -26.14 7.90 -6.16
CA CYS E 838 -27.42 7.15 -6.18
C CYS E 838 -27.48 6.20 -4.99
N ALA E 839 -28.35 6.49 -4.03
CA ALA E 839 -28.52 5.60 -2.85
C ALA E 839 -27.16 5.03 -2.45
N GLN E 840 -27.09 3.72 -2.18
CA GLN E 840 -25.80 3.05 -1.85
C GLN E 840 -25.21 3.63 -0.56
N LYS E 841 -25.66 4.81 -0.14
CA LYS E 841 -25.16 5.47 1.10
C LYS E 841 -25.56 4.60 2.29
N PHE E 842 -25.34 3.29 2.17
CA PHE E 842 -25.75 2.37 3.25
C PHE E 842 -24.50 1.67 3.77
N ASN E 843 -23.59 1.30 2.85
CA ASN E 843 -22.43 0.56 3.34
C ASN E 843 -21.39 1.48 3.97
N GLY E 844 -21.80 2.30 4.94
CA GLY E 844 -20.89 3.12 5.71
C GLY E 844 -20.31 4.32 5.00
N LEU E 845 -20.64 4.52 3.75
CA LEU E 845 -20.07 5.58 2.93
C LEU E 845 -21.09 6.68 2.70
N THR E 846 -20.65 7.93 2.91
CA THR E 846 -21.54 9.09 2.93
C THR E 846 -20.95 10.23 2.12
N VAL E 847 -21.80 11.17 1.76
CA VAL E 847 -21.42 12.37 1.02
C VAL E 847 -21.71 13.57 1.91
N LEU E 848 -20.67 14.33 2.23
CA LEU E 848 -20.87 15.52 3.05
C LEU E 848 -21.29 16.70 2.18
N PRO E 849 -22.27 17.49 2.63
CA PRO E 849 -22.66 18.67 1.87
C PRO E 849 -21.57 19.72 1.89
N PRO E 850 -21.44 20.52 0.83
CA PRO E 850 -20.41 21.57 0.82
C PRO E 850 -20.74 22.68 1.82
N LEU E 851 -19.68 23.36 2.27
CA LEU E 851 -19.87 24.48 3.18
C LEU E 851 -20.60 25.64 2.52
N LEU E 852 -20.29 25.92 1.27
CA LEU E 852 -20.93 26.98 0.51
C LEU E 852 -21.91 26.38 -0.49
N THR E 853 -23.17 26.78 -0.39
CA THR E 853 -24.16 26.32 -1.35
C THR E 853 -24.05 27.11 -2.65
N ASP E 854 -24.88 26.73 -3.63
CA ASP E 854 -24.79 27.32 -4.96
C ASP E 854 -25.22 28.78 -4.97
N GLU E 855 -26.20 29.13 -4.14
CA GLU E 855 -26.73 30.49 -4.16
C GLU E 855 -25.74 31.51 -3.61
N MET E 856 -24.95 31.14 -2.59
CA MET E 856 -23.98 32.10 -2.07
C MET E 856 -22.77 32.22 -2.99
N ILE E 857 -22.42 31.15 -3.70
CA ILE E 857 -21.40 31.25 -4.73
C ILE E 857 -21.88 32.15 -5.87
N ALA E 858 -23.16 32.02 -6.23
CA ALA E 858 -23.74 32.92 -7.23
C ALA E 858 -23.75 34.37 -6.74
N GLN E 859 -24.01 34.56 -5.44
CA GLN E 859 -23.95 35.90 -4.87
C GLN E 859 -22.53 36.47 -4.90
N TYR E 860 -21.53 35.61 -4.64
CA TYR E 860 -20.13 36.04 -4.74
C TYR E 860 -19.79 36.46 -6.17
N THR E 861 -20.23 35.66 -7.16
CA THR E 861 -19.95 36.01 -8.55
C THR E 861 -20.69 37.28 -8.96
N SER E 862 -21.91 37.48 -8.46
CA SER E 862 -22.65 38.70 -8.75
C SER E 862 -21.98 39.92 -8.12
N ALA E 863 -21.46 39.77 -6.91
CA ALA E 863 -20.73 40.87 -6.27
C ALA E 863 -19.45 41.19 -7.03
N LEU E 864 -18.73 40.17 -7.50
CA LEU E 864 -17.54 40.39 -8.31
C LEU E 864 -17.89 41.08 -9.63
N LEU E 865 -18.99 40.67 -10.26
CA LEU E 865 -19.44 41.31 -11.48
C LEU E 865 -19.81 42.77 -11.25
N ALA E 866 -20.50 43.06 -10.15
CA ALA E 866 -20.86 44.44 -9.82
C ALA E 866 -19.63 45.28 -9.55
N GLY E 867 -18.64 44.72 -8.84
CA GLY E 867 -17.41 45.45 -8.60
C GLY E 867 -16.63 45.72 -9.86
N THR E 868 -16.59 44.74 -10.77
CA THR E 868 -15.90 44.92 -12.04
C THR E 868 -16.61 45.95 -12.92
N ILE E 869 -17.95 45.96 -12.89
CA ILE E 869 -18.68 46.85 -13.78
C ILE E 869 -18.78 48.26 -13.22
N THR E 870 -18.62 48.43 -11.90
CA THR E 870 -18.74 49.75 -11.30
C THR E 870 -17.40 50.40 -10.98
N SER E 871 -16.48 49.66 -10.39
CA SER E 871 -15.18 50.20 -10.01
C SER E 871 -14.03 49.66 -10.83
N GLY E 872 -14.25 48.63 -11.64
CA GLY E 872 -13.19 48.07 -12.46
C GLY E 872 -12.16 47.30 -11.67
N TRP E 873 -10.94 47.83 -11.60
CA TRP E 873 -9.84 47.18 -10.91
C TRP E 873 -9.52 47.83 -9.56
N THR E 874 -10.12 48.97 -9.25
CA THR E 874 -9.81 49.67 -8.02
C THR E 874 -10.44 49.02 -6.79
N PHE E 875 -11.56 48.30 -6.98
CA PHE E 875 -12.24 47.68 -5.84
C PHE E 875 -11.44 46.50 -5.30
N GLY E 876 -10.62 45.87 -6.14
CA GLY E 876 -9.75 44.80 -5.64
C GLY E 876 -8.61 45.34 -4.80
N ALA E 877 -8.08 46.50 -5.17
CA ALA E 877 -6.96 47.09 -4.44
C ALA E 877 -7.39 47.75 -3.14
N GLY E 878 -8.67 48.11 -3.01
CA GLY E 878 -9.14 48.79 -1.81
C GLY E 878 -10.60 49.21 -1.90
N ALA E 879 -10.87 50.46 -1.53
CA ALA E 879 -12.22 50.98 -1.60
C ALA E 879 -12.66 51.16 -3.05
N ALA E 880 -13.92 50.83 -3.32
CA ALA E 880 -14.44 50.92 -4.68
C ALA E 880 -14.67 52.38 -5.05
N LEU E 881 -14.20 52.76 -6.24
CA LEU E 881 -14.37 54.11 -6.76
C LEU E 881 -15.25 54.05 -8.00
N GLN E 882 -16.32 54.85 -8.01
CA GLN E 882 -17.22 54.85 -9.15
C GLN E 882 -16.55 55.50 -10.37
N ILE E 883 -16.87 54.97 -11.53
CA ILE E 883 -16.30 55.42 -12.81
C ILE E 883 -17.23 54.94 -13.92
N PRO E 884 -17.49 55.77 -14.93
CA PRO E 884 -18.29 55.30 -16.07
C PRO E 884 -17.56 54.19 -16.83
N PHE E 885 -18.35 53.31 -17.45
CA PHE E 885 -17.80 52.14 -18.13
C PHE E 885 -16.97 52.54 -19.35
N ALA E 886 -17.31 53.66 -20.00
CA ALA E 886 -16.54 54.12 -21.14
C ALA E 886 -15.12 54.52 -20.73
N MET E 887 -14.97 55.18 -19.58
CA MET E 887 -13.65 55.58 -19.13
C MET E 887 -12.82 54.37 -18.69
N GLN E 888 -13.46 53.37 -18.09
CA GLN E 888 -12.76 52.13 -17.75
C GLN E 888 -12.31 51.41 -19.01
N MET E 889 -13.17 51.37 -20.03
CA MET E 889 -12.77 50.80 -21.32
C MET E 889 -11.63 51.59 -21.96
N ALA E 890 -11.64 52.91 -21.80
CA ALA E 890 -10.56 53.74 -22.33
C ALA E 890 -9.24 53.44 -21.64
N TYR E 891 -9.28 53.29 -20.31
CA TYR E 891 -8.06 52.94 -19.57
C TYR E 891 -7.56 51.56 -19.97
N ARG E 892 -8.46 50.60 -20.13
CA ARG E 892 -8.04 49.25 -20.50
C ARG E 892 -7.53 49.19 -21.94
N PHE E 893 -8.06 50.02 -22.83
CA PHE E 893 -7.52 50.13 -24.17
C PHE E 893 -6.15 50.79 -24.17
N ASN E 894 -5.97 51.80 -23.32
CA ASN E 894 -4.66 52.44 -23.19
C ASN E 894 -3.63 51.49 -22.58
N GLY E 895 -4.09 50.54 -21.76
CA GLY E 895 -3.17 49.58 -21.16
C GLY E 895 -2.55 48.60 -22.14
N ILE E 896 -3.15 48.43 -23.32
CA ILE E 896 -2.61 47.52 -24.33
C ILE E 896 -2.04 48.29 -25.52
N GLY E 897 -1.73 49.58 -25.33
CA GLY E 897 -1.07 50.36 -26.35
C GLY E 897 -1.96 50.99 -27.40
N VAL E 898 -3.28 50.93 -27.23
CA VAL E 898 -4.23 51.53 -28.17
C VAL E 898 -4.74 52.83 -27.57
N THR E 899 -4.63 53.92 -28.33
CA THR E 899 -5.09 55.22 -27.86
C THR E 899 -6.61 55.24 -27.71
N GLN E 900 -7.07 56.02 -26.71
CA GLN E 900 -8.47 55.97 -26.32
C GLN E 900 -9.39 56.67 -27.32
N ASN E 901 -8.85 57.52 -28.20
CA ASN E 901 -9.70 58.17 -29.19
C ASN E 901 -10.26 57.19 -30.21
N VAL E 902 -9.55 56.08 -30.43
CA VAL E 902 -10.07 55.01 -31.30
C VAL E 902 -11.35 54.43 -30.69
N LEU E 903 -11.35 54.17 -29.38
CA LEU E 903 -12.55 53.72 -28.71
C LEU E 903 -13.63 54.79 -28.71
N TYR E 904 -13.25 56.05 -28.48
CA TYR E 904 -14.26 57.10 -28.46
C TYR E 904 -14.83 57.40 -29.84
N GLU E 905 -14.18 56.89 -30.89
CA GLU E 905 -14.77 56.93 -32.23
C GLU E 905 -15.55 55.66 -32.59
N ASN E 906 -15.17 54.50 -32.03
CA ASN E 906 -15.77 53.23 -32.43
C ASN E 906 -16.48 52.53 -31.27
N GLN E 907 -16.99 53.31 -30.31
CA GLN E 907 -17.67 52.75 -29.14
C GLN E 907 -18.91 51.95 -29.52
N LYS E 908 -19.72 52.46 -30.45
CA LYS E 908 -20.92 51.75 -30.86
C LYS E 908 -20.58 50.43 -31.55
N LEU E 909 -19.57 50.43 -32.41
CA LEU E 909 -19.13 49.21 -33.05
C LEU E 909 -18.58 48.20 -32.05
N ILE E 910 -17.84 48.68 -31.04
CA ILE E 910 -17.27 47.79 -30.03
C ILE E 910 -18.38 47.19 -29.18
N ALA E 911 -19.38 47.99 -28.82
CA ALA E 911 -20.51 47.47 -28.05
C ALA E 911 -21.32 46.46 -28.86
N ASN E 912 -21.53 46.72 -30.15
CA ASN E 912 -22.23 45.77 -31.00
C ASN E 912 -21.45 44.47 -31.14
N GLN E 913 -20.12 44.56 -31.27
CA GLN E 913 -19.28 43.36 -31.35
C GLN E 913 -19.33 42.58 -30.04
N PHE E 914 -19.34 43.28 -28.91
CA PHE E 914 -19.42 42.61 -27.61
C PHE E 914 -20.76 41.89 -27.45
N ASN E 915 -21.86 42.53 -27.85
CA ASN E 915 -23.16 41.88 -27.78
C ASN E 915 -23.25 40.68 -28.71
N SER E 916 -22.67 40.80 -29.91
CA SER E 916 -22.64 39.68 -30.84
C SER E 916 -21.80 38.52 -30.29
N ALA E 917 -20.68 38.83 -29.63
CA ALA E 917 -19.85 37.80 -29.02
C ALA E 917 -20.57 37.11 -27.88
N ILE E 918 -21.33 37.87 -27.08
CA ILE E 918 -22.14 37.28 -26.02
C ILE E 918 -23.20 36.35 -26.61
N GLY E 919 -23.84 36.79 -27.70
CA GLY E 919 -24.81 35.93 -28.36
C GLY E 919 -24.21 34.66 -28.93
N LYS E 920 -23.01 34.75 -29.51
CA LYS E 920 -22.32 33.57 -30.00
C LYS E 920 -21.90 32.64 -28.87
N ILE E 921 -21.51 33.19 -27.72
CA ILE E 921 -21.18 32.37 -26.56
C ILE E 921 -22.41 31.63 -26.06
N GLN E 922 -23.56 32.32 -26.02
CA GLN E 922 -24.80 31.67 -25.64
C GLN E 922 -25.20 30.57 -26.61
N ASP E 923 -25.03 30.83 -27.92
CA ASP E 923 -25.35 29.82 -28.92
C ASP E 923 -24.43 28.61 -28.82
N SER E 924 -23.15 28.84 -28.56
CA SER E 924 -22.21 27.74 -28.40
C SER E 924 -22.50 26.91 -27.15
N LEU E 925 -22.89 27.58 -26.06
CA LEU E 925 -23.21 26.87 -24.83
C LEU E 925 -24.54 26.13 -24.95
N SER E 926 -25.46 26.63 -25.77
CA SER E 926 -26.74 25.98 -25.97
C SER E 926 -26.67 24.79 -26.92
N SER E 927 -25.54 24.61 -27.62
CA SER E 927 -25.41 23.53 -28.56
C SER E 927 -25.12 22.21 -27.85
N THR E 928 -25.17 21.12 -28.60
CA THR E 928 -24.90 19.80 -28.05
C THR E 928 -23.43 19.58 -27.75
N ALA E 929 -22.54 20.33 -28.39
CA ALA E 929 -21.11 20.23 -28.11
C ALA E 929 -20.81 20.83 -26.75
N SER E 930 -20.44 19.98 -25.79
CA SER E 930 -20.23 20.40 -24.42
C SER E 930 -18.74 20.67 -24.19
N ALA E 931 -18.42 21.87 -23.74
CA ALA E 931 -17.06 22.25 -23.39
C ALA E 931 -16.75 22.03 -21.92
N LEU E 932 -17.70 21.45 -21.17
CA LEU E 932 -17.54 21.19 -19.74
C LEU E 932 -16.99 19.81 -19.45
N GLY E 933 -16.14 19.29 -20.34
CA GLY E 933 -15.63 17.93 -20.21
C GLY E 933 -14.74 17.74 -19.01
N LYS E 934 -14.09 18.82 -18.53
CA LYS E 934 -13.26 18.72 -17.34
C LYS E 934 -14.10 18.44 -16.10
N LEU E 935 -15.17 19.21 -15.91
CA LEU E 935 -16.06 18.98 -14.77
C LEU E 935 -16.80 17.65 -14.92
N GLN E 936 -17.18 17.29 -16.16
CA GLN E 936 -17.81 16.00 -16.39
C GLN E 936 -16.87 14.85 -16.06
N ASP E 937 -15.59 14.99 -16.40
CA ASP E 937 -14.59 13.98 -16.08
C ASP E 937 -14.35 13.88 -14.58
N VAL E 938 -14.38 15.02 -13.88
CA VAL E 938 -14.24 14.99 -12.42
C VAL E 938 -15.40 14.24 -11.78
N VAL E 939 -16.62 14.55 -12.21
CA VAL E 939 -17.80 13.88 -11.67
C VAL E 939 -17.80 12.40 -12.01
N ASN E 940 -17.43 12.06 -13.24
CA ASN E 940 -17.38 10.66 -13.66
C ASN E 940 -16.30 9.89 -12.93
N GLN E 941 -15.15 10.53 -12.67
CA GLN E 941 -14.08 9.87 -11.92
C GLN E 941 -14.50 9.61 -10.47
N ASN E 942 -15.18 10.58 -9.85
CA ASN E 942 -15.68 10.37 -8.49
C ASN E 942 -16.70 9.24 -8.46
N ALA E 943 -17.63 9.23 -9.43
CA ALA E 943 -18.63 8.17 -9.49
C ALA E 943 -18.00 6.80 -9.76
N GLN E 944 -16.98 6.76 -10.63
CA GLN E 944 -16.34 5.48 -10.96
C GLN E 944 -15.55 4.94 -9.77
N ALA E 945 -14.84 5.81 -9.05
CA ALA E 945 -14.13 5.36 -7.85
C ALA E 945 -15.10 4.91 -6.77
N LEU E 946 -16.23 5.63 -6.62
CA LEU E 946 -17.25 5.21 -5.66
C LEU E 946 -17.84 3.85 -6.02
N ASN E 947 -18.12 3.64 -7.31
CA ASN E 947 -18.68 2.37 -7.77
C ASN E 947 -17.68 1.24 -7.62
N THR E 948 -16.39 1.50 -7.87
CA THR E 948 -15.38 0.49 -7.66
C THR E 948 -15.23 0.12 -6.19
N LEU E 949 -15.29 1.13 -5.31
CA LEU E 949 -15.23 0.87 -3.88
C LEU E 949 -16.43 0.06 -3.40
N VAL E 950 -17.60 0.33 -3.99
CA VAL E 950 -18.78 -0.46 -3.64
C VAL E 950 -18.65 -1.89 -4.15
N LYS E 951 -18.23 -2.05 -5.41
CA LYS E 951 -18.17 -3.36 -6.03
C LYS E 951 -17.03 -4.22 -5.50
N GLN E 952 -16.05 -3.62 -4.82
CA GLN E 952 -14.98 -4.42 -4.22
C GLN E 952 -15.47 -5.30 -3.06
N LEU E 953 -16.65 -5.01 -2.51
CA LEU E 953 -17.18 -5.81 -1.41
C LEU E 953 -17.66 -7.19 -1.86
N SER E 954 -17.94 -7.36 -3.15
CA SER E 954 -18.45 -8.65 -3.63
C SER E 954 -17.35 -9.71 -3.73
N SER E 955 -16.09 -9.31 -3.68
CA SER E 955 -14.99 -10.26 -3.78
C SER E 955 -14.81 -11.04 -2.49
N ASN E 956 -14.64 -12.35 -2.62
CA ASN E 956 -14.38 -13.19 -1.45
C ASN E 956 -12.92 -13.17 -1.02
N PHE E 957 -12.02 -12.72 -1.90
CA PHE E 957 -10.58 -12.65 -1.64
C PHE E 957 -10.01 -14.01 -1.22
N GLY E 958 -10.48 -15.07 -1.88
CA GLY E 958 -10.02 -16.42 -1.59
C GLY E 958 -10.69 -17.10 -0.42
N ALA E 959 -11.64 -16.44 0.25
CA ALA E 959 -12.35 -17.06 1.34
C ALA E 959 -13.45 -17.98 0.80
N ILE E 960 -14.10 -18.70 1.72
CA ILE E 960 -15.14 -19.64 1.34
C ILE E 960 -16.41 -18.94 0.89
N SER E 961 -16.62 -17.69 1.33
CA SER E 961 -17.80 -16.93 0.93
C SER E 961 -17.48 -15.45 1.02
N SER E 962 -18.29 -14.66 0.33
CA SER E 962 -18.12 -13.21 0.27
C SER E 962 -18.99 -12.46 1.26
N VAL E 963 -19.75 -13.16 2.09
CA VAL E 963 -20.65 -12.55 3.07
C VAL E 963 -20.17 -12.96 4.46
N LEU E 964 -19.95 -11.97 5.33
CA LEU E 964 -19.50 -12.26 6.68
C LEU E 964 -20.59 -12.91 7.52
N ASN E 965 -21.86 -12.58 7.24
CA ASN E 965 -22.97 -13.21 7.96
C ASN E 965 -23.05 -14.70 7.63
N ASP E 966 -22.79 -15.07 6.38
CA ASP E 966 -22.83 -16.48 5.99
C ASP E 966 -21.73 -17.28 6.67
N ILE E 967 -20.51 -16.75 6.70
CA ILE E 967 -19.42 -17.48 7.34
C ILE E 967 -19.53 -17.43 8.87
N LEU E 968 -20.26 -16.46 9.42
CA LEU E 968 -20.53 -16.48 10.85
C LEU E 968 -21.58 -17.52 11.20
N SER E 969 -22.62 -17.65 10.37
CA SER E 969 -23.70 -18.59 10.65
C SER E 969 -23.36 -20.01 10.23
N ARG E 970 -22.32 -20.21 9.41
CA ARG E 970 -21.95 -21.54 8.95
C ARG E 970 -20.87 -22.18 9.81
N LEU E 971 -19.90 -21.41 10.29
CA LEU E 971 -18.75 -21.95 11.01
C LEU E 971 -18.60 -21.25 12.35
N ASP E 972 -18.07 -21.98 13.32
CA ASP E 972 -17.66 -21.38 14.58
C ASP E 972 -16.42 -20.52 14.37
N PRO E 973 -16.19 -19.54 15.24
CA PRO E 973 -15.01 -18.63 15.10
C PRO E 973 -13.65 -19.31 15.06
N PRO E 974 -13.36 -20.39 15.82
CA PRO E 974 -11.96 -20.89 15.85
C PRO E 974 -11.42 -21.40 14.52
N GLU E 975 -12.26 -21.68 13.51
CA GLU E 975 -11.75 -21.95 12.18
C GLU E 975 -12.22 -20.95 11.14
N ALA E 976 -13.17 -20.08 11.45
CA ALA E 976 -13.62 -19.05 10.53
C ALA E 976 -12.88 -17.73 10.69
N GLU E 977 -12.05 -17.60 11.74
CA GLU E 977 -11.35 -16.34 11.96
C GLU E 977 -10.28 -16.09 10.90
N VAL E 978 -9.73 -17.14 10.29
CA VAL E 978 -8.78 -16.95 9.20
C VAL E 978 -9.47 -16.40 7.95
N GLN E 979 -10.68 -16.91 7.65
CA GLN E 979 -11.44 -16.39 6.51
C GLN E 979 -11.87 -14.95 6.76
N ILE E 980 -12.29 -14.64 7.99
CA ILE E 980 -12.64 -13.27 8.33
C ILE E 980 -11.42 -12.35 8.18
N ASP E 981 -10.25 -12.82 8.62
CA ASP E 981 -9.03 -12.01 8.49
C ASP E 981 -8.65 -11.79 7.03
N ARG E 982 -8.85 -12.81 6.18
CA ARG E 982 -8.60 -12.65 4.75
C ARG E 982 -9.52 -11.60 4.13
N LEU E 983 -10.81 -11.63 4.51
CA LEU E 983 -11.74 -10.61 4.05
C LEU E 983 -11.33 -9.22 4.54
N ILE E 984 -10.85 -9.14 5.79
CA ILE E 984 -10.42 -7.87 6.36
C ILE E 984 -9.23 -7.31 5.60
N THR E 985 -8.26 -8.17 5.28
CA THR E 985 -7.09 -7.73 4.53
C THR E 985 -7.46 -7.27 3.13
N GLY E 986 -8.36 -7.99 2.46
CA GLY E 986 -8.78 -7.58 1.13
C GLY E 986 -9.50 -6.25 1.13
N ARG E 987 -10.45 -6.07 2.06
CA ARG E 987 -11.20 -4.82 2.13
C ARG E 987 -10.31 -3.66 2.57
N LEU E 988 -9.34 -3.92 3.46
CA LEU E 988 -8.40 -2.88 3.87
C LEU E 988 -7.51 -2.46 2.72
N GLN E 989 -7.07 -3.41 1.90
CA GLN E 989 -6.27 -3.07 0.72
C GLN E 989 -7.07 -2.24 -0.27
N SER E 990 -8.33 -2.61 -0.50
CA SER E 990 -9.18 -1.84 -1.40
C SER E 990 -9.41 -0.43 -0.88
N LEU E 991 -9.67 -0.30 0.43
CA LEU E 991 -9.88 1.01 1.03
C LEU E 991 -8.61 1.86 0.98
N GLN E 992 -7.44 1.23 1.17
CA GLN E 992 -6.18 1.93 1.08
C GLN E 992 -5.93 2.46 -0.32
N THR E 993 -6.22 1.63 -1.34
CA THR E 993 -6.09 2.08 -2.73
C THR E 993 -7.03 3.24 -3.04
N TYR E 994 -8.28 3.15 -2.54
CA TYR E 994 -9.23 4.24 -2.75
C TYR E 994 -8.78 5.52 -2.08
N VAL E 995 -8.25 5.42 -0.86
CA VAL E 995 -7.79 6.59 -0.12
C VAL E 995 -6.60 7.25 -0.82
N THR E 996 -5.67 6.44 -1.31
CA THR E 996 -4.51 6.98 -2.04
C THR E 996 -4.94 7.67 -3.34
N GLN E 997 -5.88 7.05 -4.07
CA GLN E 997 -6.37 7.65 -5.30
C GLN E 997 -7.10 8.97 -5.01
N GLN E 998 -7.89 9.01 -3.94
CA GLN E 998 -8.57 10.23 -3.56
C GLN E 998 -7.60 11.32 -3.14
N LEU E 999 -6.50 10.94 -2.46
CA LEU E 999 -5.49 11.92 -2.07
C LEU E 999 -4.79 12.51 -3.30
N ILE E 1000 -4.46 11.68 -4.28
CA ILE E 1000 -3.83 12.18 -5.50
C ILE E 1000 -4.79 13.09 -6.27
N ARG E 1001 -6.07 12.70 -6.36
CA ARG E 1001 -7.05 13.54 -7.04
C ARG E 1001 -7.26 14.85 -6.30
N ALA E 1002 -7.22 14.83 -4.96
CA ALA E 1002 -7.37 16.05 -4.19
C ALA E 1002 -6.18 16.97 -4.37
N ALA E 1003 -4.98 16.41 -4.49
CA ALA E 1003 -3.80 17.24 -4.80
C ALA E 1003 -3.92 17.89 -6.17
N GLU E 1004 -4.39 17.14 -7.16
CA GLU E 1004 -4.59 17.70 -8.50
C GLU E 1004 -5.66 18.79 -8.48
N ILE E 1005 -6.75 18.58 -7.72
CA ILE E 1005 -7.80 19.57 -7.61
C ILE E 1005 -7.30 20.82 -6.90
N ARG E 1006 -6.43 20.65 -5.89
CA ARG E 1006 -5.83 21.80 -5.23
C ARG E 1006 -4.95 22.60 -6.19
N ALA E 1007 -4.18 21.90 -7.03
CA ALA E 1007 -3.37 22.61 -8.02
C ALA E 1007 -4.24 23.37 -9.01
N SER E 1008 -5.32 22.75 -9.48
CA SER E 1008 -6.24 23.42 -10.40
C SER E 1008 -6.94 24.61 -9.74
N ALA E 1009 -7.28 24.47 -8.46
CA ALA E 1009 -7.93 25.56 -7.73
C ALA E 1009 -6.98 26.72 -7.49
N ASN E 1010 -5.70 26.42 -7.23
CA ASN E 1010 -4.71 27.48 -7.12
C ASN E 1010 -4.53 28.22 -8.45
N LEU E 1011 -4.51 27.48 -9.55
CA LEU E 1011 -4.44 28.11 -10.87
C LEU E 1011 -5.67 28.97 -11.14
N ALA E 1012 -6.85 28.48 -10.76
CA ALA E 1012 -8.08 29.24 -10.96
C ALA E 1012 -8.11 30.49 -10.09
N ALA E 1013 -7.60 30.41 -8.86
CA ALA E 1013 -7.55 31.58 -7.98
C ALA E 1013 -6.58 32.62 -8.51
N THR E 1014 -5.43 32.16 -9.04
CA THR E 1014 -4.49 33.09 -9.65
C THR E 1014 -5.09 33.76 -10.88
N LYS E 1015 -5.81 32.99 -11.70
CA LYS E 1015 -6.48 33.55 -12.87
C LYS E 1015 -7.55 34.56 -12.47
N MET E 1016 -8.30 34.27 -11.40
CA MET E 1016 -9.30 35.20 -10.90
C MET E 1016 -8.64 36.50 -10.43
N SER E 1017 -7.63 36.39 -9.57
CA SER E 1017 -6.97 37.57 -9.01
C SER E 1017 -6.22 38.38 -10.06
N GLU E 1018 -5.83 37.77 -11.18
CA GLU E 1018 -5.14 38.53 -12.22
C GLU E 1018 -6.12 39.12 -13.24
N CYS E 1019 -6.91 38.26 -13.90
CA CYS E 1019 -7.77 38.73 -14.98
C CYS E 1019 -9.00 39.48 -14.47
N VAL E 1020 -9.62 38.99 -13.38
CA VAL E 1020 -10.88 39.59 -12.95
C VAL E 1020 -10.63 40.90 -12.21
N LEU E 1021 -9.66 40.93 -11.30
CA LEU E 1021 -9.42 42.09 -10.45
C LEU E 1021 -8.48 43.11 -11.08
N GLY E 1022 -8.01 42.87 -12.29
CA GLY E 1022 -7.10 43.79 -12.95
C GLY E 1022 -7.01 43.50 -14.42
N GLN E 1023 -5.88 43.88 -15.02
CA GLN E 1023 -5.61 43.65 -16.43
C GLN E 1023 -4.19 43.09 -16.54
N SER E 1024 -4.11 41.76 -16.64
CA SER E 1024 -2.80 41.10 -16.69
C SER E 1024 -2.15 41.31 -18.05
N LYS E 1025 -0.87 41.68 -18.02
CA LYS E 1025 -0.10 41.87 -19.25
C LYS E 1025 0.53 40.58 -19.74
N ARG E 1026 0.38 39.47 -19.01
CA ARG E 1026 0.95 38.20 -19.43
C ARG E 1026 0.19 37.66 -20.63
N VAL E 1027 0.94 37.20 -21.65
CA VAL E 1027 0.33 36.72 -22.87
C VAL E 1027 -0.28 35.35 -22.63
N ASP E 1028 -1.49 35.14 -23.15
CA ASP E 1028 -2.22 33.86 -23.25
C ASP E 1028 -2.71 33.38 -21.87
N PHE E 1029 -2.39 34.11 -20.81
CA PHE E 1029 -2.87 33.75 -19.48
C PHE E 1029 -4.37 34.03 -19.36
N CYS E 1030 -4.79 35.25 -19.67
CA CYS E 1030 -6.20 35.62 -19.64
C CYS E 1030 -6.81 35.52 -21.02
N GLY E 1031 -6.75 34.33 -21.60
CA GLY E 1031 -7.29 34.08 -22.91
C GLY E 1031 -6.32 34.43 -24.02
N LYS E 1032 -6.67 33.99 -25.23
CA LYS E 1032 -5.82 34.20 -26.39
C LYS E 1032 -5.92 35.65 -26.85
N GLY E 1033 -4.76 36.27 -27.11
CA GLY E 1033 -4.73 37.64 -27.56
C GLY E 1033 -4.61 38.63 -26.43
N TYR E 1034 -4.73 39.90 -26.80
CA TYR E 1034 -4.69 40.98 -25.81
C TYR E 1034 -5.91 40.92 -24.91
N HIS E 1035 -5.69 41.17 -23.62
CA HIS E 1035 -6.71 40.97 -22.60
C HIS E 1035 -7.28 42.30 -22.13
N LEU E 1036 -8.60 42.36 -21.97
CA LEU E 1036 -9.27 43.55 -21.46
C LEU E 1036 -9.91 43.31 -20.09
N MET E 1037 -10.86 42.38 -19.99
CA MET E 1037 -11.46 42.00 -18.72
C MET E 1037 -11.73 40.50 -18.73
N SER E 1038 -12.36 40.02 -17.66
CA SER E 1038 -12.81 38.64 -17.56
C SER E 1038 -13.99 38.59 -16.60
N PHE E 1039 -14.99 37.79 -16.96
CA PHE E 1039 -16.20 37.64 -16.17
C PHE E 1039 -16.26 36.25 -15.57
N PRO E 1040 -16.17 36.10 -14.25
CA PRO E 1040 -16.35 34.78 -13.65
C PRO E 1040 -17.81 34.39 -13.55
N GLN E 1041 -18.08 33.10 -13.74
CA GLN E 1041 -19.43 32.56 -13.65
C GLN E 1041 -19.41 31.30 -12.79
N SER E 1042 -20.47 31.11 -12.01
CA SER E 1042 -20.56 29.95 -11.13
C SER E 1042 -20.83 28.69 -11.94
N ALA E 1043 -20.19 27.60 -11.54
CA ALA E 1043 -20.33 26.31 -12.19
C ALA E 1043 -20.36 25.22 -11.13
N PRO E 1044 -21.03 24.10 -11.41
CA PRO E 1044 -20.99 22.97 -10.46
C PRO E 1044 -19.58 22.37 -10.39
N HIS E 1045 -18.99 22.42 -9.19
CA HIS E 1045 -17.64 21.92 -8.92
C HIS E 1045 -16.59 22.59 -9.81
N GLY E 1046 -16.74 23.88 -10.04
CA GLY E 1046 -15.80 24.59 -10.87
C GLY E 1046 -16.21 26.03 -11.07
N VAL E 1047 -15.47 26.72 -11.93
CA VAL E 1047 -15.73 28.11 -12.27
C VAL E 1047 -15.48 28.30 -13.76
N VAL E 1048 -16.27 29.17 -14.38
CA VAL E 1048 -16.18 29.44 -15.80
C VAL E 1048 -15.85 30.92 -15.99
N PHE E 1049 -14.78 31.19 -16.73
CA PHE E 1049 -14.34 32.55 -16.99
C PHE E 1049 -14.75 32.97 -18.40
N LEU E 1050 -15.12 34.24 -18.55
CA LEU E 1050 -15.48 34.83 -19.84
C LEU E 1050 -14.47 35.92 -20.14
N HIS E 1051 -13.35 35.54 -20.76
CA HIS E 1051 -12.30 36.49 -21.08
C HIS E 1051 -12.71 37.35 -22.26
N VAL E 1052 -12.62 38.67 -22.10
CA VAL E 1052 -12.88 39.61 -23.18
C VAL E 1052 -11.53 39.96 -23.81
N THR E 1053 -11.39 39.66 -25.10
CA THR E 1053 -10.10 39.74 -25.77
C THR E 1053 -10.14 40.72 -26.93
N TYR E 1054 -8.97 41.26 -27.25
CA TYR E 1054 -8.78 42.19 -28.36
C TYR E 1054 -7.93 41.51 -29.42
N VAL E 1055 -8.48 41.39 -30.63
CA VAL E 1055 -7.81 40.71 -31.73
C VAL E 1055 -7.74 41.66 -32.91
N PRO E 1056 -6.56 42.06 -33.36
CA PRO E 1056 -6.46 42.89 -34.57
C PRO E 1056 -6.78 42.10 -35.82
N ALA E 1057 -7.18 42.82 -36.87
CA ALA E 1057 -7.54 42.20 -38.14
C ALA E 1057 -7.38 43.22 -39.25
N GLN E 1058 -7.37 42.71 -40.49
CA GLN E 1058 -7.31 43.51 -41.71
C GLN E 1058 -6.05 44.38 -41.77
N GLU E 1059 -4.91 43.70 -41.80
CA GLU E 1059 -3.63 44.40 -41.89
C GLU E 1059 -3.35 44.83 -43.33
N LYS E 1060 -2.44 45.78 -43.47
CA LYS E 1060 -2.04 46.30 -44.78
C LYS E 1060 -0.54 46.43 -44.86
N ASN E 1061 -0.01 46.28 -46.07
CA ASN E 1061 1.42 46.43 -46.30
C ASN E 1061 1.82 47.90 -46.21
N PHE E 1062 3.00 48.15 -45.66
CA PHE E 1062 3.51 49.51 -45.55
C PHE E 1062 5.03 49.48 -45.66
N THR E 1063 5.59 50.59 -46.15
CA THR E 1063 7.03 50.79 -46.20
C THR E 1063 7.45 51.61 -44.99
N THR E 1064 8.46 51.13 -44.27
CA THR E 1064 8.85 51.71 -43.00
C THR E 1064 10.35 51.97 -42.95
N ALA E 1065 10.73 52.93 -42.12
CA ALA E 1065 12.13 53.30 -41.91
C ALA E 1065 12.36 53.50 -40.42
N PRO E 1066 13.51 53.06 -39.90
CA PRO E 1066 13.76 53.19 -38.45
C PRO E 1066 14.02 54.62 -38.01
N ALA E 1067 14.47 55.50 -38.90
CA ALA E 1067 14.78 56.86 -38.51
C ALA E 1067 14.57 57.79 -39.70
N ILE E 1068 14.39 59.08 -39.38
CA ILE E 1068 14.16 60.11 -40.38
C ILE E 1068 15.17 61.22 -40.17
N CYS E 1069 15.90 61.58 -41.22
CA CYS E 1069 16.88 62.66 -41.17
C CYS E 1069 16.25 63.93 -41.71
N HIS E 1070 16.27 65.00 -40.90
CA HIS E 1070 15.67 66.27 -41.30
C HIS E 1070 16.71 67.19 -41.96
N ASP E 1071 17.72 67.59 -41.21
CA ASP E 1071 18.77 68.44 -41.75
C ASP E 1071 20.16 68.02 -41.30
N GLY E 1072 20.30 66.79 -40.79
CA GLY E 1072 21.58 66.33 -40.29
C GLY E 1072 21.46 65.65 -38.95
N LYS E 1073 20.33 65.82 -38.28
CA LYS E 1073 20.07 65.21 -36.99
C LYS E 1073 19.01 64.12 -37.15
N ALA E 1074 19.29 62.94 -36.58
CA ALA E 1074 18.38 61.81 -36.69
C ALA E 1074 17.16 62.01 -35.79
N HIS E 1075 16.02 61.54 -36.27
CA HIS E 1075 14.77 61.59 -35.52
C HIS E 1075 14.22 60.18 -35.34
N PHE E 1076 13.69 59.90 -34.15
CA PHE E 1076 13.12 58.61 -33.82
C PHE E 1076 11.72 58.83 -33.25
N PRO E 1077 10.79 57.91 -33.50
CA PRO E 1077 9.44 58.07 -32.95
C PRO E 1077 9.41 57.92 -31.45
N ARG E 1078 8.51 58.67 -30.82
CA ARG E 1078 8.41 58.64 -29.36
C ARG E 1078 7.84 57.31 -28.86
N GLU E 1079 6.73 56.87 -29.45
CA GLU E 1079 6.13 55.59 -29.07
C GLU E 1079 5.70 54.72 -30.23
N GLY E 1080 5.48 55.27 -31.41
CA GLY E 1080 5.00 54.52 -32.56
C GLY E 1080 6.13 54.14 -33.51
N VAL E 1081 5.77 54.00 -34.79
CA VAL E 1081 6.73 53.68 -35.84
C VAL E 1081 6.45 54.55 -37.04
N PHE E 1082 7.48 54.73 -37.86
CA PHE E 1082 7.34 55.48 -39.12
C PHE E 1082 6.76 54.57 -40.19
N VAL E 1083 5.78 55.07 -40.94
CA VAL E 1083 5.17 54.31 -42.02
C VAL E 1083 5.04 55.22 -43.24
N SER E 1084 4.95 54.59 -44.41
CA SER E 1084 4.76 55.30 -45.67
C SER E 1084 3.69 54.60 -46.49
N ASN E 1085 2.81 55.41 -47.10
CA ASN E 1085 1.81 54.87 -48.01
C ASN E 1085 2.35 54.67 -49.42
N GLY E 1086 3.59 55.08 -49.68
CA GLY E 1086 4.18 54.95 -50.99
C GLY E 1086 4.83 56.23 -51.48
N THR E 1087 4.28 57.37 -51.11
CA THR E 1087 4.80 58.65 -51.56
C THR E 1087 5.07 59.59 -50.38
N HIS E 1088 4.32 59.45 -49.30
CA HIS E 1088 4.42 60.33 -48.15
C HIS E 1088 4.65 59.50 -46.89
N TRP E 1089 5.33 60.12 -45.93
CA TRP E 1089 5.68 59.45 -44.68
C TRP E 1089 4.73 59.87 -43.56
N PHE E 1090 4.42 58.91 -42.69
CA PHE E 1090 3.49 59.13 -41.59
C PHE E 1090 3.99 58.39 -40.36
N VAL E 1091 3.40 58.70 -39.21
CA VAL E 1091 3.70 58.06 -37.95
C VAL E 1091 2.40 57.59 -37.30
N THR E 1092 2.40 56.37 -36.78
CA THR E 1092 1.21 55.81 -36.17
C THR E 1092 1.63 54.82 -35.09
N GLN E 1093 0.66 54.47 -34.23
CA GLN E 1093 0.91 53.48 -33.20
C GLN E 1093 1.04 52.09 -33.80
N ARG E 1094 1.63 51.18 -33.02
CA ARG E 1094 1.97 49.87 -33.54
C ARG E 1094 0.75 48.95 -33.69
N ASN E 1095 -0.21 49.04 -32.79
CA ASN E 1095 -1.33 48.10 -32.77
C ASN E 1095 -2.55 48.58 -33.56
N PHE E 1096 -2.51 49.79 -34.13
CA PHE E 1096 -3.64 50.30 -34.88
C PHE E 1096 -3.14 51.31 -35.90
N TYR E 1097 -3.82 51.38 -37.03
CA TYR E 1097 -3.44 52.29 -38.10
C TYR E 1097 -4.13 53.64 -37.88
N GLU E 1098 -3.35 54.65 -37.54
CA GLU E 1098 -3.86 56.02 -37.39
C GLU E 1098 -2.73 56.98 -37.75
N PRO E 1099 -2.57 57.26 -39.04
CA PRO E 1099 -1.43 58.07 -39.48
C PRO E 1099 -1.53 59.53 -39.04
N GLN E 1100 -0.38 60.11 -38.74
CA GLN E 1100 -0.29 61.49 -38.29
C GLN E 1100 0.94 62.14 -38.93
N ILE E 1101 0.94 63.46 -38.95
CA ILE E 1101 2.07 64.21 -39.50
C ILE E 1101 3.24 64.12 -38.52
N ILE E 1102 4.42 63.82 -39.05
CA ILE E 1102 5.62 63.66 -38.22
C ILE E 1102 6.06 65.06 -37.77
N THR E 1103 5.86 65.35 -36.49
CA THR E 1103 6.24 66.63 -35.90
C THR E 1103 7.31 66.42 -34.83
N THR E 1104 7.77 67.52 -34.26
CA THR E 1104 8.76 67.45 -33.18
C THR E 1104 8.14 66.95 -31.88
N ASP E 1105 6.83 67.11 -31.71
CA ASP E 1105 6.19 66.60 -30.50
C ASP E 1105 6.06 65.09 -30.52
N ASN E 1106 5.83 64.52 -31.70
CA ASN E 1106 5.66 63.08 -31.84
C ASN E 1106 6.98 62.32 -31.91
N THR E 1107 8.11 63.02 -32.00
CA THR E 1107 9.41 62.39 -32.16
C THR E 1107 10.39 62.98 -31.15
N PHE E 1108 11.61 62.45 -31.16
CA PHE E 1108 12.70 62.99 -30.36
C PHE E 1108 13.99 62.83 -31.13
N VAL E 1109 14.91 63.78 -30.94
CA VAL E 1109 16.13 63.87 -31.73
C VAL E 1109 17.29 63.29 -30.91
N SER E 1110 18.08 62.43 -31.54
CA SER E 1110 19.25 61.84 -30.91
C SER E 1110 20.24 61.43 -31.99
N GLY E 1111 21.51 61.82 -31.80
CA GLY E 1111 22.55 61.44 -32.73
C GLY E 1111 22.47 62.21 -34.05
N ASN E 1112 23.17 61.67 -35.05
CA ASN E 1112 23.19 62.25 -36.38
C ASN E 1112 23.05 61.13 -37.41
N CYS E 1113 22.92 61.53 -38.67
CA CYS E 1113 22.50 60.63 -39.73
C CYS E 1113 23.67 59.93 -40.42
N ASP E 1114 24.50 59.23 -39.65
CA ASP E 1114 25.54 58.37 -40.22
C ASP E 1114 25.67 57.03 -39.52
N VAL E 1115 25.26 56.90 -38.27
CA VAL E 1115 25.41 55.65 -37.53
C VAL E 1115 24.15 54.82 -37.50
N VAL E 1116 23.05 55.30 -38.09
CA VAL E 1116 21.79 54.60 -38.10
C VAL E 1116 21.61 53.96 -39.48
N ILE E 1117 21.40 52.65 -39.50
CA ILE E 1117 21.24 51.92 -40.75
C ILE E 1117 19.80 52.03 -41.21
N GLY E 1118 19.60 52.48 -42.45
CA GLY E 1118 18.27 52.58 -43.02
C GLY E 1118 17.57 53.90 -42.80
N ILE E 1119 18.29 54.96 -42.46
CA ILE E 1119 17.66 56.26 -42.26
C ILE E 1119 17.25 56.84 -43.62
N VAL E 1120 16.08 57.48 -43.65
CA VAL E 1120 15.52 58.03 -44.88
C VAL E 1120 15.31 59.52 -44.67
N ASN E 1121 15.81 60.33 -45.60
CA ASN E 1121 15.69 61.78 -45.50
C ASN E 1121 14.25 62.20 -45.74
N ASN E 1122 13.73 63.02 -44.84
CA ASN E 1122 12.37 63.55 -44.96
C ASN E 1122 12.27 64.81 -44.11
N THR E 1123 11.26 65.61 -44.41
CA THR E 1123 11.02 66.86 -43.68
C THR E 1123 10.25 66.58 -42.40
N VAL E 1124 10.66 67.24 -41.32
CA VAL E 1124 10.02 67.13 -40.03
C VAL E 1124 9.31 68.45 -39.75
N TYR E 1125 8.00 68.38 -39.50
CA TYR E 1125 7.23 69.59 -39.24
C TYR E 1125 7.55 70.16 -37.87
N ASP E 1126 7.62 71.48 -37.78
CA ASP E 1126 7.83 72.19 -36.53
C ASP E 1126 6.62 73.07 -36.25
N PRO E 1127 5.89 72.84 -35.17
CA PRO E 1127 4.66 73.61 -34.91
C PRO E 1127 4.90 74.97 -34.26
N LEU E 1128 6.13 75.48 -34.30
CA LEU E 1128 6.48 76.72 -33.62
C LEU E 1128 6.45 77.93 -34.55
N GLN E 1129 7.27 77.93 -35.60
CA GLN E 1129 7.43 79.12 -36.44
C GLN E 1129 6.30 79.44 -37.43
N PRO E 1130 5.60 78.49 -38.09
CA PRO E 1130 4.61 78.95 -39.09
C PRO E 1130 3.33 79.49 -38.49
N GLU E 1131 3.02 79.18 -37.24
CA GLU E 1131 1.83 79.71 -36.59
C GLU E 1131 2.13 80.98 -35.79
N LEU E 1132 3.28 81.05 -35.15
CA LEU E 1132 3.70 82.22 -34.38
C LEU E 1132 4.95 82.78 -35.03
N ASP E 1133 4.87 84.03 -35.50
CA ASP E 1133 6.00 84.69 -36.13
C ASP E 1133 6.18 86.13 -35.69
N SER E 1134 5.31 86.66 -34.83
CA SER E 1134 5.43 88.03 -34.36
C SER E 1134 5.07 88.15 -32.89
N VAL F 1 -18.72 22.45 47.74
CA VAL F 1 -20.18 22.54 47.75
C VAL F 1 -20.60 23.99 47.87
N GLN F 2 -21.29 24.49 46.84
CA GLN F 2 -21.72 25.88 46.76
C GLN F 2 -23.25 25.92 46.82
N LEU F 3 -23.77 26.72 47.74
CA LEU F 3 -25.21 26.87 47.91
C LEU F 3 -25.53 28.36 48.07
N VAL F 4 -26.49 28.85 47.28
CA VAL F 4 -26.81 30.27 47.21
C VAL F 4 -28.32 30.45 47.37
N GLN F 5 -28.72 31.72 47.52
CA GLN F 5 -30.12 32.10 47.64
C GLN F 5 -30.41 33.26 46.70
N SER F 6 -31.68 33.69 46.68
CA SER F 6 -32.12 34.79 45.85
C SER F 6 -31.77 36.14 46.48
N GLY F 7 -31.89 37.19 45.68
CA GLY F 7 -31.55 38.53 46.14
C GLY F 7 -32.62 39.14 47.02
N SER F 8 -32.26 40.29 47.60
CA SER F 8 -33.17 41.01 48.49
C SER F 8 -34.18 41.81 47.69
N GLU F 9 -35.29 42.14 48.35
CA GLU F 9 -36.36 42.91 47.72
C GLU F 9 -37.19 43.59 48.82
N LEU F 10 -37.97 44.58 48.40
CA LEU F 10 -38.84 45.33 49.30
C LEU F 10 -40.30 44.96 49.02
N LYS F 11 -41.06 44.74 50.08
CA LYS F 11 -42.45 44.31 49.96
C LYS F 11 -43.41 45.22 50.71
N LYS F 12 -44.67 44.80 50.79
CA LYS F 12 -45.76 45.51 51.44
C LYS F 12 -46.42 44.56 52.44
N PRO F 13 -47.00 45.08 53.53
CA PRO F 13 -47.76 44.22 54.44
C PRO F 13 -48.96 43.59 53.75
N GLY F 14 -49.23 42.33 54.10
CA GLY F 14 -50.33 41.59 53.50
C GLY F 14 -50.05 40.99 52.15
N ALA F 15 -48.84 41.14 51.63
CA ALA F 15 -48.48 40.62 50.31
C ALA F 15 -47.86 39.23 50.46
N SER F 16 -47.30 38.71 49.37
CA SER F 16 -46.65 37.41 49.36
C SER F 16 -45.32 37.52 48.61
N VAL F 17 -44.40 36.64 48.96
CA VAL F 17 -43.05 36.67 48.39
C VAL F 17 -42.54 35.24 48.29
N LYS F 18 -41.85 34.93 47.20
CA LYS F 18 -41.23 33.62 46.99
C LYS F 18 -39.72 33.77 47.07
N VAL F 19 -39.09 32.99 47.94
CA VAL F 19 -37.65 32.98 48.14
C VAL F 19 -37.10 31.65 47.67
N SER F 20 -36.08 31.69 46.82
CA SER F 20 -35.50 30.50 46.23
C SER F 20 -34.08 30.29 46.73
N CYS F 21 -33.65 29.02 46.74
CA CYS F 21 -32.32 28.64 47.19
C CYS F 21 -31.75 27.60 46.23
N LYS F 22 -30.59 27.91 45.66
CA LYS F 22 -29.91 27.03 44.72
C LYS F 22 -28.67 26.44 45.37
N ALA F 23 -28.49 25.13 45.24
CA ALA F 23 -27.32 24.43 45.78
C ALA F 23 -26.70 23.57 44.70
N SER F 24 -25.39 23.35 44.81
CA SER F 24 -24.67 22.59 43.80
C SER F 24 -23.44 21.95 44.43
N GLY F 25 -22.86 20.99 43.69
CA GLY F 25 -21.67 20.30 44.13
C GLY F 25 -21.89 19.13 45.04
N TYR F 26 -23.14 18.75 45.29
CA TYR F 26 -23.45 17.68 46.22
C TYR F 26 -24.82 17.11 45.87
N THR F 27 -25.03 15.84 46.23
CA THR F 27 -26.27 15.14 45.91
C THR F 27 -27.37 15.61 46.85
N PHE F 28 -28.37 16.31 46.29
CA PHE F 28 -29.40 16.96 47.11
C PHE F 28 -30.28 15.94 47.81
N THR F 29 -30.55 14.80 47.16
CA THR F 29 -31.40 13.78 47.76
C THR F 29 -30.75 13.09 48.95
N SER F 30 -29.44 13.20 49.10
CA SER F 30 -28.75 12.54 50.22
C SER F 30 -28.92 13.29 51.53
N TYR F 31 -29.01 14.62 51.49
CA TYR F 31 -29.04 15.43 52.70
C TYR F 31 -30.38 16.14 52.84
N ALA F 32 -30.67 16.55 54.07
CA ALA F 32 -31.88 17.30 54.37
C ALA F 32 -31.67 18.78 54.06
N MET F 33 -32.77 19.54 54.13
CA MET F 33 -32.79 20.95 53.75
C MET F 33 -33.42 21.74 54.89
N ASN F 34 -32.59 22.46 55.65
CA ASN F 34 -33.00 23.06 56.91
C ASN F 34 -32.88 24.58 56.85
N TRP F 35 -33.78 25.27 57.55
CA TRP F 35 -33.90 26.72 57.47
C TRP F 35 -33.75 27.34 58.85
N VAL F 36 -33.21 28.56 58.89
CA VAL F 36 -33.04 29.32 60.12
C VAL F 36 -33.22 30.80 59.79
N ARG F 37 -33.68 31.57 60.78
CA ARG F 37 -34.00 32.97 60.61
C ARG F 37 -33.16 33.84 61.55
N GLN F 38 -33.11 35.13 61.23
CA GLN F 38 -32.40 36.10 62.06
C GLN F 38 -32.99 37.48 61.79
N ALA F 39 -33.82 37.97 62.71
CA ALA F 39 -34.19 39.38 62.65
C ALA F 39 -32.99 40.23 63.06
N PRO F 40 -32.89 41.47 62.57
CA PRO F 40 -31.75 42.32 62.94
C PRO F 40 -31.72 42.64 64.43
N GLY F 41 -30.56 42.41 65.03
CA GLY F 41 -30.41 42.62 66.46
C GLY F 41 -30.85 41.49 67.35
N GLN F 42 -31.02 40.28 66.80
CA GLN F 42 -31.41 39.13 67.59
C GLN F 42 -30.80 37.89 66.93
N GLY F 43 -30.64 36.82 67.71
CA GLY F 43 -29.93 35.63 67.26
C GLY F 43 -30.72 34.79 66.27
N LEU F 44 -30.52 33.48 66.37
CA LEU F 44 -31.14 32.57 65.43
C LEU F 44 -32.47 32.04 65.98
N GLU F 45 -33.29 31.52 65.06
CA GLU F 45 -34.53 30.83 65.42
C GLU F 45 -34.88 29.85 64.31
N TRP F 46 -35.42 28.70 64.69
CA TRP F 46 -35.65 27.59 63.78
C TRP F 46 -37.14 27.34 63.64
N MET F 47 -37.60 27.17 62.40
CA MET F 47 -39.02 26.98 62.10
C MET F 47 -39.38 25.56 61.68
N GLY F 48 -38.52 24.87 60.94
CA GLY F 48 -38.86 23.53 60.49
C GLY F 48 -37.81 22.97 59.58
N TRP F 49 -37.99 21.68 59.27
CA TRP F 49 -37.09 20.91 58.42
C TRP F 49 -37.89 20.24 57.32
N ILE F 50 -37.30 20.15 56.13
CA ILE F 50 -37.99 19.60 54.97
C ILE F 50 -37.12 18.53 54.32
N ASN F 51 -37.78 17.58 53.68
CA ASN F 51 -37.12 16.39 53.16
C ASN F 51 -36.94 16.50 51.66
N THR F 52 -35.78 16.08 51.16
CA THR F 52 -35.52 16.07 49.73
C THR F 52 -35.98 14.80 49.05
N ASN F 53 -36.47 13.82 49.81
CA ASN F 53 -36.95 12.56 49.26
C ASN F 53 -38.46 12.49 49.19
N THR F 54 -39.16 12.88 50.27
CA THR F 54 -40.61 12.83 50.32
C THR F 54 -41.27 14.20 50.36
N GLY F 55 -40.60 15.21 50.88
CA GLY F 55 -41.17 16.55 50.95
C GLY F 55 -42.35 16.68 51.91
N ASN F 56 -42.26 16.06 53.08
CA ASN F 56 -43.33 16.13 54.06
C ASN F 56 -43.09 17.33 54.98
N PRO F 57 -44.05 18.26 55.10
CA PRO F 57 -43.85 19.41 56.00
C PRO F 57 -43.72 18.99 57.45
N THR F 58 -42.84 19.69 58.16
CA THR F 58 -42.64 19.48 59.60
C THR F 58 -42.27 20.83 60.19
N TYR F 59 -43.20 21.44 60.92
CA TYR F 59 -43.06 22.82 61.36
C TYR F 59 -43.00 22.89 62.89
N ALA F 60 -42.43 24.00 63.38
CA ALA F 60 -42.44 24.30 64.81
C ALA F 60 -43.69 25.12 65.13
N GLN F 61 -43.76 25.67 66.34
CA GLN F 61 -44.93 26.41 66.77
C GLN F 61 -44.91 27.83 66.19
N GLY F 62 -46.09 28.31 65.81
CA GLY F 62 -46.26 29.68 65.36
C GLY F 62 -46.04 29.91 63.87
N PHE F 63 -45.43 28.97 63.16
CA PHE F 63 -45.14 29.12 61.75
C PHE F 63 -46.08 28.34 60.85
N THR F 64 -47.12 27.71 61.43
CA THR F 64 -48.04 26.90 60.65
C THR F 64 -48.97 27.77 59.82
N GLY F 65 -49.18 27.39 58.58
CA GLY F 65 -50.10 28.09 57.68
C GLY F 65 -49.51 29.18 56.80
N ARG F 66 -48.78 30.12 57.40
CA ARG F 66 -48.24 31.24 56.64
C ARG F 66 -47.08 30.82 55.74
N PHE F 67 -46.31 29.82 56.17
CA PHE F 67 -45.12 29.39 55.44
C PHE F 67 -45.39 28.09 54.69
N VAL F 68 -44.92 28.03 53.45
CA VAL F 68 -45.05 26.84 52.60
C VAL F 68 -43.66 26.40 52.19
N PHE F 69 -43.40 25.09 52.28
CA PHE F 69 -42.14 24.49 51.86
C PHE F 69 -42.38 23.63 50.62
N SER F 70 -41.50 23.75 49.63
CA SER F 70 -41.63 22.98 48.40
C SER F 70 -40.25 22.79 47.77
N LEU F 71 -40.09 21.67 47.05
CA LEU F 71 -38.83 21.31 46.42
C LEU F 71 -39.08 20.84 45.00
N ASP F 72 -37.98 20.48 44.32
CA ASP F 72 -38.04 19.76 43.05
C ASP F 72 -36.76 18.94 42.91
N THR F 73 -36.83 17.92 42.06
CA THR F 73 -35.72 16.98 41.90
C THR F 73 -34.91 17.18 40.62
N SER F 74 -35.56 17.57 39.52
CA SER F 74 -34.84 17.75 38.26
C SER F 74 -33.94 18.97 38.30
N VAL F 75 -34.43 20.07 38.87
CA VAL F 75 -33.68 21.32 38.92
C VAL F 75 -32.97 21.49 40.26
N SER F 76 -33.50 20.92 41.34
CA SER F 76 -32.93 20.93 42.70
C SER F 76 -32.78 22.36 43.22
N THR F 77 -33.94 23.02 43.35
CA THR F 77 -34.05 24.34 43.96
C THR F 77 -35.11 24.28 45.05
N ALA F 78 -34.76 24.80 46.23
CA ALA F 78 -35.69 24.90 47.34
C ALA F 78 -36.38 26.26 47.31
N TYR F 79 -37.70 26.25 47.53
CA TYR F 79 -38.50 27.47 47.49
C TYR F 79 -39.15 27.73 48.84
N LEU F 80 -39.23 29.01 49.19
CA LEU F 80 -39.90 29.47 50.40
C LEU F 80 -41.04 30.38 50.03
N GLN F 81 -42.24 30.07 50.52
CA GLN F 81 -43.44 30.85 50.23
C GLN F 81 -44.02 31.36 51.55
N ILE F 82 -44.11 32.69 51.67
CA ILE F 82 -44.64 33.35 52.85
C ILE F 82 -45.86 34.16 52.43
N SER F 83 -46.96 34.02 53.17
CA SER F 83 -48.19 34.74 52.89
C SER F 83 -48.62 35.52 54.11
N SER F 84 -49.43 36.56 53.86
CA SER F 84 -49.95 37.48 54.88
C SER F 84 -48.81 38.11 55.69
N LEU F 85 -47.97 38.86 54.98
CA LEU F 85 -46.80 39.49 55.60
C LEU F 85 -47.22 40.67 56.47
N LYS F 86 -46.44 40.89 57.53
CA LYS F 86 -46.62 42.05 58.39
C LYS F 86 -45.23 42.54 58.81
N THR F 87 -45.19 43.41 59.83
CA THR F 87 -43.96 44.11 60.15
C THR F 87 -42.97 43.23 60.91
N GLU F 88 -43.41 42.06 61.39
CA GLU F 88 -42.51 41.20 62.15
C GLU F 88 -41.68 40.29 61.25
N ASP F 89 -41.95 40.25 59.95
CA ASP F 89 -41.27 39.35 59.03
C ASP F 89 -39.95 39.90 58.52
N THR F 90 -39.56 41.11 58.93
CA THR F 90 -38.31 41.70 58.47
C THR F 90 -37.14 40.98 59.13
N ALA F 91 -36.38 40.22 58.35
CA ALA F 91 -35.28 39.40 58.85
C ALA F 91 -34.38 39.04 57.66
N VAL F 92 -33.43 38.15 57.90
CA VAL F 92 -32.66 37.50 56.84
C VAL F 92 -32.87 36.00 56.96
N TYR F 93 -33.24 35.37 55.85
CA TYR F 93 -33.51 33.94 55.82
C TYR F 93 -32.27 33.21 55.33
N TYR F 94 -31.87 32.17 56.07
CA TYR F 94 -30.66 31.41 55.78
C TYR F 94 -31.02 29.96 55.49
N CYS F 95 -30.33 29.38 54.51
CA CYS F 95 -30.47 27.97 54.17
C CYS F 95 -29.32 27.18 54.79
N ALA F 96 -29.60 25.92 55.14
CA ALA F 96 -28.63 25.09 55.83
C ALA F 96 -28.62 23.68 55.26
N ARG F 97 -27.45 23.07 55.26
CA ARG F 97 -27.31 21.68 54.87
C ARG F 97 -27.28 20.78 56.11
N GLU F 98 -28.03 19.68 56.03
CA GLU F 98 -28.21 18.80 57.19
C GLU F 98 -28.23 17.38 56.66
N LEU F 99 -27.47 16.47 57.28
CA LEU F 99 -27.40 15.12 56.73
C LEU F 99 -28.60 14.30 57.18
N TRP F 100 -29.14 13.50 56.25
CA TRP F 100 -30.33 12.71 56.52
C TRP F 100 -29.95 11.47 57.32
N PHE F 101 -30.41 11.39 58.58
CA PHE F 101 -30.17 10.24 59.42
C PHE F 101 -31.42 9.48 59.80
N GLY F 102 -32.60 10.06 59.63
CA GLY F 102 -33.83 9.37 59.96
C GLY F 102 -34.84 10.25 60.67
N GLU F 103 -35.62 9.66 61.57
CA GLU F 103 -36.64 10.41 62.28
C GLU F 103 -36.04 11.33 63.36
N LEU F 104 -34.82 11.05 63.80
CA LEU F 104 -34.15 11.90 64.77
C LEU F 104 -33.21 12.86 64.06
N LEU F 105 -33.26 14.13 64.47
CA LEU F 105 -32.53 15.19 63.80
C LEU F 105 -31.35 15.59 64.69
N SER F 106 -30.15 15.58 64.11
CA SER F 106 -28.93 15.85 64.85
C SER F 106 -28.66 17.36 64.87
N GLY F 107 -27.48 17.74 65.32
CA GLY F 107 -27.12 19.15 65.45
C GLY F 107 -25.84 19.55 64.77
N ASP F 108 -25.60 19.04 63.57
CA ASP F 108 -24.42 19.40 62.77
C ASP F 108 -24.78 20.40 61.64
N PHE F 109 -24.84 21.67 62.02
CA PHE F 109 -25.22 22.80 61.17
C PHE F 109 -23.95 23.39 60.55
N ASP F 110 -23.55 22.83 59.41
CA ASP F 110 -22.20 23.07 58.88
C ASP F 110 -22.15 24.15 57.81
N TYR F 111 -23.00 24.06 56.79
CA TYR F 111 -22.93 24.92 55.63
C TYR F 111 -24.14 25.85 55.56
N TRP F 112 -23.88 27.14 55.40
CA TRP F 112 -24.92 28.14 55.24
C TRP F 112 -24.64 28.98 54.00
N GLY F 113 -25.72 29.50 53.42
CA GLY F 113 -25.62 30.39 52.28
C GLY F 113 -25.42 31.84 52.70
N GLN F 114 -25.46 32.72 51.70
CA GLN F 114 -25.27 34.14 51.94
C GLN F 114 -26.49 34.81 52.55
N GLY F 115 -27.67 34.19 52.47
CA GLY F 115 -28.87 34.75 53.04
C GLY F 115 -29.60 35.68 52.08
N THR F 116 -30.90 35.84 52.33
CA THR F 116 -31.75 36.74 51.56
C THR F 116 -32.43 37.69 52.52
N LEU F 117 -32.29 39.00 52.26
CA LEU F 117 -32.84 40.01 53.15
C LEU F 117 -34.27 40.32 52.72
N VAL F 118 -35.21 40.20 53.66
CA VAL F 118 -36.61 40.55 53.43
C VAL F 118 -36.97 41.66 54.41
N THR F 119 -37.61 42.71 53.88
CA THR F 119 -38.01 43.86 54.68
C THR F 119 -39.43 44.25 54.33
N VAL F 120 -40.28 44.34 55.36
CA VAL F 120 -41.66 44.79 55.21
C VAL F 120 -41.78 46.10 55.97
N SER F 121 -42.06 47.18 55.24
CA SER F 121 -42.10 48.52 55.83
C SER F 121 -43.01 49.41 55.01
N SER F 122 -43.40 50.54 55.60
CA SER F 122 -44.26 51.50 54.94
C SER F 122 -43.57 52.85 54.81
N SER G 1 -33.61 32.96 75.63
CA SER G 1 -33.18 31.62 75.29
C SER G 1 -32.76 30.85 76.54
N VAL G 2 -32.78 29.52 76.45
CA VAL G 2 -32.38 28.69 77.57
C VAL G 2 -30.87 28.79 77.82
N LEU G 3 -30.08 28.80 76.75
CA LEU G 3 -28.64 28.96 76.87
C LEU G 3 -28.31 30.40 77.23
N THR G 4 -27.46 30.58 78.23
CA THR G 4 -27.07 31.89 78.72
C THR G 4 -25.60 32.15 78.39
N GLN G 5 -25.32 33.34 77.91
CA GLN G 5 -23.98 33.75 77.53
C GLN G 5 -23.65 35.09 78.19
N PRO G 6 -22.36 35.36 78.46
CA PRO G 6 -22.00 36.69 78.96
C PRO G 6 -22.25 37.76 77.92
N PRO G 7 -22.60 38.97 78.35
CA PRO G 7 -22.92 40.02 77.35
C PRO G 7 -21.70 40.52 76.59
N SER G 8 -20.60 40.80 77.29
CA SER G 8 -19.40 41.30 76.63
C SER G 8 -18.18 40.96 77.47
N VAL G 9 -17.05 40.77 76.78
CA VAL G 9 -15.77 40.53 77.42
C VAL G 9 -14.73 41.43 76.78
N SER G 10 -13.68 41.72 77.53
CA SER G 10 -12.59 42.56 77.06
C SER G 10 -11.26 41.92 77.42
N GLY G 11 -10.27 42.13 76.57
CA GLY G 11 -8.94 41.57 76.80
C GLY G 11 -7.90 42.26 75.96
N ALA G 12 -6.68 42.31 76.48
CA ALA G 12 -5.56 42.86 75.75
C ALA G 12 -5.16 41.91 74.62
N PRO G 13 -4.58 42.44 73.53
CA PRO G 13 -4.13 41.56 72.44
C PRO G 13 -2.99 40.66 72.89
N GLY G 14 -3.15 39.36 72.62
CA GLY G 14 -2.17 38.38 73.05
C GLY G 14 -2.38 37.82 74.45
N GLN G 15 -3.48 38.16 75.10
CA GLN G 15 -3.76 37.73 76.46
C GLN G 15 -4.77 36.58 76.46
N ARG G 16 -5.21 36.19 77.64
CA ARG G 16 -6.11 35.06 77.84
C ARG G 16 -7.49 35.56 78.22
N VAL G 17 -8.51 35.14 77.46
CA VAL G 17 -9.90 35.48 77.73
C VAL G 17 -10.71 34.19 77.64
N THR G 18 -11.51 33.92 78.67
CA THR G 18 -12.31 32.71 78.76
C THR G 18 -13.76 33.05 78.42
N ILE G 19 -14.32 32.36 77.44
CA ILE G 19 -15.72 32.53 77.06
C ILE G 19 -16.52 31.44 77.79
N SER G 20 -17.46 31.88 78.62
CA SER G 20 -18.22 30.95 79.44
C SER G 20 -19.60 30.66 78.83
N CYS G 21 -20.23 29.59 79.32
CA CYS G 21 -21.56 29.22 78.90
C CYS G 21 -22.25 28.48 80.04
N THR G 22 -23.58 28.52 80.03
CA THR G 22 -24.36 27.88 81.09
C THR G 22 -25.73 27.54 80.53
N GLY G 23 -26.11 26.26 80.62
CA GLY G 23 -27.42 25.83 80.17
C GLY G 23 -28.26 25.23 81.27
N SER G 24 -28.78 24.03 81.04
CA SER G 24 -29.60 23.34 82.02
C SER G 24 -29.32 21.84 81.90
N SER G 25 -30.15 21.04 82.56
CA SER G 25 -30.01 19.58 82.50
C SER G 25 -30.68 18.98 81.27
N SER G 26 -31.41 19.77 80.49
CA SER G 26 -32.11 19.27 79.32
C SER G 26 -31.37 19.52 78.02
N ASN G 27 -30.42 20.44 77.99
CA ASN G 27 -29.67 20.75 76.78
C ASN G 27 -28.21 20.30 76.88
N ILE G 28 -27.49 20.74 77.90
CA ILE G 28 -26.10 20.35 78.10
C ILE G 28 -25.98 19.19 79.08
N GLY G 29 -26.82 19.18 80.11
CA GLY G 29 -26.81 18.07 81.06
C GLY G 29 -27.37 16.78 80.52
N ALA G 30 -28.10 16.84 79.41
CA ALA G 30 -28.63 15.64 78.77
C ALA G 30 -27.62 14.95 77.87
N GLY G 31 -26.44 15.53 77.68
CA GLY G 31 -25.40 14.92 76.88
C GLY G 31 -25.25 15.46 75.48
N TYR G 32 -26.08 16.42 75.07
CA TYR G 32 -25.99 16.99 73.74
C TYR G 32 -24.85 17.99 73.67
N ASP G 33 -24.18 18.02 72.51
CA ASP G 33 -23.01 18.87 72.33
C ASP G 33 -23.39 20.35 72.17
N VAL G 34 -22.40 21.21 72.36
CA VAL G 34 -22.56 22.65 72.20
C VAL G 34 -21.50 23.16 71.23
N HIS G 35 -21.93 23.95 70.25
CA HIS G 35 -21.07 24.46 69.20
C HIS G 35 -20.81 25.95 69.43
N TRP G 36 -19.92 26.51 68.59
CA TRP G 36 -19.60 27.93 68.62
C TRP G 36 -19.45 28.42 67.19
N TYR G 37 -19.82 29.69 66.94
CA TYR G 37 -19.85 30.24 65.59
C TYR G 37 -19.25 31.65 65.56
N GLN G 38 -18.63 31.97 64.43
CA GLN G 38 -17.91 33.23 64.23
C GLN G 38 -18.62 34.07 63.19
N GLN G 39 -19.29 35.13 63.65
CA GLN G 39 -20.00 36.06 62.79
C GLN G 39 -19.29 37.41 62.84
N LEU G 40 -18.53 37.72 61.80
CA LEU G 40 -18.04 39.08 61.63
C LEU G 40 -19.20 40.00 61.27
N PRO G 41 -19.15 41.27 61.66
CA PRO G 41 -20.24 42.19 61.30
C PRO G 41 -20.33 42.40 59.79
N GLY G 42 -21.42 41.90 59.21
CA GLY G 42 -21.66 42.01 57.79
C GLY G 42 -21.80 40.68 57.06
N THR G 43 -21.46 39.57 57.70
CA THR G 43 -21.52 38.25 57.07
C THR G 43 -22.16 37.24 58.03
N ALA G 44 -22.16 35.95 57.61
CA ALA G 44 -22.75 34.78 58.24
C ALA G 44 -21.82 34.17 59.29
N PRO G 45 -22.38 33.56 60.33
CA PRO G 45 -21.54 32.86 61.31
C PRO G 45 -20.83 31.66 60.70
N LYS G 46 -19.61 31.40 61.17
CA LYS G 46 -18.79 30.29 60.70
C LYS G 46 -18.28 29.54 61.93
N ILE G 47 -18.38 28.21 61.90
CA ILE G 47 -18.19 27.41 63.11
C ILE G 47 -16.71 27.28 63.43
N ILE G 48 -16.36 27.38 64.72
CA ILE G 48 -14.99 27.16 65.18
C ILE G 48 -14.84 25.80 65.85
N ILE G 49 -15.79 25.42 66.70
CA ILE G 49 -15.68 24.22 67.51
C ILE G 49 -16.95 23.40 67.32
N TYR G 50 -16.79 22.13 66.96
CA TYR G 50 -17.89 21.19 66.90
C TYR G 50 -17.55 19.98 67.77
N ASP G 51 -18.60 19.34 68.31
CA ASP G 51 -18.49 18.20 69.22
C ASP G 51 -17.69 18.53 70.48
N ASN G 52 -17.69 19.82 70.85
CA ASN G 52 -17.16 20.39 72.10
C ASN G 52 -15.64 20.35 72.21
N SER G 53 -14.96 19.65 71.30
CA SER G 53 -13.51 19.59 71.34
C SER G 53 -12.84 19.65 69.97
N ASN G 54 -13.56 19.45 68.88
CA ASN G 54 -12.95 19.23 67.57
C ASN G 54 -12.87 20.51 66.76
N ARG G 55 -11.96 20.51 65.80
CA ARG G 55 -11.66 21.70 64.99
C ARG G 55 -11.80 21.37 63.50
N PRO G 56 -12.64 22.09 62.75
CA PRO G 56 -12.68 21.88 61.30
C PRO G 56 -11.43 22.41 60.62
N SER G 57 -11.22 21.94 59.39
CA SER G 57 -10.04 22.31 58.63
C SER G 57 -10.06 23.79 58.27
N GLY G 58 -8.88 24.41 58.35
CA GLY G 58 -8.73 25.82 58.08
C GLY G 58 -8.74 26.71 59.31
N VAL G 59 -9.16 26.19 60.45
CA VAL G 59 -9.21 26.99 61.68
C VAL G 59 -7.83 27.01 62.32
N PRO G 60 -7.32 28.18 62.73
CA PRO G 60 -6.03 28.22 63.41
C PRO G 60 -6.09 27.55 64.78
N ASP G 61 -4.91 27.22 65.30
CA ASP G 61 -4.78 26.41 66.51
C ASP G 61 -4.78 27.24 67.79
N ARG G 62 -5.35 28.44 67.77
CA ARG G 62 -5.44 29.28 68.96
C ARG G 62 -6.81 29.22 69.62
N PHE G 63 -7.69 28.34 69.18
CA PHE G 63 -9.01 28.14 69.78
C PHE G 63 -9.08 26.75 70.41
N SER G 64 -9.75 26.67 71.55
CA SER G 64 -9.98 25.40 72.22
C SER G 64 -11.19 25.54 73.12
N GLY G 65 -11.77 24.39 73.49
CA GLY G 65 -12.95 24.40 74.34
C GLY G 65 -13.21 23.04 74.93
N SER G 66 -14.06 23.03 75.95
CA SER G 66 -14.43 21.81 76.65
C SER G 66 -15.74 22.04 77.37
N LYS G 67 -16.37 20.95 77.81
CA LYS G 67 -17.60 21.00 78.57
C LYS G 67 -17.41 20.26 79.89
N SER G 68 -18.15 20.70 80.91
CA SER G 68 -18.07 20.10 82.25
C SER G 68 -19.48 20.06 82.81
N GLY G 69 -20.18 18.95 82.59
CA GLY G 69 -21.52 18.75 83.11
C GLY G 69 -22.55 19.71 82.56
N THR G 70 -23.20 20.46 83.45
CA THR G 70 -24.24 21.39 83.03
C THR G 70 -23.66 22.59 82.29
N SER G 71 -22.49 23.06 82.72
CA SER G 71 -21.89 24.25 82.15
C SER G 71 -20.95 23.91 81.00
N ALA G 72 -20.54 24.94 80.28
CA ALA G 72 -19.61 24.79 79.16
C ALA G 72 -18.74 26.04 79.10
N SER G 73 -17.59 25.90 78.42
CA SER G 73 -16.66 27.01 78.32
C SER G 73 -15.86 26.88 77.03
N LEU G 74 -15.27 27.99 76.61
CA LEU G 74 -14.40 28.02 75.43
C LEU G 74 -13.16 28.83 75.76
N ALA G 75 -11.99 28.27 75.45
CA ALA G 75 -10.71 28.87 75.83
C ALA G 75 -10.14 29.62 74.62
N ILE G 76 -9.92 30.92 74.78
CA ILE G 76 -9.39 31.79 73.73
C ILE G 76 -8.07 32.36 74.22
N THR G 77 -7.00 32.07 73.49
CA THR G 77 -5.64 32.45 73.89
C THR G 77 -4.95 33.14 72.73
N GLY G 78 -4.17 34.18 73.04
CA GLY G 78 -3.43 34.91 72.02
C GLY G 78 -4.31 35.80 71.18
N LEU G 79 -4.91 36.82 71.80
CA LEU G 79 -5.85 37.69 71.11
C LEU G 79 -5.16 38.53 70.05
N GLN G 80 -5.86 38.76 68.93
CA GLN G 80 -5.33 39.51 67.80
C GLN G 80 -6.40 40.50 67.34
N ALA G 81 -6.05 41.29 66.32
CA ALA G 81 -6.96 42.32 65.83
C ALA G 81 -8.10 41.76 65.01
N GLU G 82 -7.98 40.53 64.51
CA GLU G 82 -9.02 39.93 63.68
C GLU G 82 -10.08 39.19 64.48
N ASP G 83 -9.99 39.20 65.81
CA ASP G 83 -10.95 38.52 66.67
C ASP G 83 -12.09 39.43 67.10
N GLU G 84 -12.13 40.67 66.63
CA GLU G 84 -13.16 41.62 67.02
C GLU G 84 -14.45 41.28 66.30
N ALA G 85 -15.22 40.36 66.88
CA ALA G 85 -16.49 39.95 66.29
C ALA G 85 -17.40 39.41 67.41
N ASP G 86 -18.60 39.01 67.01
CA ASP G 86 -19.58 38.47 67.94
C ASP G 86 -19.33 36.97 68.15
N TYR G 87 -19.75 36.49 69.31
CA TYR G 87 -19.62 35.08 69.67
C TYR G 87 -21.00 34.50 69.86
N TYR G 88 -21.29 33.39 69.18
CA TYR G 88 -22.58 32.74 69.27
C TYR G 88 -22.40 31.26 69.52
N CYS G 89 -23.24 30.71 70.40
CA CYS G 89 -23.21 29.30 70.76
C CYS G 89 -24.62 28.74 70.68
N GLN G 90 -24.70 27.41 70.57
CA GLN G 90 -25.99 26.73 70.50
C GLN G 90 -25.81 25.29 70.93
N SER G 91 -26.93 24.64 71.25
CA SER G 91 -26.94 23.23 71.60
C SER G 91 -28.30 22.66 71.22
N TYR G 92 -28.54 21.40 71.59
CA TYR G 92 -29.82 20.73 71.37
C TYR G 92 -30.54 20.56 72.70
N ASP G 93 -31.70 21.18 72.82
CA ASP G 93 -32.55 21.05 73.99
C ASP G 93 -33.52 19.88 73.79
N SER G 94 -34.54 19.79 74.63
CA SER G 94 -35.55 18.76 74.49
C SER G 94 -36.46 19.07 73.32
N SER G 95 -37.46 18.20 73.10
CA SER G 95 -38.38 18.36 71.98
C SER G 95 -39.31 19.55 72.15
N LEU G 96 -39.45 20.08 73.36
CA LEU G 96 -40.27 21.26 73.58
C LEU G 96 -39.67 22.49 72.92
N SER G 97 -38.34 22.64 72.99
CA SER G 97 -37.66 23.79 72.41
C SER G 97 -36.85 23.45 71.17
N GLY G 98 -36.40 22.21 71.02
CA GLY G 98 -35.61 21.87 69.85
C GLY G 98 -34.19 22.40 69.98
N ARG G 99 -33.81 23.29 69.07
CA ARG G 99 -32.48 23.89 69.10
C ARG G 99 -32.54 25.24 69.81
N VAL G 100 -31.64 25.43 70.77
CA VAL G 100 -31.56 26.66 71.56
C VAL G 100 -30.20 27.29 71.32
N PHE G 101 -30.20 28.55 70.92
CA PHE G 101 -29.00 29.30 70.63
C PHE G 101 -28.63 30.20 71.81
N GLY G 102 -27.40 30.75 71.76
CA GLY G 102 -26.91 31.58 72.83
C GLY G 102 -27.36 33.02 72.73
N GLY G 103 -27.06 33.78 73.78
CA GLY G 103 -27.43 35.18 73.83
C GLY G 103 -26.46 36.13 73.16
N GLY G 104 -25.28 35.66 72.78
CA GLY G 104 -24.30 36.51 72.13
C GLY G 104 -23.28 37.10 73.08
N THR G 105 -22.00 37.06 72.69
CA THR G 105 -20.91 37.60 73.50
C THR G 105 -20.01 38.46 72.62
N LYS G 106 -19.76 39.68 73.06
CA LYS G 106 -18.91 40.61 72.32
C LYS G 106 -17.51 40.52 72.92
N LEU G 107 -16.52 40.20 72.09
CA LEU G 107 -15.13 40.14 72.52
C LEU G 107 -14.45 41.44 72.11
N THR G 108 -13.90 42.14 73.09
CA THR G 108 -13.23 43.42 72.87
C THR G 108 -11.73 43.23 72.93
N VAL G 109 -11.03 43.66 71.87
CA VAL G 109 -9.58 43.55 71.77
C VAL G 109 -9.02 44.95 71.97
N LEU G 110 -8.31 45.15 73.07
CA LEU G 110 -7.76 46.47 73.40
C LEU G 110 -6.47 46.73 72.64
N VAL H 1 -32.66 -10.58 -44.91
CA VAL H 1 -32.33 -11.33 -46.11
C VAL H 1 -32.49 -10.45 -47.33
N GLN H 2 -31.37 -10.08 -47.95
CA GLN H 2 -31.36 -9.20 -49.11
C GLN H 2 -30.85 -9.96 -50.33
N LEU H 3 -31.44 -9.66 -51.49
CA LEU H 3 -31.06 -10.26 -52.77
C LEU H 3 -30.82 -9.13 -53.76
N VAL H 4 -29.58 -8.66 -53.82
CA VAL H 4 -29.21 -7.58 -54.74
C VAL H 4 -28.58 -8.20 -55.99
N GLN H 5 -28.91 -7.62 -57.14
CA GLN H 5 -28.43 -8.09 -58.44
C GLN H 5 -27.67 -6.97 -59.14
N SER H 6 -27.15 -7.29 -60.32
CA SER H 6 -26.41 -6.31 -61.10
C SER H 6 -27.35 -5.31 -61.75
N GLY H 7 -26.78 -4.18 -62.18
CA GLY H 7 -27.56 -3.14 -62.80
C GLY H 7 -27.94 -3.45 -64.24
N SER H 8 -28.75 -2.55 -64.82
CA SER H 8 -29.21 -2.72 -66.18
C SER H 8 -28.07 -2.47 -67.17
N GLU H 9 -28.22 -3.04 -68.37
CA GLU H 9 -27.21 -2.90 -69.41
C GLU H 9 -27.87 -2.95 -70.78
N LEU H 10 -27.20 -2.35 -71.76
CA LEU H 10 -27.61 -2.39 -73.15
C LEU H 10 -26.51 -3.02 -73.97
N LYS H 11 -26.88 -3.87 -74.93
CA LYS H 11 -25.90 -4.65 -75.66
C LYS H 11 -26.40 -4.94 -77.07
N LYS H 12 -25.49 -4.84 -78.03
CA LYS H 12 -25.79 -5.17 -79.41
C LYS H 12 -26.05 -6.67 -79.56
N PRO H 13 -26.85 -7.08 -80.55
CA PRO H 13 -27.11 -8.51 -80.74
C PRO H 13 -25.85 -9.27 -81.16
N GLY H 14 -25.83 -10.56 -80.81
CA GLY H 14 -24.73 -11.43 -81.16
C GLY H 14 -23.64 -11.56 -80.13
N ALA H 15 -23.68 -10.77 -79.05
CA ALA H 15 -22.67 -10.82 -78.01
C ALA H 15 -23.15 -11.65 -76.83
N SER H 16 -22.34 -11.68 -75.77
CA SER H 16 -22.62 -12.45 -74.58
C SER H 16 -22.54 -11.56 -73.35
N VAL H 17 -23.43 -11.80 -72.39
CA VAL H 17 -23.52 -10.98 -71.18
C VAL H 17 -23.54 -11.91 -69.97
N LYS H 18 -23.19 -11.34 -68.82
CA LYS H 18 -23.18 -12.05 -67.54
C LYS H 18 -23.93 -11.22 -66.50
N VAL H 19 -24.78 -11.87 -65.73
CA VAL H 19 -25.60 -11.21 -64.71
C VAL H 19 -25.30 -11.86 -63.37
N SER H 20 -24.93 -11.05 -62.38
CA SER H 20 -24.59 -11.53 -61.05
C SER H 20 -25.75 -11.35 -60.08
N CYS H 21 -25.66 -12.05 -58.95
CA CYS H 21 -26.70 -11.99 -57.92
C CYS H 21 -26.05 -12.23 -56.57
N LYS H 22 -26.07 -11.22 -55.71
CA LYS H 22 -25.46 -11.28 -54.39
C LYS H 22 -26.55 -11.55 -53.34
N ALA H 23 -26.29 -12.50 -52.46
CA ALA H 23 -27.22 -12.86 -51.39
C ALA H 23 -26.58 -12.60 -50.04
N SER H 24 -27.40 -12.25 -49.05
CA SER H 24 -26.91 -11.93 -47.72
C SER H 24 -28.02 -12.18 -46.70
N GLY H 25 -27.61 -12.31 -45.44
CA GLY H 25 -28.53 -12.46 -44.34
C GLY H 25 -28.99 -13.88 -44.07
N TYR H 26 -28.50 -14.86 -44.82
CA TYR H 26 -28.96 -16.24 -44.68
C TYR H 26 -27.89 -17.16 -45.24
N THR H 27 -27.89 -18.40 -44.77
CA THR H 27 -26.86 -19.38 -45.11
C THR H 27 -27.06 -19.87 -46.53
N PHE H 28 -26.11 -19.54 -47.42
CA PHE H 28 -26.27 -19.78 -48.85
C PHE H 28 -26.31 -21.27 -49.17
N THR H 29 -25.48 -22.08 -48.49
CA THR H 29 -25.41 -23.50 -48.80
C THR H 29 -26.65 -24.27 -48.37
N SER H 30 -27.49 -23.68 -47.51
CA SER H 30 -28.68 -24.37 -47.03
C SER H 30 -29.78 -24.41 -48.07
N TYR H 31 -29.91 -23.35 -48.88
CA TYR H 31 -31.00 -23.23 -49.85
C TYR H 31 -30.46 -23.34 -51.26
N ALA H 32 -31.30 -23.86 -52.16
CA ALA H 32 -30.95 -23.88 -53.58
C ALA H 32 -31.28 -22.53 -54.22
N MET H 33 -30.79 -22.36 -55.45
CA MET H 33 -31.00 -21.14 -56.20
C MET H 33 -31.84 -21.42 -57.44
N ASN H 34 -32.86 -20.60 -57.64
CA ASN H 34 -33.75 -20.70 -58.79
C ASN H 34 -33.74 -19.38 -59.56
N TRP H 35 -33.88 -19.49 -60.88
CA TRP H 35 -33.89 -18.34 -61.76
C TRP H 35 -35.22 -18.25 -62.48
N VAL H 36 -35.65 -17.02 -62.76
CA VAL H 36 -36.91 -16.78 -63.48
C VAL H 36 -36.75 -15.49 -64.27
N ARG H 37 -37.40 -15.44 -65.43
CA ARG H 37 -37.37 -14.28 -66.31
C ARG H 37 -38.79 -13.75 -66.50
N GLN H 38 -38.88 -12.53 -67.03
CA GLN H 38 -40.16 -11.90 -67.33
C GLN H 38 -39.96 -10.96 -68.50
N ALA H 39 -40.41 -11.38 -69.68
CA ALA H 39 -40.40 -10.49 -70.83
C ALA H 39 -41.42 -9.38 -70.61
N PRO H 40 -41.13 -8.15 -71.06
CA PRO H 40 -42.05 -7.03 -70.80
C PRO H 40 -43.38 -7.17 -71.50
N GLY H 41 -44.45 -7.35 -70.72
CA GLY H 41 -45.79 -7.50 -71.24
C GLY H 41 -46.42 -8.87 -71.06
N GLN H 42 -45.73 -9.81 -70.42
CA GLN H 42 -46.26 -11.15 -70.22
C GLN H 42 -45.83 -11.64 -68.84
N GLY H 43 -46.02 -12.94 -68.60
CA GLY H 43 -45.82 -13.53 -67.30
C GLY H 43 -44.41 -14.03 -67.06
N LEU H 44 -44.30 -15.01 -66.18
CA LEU H 44 -43.01 -15.53 -65.72
C LEU H 44 -42.66 -16.81 -66.47
N GLU H 45 -41.40 -16.94 -66.86
CA GLU H 45 -40.87 -18.14 -67.50
C GLU H 45 -39.68 -18.66 -66.70
N TRP H 46 -39.67 -19.97 -66.46
CA TRP H 46 -38.68 -20.61 -65.60
C TRP H 46 -37.73 -21.45 -66.45
N MET H 47 -36.43 -21.18 -66.34
CA MET H 47 -35.43 -21.92 -67.10
C MET H 47 -34.76 -23.04 -66.32
N GLY H 48 -34.85 -23.03 -65.00
CA GLY H 48 -34.29 -24.10 -64.20
C GLY H 48 -33.65 -23.55 -62.94
N TRP H 49 -32.99 -24.45 -62.23
CA TRP H 49 -32.37 -24.15 -60.94
C TRP H 49 -30.99 -24.80 -60.87
N ILE H 50 -30.17 -24.30 -59.96
CA ILE H 50 -28.83 -24.81 -59.73
C ILE H 50 -28.65 -25.06 -58.24
N ASN H 51 -28.13 -26.24 -57.90
CA ASN H 51 -27.84 -26.55 -56.51
C ASN H 51 -26.69 -25.70 -56.00
N THR H 52 -26.80 -25.26 -54.74
CA THR H 52 -25.77 -24.42 -54.14
C THR H 52 -24.67 -25.22 -53.46
N ASN H 53 -24.81 -26.54 -53.35
CA ASN H 53 -23.79 -27.37 -52.70
C ASN H 53 -22.82 -27.95 -53.73
N THR H 54 -23.33 -28.73 -54.68
CA THR H 54 -22.49 -29.34 -55.71
C THR H 54 -22.34 -28.47 -56.95
N GLY H 55 -23.15 -27.43 -57.09
CA GLY H 55 -23.03 -26.53 -58.22
C GLY H 55 -23.58 -27.04 -59.53
N ASN H 56 -24.36 -28.11 -59.52
CA ASN H 56 -24.86 -28.66 -60.77
C ASN H 56 -26.07 -27.86 -61.24
N PRO H 57 -26.10 -27.41 -62.49
CA PRO H 57 -27.30 -26.77 -63.04
C PRO H 57 -28.26 -27.78 -63.63
N THR H 58 -29.50 -27.33 -63.82
CA THR H 58 -30.56 -28.16 -64.41
C THR H 58 -31.43 -27.23 -65.26
N TYR H 59 -31.14 -27.18 -66.56
CA TYR H 59 -31.86 -26.29 -67.46
C TYR H 59 -33.18 -26.92 -67.89
N ALA H 60 -34.13 -26.06 -68.27
CA ALA H 60 -35.40 -26.51 -68.83
C ALA H 60 -35.29 -26.57 -70.34
N GLN H 61 -36.42 -26.73 -71.02
CA GLN H 61 -36.43 -26.85 -72.47
C GLN H 61 -36.25 -25.49 -73.12
N GLY H 62 -35.42 -25.45 -74.17
CA GLY H 62 -35.18 -24.25 -74.93
C GLY H 62 -34.11 -23.33 -74.38
N PHE H 63 -33.54 -23.64 -73.21
CA PHE H 63 -32.51 -22.80 -72.61
C PHE H 63 -31.17 -23.51 -72.50
N THR H 64 -31.02 -24.68 -73.14
CA THR H 64 -29.78 -25.43 -73.06
C THR H 64 -28.72 -24.83 -73.96
N GLY H 65 -27.50 -24.72 -73.44
CA GLY H 65 -26.38 -24.23 -74.22
C GLY H 65 -26.14 -22.74 -74.10
N ARG H 66 -27.16 -21.94 -74.41
CA ARG H 66 -27.00 -20.49 -74.37
C ARG H 66 -26.91 -19.98 -72.93
N PHE H 67 -27.63 -20.60 -72.01
CA PHE H 67 -27.68 -20.16 -70.62
C PHE H 67 -26.74 -20.99 -69.77
N VAL H 68 -25.91 -20.31 -68.97
CA VAL H 68 -24.89 -20.95 -68.15
C VAL H 68 -25.11 -20.53 -66.70
N PHE H 69 -25.20 -21.52 -65.81
CA PHE H 69 -25.35 -21.27 -64.37
C PHE H 69 -24.04 -21.59 -63.67
N SER H 70 -23.63 -20.71 -62.76
CA SER H 70 -22.42 -20.92 -61.99
C SER H 70 -22.52 -20.20 -60.66
N LEU H 71 -21.94 -20.81 -59.62
CA LEU H 71 -21.96 -20.29 -58.26
C LEU H 71 -20.56 -20.32 -57.69
N ASP H 72 -20.42 -19.81 -56.47
CA ASP H 72 -19.21 -19.93 -55.67
C ASP H 72 -19.57 -19.80 -54.20
N THR H 73 -18.62 -20.10 -53.32
CA THR H 73 -18.87 -20.17 -51.89
C THR H 73 -18.27 -19.02 -51.10
N SER H 74 -17.01 -18.66 -51.34
CA SER H 74 -16.34 -17.65 -50.52
C SER H 74 -16.93 -16.28 -50.74
N VAL H 75 -17.03 -15.84 -52.00
CA VAL H 75 -17.69 -14.58 -52.30
C VAL H 75 -19.20 -14.74 -52.12
N SER H 76 -19.74 -15.92 -52.44
CA SER H 76 -21.15 -16.27 -52.30
C SER H 76 -22.02 -15.36 -53.16
N THR H 77 -21.81 -15.44 -54.47
CA THR H 77 -22.54 -14.64 -55.45
C THR H 77 -22.94 -15.54 -56.61
N ALA H 78 -24.25 -15.58 -56.90
CA ALA H 78 -24.73 -16.33 -58.04
C ALA H 78 -24.47 -15.57 -59.34
N TYR H 79 -24.30 -16.32 -60.43
CA TYR H 79 -24.07 -15.74 -61.74
C TYR H 79 -25.00 -16.36 -62.77
N LEU H 80 -25.39 -15.54 -63.75
CA LEU H 80 -26.19 -15.97 -64.90
C LEU H 80 -25.51 -15.45 -66.15
N GLN H 81 -25.10 -16.35 -67.03
CA GLN H 81 -24.39 -16.00 -68.25
C GLN H 81 -25.18 -16.48 -69.46
N ILE H 82 -25.44 -15.56 -70.39
CA ILE H 82 -26.16 -15.86 -71.62
C ILE H 82 -25.26 -15.53 -72.80
N SER H 83 -25.16 -16.46 -73.76
CA SER H 83 -24.34 -16.28 -74.93
C SER H 83 -25.21 -16.32 -76.19
N SER H 84 -24.71 -15.67 -77.24
CA SER H 84 -25.40 -15.55 -78.53
C SER H 84 -26.78 -14.91 -78.37
N LEU H 85 -26.78 -13.68 -77.87
CA LEU H 85 -28.01 -12.97 -77.58
C LEU H 85 -28.65 -12.44 -78.85
N LYS H 86 -29.98 -12.57 -78.93
CA LYS H 86 -30.74 -11.99 -80.03
C LYS H 86 -31.90 -11.17 -79.49
N THR H 87 -32.82 -10.76 -80.37
CA THR H 87 -33.84 -9.77 -80.01
C THR H 87 -34.84 -10.31 -79.00
N GLU H 88 -35.15 -11.60 -79.03
CA GLU H 88 -36.17 -12.15 -78.15
C GLU H 88 -35.69 -12.33 -76.71
N ASP H 89 -34.41 -12.10 -76.43
CA ASP H 89 -33.89 -12.25 -75.08
C ASP H 89 -34.09 -11.01 -74.21
N THR H 90 -34.72 -9.96 -74.74
CA THR H 90 -34.94 -8.74 -73.98
C THR H 90 -35.96 -9.00 -72.88
N ALA H 91 -35.49 -9.07 -71.63
CA ALA H 91 -36.35 -9.35 -70.49
C ALA H 91 -35.63 -8.89 -69.23
N VAL H 92 -36.32 -9.02 -68.10
CA VAL H 92 -35.74 -8.78 -66.77
C VAL H 92 -35.70 -10.11 -66.03
N TYR H 93 -34.53 -10.43 -65.49
CA TYR H 93 -34.30 -11.72 -64.85
C TYR H 93 -34.31 -11.56 -63.34
N TYR H 94 -35.11 -12.38 -62.66
CA TYR H 94 -35.28 -12.33 -61.22
C TYR H 94 -34.71 -13.60 -60.59
N CYS H 95 -34.02 -13.43 -59.47
CA CYS H 95 -33.52 -14.57 -58.70
C CYS H 95 -34.58 -15.04 -57.71
N ALA H 96 -34.74 -16.36 -57.61
CA ALA H 96 -35.76 -16.96 -56.77
C ALA H 96 -35.11 -17.86 -55.74
N ARG H 97 -35.47 -17.66 -54.47
CA ARG H 97 -34.91 -18.44 -53.37
C ARG H 97 -35.79 -19.66 -53.11
N GLU H 98 -35.17 -20.83 -53.02
CA GLU H 98 -35.88 -22.08 -52.80
C GLU H 98 -35.06 -22.93 -51.85
N LEU H 99 -35.66 -23.34 -50.74
CA LEU H 99 -34.94 -24.15 -49.77
C LEU H 99 -34.72 -25.56 -50.31
N TRP H 100 -33.58 -26.14 -49.97
CA TRP H 100 -33.18 -27.44 -50.50
C TRP H 100 -33.91 -28.54 -49.73
N PHE H 101 -34.73 -29.31 -50.44
CA PHE H 101 -35.47 -30.41 -49.85
C PHE H 101 -35.07 -31.78 -50.38
N GLY H 102 -34.39 -31.84 -51.51
CA GLY H 102 -33.98 -33.11 -52.07
C GLY H 102 -34.00 -33.04 -53.60
N GLU H 103 -34.20 -34.21 -54.21
CA GLU H 103 -34.25 -34.29 -55.67
C GLU H 103 -35.52 -33.70 -56.25
N LEU H 104 -36.56 -33.52 -55.43
CA LEU H 104 -37.81 -32.92 -55.87
C LEU H 104 -38.00 -31.60 -55.13
N LEU H 105 -38.18 -30.52 -55.90
CA LEU H 105 -38.32 -29.19 -55.33
C LEU H 105 -39.79 -28.84 -55.13
N SER H 106 -40.05 -27.96 -54.17
CA SER H 106 -41.39 -27.49 -53.89
C SER H 106 -41.67 -26.25 -54.72
N GLY H 107 -42.77 -25.56 -54.42
CA GLY H 107 -43.12 -24.36 -55.15
C GLY H 107 -43.19 -23.12 -54.27
N ASP H 108 -42.33 -23.07 -53.25
CA ASP H 108 -42.30 -21.95 -52.30
C ASP H 108 -41.19 -21.00 -52.70
N PHE H 109 -41.57 -19.86 -53.28
CA PHE H 109 -40.63 -18.79 -53.61
C PHE H 109 -40.82 -17.69 -52.58
N ASP H 110 -39.96 -17.68 -51.55
CA ASP H 110 -40.16 -16.78 -50.43
C ASP H 110 -39.57 -15.39 -50.69
N TYR H 111 -38.41 -15.33 -51.32
CA TYR H 111 -37.71 -14.07 -51.52
C TYR H 111 -37.27 -13.92 -52.97
N TRP H 112 -37.33 -12.69 -53.47
CA TRP H 112 -36.92 -12.35 -54.82
C TRP H 112 -36.02 -11.12 -54.79
N GLY H 113 -35.24 -10.96 -55.87
CA GLY H 113 -34.40 -9.79 -56.03
C GLY H 113 -35.11 -8.67 -56.76
N GLN H 114 -34.40 -7.56 -56.92
CA GLN H 114 -34.96 -6.40 -57.62
C GLN H 114 -34.94 -6.59 -59.14
N GLY H 115 -34.19 -7.55 -59.65
CA GLY H 115 -34.18 -7.83 -61.08
C GLY H 115 -33.11 -7.07 -61.82
N THR H 116 -32.66 -7.65 -62.93
CA THR H 116 -31.70 -7.03 -63.82
C THR H 116 -32.31 -6.94 -65.21
N LEU H 117 -32.47 -5.71 -65.70
CA LEU H 117 -33.11 -5.47 -66.98
C LEU H 117 -32.06 -5.45 -68.08
N VAL H 118 -32.16 -6.38 -69.01
CA VAL H 118 -31.30 -6.41 -70.19
C VAL H 118 -32.13 -6.05 -71.40
N THR H 119 -31.48 -5.51 -72.42
CA THR H 119 -32.16 -5.09 -73.64
C THR H 119 -31.22 -5.32 -74.82
N VAL H 120 -31.67 -6.10 -75.79
CA VAL H 120 -30.90 -6.40 -76.99
C VAL H 120 -31.55 -5.64 -78.14
N SER H 121 -30.82 -4.65 -78.67
CA SER H 121 -31.35 -3.82 -79.75
C SER H 121 -30.17 -3.24 -80.53
N SER H 122 -30.49 -2.75 -81.72
CA SER H 122 -29.47 -2.13 -82.58
C SER H 122 -29.65 -0.61 -82.62
N SER I 1 -49.71 -21.72 -71.35
CA SER I 1 -49.48 -22.43 -70.10
C SER I 1 -50.56 -23.48 -69.87
N VAL I 2 -50.24 -24.47 -69.03
CA VAL I 2 -51.21 -25.51 -68.68
C VAL I 2 -52.32 -24.94 -67.82
N LEU I 3 -51.98 -24.08 -66.87
CA LEU I 3 -52.98 -23.43 -66.05
C LEU I 3 -53.69 -22.33 -66.85
N THR I 4 -55.01 -22.32 -66.79
CA THR I 4 -55.83 -21.35 -67.52
C THR I 4 -56.46 -20.38 -66.54
N GLN I 5 -56.41 -19.09 -66.88
CA GLN I 5 -56.93 -18.03 -66.04
C GLN I 5 -57.85 -17.14 -66.85
N PRO I 6 -58.86 -16.52 -66.20
CA PRO I 6 -59.65 -15.50 -66.88
C PRO I 6 -58.78 -14.29 -67.20
N PRO I 7 -59.04 -13.60 -68.32
CA PRO I 7 -58.19 -12.46 -68.68
C PRO I 7 -58.35 -11.23 -67.80
N SER I 8 -59.59 -10.82 -67.52
CA SER I 8 -59.83 -9.67 -66.67
C SER I 8 -61.24 -9.75 -66.10
N VAL I 9 -61.39 -9.24 -64.88
CA VAL I 9 -62.69 -9.14 -64.22
C VAL I 9 -62.83 -7.74 -63.64
N SER I 10 -64.08 -7.31 -63.47
CA SER I 10 -64.39 -5.99 -62.96
C SER I 10 -65.47 -6.10 -61.89
N GLY I 11 -65.48 -5.12 -61.00
CA GLY I 11 -66.46 -5.10 -59.92
C GLY I 11 -66.46 -3.77 -59.20
N ALA I 12 -67.55 -3.52 -58.49
CA ALA I 12 -67.69 -2.31 -57.69
C ALA I 12 -66.77 -2.38 -56.47
N PRO I 13 -66.43 -1.24 -55.88
CA PRO I 13 -65.68 -1.27 -54.61
C PRO I 13 -66.53 -1.82 -53.48
N GLY I 14 -66.03 -2.86 -52.82
CA GLY I 14 -66.63 -3.38 -51.60
C GLY I 14 -67.43 -4.65 -51.75
N GLN I 15 -67.76 -5.08 -52.97
CA GLN I 15 -68.56 -6.27 -53.16
C GLN I 15 -67.68 -7.50 -53.28
N ARG I 16 -68.26 -8.62 -53.70
CA ARG I 16 -67.59 -9.90 -53.76
C ARG I 16 -67.20 -10.21 -55.21
N VAL I 17 -65.91 -10.50 -55.42
CA VAL I 17 -65.40 -10.89 -56.73
C VAL I 17 -64.60 -12.18 -56.55
N THR I 18 -64.95 -13.20 -57.33
CA THR I 18 -64.31 -14.51 -57.24
C THR I 18 -63.36 -14.69 -58.41
N ILE I 19 -62.13 -15.12 -58.12
CA ILE I 19 -61.12 -15.36 -59.13
C ILE I 19 -61.08 -16.86 -59.38
N SER I 20 -61.42 -17.27 -60.59
CA SER I 20 -61.50 -18.67 -60.95
C SER I 20 -60.16 -19.17 -61.50
N CYS I 21 -59.99 -20.48 -61.48
CA CYS I 21 -58.81 -21.13 -62.04
C CYS I 21 -59.17 -22.55 -62.42
N THR I 22 -58.40 -23.11 -63.34
CA THR I 22 -58.61 -24.48 -63.78
C THR I 22 -57.28 -25.05 -64.29
N GLY I 23 -57.13 -26.36 -64.13
CA GLY I 23 -55.94 -27.05 -64.58
C GLY I 23 -56.26 -28.38 -65.23
N SER I 24 -55.61 -29.44 -64.75
CA SER I 24 -55.85 -30.78 -65.26
C SER I 24 -55.62 -31.78 -64.12
N SER I 25 -55.53 -33.05 -64.46
CA SER I 25 -55.25 -34.09 -63.47
C SER I 25 -53.76 -34.25 -63.18
N SER I 26 -52.90 -33.56 -63.94
CA SER I 26 -51.46 -33.69 -63.75
C SER I 26 -50.86 -32.60 -62.86
N ASN I 27 -51.54 -31.47 -62.69
CA ASN I 27 -51.04 -30.37 -61.88
C ASN I 27 -51.83 -30.19 -60.59
N ILE I 28 -53.14 -29.99 -60.69
CA ILE I 28 -53.99 -29.80 -59.53
C ILE I 28 -54.69 -31.09 -59.13
N GLY I 29 -55.08 -31.90 -60.11
CA GLY I 29 -55.70 -33.18 -59.81
C GLY I 29 -54.73 -34.22 -59.28
N ALA I 30 -53.43 -33.98 -59.42
CA ALA I 30 -52.41 -34.88 -58.88
C ALA I 30 -52.12 -34.64 -57.40
N GLY I 31 -52.75 -33.65 -56.79
CA GLY I 31 -52.57 -33.36 -55.38
C GLY I 31 -51.62 -32.23 -55.06
N TYR I 32 -50.94 -31.67 -56.07
CA TYR I 32 -50.02 -30.57 -55.82
C TYR I 32 -50.78 -29.28 -55.55
N ASP I 33 -50.22 -28.46 -54.66
CA ASP I 33 -50.86 -27.21 -54.29
C ASP I 33 -50.76 -26.16 -55.39
N VAL I 34 -51.63 -25.16 -55.33
CA VAL I 34 -51.62 -24.03 -56.25
C VAL I 34 -51.51 -22.75 -55.42
N HIS I 35 -50.55 -21.90 -55.78
CA HIS I 35 -50.30 -20.65 -55.07
C HIS I 35 -50.89 -19.48 -55.84
N TRP I 36 -51.08 -18.37 -55.12
CA TRP I 36 -51.63 -17.15 -55.71
C TRP I 36 -50.69 -15.99 -55.42
N TYR I 37 -50.41 -15.20 -56.45
CA TYR I 37 -49.49 -14.08 -56.36
C TYR I 37 -50.18 -12.81 -56.86
N GLN I 38 -49.89 -11.69 -56.21
CA GLN I 38 -50.37 -10.39 -56.63
C GLN I 38 -49.18 -9.50 -57.00
N GLN I 39 -49.39 -8.58 -57.93
CA GLN I 39 -48.31 -7.72 -58.39
C GLN I 39 -48.92 -6.40 -58.89
N LEU I 40 -48.74 -5.35 -58.10
CA LEU I 40 -48.98 -4.01 -58.61
C LEU I 40 -47.90 -3.68 -59.65
N PRO I 41 -48.25 -2.94 -60.70
CA PRO I 41 -47.29 -2.72 -61.80
C PRO I 41 -46.06 -1.95 -61.36
N GLY I 42 -44.91 -2.36 -61.89
CA GLY I 42 -43.64 -1.72 -61.64
C GLY I 42 -42.70 -2.48 -60.73
N THR I 43 -43.22 -3.30 -59.81
CA THR I 43 -42.39 -3.99 -58.83
C THR I 43 -42.52 -5.50 -59.00
N ALA I 44 -41.90 -6.24 -58.08
CA ALA I 44 -41.94 -7.68 -58.06
C ALA I 44 -43.25 -8.18 -57.48
N PRO I 45 -43.69 -9.39 -57.86
CA PRO I 45 -44.95 -9.93 -57.33
C PRO I 45 -44.83 -10.33 -55.87
N LYS I 46 -45.99 -10.52 -55.25
CA LYS I 46 -46.07 -10.86 -53.84
C LYS I 46 -47.11 -11.98 -53.69
N ILE I 47 -46.72 -13.05 -53.01
CA ILE I 47 -47.61 -14.20 -52.84
C ILE I 47 -48.70 -13.87 -51.83
N ILE I 48 -49.95 -14.18 -52.17
CA ILE I 48 -51.09 -13.92 -51.31
C ILE I 48 -51.54 -15.19 -50.58
N ILE I 49 -51.73 -16.28 -51.31
CA ILE I 49 -52.25 -17.53 -50.75
C ILE I 49 -51.27 -18.65 -51.05
N TYR I 50 -50.87 -19.38 -50.02
CA TYR I 50 -50.02 -20.56 -50.15
C TYR I 50 -50.69 -21.75 -49.50
N ASP I 51 -50.39 -22.94 -50.03
CA ASP I 51 -50.95 -24.23 -49.60
C ASP I 51 -52.47 -24.27 -49.72
N ASN I 52 -53.00 -23.48 -50.66
CA ASN I 52 -54.39 -23.45 -51.13
C ASN I 52 -55.38 -22.90 -50.11
N SER I 53 -54.94 -22.71 -48.86
CA SER I 53 -55.83 -22.17 -47.83
C SER I 53 -55.16 -21.18 -46.88
N ASN I 54 -53.84 -21.09 -46.86
CA ASN I 54 -53.13 -20.38 -45.80
C ASN I 54 -52.68 -19.01 -46.26
N ARG I 55 -52.33 -18.17 -45.28
CA ARG I 55 -52.01 -16.77 -45.52
C ARG I 55 -50.73 -16.41 -44.77
N PRO I 56 -49.74 -15.82 -45.44
CA PRO I 56 -48.54 -15.37 -44.75
C PRO I 56 -48.81 -14.14 -43.89
N SER I 57 -47.90 -13.89 -42.97
CA SER I 57 -48.04 -12.76 -42.04
C SER I 57 -47.94 -11.44 -42.78
N GLY I 58 -48.79 -10.48 -42.39
CA GLY I 58 -48.85 -9.18 -43.01
C GLY I 58 -49.91 -9.03 -44.07
N VAL I 59 -50.41 -10.12 -44.62
CA VAL I 59 -51.46 -10.08 -45.63
C VAL I 59 -52.80 -9.81 -44.94
N PRO I 60 -53.61 -8.89 -45.43
CA PRO I 60 -54.93 -8.67 -44.83
C PRO I 60 -55.84 -9.89 -44.99
N ASP I 61 -56.79 -9.99 -44.05
CA ASP I 61 -57.66 -11.15 -43.93
C ASP I 61 -58.78 -11.17 -44.96
N ARG I 62 -58.83 -10.19 -45.88
CA ARG I 62 -59.87 -10.12 -46.88
C ARG I 62 -59.72 -11.17 -47.99
N PHE I 63 -58.53 -11.75 -48.16
CA PHE I 63 -58.28 -12.70 -49.22
C PHE I 63 -58.37 -14.14 -48.70
N SER I 64 -58.88 -15.02 -49.55
CA SER I 64 -58.95 -16.44 -49.21
C SER I 64 -58.98 -17.24 -50.50
N GLY I 65 -58.66 -18.53 -50.37
CA GLY I 65 -58.63 -19.41 -51.53
C GLY I 65 -59.02 -20.81 -51.15
N SER I 66 -59.38 -21.59 -52.17
CA SER I 66 -59.75 -22.98 -51.99
C SER I 66 -59.57 -23.72 -53.31
N LYS I 67 -59.54 -25.04 -53.23
CA LYS I 67 -59.46 -25.90 -54.39
C LYS I 67 -60.53 -26.98 -54.30
N SER I 68 -60.98 -27.44 -55.47
CA SER I 68 -61.99 -28.49 -55.56
C SER I 68 -61.63 -29.39 -56.73
N GLY I 69 -60.86 -30.44 -56.43
CA GLY I 69 -60.47 -31.40 -57.45
C GLY I 69 -59.54 -30.78 -58.48
N THR I 70 -59.97 -30.81 -59.75
CA THR I 70 -59.18 -30.26 -60.83
C THR I 70 -59.14 -28.73 -60.76
N SER I 71 -60.28 -28.10 -60.51
CA SER I 71 -60.37 -26.65 -60.51
C SER I 71 -59.88 -26.07 -59.18
N ALA I 72 -59.68 -24.75 -59.18
CA ALA I 72 -59.27 -24.01 -58.00
C ALA I 72 -59.83 -22.61 -58.09
N SER I 73 -59.87 -21.91 -56.96
CA SER I 73 -60.47 -20.58 -56.94
C SER I 73 -59.76 -19.72 -55.90
N LEU I 74 -59.86 -18.40 -56.12
CA LEU I 74 -59.36 -17.39 -55.18
C LEU I 74 -60.50 -16.42 -54.90
N ALA I 75 -60.73 -16.14 -53.61
CA ALA I 75 -61.84 -15.31 -53.18
C ALA I 75 -61.32 -13.95 -52.73
N ILE I 76 -61.91 -12.88 -53.28
CA ILE I 76 -61.61 -11.52 -52.90
C ILE I 76 -62.88 -10.88 -52.36
N THR I 77 -62.81 -10.35 -51.15
CA THR I 77 -63.95 -9.72 -50.49
C THR I 77 -63.59 -8.30 -50.10
N GLY I 78 -64.50 -7.37 -50.36
CA GLY I 78 -64.28 -5.98 -50.02
C GLY I 78 -63.24 -5.29 -50.88
N LEU I 79 -63.53 -5.14 -52.17
CA LEU I 79 -62.59 -4.50 -53.08
C LEU I 79 -62.47 -3.01 -52.74
N GLN I 80 -61.24 -2.51 -52.72
CA GLN I 80 -61.02 -1.07 -52.71
C GLN I 80 -60.00 -0.67 -53.77
N ALA I 81 -59.47 0.55 -53.63
CA ALA I 81 -58.66 1.16 -54.68
C ALA I 81 -57.25 0.59 -54.78
N GLU I 82 -56.68 0.12 -53.67
CA GLU I 82 -55.30 -0.36 -53.72
C GLU I 82 -55.17 -1.79 -54.23
N ASP I 83 -56.27 -2.42 -54.63
CA ASP I 83 -56.23 -3.74 -55.25
C ASP I 83 -55.98 -3.67 -56.77
N GLU I 84 -55.54 -2.52 -57.27
CA GLU I 84 -55.25 -2.36 -58.70
C GLU I 84 -53.97 -3.12 -59.06
N ALA I 85 -54.10 -4.42 -59.28
CA ALA I 85 -52.94 -5.26 -59.54
C ALA I 85 -53.38 -6.47 -60.34
N ASP I 86 -52.41 -7.12 -60.98
CA ASP I 86 -52.66 -8.37 -61.67
C ASP I 86 -52.40 -9.55 -60.73
N TYR I 87 -53.09 -10.65 -60.99
CA TYR I 87 -53.02 -11.83 -60.13
C TYR I 87 -52.53 -13.01 -60.95
N TYR I 88 -51.49 -13.66 -60.45
CA TYR I 88 -50.89 -14.82 -61.11
C TYR I 88 -51.07 -16.04 -60.22
N CYS I 89 -51.47 -17.15 -60.83
CA CYS I 89 -51.56 -18.43 -60.15
C CYS I 89 -50.50 -19.38 -60.72
N GLN I 90 -49.99 -20.26 -59.85
CA GLN I 90 -48.98 -21.22 -60.27
C GLN I 90 -49.09 -22.47 -59.42
N SER I 91 -48.63 -23.59 -59.97
CA SER I 91 -48.67 -24.87 -59.29
C SER I 91 -47.52 -25.72 -59.80
N TYR I 92 -47.51 -26.99 -59.43
CA TYR I 92 -46.51 -27.95 -59.89
C TYR I 92 -47.18 -28.98 -60.79
N ASP I 93 -46.72 -29.05 -62.03
CA ASP I 93 -47.20 -30.03 -62.99
C ASP I 93 -46.34 -31.28 -62.91
N SER I 94 -46.47 -32.17 -63.89
CA SER I 94 -45.64 -33.34 -63.97
C SER I 94 -44.20 -32.97 -64.36
N SER I 95 -43.34 -33.99 -64.43
CA SER I 95 -41.92 -33.78 -64.70
C SER I 95 -41.65 -33.26 -66.10
N LEU I 96 -42.57 -33.43 -67.05
CA LEU I 96 -42.39 -32.91 -68.39
C LEU I 96 -42.60 -31.40 -68.46
N SER I 97 -43.21 -30.80 -67.44
CA SER I 97 -43.44 -29.36 -67.41
C SER I 97 -42.87 -28.67 -66.18
N GLY I 98 -42.86 -29.33 -65.02
CA GLY I 98 -42.33 -28.69 -63.82
C GLY I 98 -43.28 -27.64 -63.31
N ARG I 99 -42.73 -26.48 -62.94
CA ARG I 99 -43.54 -25.37 -62.44
C ARG I 99 -44.25 -24.68 -63.60
N VAL I 100 -45.57 -24.56 -63.50
CA VAL I 100 -46.39 -23.94 -64.53
C VAL I 100 -47.15 -22.78 -63.90
N PHE I 101 -47.02 -21.60 -64.50
CA PHE I 101 -47.73 -20.42 -64.03
C PHE I 101 -49.07 -20.29 -64.75
N GLY I 102 -49.84 -19.26 -64.39
CA GLY I 102 -51.12 -19.00 -65.01
C GLY I 102 -51.03 -17.90 -66.07
N GLY I 103 -52.17 -17.67 -66.71
CA GLY I 103 -52.25 -16.63 -67.73
C GLY I 103 -52.34 -15.23 -67.22
N GLY I 104 -52.58 -15.04 -65.92
CA GLY I 104 -52.67 -13.71 -65.34
C GLY I 104 -54.04 -13.09 -65.50
N THR I 105 -54.57 -12.53 -64.41
CA THR I 105 -55.88 -11.89 -64.42
C THR I 105 -55.73 -10.46 -63.91
N LYS I 106 -56.22 -9.50 -64.69
CA LYS I 106 -56.16 -8.10 -64.31
C LYS I 106 -57.45 -7.72 -63.58
N LEU I 107 -57.30 -7.07 -62.43
CA LEU I 107 -58.43 -6.70 -61.60
C LEU I 107 -58.78 -5.24 -61.82
N THR I 108 -60.07 -4.98 -62.04
CA THR I 108 -60.59 -3.63 -62.22
C THR I 108 -61.61 -3.34 -61.14
N VAL I 109 -61.40 -2.24 -60.41
CA VAL I 109 -62.32 -1.80 -59.37
C VAL I 109 -62.87 -0.44 -59.79
N LEU I 110 -64.16 -0.38 -60.07
CA LEU I 110 -64.79 0.85 -60.52
C LEU I 110 -65.18 1.73 -59.33
#